data_4A2L
#
_entry.id   4A2L
#
_cell.length_a   342.468
_cell.length_b   342.468
_cell.length_c   97.852
_cell.angle_alpha   90.00
_cell.angle_beta   90.00
_cell.angle_gamma   120.00
#
_symmetry.space_group_name_H-M   'P 3 2 1'
#
loop_
_entity.id
_entity.type
_entity.pdbx_description
1 polymer 'TWO-COMPONENT SYSTEM SENSOR HISTIDINE KINASE/RESPONSE'
2 non-polymer 'TRIETHYLENE GLYCOL'
3 non-polymer 1,2-ETHANEDIOL
4 non-polymer DI(HYDROXYETHYL)ETHER
5 non-polymer 'TETRAETHYLENE GLYCOL'
6 non-polymer '2-(N-MORPHOLINO)-ETHANESULFONIC ACID'
7 non-polymer 'OXALOACETATE ION'
8 non-polymer 'NONAETHYLENE GLYCOL'
9 water water
#
_entity_poly.entity_id   1
_entity_poly.type   'polypeptide(L)'
_entity_poly.pdbx_seq_one_letter_code
;MSKLKKIVIYLFFLCLGMHSAFSETPEQITFSYISINEGLSQSTVFSIDQDKRGNMWFATYDGVNKYDGYAFTVYQHNED
DPNSIANDISRIVKTDSQGRVWIGTRDGLSRYDEEKDIFQNFFYEKNGKHLQVNGIEEISPEQLLISTPEGLIMFDIKES
KFIDDSFSTAMHKTIASTLYRQGDQIYIGTSTDGLYTYSITQKTFEKVIPILGTKQIQAILQQSPTRIWVATEGAGLFLI
NPKTKEIKNYLHSPSNPKSISSNYIRSLAMDSQNRLWIGTFNDLNIYHEGTDSFASYSSNPVENGSLSQRSVRSIFMDSQ
GGMWLGTYFGGLNYYHPIRNRFKNIRNIPYKNSLSDNVVSCIVEDKDKNLWIGTNDGGLNLYNPITQRFTSYTLQEDESA
RGIGSNNIKAVYVDEKKSLVYIGTHAGGLSILHRNSGQVENFNQRNSQLVNENVYAILPDGEGNLWLGTLSALVRFNPEQ
RSFTTIEKEKDGTPVVSKQITTLFRDSHKRLWIGGEEGLSVFKQEGLDIQKASILPVSNVTKLFTNCIYEASNGIIWVGT
REGFYCFNEKDKQIKRYNTTNGLPNNVVYGILEDSFGRLWLSTNRGISCFNPETEKFRNFTESDGLQSNQFNTASYCRTS
VGQMYFGGINGITTFRPELLLDNPYTPPVVITKLQLFNKVVRPDDETGILTKNISETKSITLKSWQTAFSIEFVVSNYIS
GQHNTFAYKLEGYDKEWYYLTDSRTVSYSNLPQGTYQFLVKAANSDGKWNPIPTALEIIVLPIWYKTLEHHHHHH
;
_entity_poly.pdbx_strand_id   A,B,C,D,E,F
#
loop_
_chem_comp.id
_chem_comp.type
_chem_comp.name
_chem_comp.formula
2PE non-polymer 'NONAETHYLENE GLYCOL' 'C18 H38 O10'
EDO non-polymer 1,2-ETHANEDIOL 'C2 H6 O2'
MES non-polymer '2-(N-MORPHOLINO)-ETHANESULFONIC ACID' 'C6 H13 N O4 S'
OAA non-polymer 'OXALOACETATE ION' 'C4 H3 O5 -1'
PEG non-polymer DI(HYDROXYETHYL)ETHER 'C4 H10 O3'
PG4 non-polymer 'TETRAETHYLENE GLYCOL' 'C8 H18 O5'
PGE non-polymer 'TRIETHYLENE GLYCOL' 'C6 H14 O4'
#
# COMPACT_ATOMS: atom_id res chain seq x y z
N GLN A 28 -12.78 -46.03 -21.08
CA GLN A 28 -12.82 -44.52 -20.95
C GLN A 28 -11.99 -43.82 -22.06
N ILE A 29 -11.79 -44.50 -23.19
CA ILE A 29 -10.80 -44.05 -24.19
C ILE A 29 -11.46 -43.62 -25.48
N THR A 30 -11.25 -42.36 -25.85
CA THR A 30 -11.86 -41.79 -27.04
C THR A 30 -10.78 -40.98 -27.75
N PHE A 31 -10.98 -40.75 -29.04
CA PHE A 31 -9.92 -40.18 -29.88
C PHE A 31 -10.40 -38.96 -30.62
N SER A 32 -9.51 -38.00 -30.80
CA SER A 32 -9.66 -36.96 -31.82
C SER A 32 -8.92 -37.46 -33.07
N TYR A 33 -9.19 -36.78 -34.18
CA TYR A 33 -8.77 -37.27 -35.47
C TYR A 33 -7.96 -36.23 -36.20
N ILE A 34 -6.88 -36.69 -36.79
CA ILE A 34 -6.00 -35.86 -37.59
C ILE A 34 -5.72 -36.68 -38.86
N SER A 35 -6.22 -36.18 -39.99
CA SER A 35 -6.18 -36.91 -41.22
C SER A 35 -6.23 -35.96 -42.42
N ILE A 36 -6.67 -36.46 -43.57
CA ILE A 36 -6.65 -35.70 -44.80
C ILE A 36 -7.25 -34.30 -44.68
N ASN A 37 -8.46 -34.19 -44.11
CA ASN A 37 -9.11 -32.89 -43.97
C ASN A 37 -8.32 -31.90 -43.13
N GLU A 38 -7.54 -32.39 -42.17
CA GLU A 38 -6.69 -31.52 -41.33
C GLU A 38 -5.33 -31.24 -41.97
N GLY A 39 -5.05 -31.82 -43.14
CA GLY A 39 -3.83 -31.50 -43.89
C GLY A 39 -2.83 -32.62 -44.08
N LEU A 40 -3.05 -33.76 -43.43
CA LEU A 40 -2.18 -34.94 -43.60
C LEU A 40 -2.17 -35.31 -45.08
N SER A 41 -0.98 -35.52 -45.65
CA SER A 41 -0.78 -35.73 -47.11
C SER A 41 -1.54 -36.95 -47.63
N GLN A 42 -1.47 -38.05 -46.90
CA GLN A 42 -2.07 -39.32 -47.30
C GLN A 42 -2.43 -40.15 -46.04
N SER A 43 -3.49 -40.95 -46.15
CA SER A 43 -4.16 -41.56 -45.00
C SER A 43 -3.40 -42.64 -44.20
N THR A 44 -2.39 -43.24 -44.80
CA THR A 44 -1.60 -44.34 -44.22
C THR A 44 -0.38 -43.85 -43.42
N VAL A 45 -0.35 -44.08 -42.11
CA VAL A 45 0.84 -43.70 -41.35
C VAL A 45 1.61 -44.93 -40.87
N PHE A 46 2.77 -45.16 -41.50
CA PHE A 46 3.60 -46.31 -41.21
C PHE A 46 4.38 -46.16 -39.92
N SER A 47 4.70 -44.93 -39.53
CA SER A 47 5.71 -44.68 -38.50
C SER A 47 5.61 -43.24 -38.04
N ILE A 48 5.77 -43.03 -36.74
CA ILE A 48 5.55 -41.76 -36.10
C ILE A 48 6.78 -41.48 -35.21
N ASP A 49 7.20 -40.22 -35.13
CA ASP A 49 8.20 -39.82 -34.12
C ASP A 49 8.04 -38.32 -33.90
N GLN A 50 8.85 -37.76 -33.01
CA GLN A 50 8.75 -36.35 -32.66
C GLN A 50 10.16 -35.78 -32.58
N ASP A 51 10.34 -34.53 -32.99
CA ASP A 51 11.66 -33.88 -32.89
C ASP A 51 11.73 -33.03 -31.62
N LYS A 52 12.89 -32.38 -31.43
CA LYS A 52 13.18 -31.53 -30.28
C LYS A 52 12.31 -30.27 -30.18
N ARG A 53 11.76 -29.80 -31.29
CA ARG A 53 10.87 -28.63 -31.26
C ARG A 53 9.43 -29.02 -30.99
N GLY A 54 9.18 -30.32 -30.77
CA GLY A 54 7.84 -30.81 -30.48
C GLY A 54 6.99 -31.19 -31.68
N ASN A 55 7.49 -30.89 -32.88
CA ASN A 55 6.84 -31.32 -34.11
C ASN A 55 6.70 -32.80 -34.11
N MET A 56 5.55 -33.28 -34.58
CA MET A 56 5.35 -34.68 -34.92
C MET A 56 5.72 -34.95 -36.38
N TRP A 57 6.29 -36.13 -36.62
CA TRP A 57 6.66 -36.56 -37.96
C TRP A 57 5.98 -37.84 -38.30
N PHE A 58 5.39 -37.88 -39.49
CA PHE A 58 4.58 -39.01 -39.93
C PHE A 58 5.04 -39.56 -41.30
N ALA A 59 5.51 -40.80 -41.34
CA ALA A 59 5.95 -41.38 -42.60
C ALA A 59 4.72 -41.99 -43.30
N THR A 60 4.31 -41.39 -44.42
CA THR A 60 3.18 -41.91 -45.19
C THR A 60 3.59 -42.48 -46.54
N TYR A 61 2.60 -42.99 -47.27
CA TYR A 61 2.80 -43.55 -48.61
C TYR A 61 2.86 -42.49 -49.72
N ASP A 62 2.55 -41.22 -49.38
CA ASP A 62 2.75 -40.06 -50.29
C ASP A 62 3.22 -38.82 -49.50
N GLY A 63 4.47 -38.91 -49.07
CA GLY A 63 5.18 -37.78 -48.49
C GLY A 63 5.53 -37.99 -47.03
N VAL A 64 6.49 -37.20 -46.57
CA VAL A 64 6.84 -37.16 -45.16
C VAL A 64 6.20 -35.93 -44.55
N ASN A 65 5.40 -36.10 -43.49
CA ASN A 65 4.65 -34.98 -42.91
C ASN A 65 5.27 -34.49 -41.61
N LYS A 66 5.41 -33.17 -41.49
CA LYS A 66 5.83 -32.54 -40.25
C LYS A 66 4.64 -31.73 -39.76
N TYR A 67 4.27 -31.93 -38.51
CA TYR A 67 3.02 -31.41 -37.96
C TYR A 67 3.31 -30.76 -36.61
N ASP A 68 2.77 -29.55 -36.42
CA ASP A 68 3.09 -28.73 -35.23
C ASP A 68 1.87 -28.45 -34.35
N GLY A 69 0.74 -29.09 -34.66
CA GLY A 69 -0.47 -28.93 -33.87
C GLY A 69 -1.47 -28.00 -34.53
N TYR A 70 -1.01 -27.19 -35.47
CA TYR A 70 -1.86 -26.23 -36.19
C TYR A 70 -1.85 -26.50 -37.69
N ALA A 71 -0.72 -26.95 -38.22
CA ALA A 71 -0.53 -27.01 -39.67
C ALA A 71 0.46 -28.10 -40.09
N PHE A 72 0.24 -28.67 -41.26
CA PHE A 72 1.12 -29.69 -41.80
C PHE A 72 2.08 -29.06 -42.76
N THR A 73 3.35 -29.45 -42.70
CA THR A 73 4.27 -29.22 -43.80
C THR A 73 4.52 -30.56 -44.42
N VAL A 74 4.09 -30.69 -45.67
CA VAL A 74 4.26 -31.93 -46.44
C VAL A 74 5.52 -31.83 -47.28
N TYR A 75 6.41 -32.79 -47.11
CA TYR A 75 7.63 -32.91 -47.90
C TYR A 75 7.50 -33.99 -48.97
N GLN A 76 7.51 -33.54 -50.23
CA GLN A 76 7.36 -34.42 -51.37
C GLN A 76 8.57 -34.34 -52.29
N HIS A 77 8.67 -35.32 -53.16
CA HIS A 77 9.77 -35.40 -54.08
C HIS A 77 9.57 -34.47 -55.24
N ASN A 78 10.65 -33.84 -55.70
CA ASN A 78 10.63 -33.03 -56.91
C ASN A 78 11.83 -33.39 -57.80
N GLU A 79 11.56 -33.93 -58.99
CA GLU A 79 12.64 -34.27 -59.95
C GLU A 79 13.63 -33.10 -60.21
N ASP A 80 13.14 -31.86 -60.15
CA ASP A 80 14.00 -30.67 -60.29
C ASP A 80 14.81 -30.36 -59.04
N ASP A 81 14.28 -30.58 -57.84
CA ASP A 81 15.03 -30.21 -56.64
C ASP A 81 15.75 -31.39 -55.96
N PRO A 82 17.10 -31.46 -56.12
CA PRO A 82 17.80 -32.58 -55.47
C PRO A 82 17.78 -32.46 -53.95
N ASN A 83 17.33 -31.33 -53.41
CA ASN A 83 17.15 -31.13 -51.97
C ASN A 83 15.79 -31.55 -51.42
N SER A 84 14.93 -32.06 -52.29
CA SER A 84 13.66 -32.62 -51.85
C SER A 84 13.90 -34.06 -51.48
N ILE A 85 12.99 -34.61 -50.70
CA ILE A 85 13.01 -36.02 -50.31
C ILE A 85 13.06 -36.92 -51.55
N ALA A 86 13.84 -38.01 -51.47
CA ALA A 86 14.19 -38.84 -52.62
C ALA A 86 12.99 -39.52 -53.28
N ASN A 87 11.99 -39.88 -52.47
CA ASN A 87 10.77 -40.54 -52.93
C ASN A 87 9.63 -40.16 -52.00
N ASP A 88 8.41 -40.21 -52.53
CA ASP A 88 7.23 -39.88 -51.76
C ASP A 88 6.84 -41.07 -50.89
N ILE A 89 7.26 -42.29 -51.25
CA ILE A 89 6.95 -43.49 -50.47
C ILE A 89 7.94 -43.62 -49.32
N SER A 90 7.52 -43.15 -48.15
CA SER A 90 8.32 -43.23 -46.96
C SER A 90 7.82 -44.40 -46.12
N ARG A 91 8.72 -44.95 -45.33
CA ARG A 91 8.50 -46.20 -44.64
C ARG A 91 8.74 -46.09 -43.14
N ILE A 92 9.59 -45.16 -42.73
CA ILE A 92 10.00 -45.10 -41.36
C ILE A 92 10.57 -43.73 -41.12
N VAL A 93 10.22 -43.14 -39.98
CA VAL A 93 10.87 -41.95 -39.47
C VAL A 93 11.52 -42.27 -38.09
N LYS A 94 12.75 -41.80 -37.90
CA LYS A 94 13.48 -42.01 -36.64
C LYS A 94 14.23 -40.76 -36.17
N THR A 95 13.98 -40.37 -34.92
CA THR A 95 14.73 -39.32 -34.25
C THR A 95 15.88 -39.97 -33.48
N ASP A 96 17.11 -39.56 -33.77
CA ASP A 96 18.24 -40.10 -33.01
C ASP A 96 18.39 -39.32 -31.72
N SER A 97 19.40 -39.70 -30.94
CA SER A 97 19.65 -39.14 -29.63
C SER A 97 20.12 -37.67 -29.65
N GLN A 98 20.44 -37.13 -30.83
CA GLN A 98 20.76 -35.70 -30.93
C GLN A 98 19.64 -34.93 -31.59
N GLY A 99 18.47 -35.56 -31.70
CA GLY A 99 17.31 -34.88 -32.22
C GLY A 99 17.31 -34.71 -33.72
N ARG A 100 18.18 -35.43 -34.42
CA ARG A 100 18.15 -35.46 -35.89
C ARG A 100 17.10 -36.45 -36.40
N VAL A 101 16.35 -36.00 -37.42
CA VAL A 101 15.27 -36.79 -37.98
C VAL A 101 15.73 -37.46 -39.28
N TRP A 102 15.62 -38.79 -39.30
CA TRP A 102 16.01 -39.63 -40.43
C TRP A 102 14.82 -40.33 -41.02
N ILE A 103 14.78 -40.44 -42.35
CA ILE A 103 13.68 -41.11 -43.03
C ILE A 103 14.20 -42.24 -43.89
N GLY A 104 13.50 -43.37 -43.84
CA GLY A 104 13.75 -44.49 -44.74
C GLY A 104 12.68 -44.41 -45.81
N THR A 105 13.11 -44.27 -47.07
CA THR A 105 12.17 -44.22 -48.18
C THR A 105 12.42 -45.40 -49.09
N ARG A 106 11.61 -45.47 -50.14
CA ARG A 106 11.78 -46.46 -51.16
C ARG A 106 13.15 -46.38 -51.82
N ASP A 107 13.75 -45.19 -51.84
CA ASP A 107 15.02 -44.98 -52.57
C ASP A 107 16.27 -44.96 -51.68
N GLY A 108 16.08 -44.86 -50.38
CA GLY A 108 17.19 -45.01 -49.44
C GLY A 108 16.98 -44.27 -48.15
N LEU A 109 18.03 -43.62 -47.68
CA LEU A 109 18.03 -42.95 -46.39
C LEU A 109 18.09 -41.45 -46.63
N SER A 110 17.25 -40.71 -45.91
CA SER A 110 17.25 -39.25 -46.01
C SER A 110 17.40 -38.63 -44.63
N ARG A 111 18.20 -37.57 -44.55
CA ARG A 111 18.31 -36.77 -43.36
C ARG A 111 17.54 -35.50 -43.58
N TYR A 112 16.76 -35.12 -42.57
CA TYR A 112 16.16 -33.79 -42.54
C TYR A 112 17.19 -32.79 -42.02
N ASP A 113 17.48 -31.78 -42.83
CA ASP A 113 18.35 -30.66 -42.45
C ASP A 113 17.51 -29.55 -41.88
N GLU A 114 17.38 -29.54 -40.56
CA GLU A 114 16.59 -28.54 -39.85
C GLU A 114 17.17 -27.11 -39.97
N GLU A 115 18.48 -26.99 -40.19
CA GLU A 115 19.11 -25.70 -40.44
C GLU A 115 18.64 -25.02 -41.71
N LYS A 116 18.67 -25.76 -42.84
CA LYS A 116 18.34 -25.18 -44.16
C LYS A 116 16.93 -25.57 -44.60
N ASP A 117 16.24 -26.36 -43.77
CA ASP A 117 14.93 -26.91 -44.06
C ASP A 117 14.87 -27.57 -45.44
N ILE A 118 15.80 -28.49 -45.65
CA ILE A 118 15.79 -29.36 -46.81
C ILE A 118 16.19 -30.77 -46.36
N PHE A 119 16.35 -31.69 -47.33
CA PHE A 119 16.75 -33.06 -47.07
C PHE A 119 18.04 -33.38 -47.76
N GLN A 120 18.87 -34.22 -47.12
CA GLN A 120 19.95 -34.87 -47.84
C GLN A 120 19.54 -36.30 -48.06
N ASN A 121 19.73 -36.79 -49.29
CA ASN A 121 19.35 -38.14 -49.66
C ASN A 121 20.59 -39.00 -49.87
N PHE A 122 20.58 -40.20 -49.31
CA PHE A 122 21.67 -41.16 -49.48
C PHE A 122 21.15 -42.46 -50.03
N PHE A 123 21.97 -43.10 -50.85
CA PHE A 123 21.61 -44.24 -51.70
C PHE A 123 22.59 -45.39 -51.53
N TYR A 124 22.05 -46.61 -51.47
CA TYR A 124 22.84 -47.83 -51.40
C TYR A 124 22.42 -48.69 -52.57
N GLU A 125 23.38 -48.89 -53.49
CA GLU A 125 23.19 -49.65 -54.70
C GLU A 125 23.70 -51.07 -54.46
N LYS A 126 22.86 -52.05 -54.81
CA LYS A 126 23.28 -53.45 -54.91
C LYS A 126 22.62 -54.04 -56.15
N ASN A 127 23.44 -54.52 -57.07
CA ASN A 127 22.96 -55.02 -58.37
C ASN A 127 22.19 -53.98 -59.16
N GLY A 128 22.76 -52.78 -59.26
CA GLY A 128 22.18 -51.71 -60.06
C GLY A 128 20.85 -51.13 -59.62
N LYS A 129 20.32 -51.55 -58.47
CA LYS A 129 19.09 -50.99 -57.88
C LYS A 129 19.41 -50.21 -56.58
N HIS A 130 18.65 -49.14 -56.29
CA HIS A 130 18.75 -48.46 -55.00
C HIS A 130 17.87 -49.17 -54.02
N LEU A 131 18.44 -49.66 -52.95
CA LEU A 131 17.66 -50.38 -51.95
C LEU A 131 16.85 -49.44 -51.05
N GLN A 132 15.72 -49.99 -50.60
CA GLN A 132 14.73 -49.34 -49.75
C GLN A 132 15.19 -49.50 -48.32
N VAL A 133 14.96 -48.48 -47.49
CA VAL A 133 15.34 -48.55 -46.09
C VAL A 133 14.09 -48.79 -45.28
N ASN A 134 14.01 -49.97 -44.67
CA ASN A 134 12.81 -50.39 -43.89
C ASN A 134 12.92 -50.09 -42.41
N GLY A 135 14.12 -49.80 -41.93
CA GLY A 135 14.35 -49.60 -40.50
C GLY A 135 15.62 -48.84 -40.17
N ILE A 136 15.59 -48.16 -39.05
CA ILE A 136 16.68 -47.32 -38.61
C ILE A 136 16.75 -47.41 -37.09
N GLU A 137 17.93 -47.77 -36.56
CA GLU A 137 18.16 -47.72 -35.13
C GLU A 137 19.56 -47.16 -34.87
N GLU A 138 19.82 -46.68 -33.65
CA GLU A 138 21.09 -46.02 -33.31
C GLU A 138 22.08 -46.98 -32.68
N ILE A 139 23.15 -47.28 -33.41
CA ILE A 139 24.25 -48.07 -32.87
C ILE A 139 25.02 -47.19 -31.91
N SER A 140 25.40 -46.00 -32.40
CA SER A 140 26.07 -45.01 -31.59
C SER A 140 25.63 -43.63 -32.08
N PRO A 141 26.08 -42.55 -31.42
CA PRO A 141 25.59 -41.23 -31.82
C PRO A 141 25.83 -40.89 -33.28
N GLU A 142 26.92 -41.37 -33.87
CA GLU A 142 27.19 -41.08 -35.27
C GLU A 142 27.23 -42.36 -36.12
N GLN A 143 26.48 -43.39 -35.71
CA GLN A 143 26.36 -44.63 -36.51
C GLN A 143 24.94 -45.21 -36.45
N LEU A 144 24.37 -45.53 -37.61
CA LEU A 144 23.01 -46.10 -37.65
C LEU A 144 23.00 -47.55 -38.10
N LEU A 145 22.06 -48.33 -37.56
CA LEU A 145 21.78 -49.66 -38.07
C LEU A 145 20.66 -49.51 -39.09
N ILE A 146 20.94 -49.93 -40.33
CA ILE A 146 19.95 -49.83 -41.41
C ILE A 146 19.53 -51.21 -41.86
N SER A 147 18.22 -51.42 -42.07
CA SER A 147 17.72 -52.67 -42.66
C SER A 147 17.12 -52.41 -44.03
N THR A 148 17.48 -53.28 -44.98
CA THR A 148 16.91 -53.28 -46.32
C THR A 148 16.27 -54.64 -46.60
N PRO A 149 15.50 -54.75 -47.71
CA PRO A 149 14.97 -56.03 -48.15
C PRO A 149 16.03 -57.10 -48.39
N GLU A 150 17.28 -56.70 -48.62
CA GLU A 150 18.33 -57.65 -48.98
C GLU A 150 19.47 -57.78 -47.97
N GLY A 151 19.21 -57.44 -46.70
CA GLY A 151 20.25 -57.48 -45.63
C GLY A 151 20.30 -56.28 -44.67
N LEU A 152 21.27 -56.31 -43.76
CA LEU A 152 21.52 -55.20 -42.82
C LEU A 152 22.87 -54.56 -43.13
N ILE A 153 22.90 -53.23 -43.09
CA ILE A 153 24.11 -52.46 -43.32
C ILE A 153 24.19 -51.30 -42.30
N MET A 154 25.26 -50.53 -42.39
CA MET A 154 25.48 -49.44 -41.44
C MET A 154 25.62 -48.11 -42.18
N PHE A 155 25.17 -47.04 -41.55
CA PHE A 155 25.40 -45.72 -42.08
C PHE A 155 26.31 -44.98 -41.12
N ASP A 156 27.55 -44.70 -41.54
CA ASP A 156 28.43 -43.82 -40.76
C ASP A 156 28.03 -42.37 -41.01
N ILE A 157 27.56 -41.71 -39.97
CA ILE A 157 26.99 -40.37 -40.12
C ILE A 157 28.06 -39.31 -40.35
N LYS A 158 29.16 -39.36 -39.58
CA LYS A 158 30.28 -38.40 -39.77
C LYS A 158 30.66 -38.32 -41.25
N GLU A 159 30.70 -39.46 -41.93
CA GLU A 159 31.15 -39.55 -43.32
C GLU A 159 30.04 -39.53 -44.41
N SER A 160 28.78 -39.73 -44.01
CA SER A 160 27.66 -39.80 -44.96
C SER A 160 27.82 -40.95 -45.94
N LYS A 161 28.19 -42.11 -45.43
CA LYS A 161 28.56 -43.22 -46.29
C LYS A 161 27.90 -44.51 -45.75
N PHE A 162 27.56 -45.43 -46.66
CA PHE A 162 27.06 -46.76 -46.25
C PHE A 162 28.24 -47.73 -46.07
N ILE A 163 28.21 -48.51 -45.00
CA ILE A 163 29.22 -49.55 -44.78
C ILE A 163 28.53 -50.89 -44.65
N ASP A 164 28.93 -51.85 -45.50
CA ASP A 164 28.23 -53.13 -45.60
C ASP A 164 29.05 -54.35 -45.19
N ASP A 165 30.28 -54.14 -44.75
CA ASP A 165 31.19 -55.22 -44.40
C ASP A 165 31.56 -55.24 -42.91
N SER A 166 30.91 -54.38 -42.12
CA SER A 166 31.22 -54.22 -40.69
C SER A 166 30.66 -55.33 -39.80
N PHE A 167 29.50 -55.88 -40.16
CA PHE A 167 28.86 -56.95 -39.38
C PHE A 167 29.28 -58.30 -39.89
N SER A 168 29.01 -59.33 -39.09
CA SER A 168 29.28 -60.71 -39.48
C SER A 168 28.44 -61.09 -40.70
N THR A 169 28.79 -62.22 -41.33
CA THR A 169 28.00 -62.73 -42.44
C THR A 169 26.55 -62.95 -42.05
N ALA A 170 26.32 -63.68 -40.96
CA ALA A 170 24.96 -64.03 -40.51
C ALA A 170 24.11 -62.79 -40.28
N MET A 171 24.68 -61.78 -39.62
CA MET A 171 23.95 -60.54 -39.34
C MET A 171 23.68 -59.76 -40.63
N HIS A 172 24.73 -59.61 -41.44
CA HIS A 172 24.66 -58.91 -42.73
C HIS A 172 23.57 -59.44 -43.64
N LYS A 173 23.36 -60.77 -43.66
CA LYS A 173 22.38 -61.42 -44.53
C LYS A 173 20.95 -61.47 -43.99
N THR A 174 20.74 -60.96 -42.77
CA THR A 174 19.45 -61.09 -42.08
C THR A 174 18.36 -60.10 -42.54
N ILE A 175 17.20 -60.62 -42.93
CA ILE A 175 16.11 -59.78 -43.41
C ILE A 175 15.31 -59.37 -42.19
N ALA A 176 15.46 -58.11 -41.77
CA ALA A 176 14.88 -57.66 -40.52
C ALA A 176 13.53 -56.99 -40.74
N SER A 177 12.50 -57.44 -40.03
CA SER A 177 11.18 -56.83 -40.12
C SER A 177 10.97 -55.71 -39.10
N THR A 178 11.73 -55.70 -38.02
CA THR A 178 11.71 -54.58 -37.05
C THR A 178 13.00 -54.49 -36.22
N LEU A 179 13.30 -53.28 -35.74
CA LEU A 179 14.53 -53.02 -34.99
C LEU A 179 14.21 -52.25 -33.74
N TYR A 180 14.85 -52.59 -32.63
CA TYR A 180 14.51 -51.98 -31.35
C TYR A 180 15.65 -51.96 -30.35
N ARG A 181 16.05 -50.76 -29.91
CA ARG A 181 17.13 -50.63 -28.95
C ARG A 181 16.69 -50.52 -27.49
N GLN A 182 17.36 -51.30 -26.65
CA GLN A 182 17.29 -51.14 -25.21
C GLN A 182 18.70 -51.23 -24.63
N GLY A 183 19.23 -50.10 -24.22
CA GLY A 183 20.54 -50.02 -23.60
C GLY A 183 21.64 -50.41 -24.58
N ASP A 184 22.48 -51.33 -24.15
CA ASP A 184 23.59 -51.82 -24.96
C ASP A 184 23.16 -52.83 -26.02
N GLN A 185 21.89 -53.17 -26.09
CA GLN A 185 21.40 -54.16 -27.06
C GLN A 185 20.48 -53.52 -28.09
N ILE A 186 20.54 -54.06 -29.32
CA ILE A 186 19.54 -53.76 -30.36
C ILE A 186 18.86 -55.06 -30.77
N TYR A 187 17.58 -55.20 -30.44
CA TYR A 187 16.82 -56.41 -30.82
C TYR A 187 16.43 -56.37 -32.28
N ILE A 188 16.56 -57.50 -32.97
CA ILE A 188 16.30 -57.56 -34.42
C ILE A 188 15.30 -58.66 -34.75
N GLY A 189 14.07 -58.24 -35.06
CA GLY A 189 13.02 -59.17 -35.49
C GLY A 189 13.18 -59.54 -36.96
N THR A 190 13.04 -60.83 -37.26
CA THR A 190 13.12 -61.26 -38.64
C THR A 190 11.72 -61.59 -39.12
N SER A 191 11.63 -61.87 -40.42
CA SER A 191 10.38 -62.26 -41.06
C SER A 191 10.09 -63.76 -40.88
N THR A 192 11.09 -64.60 -41.07
CA THR A 192 10.90 -66.05 -41.00
C THR A 192 11.70 -66.74 -39.90
N ASP A 193 12.74 -66.07 -39.38
CA ASP A 193 13.75 -66.69 -38.51
C ASP A 193 13.77 -66.23 -37.01
N GLY A 194 12.64 -65.79 -36.47
CA GLY A 194 12.57 -65.44 -35.05
C GLY A 194 13.32 -64.17 -34.65
N LEU A 195 13.72 -64.11 -33.38
CA LEU A 195 14.28 -62.90 -32.75
C LEU A 195 15.80 -63.00 -32.53
N TYR A 196 16.49 -61.87 -32.63
CA TYR A 196 17.94 -61.80 -32.47
C TYR A 196 18.35 -60.58 -31.64
N THR A 197 19.56 -60.61 -31.08
CA THR A 197 20.09 -59.48 -30.33
C THR A 197 21.54 -59.20 -30.73
N TYR A 198 21.85 -57.93 -30.91
CA TYR A 198 23.21 -57.49 -31.15
C TYR A 198 23.60 -56.64 -29.95
N SER A 199 24.75 -56.97 -29.38
CA SER A 199 25.39 -56.16 -28.34
C SER A 199 26.24 -55.09 -29.03
N ILE A 200 25.88 -53.82 -28.82
CA ILE A 200 26.58 -52.71 -29.45
C ILE A 200 28.05 -52.67 -29.01
N THR A 201 28.27 -52.91 -27.72
CA THR A 201 29.62 -52.97 -27.15
C THR A 201 30.40 -54.18 -27.64
N GLN A 202 29.85 -55.37 -27.39
CA GLN A 202 30.56 -56.64 -27.63
C GLN A 202 30.60 -57.03 -29.13
N LYS A 203 29.61 -56.61 -29.90
CA LYS A 203 29.50 -56.94 -31.34
C LYS A 203 29.10 -58.41 -31.62
N THR A 204 28.50 -59.06 -30.62
CA THR A 204 27.92 -60.40 -30.79
C THR A 204 26.50 -60.35 -31.34
N PHE A 205 26.18 -61.34 -32.17
CA PHE A 205 24.86 -61.46 -32.79
C PHE A 205 24.31 -62.87 -32.49
N GLU A 206 23.30 -62.95 -31.61
CA GLU A 206 22.82 -64.23 -31.08
C GLU A 206 21.28 -64.32 -31.13
N LYS A 207 20.75 -65.51 -31.37
CA LYS A 207 19.31 -65.73 -31.38
C LYS A 207 18.78 -65.69 -29.95
N VAL A 208 17.74 -64.91 -29.71
CA VAL A 208 17.19 -64.74 -28.37
C VAL A 208 16.42 -65.95 -27.88
N ILE A 209 15.50 -66.48 -28.68
CA ILE A 209 14.62 -67.55 -28.20
C ILE A 209 13.97 -68.39 -29.32
N THR A 214 8.41 -68.75 -35.95
CA THR A 214 8.59 -68.75 -37.40
C THR A 214 7.91 -67.52 -38.01
N LYS A 215 6.74 -67.11 -37.48
CA LYS A 215 5.98 -65.98 -38.05
C LYS A 215 6.69 -64.65 -37.87
N GLN A 216 6.30 -63.66 -38.68
CA GLN A 216 7.04 -62.40 -38.77
C GLN A 216 6.88 -61.56 -37.49
N ILE A 217 8.00 -61.04 -37.00
CA ILE A 217 8.01 -60.18 -35.82
C ILE A 217 7.83 -58.74 -36.27
N GLN A 218 6.75 -58.12 -35.83
CA GLN A 218 6.36 -56.81 -36.32
C GLN A 218 6.82 -55.70 -35.40
N ALA A 219 6.79 -55.93 -34.10
CA ALA A 219 7.14 -54.92 -33.11
C ALA A 219 7.78 -55.57 -31.88
N ILE A 220 8.65 -54.82 -31.22
CA ILE A 220 9.29 -55.27 -29.98
C ILE A 220 9.32 -54.12 -28.97
N LEU A 221 9.04 -54.45 -27.72
CA LEU A 221 8.97 -53.48 -26.67
C LEU A 221 9.53 -54.06 -25.39
N GLN A 222 10.38 -53.29 -24.69
CA GLN A 222 10.78 -53.67 -23.35
C GLN A 222 10.07 -52.81 -22.35
N GLN A 223 9.32 -53.46 -21.45
CA GLN A 223 8.59 -52.78 -20.37
C GLN A 223 9.39 -52.80 -19.06
N SER A 224 10.22 -53.82 -18.87
CA SER A 224 11.03 -53.95 -17.67
C SER A 224 12.16 -54.92 -17.98
N PRO A 225 13.11 -55.07 -17.06
CA PRO A 225 14.15 -56.09 -17.31
C PRO A 225 13.67 -57.55 -17.12
N THR A 226 12.40 -57.74 -16.75
CA THR A 226 11.80 -59.09 -16.72
C THR A 226 10.64 -59.29 -17.72
N ARG A 227 10.43 -58.31 -18.60
CA ARG A 227 9.32 -58.35 -19.53
C ARG A 227 9.66 -57.69 -20.86
N ILE A 228 9.81 -58.48 -21.91
CA ILE A 228 9.91 -57.95 -23.25
C ILE A 228 8.70 -58.46 -24.04
N TRP A 229 8.03 -57.54 -24.74
CA TRP A 229 6.86 -57.85 -25.53
C TRP A 229 7.20 -57.97 -26.98
N VAL A 230 6.73 -59.05 -27.62
CA VAL A 230 6.94 -59.27 -29.06
C VAL A 230 5.62 -59.49 -29.79
N ALA A 231 5.37 -58.67 -30.81
CA ALA A 231 4.15 -58.73 -31.62
C ALA A 231 4.45 -59.45 -32.94
N THR A 232 3.65 -60.48 -33.26
CA THR A 232 3.86 -61.26 -34.49
C THR A 232 2.70 -61.17 -35.49
N GLU A 233 3.05 -61.45 -36.73
CA GLU A 233 2.13 -61.50 -37.85
C GLU A 233 1.44 -62.86 -37.85
N GLY A 234 0.49 -63.05 -36.95
CA GLY A 234 -0.31 -64.27 -36.96
C GLY A 234 -0.08 -65.25 -35.84
N ALA A 235 1.00 -65.09 -35.06
CA ALA A 235 1.23 -65.94 -33.89
C ALA A 235 0.90 -65.22 -32.58
N GLY A 236 0.15 -64.12 -32.66
CA GLY A 236 -0.26 -63.41 -31.46
C GLY A 236 0.84 -62.60 -30.77
N LEU A 237 0.59 -62.29 -29.50
CA LEU A 237 1.49 -61.48 -28.67
C LEU A 237 2.29 -62.40 -27.73
N PHE A 238 3.62 -62.23 -27.75
CA PHE A 238 4.49 -62.97 -26.84
C PHE A 238 5.04 -62.05 -25.75
N LEU A 239 5.22 -62.60 -24.55
CA LEU A 239 5.89 -61.92 -23.44
C LEU A 239 7.06 -62.76 -23.00
N ILE A 240 8.24 -62.20 -23.07
CA ILE A 240 9.46 -62.91 -22.72
C ILE A 240 10.04 -62.31 -21.45
N ASN A 241 10.65 -63.16 -20.62
CA ASN A 241 11.47 -62.72 -19.50
C ASN A 241 12.92 -63.08 -19.82
N PRO A 242 13.70 -62.12 -20.36
CA PRO A 242 15.04 -62.42 -20.88
C PRO A 242 16.04 -62.87 -19.80
N LYS A 243 15.72 -62.60 -18.53
CA LYS A 243 16.45 -63.17 -17.38
C LYS A 243 16.22 -64.69 -17.30
N THR A 244 15.00 -65.13 -16.97
CA THR A 244 14.66 -66.57 -16.85
C THR A 244 14.65 -67.31 -18.21
N LYS A 245 14.48 -66.57 -19.32
CA LYS A 245 14.31 -67.15 -20.67
C LYS A 245 12.95 -67.88 -20.83
N GLU A 246 11.98 -67.54 -19.97
CA GLU A 246 10.62 -68.14 -19.98
C GLU A 246 9.65 -67.22 -20.74
N ILE A 247 8.72 -67.81 -21.49
CA ILE A 247 7.82 -67.06 -22.40
C ILE A 247 6.37 -67.42 -22.17
N LYS A 248 5.48 -66.46 -22.47
CA LYS A 248 4.03 -66.71 -22.46
C LYS A 248 3.49 -66.15 -23.79
N ASN A 249 2.54 -66.85 -24.40
CA ASN A 249 1.93 -66.43 -25.66
C ASN A 249 0.45 -66.19 -25.49
N TYR A 250 -0.01 -65.02 -25.90
CA TYR A 250 -1.43 -64.68 -25.87
C TYR A 250 -2.02 -64.77 -27.29
N LEU A 251 -2.96 -65.70 -27.48
CA LEU A 251 -3.61 -65.88 -28.78
C LEU A 251 -5.07 -65.47 -28.73
N HIS A 252 -5.65 -65.21 -29.89
CA HIS A 252 -7.04 -64.80 -29.96
C HIS A 252 -7.94 -65.96 -29.58
N SER A 253 -9.00 -65.66 -28.84
CA SER A 253 -10.07 -66.63 -28.62
C SER A 253 -11.41 -65.92 -28.81
N PRO A 254 -12.24 -66.41 -29.75
CA PRO A 254 -13.56 -65.79 -29.99
C PRO A 254 -14.55 -66.14 -28.88
N SER A 255 -14.36 -67.30 -28.27
CA SER A 255 -15.12 -67.73 -27.08
C SER A 255 -14.88 -66.87 -25.83
N ASN A 256 -13.76 -66.13 -25.81
CA ASN A 256 -13.38 -65.26 -24.68
C ASN A 256 -13.17 -63.79 -25.09
N PRO A 257 -14.04 -62.88 -24.65
CA PRO A 257 -13.97 -61.48 -25.09
C PRO A 257 -12.90 -60.61 -24.40
N LYS A 258 -12.11 -61.20 -23.51
CA LYS A 258 -11.04 -60.46 -22.83
C LYS A 258 -9.68 -60.94 -23.33
N SER A 259 -9.66 -61.79 -24.35
CA SER A 259 -8.40 -62.19 -25.01
C SER A 259 -8.06 -61.12 -26.05
N ILE A 260 -6.86 -61.19 -26.64
CA ILE A 260 -6.53 -60.19 -27.65
C ILE A 260 -7.48 -60.29 -28.84
N SER A 261 -7.66 -59.16 -29.52
CA SER A 261 -8.59 -59.05 -30.64
C SER A 261 -8.21 -59.88 -31.87
N SER A 262 -6.92 -60.11 -32.08
CA SER A 262 -6.48 -60.80 -33.27
C SER A 262 -5.08 -61.34 -33.04
N ASN A 263 -4.68 -62.35 -33.81
CA ASN A 263 -3.30 -62.81 -33.76
C ASN A 263 -2.39 -62.06 -34.71
N TYR A 264 -2.92 -61.06 -35.40
CA TYR A 264 -2.14 -60.32 -36.36
C TYR A 264 -1.85 -58.97 -35.75
N ILE A 265 -0.67 -58.84 -35.15
CA ILE A 265 -0.35 -57.66 -34.35
C ILE A 265 0.82 -56.89 -34.95
N ARG A 266 0.62 -55.59 -35.12
CA ARG A 266 1.48 -54.75 -35.97
C ARG A 266 2.35 -53.77 -35.19
N SER A 267 1.83 -53.25 -34.08
CA SER A 267 2.56 -52.23 -33.34
C SER A 267 2.29 -52.34 -31.84
N LEU A 268 3.26 -51.87 -31.06
CA LEU A 268 3.21 -51.85 -29.61
C LEU A 268 3.83 -50.56 -29.10
N ALA A 269 3.27 -50.00 -28.03
CA ALA A 269 3.92 -48.88 -27.35
C ALA A 269 3.43 -48.77 -25.91
N MET A 270 4.32 -48.38 -25.01
CA MET A 270 3.92 -48.04 -23.64
C MET A 270 3.38 -46.64 -23.60
N ASP A 271 2.38 -46.41 -22.75
CA ASP A 271 1.90 -45.07 -22.47
C ASP A 271 2.55 -44.57 -21.18
N SER A 272 2.14 -43.40 -20.68
CA SER A 272 2.81 -42.81 -19.51
C SER A 272 2.26 -43.30 -18.18
N GLN A 273 1.33 -44.25 -18.20
CA GLN A 273 0.76 -44.81 -16.98
C GLN A 273 1.07 -46.30 -16.89
N ASN A 274 2.12 -46.72 -17.59
CA ASN A 274 2.58 -48.09 -17.58
C ASN A 274 1.58 -49.11 -18.17
N ARG A 275 0.81 -48.69 -19.16
CA ARG A 275 -0.09 -49.60 -19.86
C ARG A 275 0.48 -49.89 -21.24
N LEU A 276 0.42 -51.16 -21.64
CA LEU A 276 0.83 -51.57 -22.97
C LEU A 276 -0.35 -51.43 -23.93
N TRP A 277 -0.10 -50.69 -25.02
CA TRP A 277 -1.06 -50.47 -26.11
C TRP A 277 -0.69 -51.32 -27.29
N ILE A 278 -1.64 -52.13 -27.75
CA ILE A 278 -1.39 -53.15 -28.74
C ILE A 278 -2.19 -52.89 -30.02
N GLY A 279 -1.48 -52.51 -31.08
CA GLY A 279 -2.10 -52.26 -32.39
C GLY A 279 -2.26 -53.52 -33.23
N THR A 280 -3.51 -53.95 -33.44
CA THR A 280 -3.81 -55.15 -34.26
C THR A 280 -4.45 -54.76 -35.58
N PHE A 281 -4.45 -55.74 -36.47
CA PHE A 281 -5.21 -55.73 -37.73
C PHE A 281 -6.69 -55.44 -37.51
N ASN A 282 -7.20 -55.82 -36.35
CA ASN A 282 -8.61 -55.66 -36.07
C ASN A 282 -8.79 -55.19 -34.62
N ASP A 283 -8.67 -53.88 -34.40
CA ASP A 283 -8.90 -53.23 -33.10
C ASP A 283 -7.61 -52.82 -32.40
N LEU A 284 -7.74 -51.91 -31.46
CA LEU A 284 -6.71 -51.61 -30.47
C LEU A 284 -6.94 -52.47 -29.22
N ASN A 285 -5.87 -53.06 -28.68
CA ASN A 285 -5.91 -53.72 -27.38
C ASN A 285 -5.02 -53.04 -26.32
N ILE A 286 -5.55 -52.81 -25.13
CA ILE A 286 -4.74 -52.34 -24.02
C ILE A 286 -4.64 -53.45 -22.97
N TYR A 287 -3.42 -53.89 -22.68
CA TYR A 287 -3.19 -54.92 -21.68
C TYR A 287 -3.45 -54.44 -20.26
N HIS A 288 -4.23 -55.20 -19.51
CA HIS A 288 -4.48 -54.90 -18.09
C HIS A 288 -3.77 -55.86 -17.17
N GLU A 289 -2.91 -55.28 -16.34
CA GLU A 289 -1.97 -56.00 -15.47
C GLU A 289 -2.66 -56.93 -14.49
N GLY A 290 -3.69 -56.42 -13.82
CA GLY A 290 -4.36 -57.14 -12.73
C GLY A 290 -4.98 -58.47 -13.14
N THR A 291 -5.85 -58.43 -14.15
CA THR A 291 -6.55 -59.62 -14.59
C THR A 291 -5.78 -60.48 -15.58
N ASP A 292 -4.64 -59.98 -16.08
CA ASP A 292 -3.93 -60.62 -17.19
C ASP A 292 -4.86 -60.75 -18.42
N SER A 293 -5.56 -59.68 -18.72
CA SER A 293 -6.58 -59.67 -19.77
C SER A 293 -6.43 -58.41 -20.62
N PHE A 294 -7.30 -58.26 -21.61
CA PHE A 294 -7.19 -57.20 -22.61
C PHE A 294 -8.50 -56.45 -22.83
N ALA A 295 -8.40 -55.14 -22.89
CA ALA A 295 -9.51 -54.32 -23.31
C ALA A 295 -9.43 -54.18 -24.83
N SER A 296 -10.58 -54.16 -25.48
CA SER A 296 -10.68 -53.90 -26.90
C SER A 296 -11.25 -52.51 -27.12
N TYR A 297 -10.90 -51.91 -28.25
CA TYR A 297 -11.45 -50.62 -28.68
C TYR A 297 -11.60 -50.70 -30.18
N SER A 298 -12.80 -50.43 -30.69
CA SER A 298 -13.06 -50.71 -32.10
C SER A 298 -13.42 -49.49 -32.90
N SER A 299 -13.30 -49.64 -34.21
CA SER A 299 -13.72 -48.63 -35.14
C SER A 299 -15.19 -48.85 -35.44
N ASN A 300 -15.99 -47.83 -35.20
CA ASN A 300 -17.36 -47.80 -35.61
C ASN A 300 -17.59 -46.43 -36.25
N PRO A 301 -17.80 -46.40 -37.57
CA PRO A 301 -18.00 -45.07 -38.18
C PRO A 301 -19.00 -44.20 -37.41
N VAL A 302 -20.11 -44.78 -36.96
CA VAL A 302 -21.21 -44.04 -36.33
C VAL A 302 -20.94 -43.59 -34.89
N GLU A 303 -19.92 -44.14 -34.23
CA GLU A 303 -19.66 -43.89 -32.82
C GLU A 303 -18.57 -42.84 -32.72
N ASN A 304 -18.94 -41.67 -32.23
CA ASN A 304 -18.00 -40.56 -32.20
C ASN A 304 -16.96 -40.77 -31.15
N GLY A 305 -15.72 -40.41 -31.50
CA GLY A 305 -14.56 -40.70 -30.66
C GLY A 305 -14.03 -42.12 -30.77
N SER A 306 -14.61 -42.97 -31.61
CA SER A 306 -14.00 -44.28 -31.80
C SER A 306 -12.87 -44.23 -32.84
N LEU A 307 -12.00 -45.24 -32.79
CA LEU A 307 -10.98 -45.43 -33.81
C LEU A 307 -11.49 -45.13 -35.18
N SER A 308 -10.67 -44.44 -35.97
CA SER A 308 -11.09 -43.99 -37.29
C SER A 308 -11.16 -45.14 -38.29
N GLN A 309 -10.54 -46.26 -37.94
CA GLN A 309 -10.31 -47.38 -38.85
C GLN A 309 -9.77 -48.54 -37.98
N ARG A 310 -10.16 -49.77 -38.29
CA ARG A 310 -9.89 -50.85 -37.36
C ARG A 310 -8.41 -51.28 -37.28
N SER A 311 -7.62 -50.98 -38.30
CA SER A 311 -6.28 -51.57 -38.38
C SER A 311 -5.20 -50.59 -37.98
N VAL A 312 -4.52 -50.86 -36.87
CA VAL A 312 -3.57 -49.95 -36.28
C VAL A 312 -2.14 -50.27 -36.63
N ARG A 313 -1.52 -49.44 -37.46
CA ARG A 313 -0.16 -49.67 -37.99
C ARG A 313 0.99 -49.11 -37.15
N SER A 314 0.73 -48.05 -36.39
CA SER A 314 1.79 -47.37 -35.65
C SER A 314 1.23 -46.76 -34.37
N ILE A 315 2.01 -46.86 -33.30
CA ILE A 315 1.65 -46.30 -32.01
C ILE A 315 2.89 -45.60 -31.47
N PHE A 316 2.71 -44.36 -31.01
CA PHE A 316 3.82 -43.58 -30.44
C PHE A 316 3.33 -42.67 -29.31
N MET A 317 4.12 -42.60 -28.24
CA MET A 317 3.84 -41.67 -27.16
C MET A 317 4.71 -40.43 -27.34
N ASP A 318 4.06 -39.27 -27.46
CA ASP A 318 4.77 -37.97 -27.58
C ASP A 318 5.32 -37.58 -26.20
N SER A 319 6.00 -36.43 -26.13
CA SER A 319 6.66 -36.01 -24.88
C SER A 319 5.67 -35.64 -23.77
N GLN A 320 4.43 -35.33 -24.11
CA GLN A 320 3.37 -35.08 -23.11
C GLN A 320 2.67 -36.33 -22.60
N GLY A 321 2.95 -37.49 -23.20
CA GLY A 321 2.24 -38.72 -22.84
C GLY A 321 1.00 -38.96 -23.69
N GLY A 322 0.79 -38.13 -24.71
CA GLY A 322 -0.26 -38.35 -25.68
C GLY A 322 0.10 -39.52 -26.59
N MET A 323 -0.91 -40.31 -26.92
CA MET A 323 -0.74 -41.47 -27.77
C MET A 323 -1.27 -41.20 -29.17
N TRP A 324 -0.47 -41.58 -30.16
CA TRP A 324 -0.83 -41.41 -31.57
C TRP A 324 -0.87 -42.75 -32.22
N LEU A 325 -2.03 -43.10 -32.76
CA LEU A 325 -2.23 -44.39 -33.38
C LEU A 325 -2.46 -44.15 -34.88
N GLY A 326 -1.53 -44.65 -35.70
CA GLY A 326 -1.64 -44.56 -37.15
C GLY A 326 -2.37 -45.75 -37.78
N THR A 327 -3.39 -45.47 -38.57
CA THR A 327 -4.12 -46.52 -39.29
C THR A 327 -3.72 -46.56 -40.77
N TYR A 328 -4.39 -47.39 -41.55
CA TYR A 328 -4.02 -47.56 -42.95
C TYR A 328 -4.80 -46.59 -43.87
N PHE A 329 -6.10 -46.42 -43.59
CA PHE A 329 -6.97 -45.59 -44.41
C PHE A 329 -7.70 -44.51 -43.61
N GLY A 330 -7.28 -44.27 -42.38
CA GLY A 330 -7.98 -43.33 -41.52
C GLY A 330 -7.08 -42.35 -40.79
N GLY A 331 -5.88 -42.11 -41.31
CA GLY A 331 -4.99 -41.13 -40.69
C GLY A 331 -4.64 -41.48 -39.26
N LEU A 332 -4.58 -40.45 -38.41
CA LEU A 332 -4.10 -40.60 -37.04
C LEU A 332 -5.24 -40.43 -36.04
N ASN A 333 -5.14 -41.16 -34.94
CA ASN A 333 -6.07 -41.03 -33.83
C ASN A 333 -5.30 -40.63 -32.60
N TYR A 334 -5.72 -39.57 -31.92
CA TYR A 334 -5.00 -39.04 -30.78
C TYR A 334 -5.75 -39.21 -29.44
N TYR A 335 -5.02 -39.55 -28.38
CA TYR A 335 -5.58 -39.66 -27.03
C TYR A 335 -4.63 -39.15 -25.93
N HIS A 336 -5.19 -38.44 -24.95
CA HIS A 336 -4.48 -38.11 -23.72
C HIS A 336 -5.43 -38.12 -22.57
N PRO A 337 -5.07 -38.74 -21.43
CA PRO A 337 -6.03 -38.76 -20.29
C PRO A 337 -6.57 -37.39 -19.87
N ILE A 338 -5.71 -36.39 -19.77
CA ILE A 338 -6.18 -35.04 -19.45
C ILE A 338 -7.28 -34.57 -20.42
N ARG A 339 -7.21 -34.99 -21.67
CA ARG A 339 -8.26 -34.60 -22.61
C ARG A 339 -9.53 -35.44 -22.42
N ASN A 340 -9.57 -36.30 -21.39
CA ASN A 340 -10.70 -37.19 -21.13
C ASN A 340 -11.20 -37.04 -19.69
N ARG A 341 -10.95 -35.88 -19.10
CA ARG A 341 -11.49 -35.51 -17.77
C ARG A 341 -12.98 -35.13 -17.81
N PHE A 342 -13.47 -34.76 -18.99
CA PHE A 342 -14.87 -34.65 -19.28
C PHE A 342 -15.20 -35.83 -20.19
N LYS A 343 -16.22 -36.60 -19.82
CA LYS A 343 -16.59 -37.80 -20.54
C LYS A 343 -18.01 -37.53 -21.09
N ASN A 344 -18.24 -37.83 -22.36
CA ASN A 344 -19.53 -37.59 -22.94
C ASN A 344 -20.32 -38.89 -23.14
N ILE A 345 -21.61 -38.85 -22.80
CA ILE A 345 -22.53 -39.92 -23.10
C ILE A 345 -23.44 -39.47 -24.25
N ARG A 346 -23.44 -40.21 -25.35
CA ARG A 346 -24.18 -39.82 -26.56
C ARG A 346 -24.86 -41.00 -27.23
N ASN A 347 -25.88 -40.72 -28.02
CA ASN A 347 -26.44 -41.72 -28.88
C ASN A 347 -25.36 -42.47 -29.72
N ILE A 348 -25.53 -43.79 -29.85
CA ILE A 348 -24.76 -44.60 -30.77
C ILE A 348 -25.76 -45.32 -31.68
N PRO A 349 -25.93 -44.82 -32.91
CA PRO A 349 -26.94 -45.47 -33.71
C PRO A 349 -26.74 -46.97 -33.79
N TYR A 350 -27.84 -47.72 -33.62
CA TYR A 350 -27.88 -49.19 -33.73
C TYR A 350 -27.08 -49.89 -32.62
N LYS A 351 -26.79 -49.18 -31.55
CA LYS A 351 -26.27 -49.78 -30.34
C LYS A 351 -27.07 -49.36 -29.12
N ASN A 352 -27.01 -50.19 -28.12
CA ASN A 352 -27.56 -49.85 -26.84
C ASN A 352 -26.86 -48.61 -26.27
N SER A 353 -27.59 -47.50 -26.25
CA SER A 353 -27.09 -46.17 -25.90
C SER A 353 -28.24 -45.20 -25.54
N LEU A 354 -27.88 -44.01 -25.05
CA LEU A 354 -28.81 -42.88 -24.89
C LEU A 354 -29.68 -42.70 -26.12
N SER A 355 -30.98 -42.61 -25.95
CA SER A 355 -31.86 -42.77 -27.10
C SER A 355 -31.95 -41.52 -27.98
N ASP A 356 -31.46 -40.39 -27.49
CA ASP A 356 -31.60 -39.10 -28.15
C ASP A 356 -30.65 -38.14 -27.46
N ASN A 357 -29.95 -37.31 -28.22
CA ASN A 357 -28.87 -36.48 -27.71
C ASN A 357 -29.33 -35.17 -27.15
N VAL A 358 -30.59 -34.80 -27.37
CA VAL A 358 -31.12 -33.59 -26.75
C VAL A 358 -31.73 -33.91 -25.40
N VAL A 359 -30.97 -33.66 -24.33
CA VAL A 359 -31.31 -34.16 -23.02
C VAL A 359 -31.97 -33.13 -22.07
N SER A 360 -32.89 -33.60 -21.24
CA SER A 360 -33.57 -32.74 -20.27
C SER A 360 -33.20 -33.22 -18.87
N CYS A 361 -34.12 -33.72 -18.07
CA CYS A 361 -33.81 -33.96 -16.65
C CYS A 361 -32.99 -35.21 -16.45
N ILE A 362 -32.28 -35.24 -15.31
CA ILE A 362 -31.37 -36.30 -14.98
C ILE A 362 -31.57 -36.46 -13.49
N VAL A 363 -32.06 -37.61 -13.07
CA VAL A 363 -32.39 -37.83 -11.67
C VAL A 363 -31.89 -39.19 -11.20
N GLU A 364 -31.12 -39.17 -10.11
CA GLU A 364 -30.57 -40.41 -9.58
C GLU A 364 -31.54 -41.04 -8.60
N ASP A 365 -31.83 -42.32 -8.80
CA ASP A 365 -32.65 -43.07 -7.86
C ASP A 365 -31.82 -43.68 -6.72
N LYS A 366 -32.50 -44.27 -5.73
CA LYS A 366 -31.83 -44.93 -4.61
C LYS A 366 -30.94 -46.13 -4.96
N ASP A 367 -31.06 -46.66 -6.18
CA ASP A 367 -30.19 -47.72 -6.63
C ASP A 367 -29.01 -47.18 -7.42
N LYS A 368 -28.79 -45.87 -7.37
CA LYS A 368 -27.70 -45.20 -8.11
C LYS A 368 -27.78 -45.35 -9.64
N ASN A 369 -29.00 -45.51 -10.13
CA ASN A 369 -29.29 -45.48 -11.55
C ASN A 369 -29.72 -44.06 -11.94
N LEU A 370 -29.56 -43.74 -13.22
CA LEU A 370 -29.91 -42.42 -13.74
C LEU A 370 -31.12 -42.48 -14.69
N TRP A 371 -32.14 -41.68 -14.38
CA TRP A 371 -33.33 -41.51 -15.22
C TRP A 371 -33.17 -40.28 -16.01
N ILE A 372 -33.06 -40.41 -17.32
CA ILE A 372 -32.68 -39.30 -18.19
C ILE A 372 -33.80 -39.01 -19.16
N GLY A 373 -34.29 -37.76 -19.12
CA GLY A 373 -35.32 -37.29 -20.02
C GLY A 373 -34.67 -36.87 -21.30
N THR A 374 -35.36 -37.07 -22.43
CA THR A 374 -34.90 -36.55 -23.72
C THR A 374 -36.04 -35.83 -24.39
N ASN A 375 -35.73 -35.14 -25.49
CA ASN A 375 -36.69 -34.31 -26.20
C ASN A 375 -37.46 -35.10 -27.24
N ASP A 376 -36.83 -36.12 -27.80
CA ASP A 376 -37.46 -37.01 -28.81
C ASP A 376 -37.40 -38.50 -28.54
N GLY A 377 -36.63 -38.92 -27.53
CA GLY A 377 -36.26 -40.32 -27.38
C GLY A 377 -36.91 -41.01 -26.23
N GLY A 378 -37.75 -40.30 -25.50
CA GLY A 378 -38.39 -40.88 -24.34
C GLY A 378 -37.52 -40.78 -23.10
N LEU A 379 -37.89 -41.58 -22.11
CA LEU A 379 -37.20 -41.67 -20.85
C LEU A 379 -36.14 -42.80 -20.91
N ASN A 380 -34.92 -42.47 -20.58
CA ASN A 380 -33.88 -43.46 -20.50
C ASN A 380 -33.62 -43.82 -19.05
N LEU A 381 -33.47 -45.11 -18.75
CA LEU A 381 -32.92 -45.59 -17.48
C LEU A 381 -31.52 -46.05 -17.81
N TYR A 382 -30.54 -45.52 -17.09
CA TYR A 382 -29.13 -45.77 -17.34
C TYR A 382 -28.42 -46.30 -16.11
N ASN A 383 -27.84 -47.49 -16.22
CA ASN A 383 -27.00 -48.08 -15.16
C ASN A 383 -25.54 -47.62 -15.39
N PRO A 384 -25.06 -46.67 -14.58
CA PRO A 384 -23.71 -46.20 -14.90
C PRO A 384 -22.60 -47.27 -14.72
N ILE A 385 -22.82 -48.31 -13.91
CA ILE A 385 -21.81 -49.36 -13.74
C ILE A 385 -21.81 -50.26 -15.00
N THR A 386 -22.98 -50.84 -15.30
CA THR A 386 -23.21 -51.74 -16.44
C THR A 386 -23.10 -51.03 -17.76
N GLN A 387 -23.50 -49.76 -17.83
CA GLN A 387 -23.56 -48.97 -19.09
C GLN A 387 -24.79 -49.32 -19.94
N ARG A 388 -25.74 -49.98 -19.32
CA ARG A 388 -26.90 -50.50 -19.98
C ARG A 388 -27.98 -49.43 -20.03
N PHE A 389 -28.56 -49.22 -21.22
CA PHE A 389 -29.72 -48.35 -21.35
C PHE A 389 -31.00 -49.10 -21.54
N THR A 390 -32.06 -48.58 -20.93
CA THR A 390 -33.46 -48.93 -21.21
C THR A 390 -34.25 -47.65 -21.52
N SER A 391 -35.21 -47.72 -22.41
CA SER A 391 -36.00 -46.57 -22.72
C SER A 391 -37.49 -46.84 -22.51
N TYR A 392 -38.26 -45.77 -22.35
CA TYR A 392 -39.71 -45.85 -22.25
C TYR A 392 -40.21 -44.74 -23.16
N THR A 393 -41.07 -45.09 -24.10
CA THR A 393 -41.40 -44.24 -25.22
C THR A 393 -42.89 -44.39 -25.54
N LEU A 394 -43.34 -43.66 -26.55
CA LEU A 394 -44.75 -43.63 -26.98
C LEU A 394 -45.31 -44.90 -27.65
N GLN A 395 -46.55 -45.28 -27.26
CA GLN A 395 -47.34 -46.41 -27.85
C GLN A 395 -47.00 -47.78 -27.25
N GLY A 402 -46.34 -47.66 -22.72
CA GLY A 402 -46.27 -46.42 -23.51
C GLY A 402 -46.57 -45.15 -22.72
N ILE A 403 -45.73 -44.12 -22.85
CA ILE A 403 -45.83 -42.92 -22.00
C ILE A 403 -46.58 -41.70 -22.57
N GLY A 404 -47.12 -41.78 -23.78
CA GLY A 404 -48.03 -40.70 -24.21
C GLY A 404 -47.40 -39.36 -24.62
N SER A 405 -46.09 -39.19 -24.39
CA SER A 405 -45.24 -38.34 -25.24
C SER A 405 -43.78 -38.78 -25.12
N ASN A 406 -42.97 -38.43 -26.13
CA ASN A 406 -41.54 -38.71 -26.09
C ASN A 406 -40.67 -37.54 -25.63
N ASN A 407 -41.29 -36.39 -25.35
CA ASN A 407 -40.54 -35.20 -24.97
C ASN A 407 -40.59 -34.97 -23.46
N ILE A 408 -39.60 -35.49 -22.73
CA ILE A 408 -39.70 -35.55 -21.26
C ILE A 408 -39.20 -34.28 -20.57
N LYS A 409 -39.97 -33.73 -19.64
CA LYS A 409 -39.55 -32.52 -18.93
C LYS A 409 -39.25 -32.71 -17.45
N ALA A 410 -39.91 -33.63 -16.79
CA ALA A 410 -39.66 -33.83 -15.34
C ALA A 410 -39.75 -35.29 -14.97
N VAL A 411 -39.01 -35.67 -13.94
CA VAL A 411 -39.08 -37.03 -13.38
C VAL A 411 -38.95 -37.01 -11.88
N TYR A 412 -39.83 -37.74 -11.23
CA TYR A 412 -39.78 -37.95 -9.79
C TYR A 412 -39.92 -39.45 -9.54
N VAL A 413 -39.05 -39.99 -8.69
CA VAL A 413 -39.08 -41.41 -8.38
C VAL A 413 -39.70 -41.63 -7.04
N ASP A 414 -40.85 -42.28 -7.01
CA ASP A 414 -41.47 -42.70 -5.76
C ASP A 414 -40.88 -44.04 -5.41
N GLU A 415 -39.95 -44.00 -4.47
CA GLU A 415 -39.17 -45.17 -4.10
C GLU A 415 -39.96 -46.19 -3.28
N LYS A 416 -40.86 -45.75 -2.39
CA LYS A 416 -41.69 -46.67 -1.58
C LYS A 416 -42.63 -47.51 -2.46
N LYS A 417 -43.23 -46.87 -3.47
CA LYS A 417 -44.26 -47.51 -4.29
C LYS A 417 -43.70 -48.07 -5.62
N SER A 418 -42.39 -48.00 -5.80
CA SER A 418 -41.73 -48.45 -7.03
C SER A 418 -42.38 -47.87 -8.29
N LEU A 419 -42.73 -46.59 -8.24
CA LEU A 419 -43.29 -45.85 -9.38
C LEU A 419 -42.31 -44.76 -9.82
N VAL A 420 -42.25 -44.51 -11.11
CA VAL A 420 -41.61 -43.32 -11.65
C VAL A 420 -42.69 -42.42 -12.26
N TYR A 421 -42.78 -41.18 -11.80
CA TYR A 421 -43.75 -40.19 -12.31
C TYR A 421 -43.04 -39.38 -13.32
N ILE A 422 -43.65 -39.21 -14.49
CA ILE A 422 -42.96 -38.63 -15.63
C ILE A 422 -43.81 -37.46 -16.10
N GLY A 423 -43.18 -36.28 -16.20
CA GLY A 423 -43.82 -35.11 -16.76
C GLY A 423 -43.33 -34.86 -18.17
N THR A 424 -44.28 -34.75 -19.11
CA THR A 424 -43.93 -34.56 -20.53
C THR A 424 -44.50 -33.26 -21.14
N HIS A 425 -43.95 -32.84 -22.26
CA HIS A 425 -44.53 -31.77 -23.04
C HIS A 425 -45.54 -32.33 -23.98
N ALA A 426 -46.66 -31.65 -24.17
CA ALA A 426 -47.72 -32.12 -25.06
C ALA A 426 -48.06 -33.58 -24.80
N GLY A 427 -48.31 -33.92 -23.53
CA GLY A 427 -48.58 -35.31 -23.14
C GLY A 427 -49.10 -35.53 -21.72
N GLY A 428 -48.64 -34.72 -20.78
CA GLY A 428 -49.20 -34.74 -19.43
C GLY A 428 -48.37 -35.47 -18.39
N LEU A 429 -49.01 -36.31 -17.61
CA LEU A 429 -48.35 -37.04 -16.55
C LEU A 429 -48.46 -38.53 -16.83
N SER A 430 -47.35 -39.24 -16.71
CA SER A 430 -47.36 -40.70 -16.82
C SER A 430 -46.78 -41.32 -15.57
N ILE A 431 -47.38 -42.43 -15.15
CA ILE A 431 -46.87 -43.20 -14.03
C ILE A 431 -46.31 -44.52 -14.54
N LEU A 432 -45.00 -44.71 -14.38
CA LEU A 432 -44.39 -45.97 -14.76
C LEU A 432 -44.42 -46.85 -13.56
N HIS A 433 -45.05 -48.01 -13.68
CA HIS A 433 -44.96 -49.05 -12.66
C HIS A 433 -43.76 -49.86 -13.01
N ARG A 434 -42.72 -49.77 -12.18
CA ARG A 434 -41.40 -50.32 -12.51
C ARG A 434 -41.29 -51.83 -12.48
N ASN A 435 -42.11 -52.48 -11.67
CA ASN A 435 -42.18 -53.95 -11.65
C ASN A 435 -42.68 -54.51 -12.98
N SER A 436 -43.92 -54.16 -13.32
CA SER A 436 -44.64 -54.75 -14.45
C SER A 436 -44.22 -54.13 -15.78
N GLY A 437 -43.75 -52.89 -15.72
CA GLY A 437 -43.46 -52.09 -16.90
C GLY A 437 -44.66 -51.30 -17.43
N GLN A 438 -45.83 -51.46 -16.81
CA GLN A 438 -47.06 -50.83 -17.33
C GLN A 438 -47.08 -49.35 -16.96
N VAL A 439 -47.72 -48.56 -17.82
CA VAL A 439 -47.71 -47.11 -17.69
C VAL A 439 -49.13 -46.51 -17.73
N GLU A 440 -49.49 -45.75 -16.69
CA GLU A 440 -50.73 -44.94 -16.65
C GLU A 440 -50.43 -43.57 -17.26
N ASN A 441 -51.24 -43.12 -18.21
CA ASN A 441 -51.11 -41.80 -18.84
C ASN A 441 -52.28 -40.85 -18.51
N PHE A 442 -51.99 -39.59 -18.20
CA PHE A 442 -52.99 -38.58 -17.88
C PHE A 442 -52.78 -37.32 -18.71
N ASN A 443 -53.86 -36.83 -19.32
CA ASN A 443 -53.80 -35.64 -20.18
C ASN A 443 -55.15 -34.88 -20.16
N GLN A 444 -55.34 -33.95 -21.09
CA GLN A 444 -56.54 -33.09 -21.10
C GLN A 444 -57.78 -33.82 -21.61
N ARG A 445 -57.58 -35.04 -22.12
CA ARG A 445 -58.67 -35.78 -22.72
C ARG A 445 -59.15 -37.00 -21.96
N ASN A 446 -58.43 -37.43 -20.92
CA ASN A 446 -58.92 -38.52 -20.06
C ASN A 446 -58.83 -38.21 -18.59
N SER A 447 -58.60 -36.95 -18.26
CA SER A 447 -58.45 -36.54 -16.86
C SER A 447 -58.76 -35.08 -16.69
N GLN A 448 -58.88 -34.71 -15.43
CA GLN A 448 -59.19 -33.34 -15.01
C GLN A 448 -57.89 -32.47 -14.90
N LEU A 449 -56.75 -32.94 -15.44
CA LEU A 449 -55.50 -32.18 -15.48
C LEU A 449 -55.64 -30.98 -16.42
N VAL A 450 -55.50 -29.77 -15.90
CA VAL A 450 -55.82 -28.56 -16.68
C VAL A 450 -54.89 -28.28 -17.86
N ASN A 451 -53.61 -28.57 -17.70
CA ASN A 451 -52.58 -28.34 -18.71
C ASN A 451 -51.71 -29.60 -18.86
N GLU A 452 -51.54 -30.09 -20.09
CA GLU A 452 -50.81 -31.34 -20.37
C GLU A 452 -49.31 -31.11 -20.44
N ASN A 453 -48.85 -29.98 -19.95
CA ASN A 453 -47.47 -29.64 -20.14
C ASN A 453 -46.83 -29.54 -18.77
N VAL A 454 -46.36 -30.70 -18.28
CA VAL A 454 -45.89 -30.86 -16.91
C VAL A 454 -44.38 -30.77 -16.89
N TYR A 455 -43.85 -29.68 -16.34
CA TYR A 455 -42.42 -29.37 -16.37
C TYR A 455 -41.71 -29.61 -15.01
N ALA A 456 -42.48 -29.92 -13.98
CA ALA A 456 -41.91 -30.09 -12.67
C ALA A 456 -42.82 -30.94 -11.82
N ILE A 457 -42.21 -31.82 -11.02
CA ILE A 457 -42.91 -32.75 -10.16
C ILE A 457 -42.17 -32.81 -8.83
N LEU A 458 -42.89 -32.49 -7.78
CA LEU A 458 -42.33 -32.44 -6.45
C LEU A 458 -43.40 -33.02 -5.54
N PRO A 459 -43.00 -33.84 -4.58
CA PRO A 459 -43.94 -34.31 -3.59
C PRO A 459 -44.29 -33.17 -2.64
N ASP A 460 -45.53 -33.13 -2.17
CA ASP A 460 -46.03 -32.03 -1.34
C ASP A 460 -45.82 -32.24 0.16
N GLY A 461 -45.37 -33.43 0.57
CA GLY A 461 -45.18 -33.76 1.99
C GLY A 461 -46.34 -34.49 2.64
N GLU A 462 -47.51 -34.49 1.99
CA GLU A 462 -48.73 -35.06 2.55
C GLU A 462 -49.19 -36.33 1.82
N GLY A 463 -48.31 -36.89 0.98
CA GLY A 463 -48.67 -38.03 0.13
C GLY A 463 -49.07 -37.68 -1.30
N ASN A 464 -49.08 -36.39 -1.65
CA ASN A 464 -49.42 -35.99 -3.01
C ASN A 464 -48.22 -35.44 -3.75
N LEU A 465 -48.45 -35.04 -5.00
CA LEU A 465 -47.44 -34.39 -5.83
C LEU A 465 -47.91 -33.04 -6.37
N TRP A 466 -47.05 -32.02 -6.26
CA TRP A 466 -47.23 -30.78 -7.00
C TRP A 466 -46.77 -31.03 -8.42
N LEU A 467 -47.59 -30.66 -9.39
CA LEU A 467 -47.16 -30.63 -10.78
C LEU A 467 -47.02 -29.17 -11.21
N GLY A 468 -45.85 -28.80 -11.70
CA GLY A 468 -45.68 -27.51 -12.35
C GLY A 468 -46.10 -27.58 -13.80
N THR A 469 -47.27 -27.03 -14.14
CA THR A 469 -47.72 -27.00 -15.55
C THR A 469 -47.47 -25.64 -16.22
N LEU A 470 -47.68 -25.55 -17.53
CA LEU A 470 -47.48 -24.28 -18.24
C LEU A 470 -48.58 -23.25 -18.02
N SER A 471 -49.65 -23.60 -17.29
CA SER A 471 -50.65 -22.61 -16.92
C SER A 471 -51.04 -22.58 -15.42
N ALA A 472 -50.58 -23.54 -14.62
CA ALA A 472 -51.01 -23.61 -13.24
C ALA A 472 -50.15 -24.53 -12.39
N LEU A 473 -50.31 -24.39 -11.07
CA LEU A 473 -49.81 -25.35 -10.09
C LEU A 473 -50.96 -26.29 -9.79
N VAL A 474 -50.73 -27.59 -9.99
CA VAL A 474 -51.76 -28.60 -9.84
C VAL A 474 -51.38 -29.62 -8.78
N ARG A 475 -52.31 -29.97 -7.90
CA ARG A 475 -52.07 -31.08 -6.98
C ARG A 475 -52.61 -32.37 -7.59
N PHE A 476 -51.76 -33.39 -7.62
CA PHE A 476 -52.18 -34.73 -8.03
C PHE A 476 -52.25 -35.62 -6.80
N ASN A 477 -53.43 -36.16 -6.53
CA ASN A 477 -53.57 -37.11 -5.42
C ASN A 477 -53.54 -38.50 -6.01
N PRO A 478 -52.51 -39.30 -5.63
CA PRO A 478 -52.42 -40.67 -6.14
C PRO A 478 -53.50 -41.61 -5.59
N GLU A 479 -53.85 -41.50 -4.31
CA GLU A 479 -54.96 -42.30 -3.75
C GLU A 479 -56.26 -42.14 -4.57
N GLN A 480 -56.60 -40.90 -4.95
CA GLN A 480 -57.89 -40.61 -5.61
C GLN A 480 -57.77 -40.41 -7.13
N ARG A 481 -56.55 -40.50 -7.67
CA ARG A 481 -56.27 -40.25 -9.09
C ARG A 481 -56.80 -38.89 -9.58
N SER A 482 -56.92 -37.93 -8.65
CA SER A 482 -57.54 -36.64 -8.91
C SER A 482 -56.53 -35.52 -9.17
N PHE A 483 -56.97 -34.55 -9.94
CA PHE A 483 -56.19 -33.37 -10.23
C PHE A 483 -56.95 -32.14 -9.73
N THR A 484 -56.27 -31.25 -8.99
CA THR A 484 -56.88 -30.02 -8.51
C THR A 484 -55.97 -28.82 -8.83
N THR A 485 -56.48 -27.88 -9.62
CA THR A 485 -55.73 -26.67 -9.94
C THR A 485 -55.83 -25.70 -8.77
N ILE A 486 -54.72 -25.04 -8.46
CA ILE A 486 -54.66 -24.07 -7.36
C ILE A 486 -54.88 -22.66 -7.87
N GLU A 487 -56.00 -22.07 -7.48
CA GLU A 487 -56.38 -20.75 -7.98
C GLU A 487 -56.27 -19.69 -6.90
N LYS A 488 -56.58 -20.07 -5.66
CA LYS A 488 -56.51 -19.17 -4.50
C LYS A 488 -55.42 -19.61 -3.48
N GLU A 489 -54.86 -18.63 -2.75
CA GLU A 489 -54.10 -18.90 -1.52
C GLU A 489 -55.09 -19.26 -0.40
N LYS A 490 -54.63 -19.40 0.85
CA LYS A 490 -55.54 -19.65 1.99
C LYS A 490 -56.41 -18.43 2.27
N ASP A 491 -55.83 -17.23 2.11
CA ASP A 491 -56.55 -15.98 2.32
C ASP A 491 -57.38 -15.53 1.09
N GLY A 492 -57.44 -16.34 0.04
CA GLY A 492 -58.24 -15.99 -1.13
C GLY A 492 -57.53 -15.13 -2.17
N THR A 493 -56.28 -14.75 -1.89
CA THR A 493 -55.48 -14.10 -2.92
C THR A 493 -55.34 -15.02 -4.15
N PRO A 494 -55.82 -14.57 -5.33
CA PRO A 494 -55.67 -15.41 -6.52
C PRO A 494 -54.20 -15.65 -6.91
N VAL A 495 -53.93 -16.87 -7.36
CA VAL A 495 -52.63 -17.22 -7.93
C VAL A 495 -52.76 -17.04 -9.44
N VAL A 496 -52.07 -16.04 -10.00
CA VAL A 496 -52.26 -15.74 -11.41
C VAL A 496 -51.60 -16.79 -12.32
N SER A 497 -52.42 -17.33 -13.22
CA SER A 497 -52.01 -18.37 -14.19
C SER A 497 -50.74 -18.01 -14.97
N LYS A 498 -49.58 -18.20 -14.33
CA LYS A 498 -48.27 -18.01 -14.97
C LYS A 498 -47.81 -19.40 -15.44
N GLN A 499 -46.70 -19.47 -16.17
CA GLN A 499 -46.18 -20.78 -16.56
C GLN A 499 -45.08 -21.21 -15.59
N ILE A 500 -45.24 -22.39 -15.01
CA ILE A 500 -44.31 -22.94 -14.03
C ILE A 500 -43.25 -23.83 -14.69
N THR A 501 -42.00 -23.38 -14.75
CA THR A 501 -40.92 -24.20 -15.25
C THR A 501 -40.23 -25.04 -14.17
N THR A 502 -40.28 -24.63 -12.90
CA THR A 502 -39.46 -25.28 -11.87
C THR A 502 -40.11 -25.19 -10.47
N LEU A 503 -40.04 -26.29 -9.70
CA LEU A 503 -40.56 -26.35 -8.33
C LEU A 503 -39.41 -26.77 -7.40
N PHE A 504 -39.30 -26.16 -6.24
CA PHE A 504 -38.22 -26.51 -5.31
C PHE A 504 -38.60 -26.40 -3.83
N ARG A 505 -38.12 -27.38 -3.07
CA ARG A 505 -38.41 -27.53 -1.66
C ARG A 505 -37.17 -27.16 -0.88
N ASP A 506 -37.23 -26.09 -0.09
CA ASP A 506 -36.06 -25.69 0.70
C ASP A 506 -36.02 -26.42 2.05
N SER A 507 -34.86 -26.37 2.71
CA SER A 507 -34.67 -27.00 4.04
C SER A 507 -35.76 -26.59 5.04
N HIS A 508 -36.31 -25.39 4.90
CA HIS A 508 -37.38 -24.92 5.79
C HIS A 508 -38.73 -25.38 5.32
N LYS A 509 -38.73 -26.28 4.34
CA LYS A 509 -39.95 -26.91 3.82
C LYS A 509 -40.84 -25.97 2.99
N ARG A 510 -40.33 -24.81 2.58
CA ARG A 510 -41.09 -23.90 1.70
C ARG A 510 -41.02 -24.25 0.20
N LEU A 511 -42.11 -23.95 -0.50
CA LEU A 511 -42.27 -24.27 -1.90
C LEU A 511 -41.88 -23.06 -2.78
N TRP A 512 -40.83 -23.21 -3.58
CA TRP A 512 -40.41 -22.14 -4.50
C TRP A 512 -40.93 -22.46 -5.85
N ILE A 513 -41.78 -21.59 -6.38
CA ILE A 513 -42.36 -21.80 -7.69
C ILE A 513 -41.74 -20.80 -8.65
N GLY A 514 -41.03 -21.31 -9.66
CA GLY A 514 -40.39 -20.45 -10.66
C GLY A 514 -40.87 -20.66 -12.09
N GLY A 515 -40.85 -19.60 -12.90
CA GLY A 515 -41.14 -19.69 -14.33
C GLY A 515 -40.58 -18.52 -15.13
N GLU A 516 -41.14 -18.32 -16.33
CA GLU A 516 -40.76 -17.18 -17.18
C GLU A 516 -41.23 -15.84 -16.60
N GLU A 517 -42.42 -15.80 -15.99
CA GLU A 517 -42.96 -14.55 -15.40
C GLU A 517 -42.23 -14.14 -14.10
N GLY A 518 -41.52 -15.06 -13.45
CA GLY A 518 -40.71 -14.72 -12.27
C GLY A 518 -40.62 -15.81 -11.22
N LEU A 519 -40.47 -15.41 -9.96
CA LEU A 519 -40.32 -16.34 -8.86
C LEU A 519 -41.23 -15.93 -7.70
N SER A 520 -41.70 -16.93 -6.98
CA SER A 520 -42.65 -16.76 -5.90
C SER A 520 -42.41 -17.88 -4.86
N VAL A 521 -42.50 -17.57 -3.56
CA VAL A 521 -42.26 -18.59 -2.52
C VAL A 521 -43.50 -18.72 -1.67
N PHE A 522 -43.85 -19.95 -1.30
CA PHE A 522 -45.08 -20.23 -0.58
C PHE A 522 -44.87 -21.12 0.66
N LYS A 523 -45.73 -20.94 1.67
CA LYS A 523 -45.82 -21.84 2.82
C LYS A 523 -47.04 -22.68 2.57
N GLN A 524 -47.01 -23.93 2.99
CA GLN A 524 -48.18 -24.81 2.91
C GLN A 524 -48.88 -24.92 4.27
N GLU A 525 -50.16 -24.58 4.30
CA GLU A 525 -51.00 -24.83 5.46
C GLU A 525 -51.96 -25.93 5.04
N GLY A 526 -51.64 -27.18 5.40
CA GLY A 526 -52.43 -28.34 5.00
C GLY A 526 -52.44 -28.53 3.48
N LEU A 527 -53.64 -28.60 2.90
CA LEU A 527 -53.82 -28.62 1.44
C LEU A 527 -53.85 -27.19 0.83
N ASP A 528 -53.76 -26.12 1.64
CA ASP A 528 -53.69 -24.76 1.09
C ASP A 528 -52.24 -24.31 0.97
N ILE A 529 -52.01 -23.29 0.14
CA ILE A 529 -50.73 -22.58 0.13
C ILE A 529 -50.95 -21.10 0.42
N GLN A 530 -49.91 -20.44 0.93
CA GLN A 530 -50.00 -19.05 1.42
C GLN A 530 -48.68 -18.33 1.16
N LYS A 531 -48.74 -17.17 0.50
CA LYS A 531 -47.54 -16.42 0.14
C LYS A 531 -46.64 -16.29 1.38
N ALA A 532 -45.34 -16.54 1.21
CA ALA A 532 -44.40 -16.34 2.30
C ALA A 532 -43.57 -15.11 1.94
N SER A 533 -43.92 -13.97 2.52
CA SER A 533 -43.19 -12.73 2.23
C SER A 533 -41.83 -12.79 2.91
N ILE A 534 -40.86 -13.35 2.20
CA ILE A 534 -39.52 -13.59 2.75
C ILE A 534 -38.42 -13.10 1.80
N LEU A 535 -38.78 -12.85 0.55
CA LEU A 535 -37.93 -12.08 -0.35
C LEU A 535 -38.18 -10.61 -0.13
N PRO A 536 -37.16 -9.78 -0.40
CA PRO A 536 -37.45 -8.35 -0.41
C PRO A 536 -38.31 -7.97 -1.63
N VAL A 537 -38.48 -6.66 -1.82
CA VAL A 537 -38.94 -6.12 -3.08
C VAL A 537 -37.71 -6.02 -3.97
N SER A 538 -37.76 -6.68 -5.13
CA SER A 538 -36.61 -6.70 -6.05
C SER A 538 -37.06 -7.08 -7.45
N ASN A 539 -36.31 -6.60 -8.44
CA ASN A 539 -36.50 -6.98 -9.85
C ASN A 539 -36.18 -8.45 -10.14
N VAL A 540 -35.40 -9.10 -9.27
CA VAL A 540 -35.03 -10.52 -9.48
C VAL A 540 -36.25 -11.44 -9.38
N THR A 541 -37.26 -11.05 -8.61
CA THR A 541 -38.55 -11.74 -8.55
C THR A 541 -39.32 -11.79 -9.87
N LYS A 542 -39.02 -10.88 -10.80
CA LYS A 542 -39.70 -10.81 -12.11
C LYS A 542 -38.85 -11.43 -13.24
N LEU A 543 -37.63 -11.85 -12.94
CA LEU A 543 -36.76 -12.47 -13.95
C LEU A 543 -37.22 -13.88 -14.35
N PHE A 544 -37.00 -14.17 -15.63
CA PHE A 544 -37.20 -15.48 -16.19
C PHE A 544 -36.31 -16.46 -15.38
N THR A 545 -36.92 -17.45 -14.75
CA THR A 545 -36.20 -18.28 -13.79
C THR A 545 -36.11 -19.73 -14.24
N ASN A 546 -34.89 -20.28 -14.21
CA ASN A 546 -34.66 -21.64 -14.72
C ASN A 546 -34.49 -22.66 -13.61
N CYS A 547 -33.80 -22.33 -12.54
CA CYS A 547 -33.49 -23.32 -11.52
C CYS A 547 -33.26 -22.65 -10.17
N ILE A 548 -33.50 -23.39 -9.09
CA ILE A 548 -33.26 -22.95 -7.73
C ILE A 548 -32.47 -24.02 -7.02
N TYR A 549 -31.47 -23.62 -6.26
CA TYR A 549 -30.63 -24.58 -5.55
C TYR A 549 -30.24 -24.04 -4.18
N GLU A 550 -30.42 -24.83 -3.12
CA GLU A 550 -30.00 -24.44 -1.78
C GLU A 550 -28.63 -25.06 -1.49
N ALA A 551 -27.63 -24.22 -1.27
CA ALA A 551 -26.26 -24.70 -0.95
C ALA A 551 -26.14 -25.32 0.44
N SER A 552 -25.02 -25.99 0.69
CA SER A 552 -24.81 -26.62 2.01
C SER A 552 -24.77 -25.60 3.16
N ASN A 553 -24.40 -24.37 2.87
CA ASN A 553 -24.36 -23.32 3.87
C ASN A 553 -25.66 -22.52 3.98
N GLY A 554 -26.78 -23.02 3.42
CA GLY A 554 -28.08 -22.36 3.55
C GLY A 554 -28.38 -21.23 2.55
N ILE A 555 -27.41 -20.86 1.74
CA ILE A 555 -27.61 -19.88 0.67
C ILE A 555 -28.48 -20.47 -0.45
N ILE A 556 -29.42 -19.69 -0.96
CA ILE A 556 -30.26 -20.11 -2.09
C ILE A 556 -29.72 -19.48 -3.38
N TRP A 557 -29.49 -20.29 -4.42
CA TRP A 557 -29.00 -19.80 -5.70
C TRP A 557 -30.04 -20.01 -6.78
N VAL A 558 -30.28 -18.96 -7.56
CA VAL A 558 -31.31 -18.97 -8.58
C VAL A 558 -30.64 -18.71 -9.93
N GLY A 559 -30.91 -19.58 -10.90
CA GLY A 559 -30.44 -19.41 -12.27
C GLY A 559 -31.51 -18.76 -13.14
N THR A 560 -31.14 -17.72 -13.86
CA THR A 560 -32.09 -16.97 -14.68
C THR A 560 -31.54 -16.81 -16.07
N ARG A 561 -32.26 -16.10 -16.93
CA ARG A 561 -31.72 -15.74 -18.25
C ARG A 561 -30.86 -14.49 -18.20
N GLU A 562 -30.81 -13.83 -17.05
CA GLU A 562 -30.04 -12.59 -16.90
C GLU A 562 -28.99 -12.82 -15.83
N GLY A 563 -28.28 -13.93 -15.95
CA GLY A 563 -27.28 -14.35 -14.98
C GLY A 563 -27.84 -15.23 -13.88
N PHE A 564 -27.18 -15.21 -12.73
CA PHE A 564 -27.68 -15.91 -11.57
C PHE A 564 -27.50 -15.04 -10.31
N TYR A 565 -28.22 -15.38 -9.25
CA TYR A 565 -28.13 -14.60 -8.02
C TYR A 565 -28.20 -15.45 -6.78
N CYS A 566 -27.68 -14.94 -5.67
CA CYS A 566 -27.84 -15.56 -4.37
C CYS A 566 -28.72 -14.76 -3.43
N PHE A 567 -29.46 -15.50 -2.61
CA PHE A 567 -30.34 -14.90 -1.62
C PHE A 567 -29.99 -15.50 -0.27
N ASN A 568 -29.55 -14.66 0.67
CA ASN A 568 -29.28 -15.11 2.02
C ASN A 568 -30.45 -14.74 2.91
N GLU A 569 -31.07 -15.71 3.56
CA GLU A 569 -32.26 -15.40 4.37
C GLU A 569 -31.92 -14.73 5.72
N LYS A 570 -30.74 -15.04 6.27
CA LYS A 570 -30.21 -14.37 7.43
C LYS A 570 -30.41 -12.85 7.34
N ASP A 571 -29.75 -12.21 6.37
CA ASP A 571 -29.81 -10.73 6.19
C ASP A 571 -30.73 -10.23 5.04
N LYS A 572 -31.48 -11.15 4.43
CA LYS A 572 -32.28 -10.86 3.22
C LYS A 572 -31.54 -10.06 2.09
N GLN A 573 -30.20 -10.17 2.02
CA GLN A 573 -29.41 -9.55 0.94
C GLN A 573 -29.37 -10.48 -0.30
N ILE A 574 -29.19 -9.86 -1.46
CA ILE A 574 -29.19 -10.50 -2.77
C ILE A 574 -28.06 -9.92 -3.60
N LYS A 575 -27.21 -10.76 -4.17
CA LYS A 575 -26.18 -10.29 -5.12
C LYS A 575 -26.32 -11.09 -6.42
N ARG A 576 -26.32 -10.38 -7.56
CA ARG A 576 -26.50 -10.98 -8.87
C ARG A 576 -25.17 -10.97 -9.56
N TYR A 577 -24.95 -11.98 -10.41
CA TYR A 577 -23.73 -12.09 -11.19
C TYR A 577 -24.11 -12.38 -12.63
N ASN A 578 -23.40 -11.77 -13.58
CA ASN A 578 -23.68 -11.95 -15.00
C ASN A 578 -22.38 -11.93 -15.81
N THR A 579 -22.45 -11.75 -17.13
CA THR A 579 -21.24 -11.90 -17.94
C THR A 579 -20.20 -10.83 -17.65
N THR A 580 -20.64 -9.67 -17.20
CA THR A 580 -19.69 -8.62 -16.87
C THR A 580 -18.83 -9.00 -15.61
N ASN A 581 -19.37 -9.86 -14.76
CA ASN A 581 -18.62 -10.43 -13.63
C ASN A 581 -17.74 -11.62 -13.97
N GLY A 582 -17.81 -12.13 -15.20
CA GLY A 582 -16.99 -13.28 -15.65
C GLY A 582 -17.72 -14.58 -16.00
N LEU A 583 -19.03 -14.68 -15.72
CA LEU A 583 -19.88 -15.77 -16.23
C LEU A 583 -19.79 -15.77 -17.77
N PRO A 584 -19.61 -16.95 -18.41
CA PRO A 584 -19.44 -16.98 -19.89
C PRO A 584 -20.71 -16.72 -20.73
N ASN A 585 -21.89 -16.80 -20.12
CA ASN A 585 -23.16 -16.54 -20.81
C ASN A 585 -24.23 -16.39 -19.74
N ASN A 586 -25.22 -15.53 -19.98
CA ASN A 586 -26.23 -15.16 -18.98
C ASN A 586 -27.40 -16.16 -18.79
N VAL A 587 -27.47 -17.20 -19.62
CA VAL A 587 -28.54 -18.17 -19.46
C VAL A 587 -27.99 -19.29 -18.60
N VAL A 588 -28.47 -19.36 -17.37
CA VAL A 588 -28.00 -20.36 -16.43
C VAL A 588 -29.11 -21.39 -16.23
N TYR A 589 -28.88 -22.61 -16.72
CA TYR A 589 -29.86 -23.70 -16.68
C TYR A 589 -29.83 -24.50 -15.39
N GLY A 590 -28.65 -24.66 -14.83
CA GLY A 590 -28.51 -25.53 -13.67
C GLY A 590 -27.36 -25.10 -12.81
N ILE A 591 -27.54 -25.32 -11.51
CA ILE A 591 -26.52 -25.05 -10.50
C ILE A 591 -26.34 -26.30 -9.65
N LEU A 592 -25.11 -26.82 -9.63
CA LEU A 592 -24.71 -27.92 -8.72
C LEU A 592 -23.52 -27.47 -7.85
N GLU A 593 -23.30 -28.12 -6.71
CA GLU A 593 -22.29 -27.71 -5.76
C GLU A 593 -21.30 -28.85 -5.54
N ASP A 594 -20.01 -28.56 -5.74
CA ASP A 594 -18.96 -29.55 -5.48
C ASP A 594 -18.66 -29.61 -3.99
N SER A 595 -17.66 -30.40 -3.60
CA SER A 595 -17.39 -30.61 -2.19
C SER A 595 -16.57 -29.48 -1.54
N PHE A 596 -16.07 -28.55 -2.36
CA PHE A 596 -15.38 -27.37 -1.83
C PHE A 596 -16.34 -26.18 -1.70
N GLY A 597 -17.60 -26.39 -2.00
CA GLY A 597 -18.59 -25.31 -1.93
C GLY A 597 -18.60 -24.42 -3.16
N ARG A 598 -17.94 -24.87 -4.23
CA ARG A 598 -18.00 -24.17 -5.50
C ARG A 598 -19.21 -24.62 -6.26
N LEU A 599 -19.78 -23.67 -7.00
CA LEU A 599 -20.95 -23.88 -7.79
C LEU A 599 -20.52 -24.14 -9.19
N TRP A 600 -21.21 -25.06 -9.86
CA TRP A 600 -20.99 -25.41 -11.26
C TRP A 600 -22.24 -25.12 -11.99
N LEU A 601 -22.12 -24.31 -13.04
CA LEU A 601 -23.28 -23.75 -13.71
C LEU A 601 -23.26 -24.07 -15.18
N SER A 602 -24.38 -24.53 -15.73
CA SER A 602 -24.50 -24.81 -17.16
C SER A 602 -25.14 -23.63 -17.89
N THR A 603 -24.65 -23.33 -19.09
CA THR A 603 -25.11 -22.17 -19.83
C THR A 603 -25.22 -22.45 -21.32
N ASN A 604 -25.56 -21.43 -22.10
CA ASN A 604 -25.43 -21.51 -23.57
C ASN A 604 -23.98 -21.39 -24.06
N ARG A 605 -23.04 -21.14 -23.16
CA ARG A 605 -21.63 -21.18 -23.54
C ARG A 605 -20.83 -21.97 -22.54
N GLY A 606 -21.06 -23.27 -22.53
CA GLY A 606 -20.33 -24.18 -21.73
C GLY A 606 -20.76 -24.13 -20.29
N ILE A 607 -19.86 -24.63 -19.45
CA ILE A 607 -20.05 -24.77 -18.02
C ILE A 607 -19.06 -23.87 -17.30
N SER A 608 -19.54 -23.21 -16.25
CA SER A 608 -18.69 -22.34 -15.43
C SER A 608 -18.57 -22.84 -13.99
N CYS A 609 -17.37 -22.77 -13.44
CA CYS A 609 -17.16 -23.05 -12.02
C CYS A 609 -16.97 -21.76 -11.23
N PHE A 610 -17.88 -21.49 -10.29
CA PHE A 610 -17.91 -20.25 -9.58
C PHE A 610 -17.56 -20.48 -8.12
N ASN A 611 -16.66 -19.67 -7.58
CA ASN A 611 -16.29 -19.70 -6.18
C ASN A 611 -16.96 -18.55 -5.47
N PRO A 612 -18.02 -18.81 -4.70
CA PRO A 612 -18.77 -17.71 -4.12
C PRO A 612 -18.01 -16.86 -3.13
N GLU A 613 -16.91 -17.37 -2.59
CA GLU A 613 -16.14 -16.63 -1.58
C GLU A 613 -15.15 -15.64 -2.20
N THR A 614 -14.47 -16.03 -3.28
CA THR A 614 -13.60 -15.12 -4.02
C THR A 614 -14.33 -14.46 -5.19
N GLU A 615 -15.50 -14.99 -5.53
CA GLU A 615 -16.33 -14.50 -6.65
C GLU A 615 -15.62 -14.60 -7.98
N LYS A 616 -14.79 -15.64 -8.12
CA LYS A 616 -14.03 -15.88 -9.36
C LYS A 616 -14.66 -17.02 -10.21
N PHE A 617 -14.51 -16.91 -11.52
CA PHE A 617 -15.05 -17.89 -12.47
C PHE A 617 -13.95 -18.64 -13.18
N ARG A 618 -14.14 -19.93 -13.39
CA ARG A 618 -13.28 -20.68 -14.28
C ARG A 618 -14.21 -21.42 -15.28
N ASN A 619 -14.10 -21.07 -16.56
CA ASN A 619 -15.07 -21.48 -17.55
C ASN A 619 -14.48 -22.48 -18.49
N PHE A 620 -15.33 -23.40 -18.93
CA PHE A 620 -14.98 -24.47 -19.86
C PHE A 620 -15.92 -24.38 -21.05
N THR A 621 -15.50 -24.95 -22.18
CA THR A 621 -16.27 -24.86 -23.43
C THR A 621 -16.24 -26.20 -24.16
N GLU A 622 -16.88 -26.28 -25.32
CA GLU A 622 -16.88 -27.53 -26.12
C GLU A 622 -15.47 -27.96 -26.50
N SER A 623 -14.59 -27.00 -26.75
CA SER A 623 -13.23 -27.33 -27.15
C SER A 623 -12.46 -28.02 -26.00
N ASP A 624 -12.95 -27.87 -24.77
CA ASP A 624 -12.33 -28.55 -23.64
C ASP A 624 -12.81 -30.00 -23.47
N GLY A 625 -13.77 -30.42 -24.29
CA GLY A 625 -14.36 -31.76 -24.18
C GLY A 625 -15.84 -31.82 -23.81
N LEU A 626 -16.52 -30.69 -23.62
CA LEU A 626 -17.93 -30.69 -23.24
C LEU A 626 -18.78 -31.19 -24.42
N GLN A 627 -19.96 -31.70 -24.10
CA GLN A 627 -20.88 -32.20 -25.13
C GLN A 627 -21.15 -31.17 -26.21
N SER A 628 -21.31 -29.91 -25.80
CA SER A 628 -21.55 -28.75 -26.67
C SER A 628 -21.33 -27.51 -25.81
N ASN A 629 -21.29 -26.33 -26.41
CA ASN A 629 -21.41 -25.11 -25.62
C ASN A 629 -22.83 -24.89 -25.14
N GLN A 630 -23.78 -25.46 -25.86
CA GLN A 630 -25.16 -25.24 -25.52
C GLN A 630 -25.64 -26.34 -24.60
N PHE A 631 -25.98 -25.97 -23.37
CA PHE A 631 -26.57 -26.89 -22.44
C PHE A 631 -28.07 -26.71 -22.46
N ASN A 632 -28.81 -27.46 -21.65
CA ASN A 632 -30.27 -27.48 -21.79
C ASN A 632 -31.02 -27.43 -20.47
N THR A 633 -32.28 -26.98 -20.54
CA THR A 633 -33.18 -26.81 -19.38
C THR A 633 -33.34 -28.07 -18.53
N ALA A 634 -33.30 -27.90 -17.22
CA ALA A 634 -33.47 -28.99 -16.26
C ALA A 634 -32.37 -30.07 -16.37
N SER A 635 -31.31 -29.83 -17.12
CA SER A 635 -30.37 -30.91 -17.42
C SER A 635 -29.12 -30.87 -16.56
N TYR A 636 -29.28 -31.35 -15.33
CA TYR A 636 -28.20 -31.30 -14.34
C TYR A 636 -28.49 -32.30 -13.25
N CYS A 637 -27.45 -32.93 -12.73
CA CYS A 637 -27.63 -33.82 -11.63
C CYS A 637 -26.30 -34.03 -10.95
N ARG A 638 -26.34 -34.14 -9.63
CA ARG A 638 -25.17 -34.45 -8.92
C ARG A 638 -25.47 -35.68 -8.14
N THR A 639 -24.72 -36.75 -8.35
CA THR A 639 -25.08 -38.04 -7.73
C THR A 639 -24.72 -38.02 -6.23
N SER A 640 -25.29 -38.94 -5.48
CA SER A 640 -25.02 -39.04 -4.03
C SER A 640 -23.54 -39.10 -3.71
N VAL A 641 -22.73 -39.51 -4.68
CA VAL A 641 -21.31 -39.71 -4.50
C VAL A 641 -20.43 -38.53 -5.00
N GLY A 642 -21.03 -37.53 -5.66
CA GLY A 642 -20.32 -36.34 -6.18
C GLY A 642 -20.10 -36.28 -7.70
N GLN A 643 -20.49 -37.30 -8.44
CA GLN A 643 -20.35 -37.23 -9.87
C GLN A 643 -21.37 -36.20 -10.39
N MET A 644 -20.97 -35.43 -11.40
CA MET A 644 -21.82 -34.37 -11.92
C MET A 644 -22.15 -34.68 -13.36
N TYR A 645 -23.39 -34.40 -13.73
CA TYR A 645 -23.90 -34.67 -15.05
C TYR A 645 -24.64 -33.43 -15.54
N PHE A 646 -24.28 -32.95 -16.73
CA PHE A 646 -24.95 -31.81 -17.34
C PHE A 646 -25.22 -32.21 -18.78
N GLY A 647 -26.47 -32.06 -19.20
CA GLY A 647 -26.90 -32.44 -20.56
C GLY A 647 -27.22 -31.24 -21.44
N GLY A 648 -27.06 -31.44 -22.75
CA GLY A 648 -27.26 -30.38 -23.72
C GLY A 648 -27.89 -30.89 -24.99
N ILE A 649 -27.55 -30.23 -26.10
CA ILE A 649 -28.09 -30.62 -27.40
C ILE A 649 -27.31 -31.77 -28.09
N ASN A 650 -26.16 -32.12 -27.52
CA ASN A 650 -25.33 -33.17 -28.06
C ASN A 650 -24.90 -34.15 -26.97
N GLY A 651 -25.87 -34.55 -26.14
CA GLY A 651 -25.64 -35.59 -25.15
C GLY A 651 -25.29 -35.00 -23.79
N ILE A 652 -24.62 -35.81 -22.97
CA ILE A 652 -24.40 -35.48 -21.57
C ILE A 652 -22.92 -35.44 -21.31
N THR A 653 -22.47 -34.47 -20.55
CA THR A 653 -21.08 -34.43 -20.09
C THR A 653 -21.08 -34.85 -18.63
N THR A 654 -20.11 -35.67 -18.26
CA THR A 654 -19.99 -36.10 -16.89
C THR A 654 -18.54 -35.99 -16.44
N PHE A 655 -18.36 -35.72 -15.15
CA PHE A 655 -17.04 -35.57 -14.59
C PHE A 655 -17.18 -35.42 -13.10
N ARG A 656 -16.04 -35.52 -12.44
CA ARG A 656 -15.92 -35.38 -11.02
C ARG A 656 -15.15 -34.10 -10.75
N PRO A 657 -15.87 -33.02 -10.37
CA PRO A 657 -15.22 -31.69 -10.25
C PRO A 657 -13.90 -31.72 -9.51
N GLU A 658 -13.83 -32.45 -8.41
CA GLU A 658 -12.65 -32.47 -7.54
C GLU A 658 -11.45 -33.20 -8.16
N LEU A 659 -11.68 -34.15 -9.04
CA LEU A 659 -10.61 -34.91 -9.69
C LEU A 659 -10.08 -34.24 -10.97
N LEU A 660 -10.66 -33.13 -11.39
CA LEU A 660 -10.24 -32.49 -12.64
C LEU A 660 -8.77 -32.06 -12.62
N LEU A 661 -8.06 -32.27 -13.73
CA LEU A 661 -6.70 -31.76 -13.84
C LEU A 661 -6.63 -30.85 -15.03
N ASP A 662 -5.74 -29.86 -14.93
CA ASP A 662 -5.41 -28.94 -16.00
C ASP A 662 -4.15 -29.41 -16.68
N ASN A 663 -4.03 -29.05 -17.95
CA ASN A 663 -2.83 -29.25 -18.72
C ASN A 663 -1.66 -28.54 -18.05
N PRO A 664 -0.67 -29.31 -17.56
CA PRO A 664 0.48 -28.66 -16.95
C PRO A 664 1.55 -28.20 -17.96
N TYR A 665 1.39 -28.55 -19.24
CA TYR A 665 2.43 -28.31 -20.26
C TYR A 665 2.30 -26.96 -20.90
N THR A 666 3.40 -26.21 -20.87
CA THR A 666 3.50 -24.89 -21.49
C THR A 666 4.77 -24.79 -22.38
N PRO A 667 4.74 -25.42 -23.56
CA PRO A 667 5.88 -25.47 -24.48
C PRO A 667 6.23 -24.12 -25.09
N PRO A 668 7.47 -23.97 -25.61
CA PRO A 668 7.92 -22.73 -26.24
C PRO A 668 7.20 -22.45 -27.55
N VAL A 669 7.04 -21.17 -27.88
CA VAL A 669 6.54 -20.79 -29.20
C VAL A 669 7.70 -20.97 -30.18
N VAL A 670 7.39 -21.49 -31.37
CA VAL A 670 8.38 -21.61 -32.46
C VAL A 670 7.92 -20.65 -33.54
N ILE A 671 8.86 -19.89 -34.08
CA ILE A 671 8.55 -19.00 -35.20
C ILE A 671 8.71 -19.81 -36.49
N THR A 672 7.66 -19.84 -37.30
CA THR A 672 7.54 -20.77 -38.41
C THR A 672 7.65 -20.14 -39.81
N LYS A 673 7.53 -18.82 -39.92
CA LYS A 673 7.51 -18.19 -41.25
C LYS A 673 7.78 -16.70 -41.19
N LEU A 674 8.70 -16.26 -42.03
CA LEU A 674 9.01 -14.85 -42.16
C LEU A 674 8.64 -14.45 -43.56
N GLN A 675 8.05 -13.27 -43.72
CA GLN A 675 7.73 -12.70 -45.03
C GLN A 675 8.21 -11.27 -45.15
N LEU A 676 8.77 -10.94 -46.30
CA LEU A 676 9.07 -9.57 -46.65
C LEU A 676 8.15 -9.25 -47.80
N PHE A 677 7.44 -8.14 -47.71
CA PHE A 677 6.47 -7.72 -48.72
C PHE A 677 5.53 -8.84 -49.17
N ASN A 678 5.05 -9.61 -48.22
CA ASN A 678 4.09 -10.68 -48.51
C ASN A 678 4.65 -11.87 -49.35
N LYS A 679 5.97 -11.95 -49.52
CA LYS A 679 6.62 -13.14 -50.10
C LYS A 679 7.35 -13.86 -48.98
N VAL A 680 7.20 -15.19 -48.91
CA VAL A 680 7.91 -16.02 -47.92
C VAL A 680 9.41 -15.84 -48.08
N VAL A 681 10.12 -15.74 -46.97
CA VAL A 681 11.59 -15.63 -47.01
C VAL A 681 12.17 -17.00 -46.65
N ARG A 682 13.12 -17.45 -47.47
CA ARG A 682 13.70 -18.78 -47.36
C ARG A 682 15.20 -18.64 -47.12
N PRO A 683 15.80 -19.64 -46.47
CA PRO A 683 17.26 -19.65 -46.32
C PRO A 683 17.98 -19.50 -47.66
N ASP A 684 18.98 -18.62 -47.68
CA ASP A 684 19.90 -18.46 -48.83
C ASP A 684 19.26 -17.88 -50.10
N ASP A 685 18.06 -17.31 -49.98
CA ASP A 685 17.45 -16.60 -51.10
C ASP A 685 17.97 -15.16 -51.28
N GLU A 686 17.39 -14.48 -52.26
CA GLU A 686 17.91 -13.23 -52.78
C GLU A 686 17.84 -12.05 -51.80
N THR A 687 16.98 -12.12 -50.79
CA THR A 687 16.85 -11.04 -49.81
C THR A 687 18.09 -10.93 -48.93
N GLY A 688 18.81 -12.04 -48.79
CA GLY A 688 20.00 -12.09 -47.95
C GLY A 688 19.72 -11.99 -46.47
N ILE A 689 18.50 -12.34 -46.05
CA ILE A 689 18.05 -12.12 -44.67
C ILE A 689 18.23 -13.34 -43.76
N LEU A 690 18.04 -14.53 -44.31
CA LEU A 690 18.17 -15.78 -43.57
C LEU A 690 19.28 -16.63 -44.18
N THR A 691 20.19 -17.12 -43.36
CA THR A 691 21.04 -18.25 -43.75
C THR A 691 20.56 -19.57 -43.13
N LYS A 692 19.52 -19.52 -42.29
CA LYS A 692 18.90 -20.71 -41.70
C LYS A 692 17.40 -20.58 -41.73
N ASN A 693 16.72 -21.68 -41.51
CA ASN A 693 15.29 -21.65 -41.35
C ASN A 693 14.90 -20.64 -40.26
N ILE A 694 13.82 -19.92 -40.50
CA ILE A 694 13.38 -18.95 -39.53
C ILE A 694 13.31 -19.59 -38.13
N SER A 695 12.87 -20.84 -38.03
CA SER A 695 12.78 -21.54 -36.74
C SER A 695 14.08 -21.66 -35.98
N GLU A 696 15.19 -21.71 -36.69
CA GLU A 696 16.50 -21.87 -36.06
C GLU A 696 17.25 -20.53 -35.95
N THR A 697 16.60 -19.44 -36.36
CA THR A 697 17.23 -18.11 -36.45
C THR A 697 17.08 -17.24 -35.19
N LYS A 698 18.15 -16.65 -34.71
CA LYS A 698 18.11 -15.82 -33.50
C LYS A 698 17.99 -14.33 -33.84
N SER A 699 18.49 -13.94 -35.01
CA SER A 699 18.53 -12.55 -35.41
C SER A 699 18.45 -12.45 -36.93
N ILE A 700 17.67 -11.48 -37.41
CA ILE A 700 17.64 -11.08 -38.80
C ILE A 700 18.02 -9.61 -38.92
N THR A 701 18.69 -9.25 -39.99
CA THR A 701 19.03 -7.87 -40.26
C THR A 701 18.32 -7.37 -41.50
N LEU A 702 17.58 -6.28 -41.36
CA LEU A 702 16.84 -5.72 -42.48
C LEU A 702 17.53 -4.48 -43.00
N LYS A 703 17.77 -4.49 -44.32
CA LYS A 703 18.35 -3.36 -45.02
C LYS A 703 17.29 -2.25 -45.21
N SER A 704 17.74 -1.04 -45.51
CA SER A 704 16.88 0.15 -45.53
C SER A 704 15.58 -0.02 -46.31
N TRP A 705 15.65 -0.70 -47.45
CA TRP A 705 14.48 -0.89 -48.31
C TRP A 705 13.63 -2.09 -47.93
N GLN A 706 14.09 -2.88 -46.95
CA GLN A 706 13.35 -4.08 -46.52
C GLN A 706 12.41 -3.72 -45.35
N THR A 707 11.36 -3.00 -45.70
CA THR A 707 10.62 -2.19 -44.75
C THR A 707 9.34 -2.84 -44.20
N ALA A 708 8.73 -3.74 -44.96
CA ALA A 708 7.44 -4.37 -44.56
C ALA A 708 7.55 -5.89 -44.43
N PHE A 709 7.30 -6.43 -43.24
CA PHE A 709 7.47 -7.87 -43.01
C PHE A 709 6.44 -8.45 -42.08
N SER A 710 6.36 -9.77 -42.04
CA SER A 710 5.44 -10.43 -41.17
C SER A 710 5.99 -11.72 -40.63
N ILE A 711 5.53 -12.09 -39.44
CA ILE A 711 6.06 -13.23 -38.68
C ILE A 711 4.90 -14.13 -38.31
N GLU A 712 4.98 -15.41 -38.67
CA GLU A 712 3.99 -16.42 -38.29
C GLU A 712 4.64 -17.31 -37.24
N PHE A 713 3.89 -17.65 -36.19
CA PHE A 713 4.42 -18.47 -35.11
C PHE A 713 3.43 -19.56 -34.69
N VAL A 714 3.86 -20.46 -33.80
CA VAL A 714 3.03 -21.60 -33.40
C VAL A 714 3.44 -22.17 -32.06
N VAL A 715 2.56 -22.93 -31.44
CA VAL A 715 2.93 -23.67 -30.25
C VAL A 715 2.44 -25.09 -30.48
N SER A 716 3.22 -26.06 -30.06
CA SER A 716 2.88 -27.47 -30.27
C SER A 716 2.47 -28.06 -28.94
N ASN A 717 1.19 -27.88 -28.58
CA ASN A 717 0.66 -28.40 -27.33
C ASN A 717 -0.53 -29.28 -27.67
N TYR A 718 -0.29 -30.58 -27.71
CA TYR A 718 -1.25 -31.48 -28.29
C TYR A 718 -2.41 -31.69 -27.36
N ILE A 719 -2.20 -31.62 -26.06
CA ILE A 719 -3.33 -31.70 -25.13
C ILE A 719 -4.30 -30.54 -25.39
N SER A 720 -3.77 -29.34 -25.63
CA SER A 720 -4.61 -28.17 -25.91
C SER A 720 -5.05 -27.99 -27.35
N GLY A 721 -4.40 -28.68 -28.28
CA GLY A 721 -4.71 -28.51 -29.70
C GLY A 721 -4.47 -27.08 -30.13
N GLN A 722 -5.47 -26.45 -30.73
CA GLN A 722 -5.33 -25.10 -31.30
C GLN A 722 -5.96 -24.00 -30.46
N HIS A 723 -6.25 -24.33 -29.20
CA HIS A 723 -6.80 -23.38 -28.23
C HIS A 723 -5.74 -22.92 -27.27
N ASN A 724 -4.78 -22.18 -27.81
CA ASN A 724 -3.73 -21.54 -27.01
C ASN A 724 -3.88 -20.05 -27.24
N THR A 725 -3.32 -19.26 -26.35
CA THR A 725 -3.38 -17.81 -26.47
C THR A 725 -1.96 -17.31 -26.63
N PHE A 726 -1.68 -16.57 -27.70
CA PHE A 726 -0.36 -16.00 -27.91
C PHE A 726 -0.35 -14.58 -27.39
N ALA A 727 0.75 -14.23 -26.74
CA ALA A 727 1.04 -12.86 -26.40
C ALA A 727 2.32 -12.48 -27.15
N TYR A 728 2.37 -11.28 -27.71
CA TYR A 728 3.57 -10.79 -28.38
C TYR A 728 3.85 -9.32 -28.10
N LYS A 729 5.11 -8.93 -28.28
CA LYS A 729 5.52 -7.56 -28.17
C LYS A 729 6.81 -7.38 -28.93
N LEU A 730 6.84 -6.40 -29.83
CA LEU A 730 8.07 -5.99 -30.46
C LEU A 730 8.71 -4.96 -29.55
N GLU A 731 9.61 -5.44 -28.68
CA GLU A 731 10.29 -4.58 -27.75
C GLU A 731 11.07 -3.57 -28.55
N GLY A 732 10.82 -2.29 -28.25
CA GLY A 732 11.46 -1.18 -28.92
C GLY A 732 10.49 -0.43 -29.81
N TYR A 733 9.33 -1.02 -30.03
CA TYR A 733 8.31 -0.43 -30.90
C TYR A 733 6.93 -0.48 -30.24
N ASP A 734 6.40 -1.67 -29.99
CA ASP A 734 5.13 -1.82 -29.31
C ASP A 734 5.19 -1.23 -27.89
N LYS A 735 4.10 -0.62 -27.47
CA LYS A 735 4.04 0.03 -26.17
C LYS A 735 3.57 -0.96 -25.09
N GLU A 736 3.04 -2.12 -25.50
CA GLU A 736 2.53 -3.13 -24.57
C GLU A 736 2.40 -4.48 -25.24
N TRP A 737 1.97 -5.47 -24.49
CA TRP A 737 1.73 -6.79 -25.05
C TRP A 737 0.37 -6.88 -25.68
N TYR A 738 0.27 -7.65 -26.76
CA TYR A 738 -1.01 -7.86 -27.44
C TYR A 738 -1.30 -9.35 -27.55
N TYR A 739 -2.59 -9.69 -27.59
CA TYR A 739 -3.05 -11.08 -27.50
C TYR A 739 -3.67 -11.56 -28.81
N LEU A 740 -3.54 -12.87 -29.06
CA LEU A 740 -4.11 -13.53 -30.26
C LEU A 740 -4.67 -14.93 -29.95
N THR A 741 -5.85 -15.24 -30.47
CA THR A 741 -6.44 -16.57 -30.31
C THR A 741 -6.90 -17.16 -31.62
N ASP A 742 -7.30 -16.30 -32.56
CA ASP A 742 -7.82 -16.72 -33.86
C ASP A 742 -6.79 -16.65 -34.99
N SER A 743 -5.71 -15.93 -34.78
CA SER A 743 -4.63 -15.89 -35.75
C SER A 743 -3.26 -16.06 -35.05
N ARG A 744 -2.24 -16.33 -35.85
CA ARG A 744 -0.89 -16.56 -35.39
C ARG A 744 0.13 -15.72 -36.19
N THR A 745 -0.25 -14.52 -36.59
CA THR A 745 0.63 -13.71 -37.44
C THR A 745 0.62 -12.22 -37.13
N VAL A 746 1.79 -11.61 -37.18
CA VAL A 746 1.94 -10.19 -36.89
C VAL A 746 2.72 -9.52 -37.99
N SER A 747 2.28 -8.31 -38.34
CA SER A 747 2.92 -7.53 -39.40
C SER A 747 3.48 -6.21 -38.87
N TYR A 748 4.67 -5.85 -39.34
CA TYR A 748 5.23 -4.56 -39.00
C TYR A 748 5.69 -3.87 -40.26
N SER A 749 5.88 -2.56 -40.16
CA SER A 749 6.12 -1.79 -41.35
C SER A 749 6.79 -0.46 -41.00
N ASN A 750 7.85 -0.13 -41.74
CA ASN A 750 8.50 1.17 -41.67
C ASN A 750 8.99 1.54 -40.28
N LEU A 751 9.64 0.57 -39.63
CA LEU A 751 10.27 0.76 -38.35
C LEU A 751 11.46 1.72 -38.47
N PRO A 752 11.63 2.62 -37.49
CA PRO A 752 12.86 3.42 -37.46
C PRO A 752 14.12 2.59 -37.21
N GLN A 753 15.29 3.12 -37.56
CA GLN A 753 16.52 2.37 -37.35
C GLN A 753 16.74 2.01 -35.88
N GLY A 754 17.20 0.80 -35.64
CA GLY A 754 17.53 0.34 -34.31
C GLY A 754 17.39 -1.15 -34.22
N THR A 755 17.64 -1.68 -33.03
CA THR A 755 17.52 -3.07 -32.77
C THR A 755 16.24 -3.22 -31.98
N TYR A 756 15.47 -4.21 -32.38
CA TYR A 756 14.23 -4.56 -31.76
C TYR A 756 14.32 -6.03 -31.36
N GLN A 757 13.52 -6.42 -30.38
CA GLN A 757 13.38 -7.82 -30.04
C GLN A 757 11.92 -8.22 -30.10
N PHE A 758 11.55 -8.98 -31.10
CA PHE A 758 10.21 -9.54 -31.18
C PHE A 758 10.12 -10.74 -30.23
N LEU A 759 9.14 -10.66 -29.32
CA LEU A 759 8.98 -11.62 -28.25
C LEU A 759 7.57 -12.22 -28.33
N VAL A 760 7.45 -13.53 -28.10
CA VAL A 760 6.13 -14.15 -28.13
C VAL A 760 6.04 -15.32 -27.17
N LYS A 761 5.00 -15.34 -26.33
CA LYS A 761 4.74 -16.45 -25.38
C LYS A 761 3.40 -17.07 -25.70
N ALA A 762 3.07 -18.16 -25.00
CA ALA A 762 1.78 -18.81 -25.23
C ALA A 762 1.22 -19.40 -23.97
N ALA A 763 -0.09 -19.35 -23.86
CA ALA A 763 -0.79 -19.97 -22.75
C ALA A 763 -1.53 -21.15 -23.32
N ASN A 764 -1.58 -22.25 -22.56
CA ASN A 764 -2.33 -23.42 -22.99
C ASN A 764 -3.82 -23.16 -22.76
N SER A 765 -4.65 -24.11 -23.16
CA SER A 765 -6.10 -23.93 -23.08
C SER A 765 -6.60 -23.80 -21.66
N ASP A 766 -5.80 -24.19 -20.67
CA ASP A 766 -6.20 -23.94 -19.28
C ASP A 766 -5.56 -22.63 -18.71
N GLY A 767 -5.18 -21.72 -19.59
CA GLY A 767 -4.71 -20.40 -19.15
C GLY A 767 -3.33 -20.34 -18.53
N LYS A 768 -2.60 -21.45 -18.53
CA LYS A 768 -1.25 -21.49 -17.97
C LYS A 768 -0.18 -21.02 -18.97
N TRP A 769 0.60 -20.03 -18.55
CA TRP A 769 1.61 -19.42 -19.43
C TRP A 769 2.91 -20.08 -19.37
N ASN A 770 3.51 -20.24 -20.55
CA ASN A 770 4.95 -20.40 -20.65
C ASN A 770 5.58 -19.06 -20.20
N PRO A 771 6.42 -19.09 -19.17
CA PRO A 771 6.90 -17.79 -18.63
C PRO A 771 8.13 -17.20 -19.37
N ILE A 772 8.71 -17.97 -20.28
CA ILE A 772 9.93 -17.62 -20.95
C ILE A 772 9.65 -17.47 -22.48
N PRO A 773 9.70 -16.22 -22.98
CA PRO A 773 9.31 -15.97 -24.37
C PRO A 773 10.36 -16.36 -25.41
N THR A 774 9.89 -16.67 -26.61
CA THR A 774 10.76 -16.88 -27.73
C THR A 774 11.10 -15.50 -28.31
N ALA A 775 12.38 -15.30 -28.61
CA ALA A 775 12.82 -14.01 -29.09
C ALA A 775 13.54 -14.11 -30.42
N LEU A 776 13.30 -13.12 -31.27
CA LEU A 776 13.93 -12.96 -32.57
C LEU A 776 14.39 -11.51 -32.62
N GLU A 777 15.70 -11.31 -32.63
CA GLU A 777 16.26 -9.99 -32.80
C GLU A 777 16.05 -9.45 -34.22
N ILE A 778 15.71 -8.17 -34.33
CA ILE A 778 15.52 -7.54 -35.65
C ILE A 778 16.31 -6.26 -35.66
N ILE A 779 17.34 -6.20 -36.52
CA ILE A 779 18.16 -5.02 -36.66
C ILE A 779 17.67 -4.31 -37.92
N VAL A 780 17.14 -3.09 -37.77
CA VAL A 780 16.72 -2.27 -38.90
C VAL A 780 17.82 -1.28 -39.21
N LEU A 781 18.49 -1.49 -40.33
CA LEU A 781 19.64 -0.70 -40.70
C LEU A 781 19.24 0.68 -41.20
N PRO A 782 20.06 1.69 -40.90
CA PRO A 782 19.85 3.00 -41.49
C PRO A 782 20.09 3.09 -43.00
N ILE A 783 19.72 4.23 -43.56
CA ILE A 783 19.88 4.53 -44.98
C ILE A 783 21.39 4.63 -45.35
N TRP A 784 22.12 5.44 -44.59
CA TRP A 784 23.59 5.68 -44.78
C TRP A 784 24.46 4.45 -44.66
N GLN B 28 -31.44 -35.31 -55.11
CA GLN B 28 -30.01 -34.86 -55.33
C GLN B 28 -29.50 -33.91 -54.20
N ILE B 29 -30.18 -33.90 -53.05
CA ILE B 29 -30.09 -32.80 -52.05
C ILE B 29 -29.33 -33.12 -50.75
N THR B 30 -28.32 -32.30 -50.44
CA THR B 30 -27.50 -32.49 -49.23
C THR B 30 -27.10 -31.15 -48.65
N PHE B 31 -26.75 -31.13 -47.38
CA PHE B 31 -26.56 -29.89 -46.67
C PHE B 31 -25.20 -29.76 -46.06
N SER B 32 -24.76 -28.51 -45.98
CA SER B 32 -23.66 -28.09 -45.14
C SER B 32 -24.27 -27.59 -43.85
N TYR B 33 -23.46 -27.56 -42.80
CA TYR B 33 -23.98 -27.24 -41.47
C TYR B 33 -23.37 -25.95 -40.93
N ILE B 34 -24.21 -25.13 -40.31
CA ILE B 34 -23.76 -23.93 -39.62
C ILE B 34 -24.49 -23.83 -38.29
N SER B 35 -23.76 -24.14 -37.23
CA SER B 35 -24.33 -24.18 -35.89
C SER B 35 -23.33 -23.75 -34.79
N ILE B 36 -23.55 -24.23 -33.56
CA ILE B 36 -22.73 -23.79 -32.42
C ILE B 36 -21.23 -23.79 -32.74
N ASN B 37 -20.73 -24.92 -33.23
CA ASN B 37 -19.33 -25.05 -33.60
C ASN B 37 -18.83 -23.99 -34.57
N GLU B 38 -19.69 -23.54 -35.47
CA GLU B 38 -19.30 -22.52 -36.44
C GLU B 38 -19.46 -21.10 -35.92
N GLY B 39 -20.08 -20.91 -34.75
CA GLY B 39 -20.20 -19.58 -34.09
C GLY B 39 -21.62 -19.06 -33.85
N LEU B 40 -22.62 -19.83 -34.25
CA LEU B 40 -24.00 -19.49 -34.02
C LEU B 40 -24.24 -19.48 -32.52
N SER B 41 -24.83 -18.41 -32.00
CA SER B 41 -24.95 -18.25 -30.55
C SER B 41 -25.80 -19.33 -29.86
N GLN B 42 -26.84 -19.80 -30.52
CA GLN B 42 -27.77 -20.77 -29.94
C GLN B 42 -28.52 -21.51 -31.06
N SER B 43 -28.90 -22.76 -30.80
CA SER B 43 -29.31 -23.72 -31.86
C SER B 43 -30.64 -23.45 -32.59
N THR B 44 -31.50 -22.63 -32.00
CA THR B 44 -32.83 -22.37 -32.51
C THR B 44 -32.90 -21.13 -33.40
N VAL B 45 -33.10 -21.33 -34.69
CA VAL B 45 -33.32 -20.22 -35.61
C VAL B 45 -34.79 -20.05 -35.99
N PHE B 46 -35.40 -19.00 -35.44
CA PHE B 46 -36.80 -18.74 -35.67
C PHE B 46 -37.04 -18.09 -37.02
N SER B 47 -36.04 -17.38 -37.53
CA SER B 47 -36.25 -16.44 -38.62
C SER B 47 -34.93 -16.08 -39.25
N ILE B 48 -34.92 -16.00 -40.58
CA ILE B 48 -33.73 -15.74 -41.36
C ILE B 48 -33.96 -14.63 -42.36
N ASP B 49 -32.98 -13.77 -42.52
CA ASP B 49 -33.07 -12.77 -43.57
C ASP B 49 -31.68 -12.39 -43.97
N GLN B 50 -31.56 -11.50 -44.97
CA GLN B 50 -30.29 -11.05 -45.51
C GLN B 50 -30.35 -9.54 -45.78
N ASP B 51 -29.28 -8.82 -45.46
CA ASP B 51 -29.24 -7.36 -45.72
C ASP B 51 -28.58 -7.00 -47.05
N LYS B 52 -28.45 -5.71 -47.37
CA LYS B 52 -27.90 -5.28 -48.65
C LYS B 52 -26.37 -5.46 -48.78
N ARG B 53 -25.70 -5.79 -47.67
CA ARG B 53 -24.27 -6.08 -47.68
C ARG B 53 -23.98 -7.54 -47.88
N GLY B 54 -25.05 -8.34 -47.94
CA GLY B 54 -24.95 -9.77 -48.12
C GLY B 54 -24.89 -10.57 -46.83
N ASN B 55 -24.92 -9.89 -45.69
CA ASN B 55 -24.92 -10.58 -44.40
C ASN B 55 -26.23 -11.28 -44.18
N MET B 56 -26.15 -12.46 -43.60
CA MET B 56 -27.33 -13.19 -43.19
C MET B 56 -27.61 -12.83 -41.73
N TRP B 57 -28.88 -12.80 -41.38
CA TRP B 57 -29.33 -12.52 -40.03
C TRP B 57 -30.21 -13.62 -39.53
N PHE B 58 -30.06 -13.93 -38.25
CA PHE B 58 -30.72 -15.07 -37.65
C PHE B 58 -31.23 -14.70 -36.26
N ALA B 59 -32.54 -14.85 -36.05
CA ALA B 59 -33.11 -14.62 -34.74
C ALA B 59 -33.05 -15.94 -33.97
N THR B 60 -32.34 -15.94 -32.86
CA THR B 60 -32.25 -17.11 -32.02
C THR B 60 -32.91 -16.88 -30.67
N TYR B 61 -32.90 -17.93 -29.87
CA TYR B 61 -33.50 -17.92 -28.56
C TYR B 61 -32.48 -17.40 -27.57
N ASP B 62 -31.27 -17.04 -28.04
CA ASP B 62 -30.28 -16.35 -27.21
C ASP B 62 -29.34 -15.49 -28.06
N GLY B 63 -29.84 -14.36 -28.54
CA GLY B 63 -29.02 -13.44 -29.33
C GLY B 63 -29.39 -13.35 -30.79
N VAL B 64 -29.25 -12.16 -31.33
CA VAL B 64 -29.42 -11.95 -32.75
C VAL B 64 -28.03 -12.18 -33.39
N ASN B 65 -27.99 -12.76 -34.58
CA ASN B 65 -26.74 -13.22 -35.16
C ASN B 65 -26.57 -12.68 -36.56
N LYS B 66 -25.47 -11.99 -36.79
CA LYS B 66 -25.15 -11.48 -38.12
C LYS B 66 -23.96 -12.30 -38.61
N TYR B 67 -24.04 -12.73 -39.86
CA TYR B 67 -23.06 -13.68 -40.38
C TYR B 67 -22.70 -13.24 -41.78
N ASP B 68 -21.41 -13.26 -42.10
CA ASP B 68 -20.90 -12.70 -43.34
C ASP B 68 -20.20 -13.75 -44.18
N GLY B 69 -20.32 -15.02 -43.81
CA GLY B 69 -19.67 -16.09 -44.57
C GLY B 69 -18.37 -16.54 -43.95
N TYR B 70 -17.72 -15.66 -43.19
CA TYR B 70 -16.48 -16.00 -42.48
C TYR B 70 -16.64 -15.96 -40.96
N ALA B 71 -17.40 -15.01 -40.43
CA ALA B 71 -17.56 -14.95 -38.99
C ALA B 71 -18.93 -14.44 -38.56
N PHE B 72 -19.26 -14.82 -37.34
CA PHE B 72 -20.49 -14.43 -36.67
C PHE B 72 -20.23 -13.19 -35.82
N THR B 73 -21.17 -12.24 -35.83
CA THR B 73 -21.26 -11.22 -34.80
C THR B 73 -22.53 -11.55 -34.02
N VAL B 74 -22.40 -11.73 -32.71
CA VAL B 74 -23.54 -12.06 -31.88
C VAL B 74 -23.90 -10.80 -31.11
N TYR B 75 -25.17 -10.42 -31.16
CA TYR B 75 -25.62 -9.25 -30.47
C TYR B 75 -26.51 -9.70 -29.30
N GLN B 76 -26.11 -9.33 -28.10
CA GLN B 76 -26.81 -9.75 -26.91
C GLN B 76 -27.07 -8.59 -25.98
N HIS B 77 -27.93 -8.85 -25.01
CA HIS B 77 -28.41 -7.80 -24.13
C HIS B 77 -27.43 -7.51 -23.03
N ASN B 78 -27.18 -6.22 -22.83
CA ASN B 78 -26.38 -5.76 -21.73
C ASN B 78 -27.19 -4.72 -21.00
N GLU B 79 -27.54 -5.00 -19.75
CA GLU B 79 -28.30 -4.05 -18.94
C GLU B 79 -27.52 -2.75 -18.74
N ASP B 80 -26.20 -2.78 -18.88
CA ASP B 80 -25.38 -1.55 -18.79
C ASP B 80 -25.32 -0.74 -20.09
N ASP B 81 -25.51 -1.38 -21.24
CA ASP B 81 -25.54 -0.67 -22.50
C ASP B 81 -26.95 -0.55 -23.04
N PRO B 82 -27.53 0.65 -23.00
CA PRO B 82 -28.87 0.80 -23.57
C PRO B 82 -28.88 0.78 -25.10
N ASN B 83 -27.69 0.79 -25.71
CA ASN B 83 -27.54 0.54 -27.15
C ASN B 83 -27.42 -0.95 -27.52
N SER B 84 -27.48 -1.83 -26.53
CA SER B 84 -27.53 -3.26 -26.79
C SER B 84 -28.98 -3.67 -27.05
N ILE B 85 -29.15 -4.79 -27.75
CA ILE B 85 -30.46 -5.35 -28.04
C ILE B 85 -31.25 -5.50 -26.73
N ALA B 86 -32.56 -5.25 -26.80
CA ALA B 86 -33.39 -5.21 -25.58
C ALA B 86 -33.53 -6.56 -24.87
N ASN B 87 -33.60 -7.65 -25.63
CA ASN B 87 -33.71 -8.98 -25.04
C ASN B 87 -32.99 -10.01 -25.90
N ASP B 88 -32.41 -11.03 -25.26
CA ASP B 88 -31.76 -12.10 -26.01
C ASP B 88 -32.76 -13.03 -26.71
N ILE B 89 -34.00 -13.08 -26.24
CA ILE B 89 -35.04 -13.85 -26.90
C ILE B 89 -35.58 -13.05 -28.08
N SER B 90 -35.19 -13.46 -29.27
CA SER B 90 -35.59 -12.79 -30.49
C SER B 90 -36.47 -13.74 -31.26
N ARG B 91 -37.34 -13.20 -32.12
CA ARG B 91 -38.34 -13.99 -32.83
C ARG B 91 -38.38 -13.75 -34.34
N ILE B 92 -38.20 -12.51 -34.76
CA ILE B 92 -38.25 -12.17 -36.17
C ILE B 92 -37.10 -11.28 -36.52
N VAL B 93 -36.56 -11.49 -37.71
CA VAL B 93 -35.67 -10.53 -38.33
C VAL B 93 -36.22 -10.14 -39.70
N LYS B 94 -36.43 -8.84 -39.93
CA LYS B 94 -36.93 -8.35 -41.23
C LYS B 94 -36.08 -7.19 -41.78
N THR B 95 -35.54 -7.41 -42.99
CA THR B 95 -34.91 -6.36 -43.78
C THR B 95 -35.97 -5.68 -44.66
N ASP B 96 -36.09 -4.37 -44.54
CA ASP B 96 -37.06 -3.61 -45.34
C ASP B 96 -36.51 -3.25 -46.72
N SER B 97 -37.33 -2.50 -47.47
CA SER B 97 -37.02 -2.11 -48.83
C SER B 97 -35.73 -1.28 -48.93
N GLN B 98 -35.38 -0.57 -47.86
CA GLN B 98 -34.15 0.22 -47.85
C GLN B 98 -32.97 -0.48 -47.15
N GLY B 99 -33.06 -1.79 -46.98
CA GLY B 99 -32.00 -2.56 -46.34
C GLY B 99 -31.78 -2.34 -44.84
N ARG B 100 -32.71 -1.67 -44.16
CA ARG B 100 -32.62 -1.57 -42.72
C ARG B 100 -33.15 -2.84 -42.08
N VAL B 101 -32.43 -3.32 -41.08
CA VAL B 101 -32.78 -4.53 -40.36
C VAL B 101 -33.55 -4.25 -39.08
N TRP B 102 -34.74 -4.88 -38.96
CA TRP B 102 -35.57 -4.79 -37.75
C TRP B 102 -35.69 -6.13 -37.07
N ILE B 103 -35.69 -6.11 -35.74
CA ILE B 103 -35.78 -7.32 -34.95
C ILE B 103 -36.99 -7.28 -34.01
N GLY B 104 -37.78 -8.34 -34.00
CA GLY B 104 -38.83 -8.46 -33.01
C GLY B 104 -38.35 -9.36 -31.89
N THR B 105 -38.39 -8.86 -30.65
CA THR B 105 -37.93 -9.61 -29.49
C THR B 105 -39.00 -9.68 -28.43
N ARG B 106 -38.71 -10.42 -27.36
CA ARG B 106 -39.61 -10.55 -26.23
C ARG B 106 -39.97 -9.20 -25.64
N ASP B 107 -39.08 -8.22 -25.71
CA ASP B 107 -39.38 -6.89 -25.15
C ASP B 107 -39.83 -5.83 -26.17
N GLY B 108 -39.91 -6.15 -27.46
CA GLY B 108 -40.52 -5.25 -28.46
C GLY B 108 -39.91 -5.21 -29.85
N LEU B 109 -39.68 -4.01 -30.37
CA LEU B 109 -39.06 -3.84 -31.68
C LEU B 109 -37.70 -3.26 -31.49
N SER B 110 -36.72 -3.82 -32.19
CA SER B 110 -35.40 -3.21 -32.22
C SER B 110 -34.99 -2.93 -33.64
N ARG B 111 -34.22 -1.86 -33.79
CA ARG B 111 -33.64 -1.46 -35.07
C ARG B 111 -32.14 -1.69 -34.98
N TYR B 112 -31.56 -2.40 -35.93
CA TYR B 112 -30.11 -2.40 -36.03
C TYR B 112 -29.69 -1.11 -36.74
N ASP B 113 -28.95 -0.29 -36.02
CA ASP B 113 -28.40 0.93 -36.58
C ASP B 113 -27.09 0.57 -37.27
N GLU B 114 -27.15 0.42 -38.59
CA GLU B 114 -25.96 0.01 -39.36
C GLU B 114 -24.90 1.13 -39.44
N GLU B 115 -25.31 2.37 -39.27
CA GLU B 115 -24.38 3.49 -39.26
C GLU B 115 -23.50 3.50 -38.02
N LYS B 116 -24.12 3.31 -36.87
CA LYS B 116 -23.41 3.49 -35.61
C LYS B 116 -23.04 2.13 -34.99
N ASP B 117 -23.25 1.06 -35.76
CA ASP B 117 -23.19 -0.35 -35.28
C ASP B 117 -23.78 -0.54 -33.90
N ILE B 118 -25.02 -0.11 -33.72
CA ILE B 118 -25.71 -0.27 -32.43
C ILE B 118 -27.18 -0.59 -32.65
N PHE B 119 -27.90 -0.81 -31.56
CA PHE B 119 -29.35 -0.99 -31.64
C PHE B 119 -30.11 0.15 -31.01
N GLN B 120 -31.17 0.61 -31.67
CA GLN B 120 -32.23 1.36 -31.03
C GLN B 120 -33.31 0.38 -30.62
N ASN B 121 -33.78 0.47 -29.38
CA ASN B 121 -34.86 -0.37 -28.88
C ASN B 121 -36.10 0.48 -28.68
N PHE B 122 -37.23 0.00 -29.17
CA PHE B 122 -38.51 0.65 -28.94
C PHE B 122 -39.48 -0.27 -28.18
N PHE B 123 -40.38 0.34 -27.42
CA PHE B 123 -41.29 -0.38 -26.55
C PHE B 123 -42.77 0.02 -26.74
N TYR B 124 -43.65 -0.94 -26.54
CA TYR B 124 -45.09 -0.74 -26.55
C TYR B 124 -45.67 -1.31 -25.26
N GLU B 125 -46.27 -0.44 -24.46
CA GLU B 125 -46.84 -0.80 -23.16
C GLU B 125 -48.35 -1.02 -23.28
N LYS B 126 -48.85 -2.04 -22.63
CA LYS B 126 -50.29 -2.31 -22.52
C LYS B 126 -50.50 -3.15 -21.25
N ASN B 127 -51.32 -2.61 -20.34
CA ASN B 127 -51.60 -3.22 -19.03
C ASN B 127 -50.35 -3.44 -18.17
N GLY B 128 -49.41 -2.49 -18.22
CA GLY B 128 -48.17 -2.63 -17.43
C GLY B 128 -47.05 -3.40 -18.09
N LYS B 129 -47.35 -4.54 -18.76
CA LYS B 129 -46.33 -5.31 -19.51
C LYS B 129 -45.82 -4.62 -20.81
N HIS B 130 -44.54 -4.81 -21.12
CA HIS B 130 -44.02 -4.47 -22.45
C HIS B 130 -44.32 -5.59 -23.39
N LEU B 131 -44.92 -5.30 -24.53
CA LEU B 131 -45.38 -6.35 -25.46
C LEU B 131 -44.31 -6.80 -26.48
N GLN B 132 -44.39 -8.10 -26.75
CA GLN B 132 -43.53 -8.86 -27.65
C GLN B 132 -43.92 -8.59 -29.10
N VAL B 133 -42.94 -8.60 -30.01
CA VAL B 133 -43.20 -8.44 -31.43
C VAL B 133 -42.97 -9.75 -32.17
N ASN B 134 -44.05 -10.31 -32.71
CA ASN B 134 -44.08 -11.65 -33.35
C ASN B 134 -43.96 -11.65 -34.87
N GLY B 135 -44.22 -10.48 -35.45
CA GLY B 135 -44.14 -10.28 -36.87
C GLY B 135 -43.85 -8.83 -37.20
N ILE B 136 -43.15 -8.63 -38.31
CA ILE B 136 -42.85 -7.32 -38.83
C ILE B 136 -43.12 -7.38 -40.32
N GLU B 137 -43.77 -6.35 -40.85
CA GLU B 137 -43.89 -6.23 -42.32
C GLU B 137 -43.96 -4.77 -42.76
N GLU B 138 -43.62 -4.54 -44.02
CA GLU B 138 -43.54 -3.20 -44.57
C GLU B 138 -44.88 -2.80 -45.19
N ILE B 139 -45.54 -1.79 -44.61
CA ILE B 139 -46.72 -1.22 -45.24
C ILE B 139 -46.21 -0.29 -46.33
N SER B 140 -45.41 0.68 -45.89
CA SER B 140 -44.76 1.63 -46.78
C SER B 140 -43.30 1.83 -46.27
N PRO B 141 -42.42 2.41 -47.10
CA PRO B 141 -41.00 2.64 -46.75
C PRO B 141 -40.72 3.21 -45.35
N GLU B 142 -41.67 3.89 -44.72
CA GLU B 142 -41.45 4.39 -43.36
C GLU B 142 -42.56 3.94 -42.36
N GLN B 143 -43.29 2.88 -42.72
CA GLN B 143 -44.36 2.36 -41.90
C GLN B 143 -44.32 0.84 -41.84
N LEU B 144 -44.25 0.32 -40.62
CA LEU B 144 -44.26 -1.14 -40.40
C LEU B 144 -45.59 -1.62 -39.82
N LEU B 145 -45.99 -2.81 -40.25
CA LEU B 145 -47.03 -3.57 -39.60
C LEU B 145 -46.32 -4.38 -38.49
N ILE B 146 -46.70 -4.15 -37.24
CA ILE B 146 -46.18 -4.91 -36.14
C ILE B 146 -47.27 -5.79 -35.54
N SER B 147 -46.95 -7.05 -35.28
CA SER B 147 -47.93 -7.94 -34.69
C SER B 147 -47.46 -8.35 -33.32
N THR B 148 -48.34 -8.22 -32.34
CA THR B 148 -48.06 -8.58 -30.95
C THR B 148 -49.09 -9.63 -30.55
N PRO B 149 -48.88 -10.30 -29.40
CA PRO B 149 -49.88 -11.27 -28.92
C PRO B 149 -51.25 -10.66 -28.68
N GLU B 150 -51.30 -9.38 -28.30
CA GLU B 150 -52.56 -8.70 -28.01
C GLU B 150 -53.10 -7.86 -29.21
N GLY B 151 -52.57 -8.08 -30.42
CA GLY B 151 -53.12 -7.46 -31.63
C GLY B 151 -52.12 -6.88 -32.62
N LEU B 152 -52.65 -6.18 -33.63
CA LEU B 152 -51.85 -5.56 -34.67
C LEU B 152 -51.78 -4.06 -34.49
N ILE B 153 -50.58 -3.52 -34.63
CA ILE B 153 -50.32 -2.09 -34.53
C ILE B 153 -49.34 -1.67 -35.65
N MET B 154 -49.04 -0.37 -35.72
CA MET B 154 -48.14 0.17 -36.73
C MET B 154 -46.94 0.84 -36.09
N PHE B 155 -45.78 0.78 -36.74
CA PHE B 155 -44.62 1.56 -36.29
C PHE B 155 -44.24 2.61 -37.33
N ASP B 156 -44.38 3.87 -36.93
CA ASP B 156 -43.98 5.02 -37.72
C ASP B 156 -42.45 5.17 -37.61
N ILE B 157 -41.76 4.90 -38.72
CA ILE B 157 -40.29 4.87 -38.71
C ILE B 157 -39.70 6.27 -38.56
N LYS B 158 -40.34 7.24 -39.22
CA LYS B 158 -39.91 8.63 -39.16
C LYS B 158 -39.98 9.14 -37.71
N GLU B 159 -41.10 8.93 -37.06
CA GLU B 159 -41.30 9.40 -35.68
C GLU B 159 -40.72 8.50 -34.58
N SER B 160 -40.32 7.27 -34.95
CA SER B 160 -39.91 6.26 -33.96
C SER B 160 -41.01 6.02 -32.90
N LYS B 161 -42.24 5.79 -33.36
CA LYS B 161 -43.37 5.71 -32.46
C LYS B 161 -44.40 4.70 -32.94
N PHE B 162 -45.03 4.00 -31.99
CA PHE B 162 -46.11 3.07 -32.27
C PHE B 162 -47.44 3.78 -32.45
N ILE B 163 -48.26 3.31 -33.37
CA ILE B 163 -49.57 3.88 -33.61
C ILE B 163 -50.59 2.73 -33.61
N ASP B 164 -51.44 2.71 -32.57
CA ASP B 164 -52.39 1.60 -32.35
C ASP B 164 -53.85 1.95 -32.71
N ASP B 165 -54.06 3.16 -33.20
CA ASP B 165 -55.42 3.64 -33.45
C ASP B 165 -55.72 3.94 -34.94
N SER B 166 -54.92 3.42 -35.87
CA SER B 166 -55.10 3.72 -37.31
C SER B 166 -55.57 2.52 -38.16
N PHE B 167 -55.84 1.38 -37.54
CA PHE B 167 -56.51 0.29 -38.24
C PHE B 167 -57.95 0.19 -37.80
N SER B 168 -58.71 -0.54 -38.59
CA SER B 168 -60.04 -0.90 -38.21
C SER B 168 -59.94 -1.75 -36.94
N THR B 169 -60.98 -1.70 -36.12
CA THR B 169 -61.04 -2.53 -34.93
C THR B 169 -60.73 -3.97 -35.32
N ALA B 170 -61.38 -4.46 -36.37
CA ALA B 170 -61.23 -5.85 -36.82
C ALA B 170 -59.78 -6.21 -37.09
N MET B 171 -59.06 -5.29 -37.71
CA MET B 171 -57.65 -5.52 -38.00
C MET B 171 -56.82 -5.43 -36.71
N HIS B 172 -57.08 -4.38 -35.94
CA HIS B 172 -56.37 -4.11 -34.68
C HIS B 172 -56.44 -5.20 -33.64
N LYS B 173 -57.58 -5.83 -33.48
CA LYS B 173 -57.76 -6.85 -32.45
C LYS B 173 -57.42 -8.24 -32.96
N THR B 174 -56.88 -8.35 -34.17
CA THR B 174 -56.52 -9.65 -34.75
C THR B 174 -55.19 -10.14 -34.19
N ILE B 175 -55.15 -11.39 -33.74
CA ILE B 175 -53.93 -12.02 -33.27
C ILE B 175 -53.30 -12.70 -34.48
N ALA B 176 -52.21 -12.12 -34.96
CA ALA B 176 -51.53 -12.64 -36.15
C ALA B 176 -50.40 -13.57 -35.76
N SER B 177 -50.38 -14.72 -36.44
CA SER B 177 -49.34 -15.72 -36.34
C SER B 177 -48.30 -15.60 -37.44
N THR B 178 -48.63 -14.97 -38.57
CA THR B 178 -47.66 -14.74 -39.63
C THR B 178 -48.12 -13.62 -40.56
N LEU B 179 -47.16 -12.93 -41.19
CA LEU B 179 -47.42 -11.77 -42.06
C LEU B 179 -46.62 -11.93 -43.35
N TYR B 180 -47.24 -11.75 -44.50
CA TYR B 180 -46.55 -11.98 -45.77
C TYR B 180 -46.99 -11.03 -46.86
N ARG B 181 -46.06 -10.19 -47.31
CA ARG B 181 -46.38 -9.18 -48.30
C ARG B 181 -46.14 -9.66 -49.72
N GLN B 182 -47.15 -9.42 -50.55
CA GLN B 182 -47.02 -9.55 -52.00
C GLN B 182 -47.71 -8.36 -52.63
N GLY B 183 -46.91 -7.47 -53.21
CA GLY B 183 -47.45 -6.33 -53.93
C GLY B 183 -48.16 -5.36 -53.01
N ASP B 184 -49.41 -5.06 -53.36
CA ASP B 184 -50.22 -4.12 -52.60
C ASP B 184 -50.79 -4.77 -51.33
N GLN B 185 -50.77 -6.10 -51.26
CA GLN B 185 -51.42 -6.85 -50.19
C GLN B 185 -50.48 -7.37 -49.09
N ILE B 186 -50.96 -7.35 -47.85
CA ILE B 186 -50.29 -8.04 -46.76
C ILE B 186 -51.21 -9.16 -46.27
N TYR B 187 -50.88 -10.39 -46.63
CA TYR B 187 -51.63 -11.53 -46.16
C TYR B 187 -51.34 -11.71 -44.67
N ILE B 188 -52.35 -12.19 -43.95
CA ILE B 188 -52.31 -12.23 -42.49
C ILE B 188 -52.95 -13.53 -42.00
N GLY B 189 -52.10 -14.48 -41.63
CA GLY B 189 -52.53 -15.73 -41.00
C GLY B 189 -52.87 -15.51 -39.54
N THR B 190 -53.94 -16.12 -39.08
CA THR B 190 -54.35 -15.99 -37.68
C THR B 190 -54.18 -17.33 -36.98
N SER B 191 -54.43 -17.36 -35.68
CA SER B 191 -54.32 -18.60 -34.89
C SER B 191 -55.54 -19.50 -35.06
N THR B 192 -56.72 -18.89 -35.14
CA THR B 192 -57.99 -19.65 -35.11
C THR B 192 -58.92 -19.41 -36.31
N ASP B 193 -58.66 -18.32 -37.04
CA ASP B 193 -59.66 -17.68 -37.89
C ASP B 193 -59.25 -17.53 -39.37
N GLY B 194 -58.31 -18.36 -39.82
CA GLY B 194 -57.92 -18.39 -41.24
C GLY B 194 -57.10 -17.22 -41.76
N LEU B 195 -57.03 -17.15 -43.09
CA LEU B 195 -56.16 -16.21 -43.82
C LEU B 195 -56.89 -14.94 -44.19
N TYR B 196 -56.39 -13.79 -43.75
CA TYR B 196 -56.93 -12.50 -44.16
C TYR B 196 -56.01 -11.88 -45.19
N THR B 197 -56.47 -10.79 -45.82
CA THR B 197 -55.67 -10.01 -46.77
C THR B 197 -55.91 -8.53 -46.57
N TYR B 198 -54.81 -7.79 -46.45
CA TYR B 198 -54.86 -6.35 -46.26
C TYR B 198 -54.30 -5.65 -47.49
N SER B 199 -55.08 -4.74 -48.06
CA SER B 199 -54.66 -3.94 -49.20
C SER B 199 -54.14 -2.60 -48.70
N ILE B 200 -52.87 -2.32 -48.96
CA ILE B 200 -52.19 -1.11 -48.51
C ILE B 200 -52.83 0.18 -49.07
N THR B 201 -53.20 0.17 -50.35
CA THR B 201 -53.88 1.30 -50.99
C THR B 201 -55.31 1.48 -50.47
N GLN B 202 -56.10 0.42 -50.55
CA GLN B 202 -57.52 0.47 -50.18
C GLN B 202 -57.76 0.49 -48.67
N LYS B 203 -56.83 -0.09 -47.90
CA LYS B 203 -56.99 -0.25 -46.46
C LYS B 203 -58.21 -1.12 -46.15
N THR B 204 -58.37 -2.19 -46.94
CA THR B 204 -59.42 -3.17 -46.75
C THR B 204 -58.81 -4.42 -46.11
N PHE B 205 -59.41 -4.86 -44.99
CA PHE B 205 -59.03 -6.08 -44.29
C PHE B 205 -60.20 -7.05 -44.41
N GLU B 206 -60.04 -8.08 -45.21
CA GLU B 206 -61.11 -9.04 -45.43
C GLU B 206 -60.58 -10.48 -45.56
N LYS B 207 -61.40 -11.43 -45.11
CA LYS B 207 -61.08 -12.84 -45.21
C LYS B 207 -60.83 -13.15 -46.69
N VAL B 208 -59.81 -13.95 -46.97
CA VAL B 208 -59.47 -14.29 -48.34
C VAL B 208 -60.41 -15.40 -48.83
N ILE B 209 -60.34 -16.55 -48.16
CA ILE B 209 -61.24 -17.68 -48.39
C ILE B 209 -61.94 -17.97 -47.07
N PRO B 210 -63.27 -18.13 -47.09
CA PRO B 210 -63.90 -18.75 -45.92
C PRO B 210 -63.90 -20.31 -45.99
N GLY B 213 -58.35 -23.30 -42.53
CA GLY B 213 -59.03 -24.07 -41.50
C GLY B 213 -59.36 -23.27 -40.23
N THR B 214 -59.20 -23.94 -39.09
CA THR B 214 -59.19 -23.29 -37.76
C THR B 214 -57.78 -23.34 -37.15
N LYS B 215 -57.02 -24.40 -37.42
CA LYS B 215 -55.67 -24.55 -36.89
C LYS B 215 -54.79 -23.41 -37.40
N GLN B 216 -53.83 -23.01 -36.59
CA GLN B 216 -53.05 -21.80 -36.80
C GLN B 216 -52.23 -21.78 -38.10
N ILE B 217 -52.26 -20.64 -38.78
CA ILE B 217 -51.49 -20.43 -40.03
C ILE B 217 -50.06 -20.01 -39.72
N GLN B 218 -49.12 -20.88 -40.08
CA GLN B 218 -47.74 -20.68 -39.67
C GLN B 218 -46.89 -19.98 -40.72
N ALA B 219 -47.25 -20.12 -42.00
CA ALA B 219 -46.53 -19.44 -43.07
C ALA B 219 -47.35 -19.31 -44.34
N ILE B 220 -47.14 -18.20 -45.06
CA ILE B 220 -47.83 -17.91 -46.32
C ILE B 220 -46.81 -17.61 -47.42
N LEU B 221 -47.15 -17.97 -48.65
CA LEU B 221 -46.21 -17.89 -49.76
C LEU B 221 -46.95 -17.91 -51.10
N GLN B 222 -46.68 -16.92 -51.94
CA GLN B 222 -47.31 -16.84 -53.27
C GLN B 222 -46.33 -17.29 -54.32
N GLN B 223 -46.72 -18.28 -55.11
CA GLN B 223 -45.84 -18.81 -56.17
C GLN B 223 -46.20 -18.16 -57.51
N SER B 224 -47.48 -17.95 -57.72
CA SER B 224 -48.03 -17.22 -58.86
C SER B 224 -49.21 -16.41 -58.34
N PRO B 225 -49.71 -15.43 -59.13
CA PRO B 225 -50.93 -14.71 -58.70
C PRO B 225 -52.18 -15.60 -58.60
N THR B 226 -52.09 -16.84 -59.09
CA THR B 226 -53.16 -17.83 -58.94
C THR B 226 -52.77 -18.98 -58.00
N ARG B 227 -51.75 -18.78 -57.17
CA ARG B 227 -51.25 -19.86 -56.31
C ARG B 227 -50.67 -19.37 -54.98
N ILE B 228 -51.47 -19.46 -53.93
CA ILE B 228 -50.98 -19.16 -52.58
C ILE B 228 -50.95 -20.44 -51.76
N TRP B 229 -49.80 -20.66 -51.13
CA TRP B 229 -49.58 -21.81 -50.26
C TRP B 229 -49.67 -21.38 -48.82
N VAL B 230 -50.38 -22.18 -48.01
CA VAL B 230 -50.62 -21.86 -46.58
C VAL B 230 -50.26 -23.06 -45.70
N ALA B 231 -49.26 -22.88 -44.83
CA ALA B 231 -48.89 -23.91 -43.87
C ALA B 231 -49.69 -23.71 -42.57
N THR B 232 -50.13 -24.82 -41.97
CA THR B 232 -50.90 -24.79 -40.73
C THR B 232 -50.31 -25.69 -39.65
N GLU B 233 -50.68 -25.42 -38.40
CA GLU B 233 -50.33 -26.29 -37.27
C GLU B 233 -51.35 -27.41 -37.07
N GLY B 234 -51.29 -28.43 -37.93
CA GLY B 234 -52.11 -29.61 -37.72
C GLY B 234 -53.16 -29.92 -38.77
N ALA B 235 -53.58 -28.90 -39.53
CA ALA B 235 -54.52 -29.10 -40.66
C ALA B 235 -53.78 -29.29 -42.00
N GLY B 236 -52.45 -29.44 -41.97
CA GLY B 236 -51.65 -29.69 -43.17
C GLY B 236 -51.39 -28.48 -44.06
N LEU B 237 -51.21 -28.74 -45.35
CA LEU B 237 -50.88 -27.71 -46.36
C LEU B 237 -52.06 -27.41 -47.29
N PHE B 238 -52.28 -26.13 -47.59
CA PHE B 238 -53.39 -25.72 -48.46
C PHE B 238 -52.86 -24.97 -49.69
N LEU B 239 -53.44 -25.26 -50.85
CA LEU B 239 -53.18 -24.49 -52.09
C LEU B 239 -54.45 -23.76 -52.52
N ILE B 240 -54.36 -22.44 -52.51
CA ILE B 240 -55.47 -21.56 -52.79
C ILE B 240 -55.28 -20.90 -54.14
N ASN B 241 -56.37 -20.70 -54.87
CA ASN B 241 -56.38 -19.88 -56.07
C ASN B 241 -57.32 -18.68 -55.82
N PRO B 242 -56.76 -17.56 -55.33
CA PRO B 242 -57.57 -16.41 -54.87
C PRO B 242 -58.35 -15.69 -55.95
N LYS B 243 -58.09 -16.02 -57.22
CA LYS B 243 -58.88 -15.49 -58.32
C LYS B 243 -60.11 -16.40 -58.57
N THR B 244 -59.98 -17.72 -58.38
CA THR B 244 -61.17 -18.61 -58.38
C THR B 244 -61.70 -18.91 -56.96
N LYS B 245 -61.12 -18.27 -55.95
CA LYS B 245 -61.45 -18.50 -54.53
C LYS B 245 -61.64 -19.99 -54.09
N GLU B 246 -60.91 -20.92 -54.71
CA GLU B 246 -61.03 -22.37 -54.41
C GLU B 246 -59.76 -22.93 -53.75
N ILE B 247 -59.89 -24.00 -52.95
CA ILE B 247 -58.77 -24.57 -52.16
C ILE B 247 -58.47 -26.04 -52.42
N LYS B 248 -57.24 -26.45 -52.13
CA LYS B 248 -56.92 -27.88 -52.12
C LYS B 248 -56.11 -28.17 -50.86
N ASN B 249 -56.46 -29.25 -50.16
CA ASN B 249 -55.82 -29.62 -48.90
C ASN B 249 -54.97 -30.85 -49.10
N TYR B 250 -53.66 -30.71 -48.92
CA TYR B 250 -52.76 -31.86 -48.90
C TYR B 250 -52.53 -32.31 -47.46
N LEU B 251 -52.73 -33.60 -47.18
CA LEU B 251 -52.58 -34.13 -45.83
C LEU B 251 -51.62 -35.31 -45.78
N HIS B 252 -51.29 -35.70 -44.55
CA HIS B 252 -50.37 -36.79 -44.29
C HIS B 252 -51.09 -38.10 -44.32
N SER B 253 -50.53 -39.05 -45.08
CA SER B 253 -51.01 -40.42 -45.11
C SER B 253 -49.85 -41.33 -44.66
N PRO B 254 -50.07 -42.14 -43.62
CA PRO B 254 -49.00 -43.06 -43.21
C PRO B 254 -48.75 -44.17 -44.25
N SER B 255 -49.81 -44.56 -44.95
CA SER B 255 -49.70 -45.55 -46.01
C SER B 255 -48.88 -45.02 -47.20
N ASN B 256 -49.13 -43.78 -47.63
CA ASN B 256 -48.45 -43.21 -48.82
C ASN B 256 -47.30 -42.28 -48.44
N PRO B 257 -46.04 -42.72 -48.72
CA PRO B 257 -44.84 -41.91 -48.42
C PRO B 257 -44.61 -40.73 -49.37
N LYS B 258 -45.37 -40.70 -50.48
CA LYS B 258 -45.37 -39.57 -51.42
C LYS B 258 -46.38 -38.48 -50.99
N SER B 259 -47.07 -38.70 -49.88
CA SER B 259 -47.90 -37.65 -49.27
C SER B 259 -47.02 -36.75 -48.41
N ILE B 260 -47.57 -35.62 -47.99
CA ILE B 260 -46.87 -34.67 -47.13
C ILE B 260 -46.42 -35.33 -45.80
N SER B 261 -45.17 -35.08 -45.43
CA SER B 261 -44.48 -35.76 -44.35
C SER B 261 -45.14 -35.65 -42.96
N SER B 262 -45.79 -34.51 -42.71
CA SER B 262 -46.47 -34.27 -41.43
C SER B 262 -47.57 -33.27 -41.63
N ASN B 263 -48.53 -33.21 -40.72
CA ASN B 263 -49.56 -32.20 -40.81
C ASN B 263 -49.20 -30.92 -40.06
N TYR B 264 -48.01 -30.87 -39.50
CA TYR B 264 -47.58 -29.71 -38.70
C TYR B 264 -46.47 -28.99 -39.45
N ILE B 265 -46.86 -27.91 -40.12
CA ILE B 265 -45.98 -27.24 -41.08
C ILE B 265 -45.68 -25.83 -40.59
N ARG B 266 -44.39 -25.50 -40.52
CA ARG B 266 -43.95 -24.29 -39.87
C ARG B 266 -43.37 -23.27 -40.81
N SER B 267 -42.82 -23.70 -41.95
CA SER B 267 -42.14 -22.78 -42.87
C SER B 267 -42.22 -23.15 -44.36
N LEU B 268 -42.34 -22.13 -45.20
CA LEU B 268 -42.45 -22.29 -46.66
C LEU B 268 -41.47 -21.37 -47.34
N ALA B 269 -40.81 -21.83 -48.40
CA ALA B 269 -40.08 -20.91 -49.28
C ALA B 269 -39.84 -21.51 -50.66
N MET B 270 -39.91 -20.67 -51.69
CA MET B 270 -39.51 -21.07 -53.06
C MET B 270 -38.01 -20.97 -53.22
N ASP B 271 -37.40 -21.93 -53.92
CA ASP B 271 -36.00 -21.82 -54.34
C ASP B 271 -35.92 -21.05 -55.68
N SER B 272 -34.78 -21.09 -56.35
CA SER B 272 -34.61 -20.37 -57.63
C SER B 272 -35.02 -21.22 -58.83
N GLN B 273 -35.29 -22.51 -58.61
CA GLN B 273 -35.78 -23.40 -59.68
C GLN B 273 -37.27 -23.69 -59.54
N ASN B 274 -38.02 -22.68 -59.09
CA ASN B 274 -39.47 -22.74 -58.97
C ASN B 274 -40.03 -23.93 -58.17
N ARG B 275 -39.24 -24.49 -57.27
CA ARG B 275 -39.70 -25.57 -56.37
C ARG B 275 -40.10 -25.02 -54.99
N LEU B 276 -41.23 -25.48 -54.46
CA LEU B 276 -41.67 -25.14 -53.11
C LEU B 276 -41.00 -26.01 -52.02
N TRP B 277 -40.34 -25.36 -51.05
CA TRP B 277 -39.72 -26.04 -49.93
C TRP B 277 -40.56 -25.90 -48.70
N ILE B 278 -40.84 -27.01 -48.05
CA ILE B 278 -41.81 -27.06 -46.99
C ILE B 278 -41.20 -27.61 -45.72
N GLY B 279 -41.16 -26.76 -44.70
CA GLY B 279 -40.63 -27.10 -43.37
C GLY B 279 -41.68 -27.49 -42.35
N THR B 280 -41.57 -28.74 -41.90
CA THR B 280 -42.53 -29.36 -40.99
C THR B 280 -41.84 -29.70 -39.68
N PHE B 281 -42.65 -30.23 -38.76
CA PHE B 281 -42.22 -30.76 -37.46
C PHE B 281 -41.37 -32.01 -37.60
N ASN B 282 -41.62 -32.77 -38.66
CA ASN B 282 -40.89 -34.01 -38.89
C ASN B 282 -40.46 -34.19 -40.36
N ASP B 283 -39.50 -33.37 -40.81
CA ASP B 283 -38.90 -33.47 -42.16
C ASP B 283 -39.02 -32.21 -42.97
N LEU B 284 -38.22 -32.17 -44.02
CA LEU B 284 -38.34 -31.22 -45.12
C LEU B 284 -39.11 -31.93 -46.22
N ASN B 285 -40.03 -31.22 -46.88
CA ASN B 285 -40.71 -31.72 -48.07
C ASN B 285 -40.52 -30.78 -49.24
N ILE B 286 -40.31 -31.34 -50.43
CA ILE B 286 -40.23 -30.53 -51.63
C ILE B 286 -41.33 -31.00 -52.56
N TYR B 287 -42.25 -30.09 -52.85
CA TYR B 287 -43.35 -30.37 -53.75
C TYR B 287 -42.86 -30.59 -55.17
N HIS B 288 -43.25 -31.71 -55.76
CA HIS B 288 -42.98 -31.99 -57.16
C HIS B 288 -44.20 -31.69 -58.02
N GLU B 289 -44.14 -30.54 -58.69
CA GLU B 289 -45.15 -30.10 -59.67
C GLU B 289 -45.29 -31.13 -60.77
N GLY B 290 -46.44 -31.78 -60.89
CA GLY B 290 -46.54 -32.92 -61.79
C GLY B 290 -45.98 -34.12 -61.06
N THR B 291 -46.77 -35.19 -61.02
CA THR B 291 -46.73 -36.22 -59.97
C THR B 291 -47.44 -35.72 -58.71
N ASP B 292 -47.79 -34.43 -58.67
CA ASP B 292 -48.54 -33.83 -57.55
C ASP B 292 -48.24 -34.46 -56.18
N SER B 293 -46.96 -34.49 -55.82
CA SER B 293 -46.49 -35.22 -54.64
C SER B 293 -45.27 -34.54 -53.99
N PHE B 294 -44.82 -35.11 -52.87
CA PHE B 294 -43.79 -34.51 -52.01
C PHE B 294 -42.64 -35.49 -51.75
N ALA B 295 -41.43 -35.12 -52.17
CA ALA B 295 -40.23 -35.86 -51.81
C ALA B 295 -39.79 -35.39 -50.44
N SER B 296 -39.63 -36.32 -49.50
CA SER B 296 -39.23 -35.98 -48.13
C SER B 296 -37.71 -36.12 -47.92
N TYR B 297 -37.17 -35.22 -47.11
CA TYR B 297 -35.78 -35.25 -46.72
C TYR B 297 -35.76 -35.20 -45.19
N SER B 298 -34.96 -36.08 -44.60
CA SER B 298 -35.04 -36.34 -43.18
C SER B 298 -33.68 -36.28 -42.49
N SER B 299 -33.75 -36.20 -41.18
CA SER B 299 -32.58 -36.18 -40.35
C SER B 299 -32.16 -37.60 -40.08
N ASN B 300 -30.94 -37.95 -40.45
CA ASN B 300 -30.43 -39.26 -40.15
C ASN B 300 -28.99 -39.10 -39.71
N PRO B 301 -28.71 -39.40 -38.44
CA PRO B 301 -27.35 -39.17 -37.95
C PRO B 301 -26.29 -40.04 -38.63
N VAL B 302 -26.66 -41.19 -39.20
CA VAL B 302 -25.69 -42.04 -39.89
C VAL B 302 -25.44 -41.61 -41.35
N GLU B 303 -26.22 -40.65 -41.85
CA GLU B 303 -26.14 -40.25 -43.25
C GLU B 303 -25.49 -38.87 -43.44
N ASN B 304 -24.30 -38.88 -44.02
CA ASN B 304 -23.59 -37.68 -44.42
C ASN B 304 -24.51 -36.71 -45.16
N GLY B 305 -24.47 -35.44 -44.76
CA GLY B 305 -25.19 -34.39 -45.47
C GLY B 305 -26.70 -34.35 -45.33
N SER B 306 -27.27 -35.17 -44.46
CA SER B 306 -28.69 -35.08 -44.22
C SER B 306 -29.00 -33.93 -43.26
N LEU B 307 -30.26 -33.54 -43.26
CA LEU B 307 -30.79 -32.50 -42.42
C LEU B 307 -30.32 -32.68 -40.97
N SER B 308 -29.83 -31.59 -40.37
CA SER B 308 -29.24 -31.67 -39.03
C SER B 308 -30.26 -32.07 -37.98
N GLN B 309 -31.54 -31.76 -38.19
CA GLN B 309 -32.56 -32.02 -37.16
C GLN B 309 -33.96 -32.08 -37.77
N ARG B 310 -34.84 -32.86 -37.14
CA ARG B 310 -36.15 -33.19 -37.71
C ARG B 310 -37.02 -31.97 -38.06
N SER B 311 -37.04 -30.97 -37.17
CA SER B 311 -38.02 -29.87 -37.24
C SER B 311 -37.46 -28.63 -37.90
N VAL B 312 -37.92 -28.30 -39.10
CA VAL B 312 -37.45 -27.13 -39.81
C VAL B 312 -38.38 -25.98 -39.51
N ARG B 313 -37.89 -24.99 -38.75
CA ARG B 313 -38.68 -23.83 -38.27
C ARG B 313 -38.65 -22.60 -39.18
N SER B 314 -37.61 -22.48 -40.01
CA SER B 314 -37.47 -21.33 -40.92
C SER B 314 -36.80 -21.76 -42.22
N ILE B 315 -37.18 -21.14 -43.33
CA ILE B 315 -36.53 -21.38 -44.61
C ILE B 315 -36.42 -20.05 -45.33
N PHE B 316 -35.27 -19.78 -45.93
CA PHE B 316 -35.03 -18.52 -46.61
C PHE B 316 -34.07 -18.73 -47.77
N MET B 317 -34.35 -18.06 -48.88
CA MET B 317 -33.48 -18.09 -50.06
C MET B 317 -32.66 -16.83 -50.08
N ASP B 318 -31.36 -16.99 -50.24
CA ASP B 318 -30.48 -15.83 -50.30
C ASP B 318 -30.45 -15.28 -51.71
N SER B 319 -29.78 -14.16 -51.91
CA SER B 319 -29.68 -13.59 -53.25
C SER B 319 -28.93 -14.48 -54.26
N GLN B 320 -28.27 -15.54 -53.78
CA GLN B 320 -27.55 -16.47 -54.66
C GLN B 320 -28.37 -17.66 -55.05
N GLY B 321 -29.51 -17.83 -54.42
CA GLY B 321 -30.30 -19.04 -54.62
C GLY B 321 -30.01 -20.11 -53.57
N GLY B 322 -29.10 -19.81 -52.65
CA GLY B 322 -28.82 -20.67 -51.54
C GLY B 322 -30.02 -20.70 -50.62
N MET B 323 -30.36 -21.90 -50.15
CA MET B 323 -31.47 -22.16 -49.27
C MET B 323 -30.94 -22.40 -47.87
N TRP B 324 -31.53 -21.74 -46.88
CA TRP B 324 -31.07 -21.79 -45.49
C TRP B 324 -32.17 -22.31 -44.63
N LEU B 325 -31.91 -23.37 -43.87
CA LEU B 325 -32.98 -24.04 -43.11
C LEU B 325 -32.64 -24.02 -41.66
N GLY B 326 -33.49 -23.40 -40.88
CA GLY B 326 -33.23 -23.22 -39.47
C GLY B 326 -34.03 -24.21 -38.68
N THR B 327 -33.35 -24.94 -37.80
CA THR B 327 -33.99 -25.95 -36.98
C THR B 327 -34.13 -25.46 -35.54
N TYR B 328 -34.65 -26.32 -34.67
CA TYR B 328 -34.82 -25.92 -33.29
C TYR B 328 -33.59 -26.30 -32.43
N PHE B 329 -33.04 -27.50 -32.68
CA PHE B 329 -31.86 -27.96 -31.96
C PHE B 329 -30.64 -28.25 -32.82
N GLY B 330 -30.61 -27.82 -34.08
CA GLY B 330 -29.49 -28.18 -34.97
C GLY B 330 -28.95 -27.05 -35.82
N GLY B 331 -29.28 -25.82 -35.41
CA GLY B 331 -28.85 -24.66 -36.13
C GLY B 331 -29.34 -24.67 -37.55
N LEU B 332 -28.46 -24.24 -38.45
CA LEU B 332 -28.80 -24.03 -39.85
C LEU B 332 -28.25 -25.11 -40.76
N ASN B 333 -29.06 -25.52 -41.74
CA ASN B 333 -28.62 -26.35 -42.83
C ASN B 333 -28.63 -25.51 -44.10
N TYR B 334 -27.64 -25.69 -44.96
CA TYR B 334 -27.48 -24.87 -46.17
C TYR B 334 -27.36 -25.71 -47.42
N TYR B 335 -28.05 -25.30 -48.48
CA TYR B 335 -28.05 -26.02 -49.74
C TYR B 335 -27.96 -25.04 -50.90
N HIS B 336 -27.11 -25.37 -51.87
CA HIS B 336 -27.14 -24.72 -53.18
C HIS B 336 -26.78 -25.73 -54.25
N PRO B 337 -27.56 -25.79 -55.36
CA PRO B 337 -27.28 -26.76 -56.43
C PRO B 337 -25.80 -26.82 -56.86
N ILE B 338 -25.15 -25.66 -56.97
CA ILE B 338 -23.73 -25.61 -57.34
C ILE B 338 -22.84 -26.35 -56.34
N ARG B 339 -23.22 -26.38 -55.06
CA ARG B 339 -22.47 -27.16 -54.07
C ARG B 339 -22.78 -28.65 -54.11
N ASN B 340 -23.66 -29.05 -55.03
CA ASN B 340 -23.96 -30.45 -55.24
C ASN B 340 -23.68 -30.87 -56.68
N ARG B 341 -22.85 -30.12 -57.38
CA ARG B 341 -22.37 -30.49 -58.70
C ARG B 341 -21.60 -31.82 -58.70
N PHE B 342 -20.90 -32.13 -57.61
CA PHE B 342 -20.28 -33.43 -57.39
C PHE B 342 -21.16 -34.25 -56.46
N LYS B 343 -21.54 -35.45 -56.89
CA LYS B 343 -22.35 -36.36 -56.08
C LYS B 343 -21.46 -37.39 -55.40
N ASN B 344 -21.70 -37.63 -54.12
CA ASN B 344 -20.90 -38.58 -53.38
C ASN B 344 -21.75 -39.80 -53.01
N ILE B 345 -21.26 -40.97 -53.40
CA ILE B 345 -21.88 -42.27 -53.15
C ILE B 345 -21.06 -42.92 -52.02
N ARG B 346 -21.65 -43.07 -50.85
CA ARG B 346 -20.97 -43.61 -49.66
C ARG B 346 -21.82 -44.63 -48.97
N ASN B 347 -21.21 -45.38 -48.08
CA ASN B 347 -21.97 -46.30 -47.26
C ASN B 347 -22.89 -45.56 -46.34
N ILE B 348 -24.13 -46.03 -46.26
CA ILE B 348 -25.07 -45.63 -45.26
C ILE B 348 -25.47 -46.86 -44.44
N PRO B 349 -25.10 -46.85 -43.15
CA PRO B 349 -25.48 -47.96 -42.28
C PRO B 349 -26.96 -48.28 -42.29
N TYR B 350 -27.26 -49.53 -42.59
CA TYR B 350 -28.61 -50.08 -42.58
C TYR B 350 -29.59 -49.39 -43.52
N LYS B 351 -29.05 -48.74 -44.54
CA LYS B 351 -29.80 -48.36 -45.74
C LYS B 351 -29.00 -48.87 -46.95
N ASN B 352 -29.72 -49.29 -47.99
CA ASN B 352 -29.12 -49.76 -49.25
C ASN B 352 -28.08 -48.80 -49.83
N SER B 353 -26.85 -49.25 -50.00
CA SER B 353 -25.76 -48.38 -50.36
C SER B 353 -24.43 -49.12 -50.59
N LEU B 354 -23.44 -48.40 -51.07
CA LEU B 354 -22.09 -48.96 -51.16
C LEU B 354 -21.73 -49.59 -49.83
N SER B 355 -21.16 -50.79 -49.84
CA SER B 355 -20.97 -51.55 -48.60
C SER B 355 -19.73 -51.13 -47.84
N ASP B 356 -18.88 -50.31 -48.42
CA ASP B 356 -17.62 -49.95 -47.80
C ASP B 356 -17.06 -48.75 -48.56
N ASN B 357 -16.44 -47.83 -47.83
CA ASN B 357 -16.04 -46.54 -48.40
C ASN B 357 -14.66 -46.53 -49.02
N VAL B 358 -13.81 -47.51 -48.68
CA VAL B 358 -12.50 -47.58 -49.34
C VAL B 358 -12.66 -48.38 -50.62
N VAL B 359 -12.67 -47.68 -51.74
CA VAL B 359 -13.04 -48.26 -53.01
C VAL B 359 -11.83 -48.51 -53.90
N SER B 360 -11.88 -49.60 -54.64
CA SER B 360 -10.90 -49.90 -55.67
C SER B 360 -11.60 -49.86 -57.02
N CYS B 361 -11.56 -50.89 -57.84
CA CYS B 361 -11.90 -50.65 -59.25
C CYS B 361 -13.39 -50.55 -59.51
N ILE B 362 -13.73 -49.80 -60.55
CA ILE B 362 -15.10 -49.62 -60.98
C ILE B 362 -15.15 -49.97 -62.45
N VAL B 363 -16.10 -50.81 -62.85
CA VAL B 363 -16.17 -51.34 -64.20
C VAL B 363 -17.62 -51.41 -64.65
N GLU B 364 -17.95 -50.87 -65.83
CA GLU B 364 -19.32 -50.98 -66.38
C GLU B 364 -19.44 -52.25 -67.25
N ASP B 365 -20.57 -52.96 -67.15
CA ASP B 365 -20.81 -54.14 -67.99
C ASP B 365 -21.73 -53.76 -69.17
N LYS B 366 -22.13 -54.70 -70.00
CA LYS B 366 -22.87 -54.39 -71.23
C LYS B 366 -24.34 -54.09 -70.97
N ASP B 367 -24.81 -54.31 -69.74
CA ASP B 367 -26.18 -53.98 -69.35
C ASP B 367 -26.20 -52.70 -68.54
N LYS B 368 -25.10 -51.97 -68.60
CA LYS B 368 -24.90 -50.70 -67.92
C LYS B 368 -24.91 -50.76 -66.37
N ASN B 369 -24.63 -51.93 -65.80
CA ASN B 369 -24.37 -52.06 -64.36
C ASN B 369 -22.94 -51.74 -64.00
N LEU B 370 -22.73 -51.30 -62.78
CA LEU B 370 -21.40 -51.01 -62.29
C LEU B 370 -21.00 -52.07 -61.30
N TRP B 371 -19.81 -52.63 -61.49
CA TRP B 371 -19.19 -53.52 -60.53
C TRP B 371 -18.11 -52.75 -59.86
N ILE B 372 -18.15 -52.76 -58.53
CA ILE B 372 -17.30 -51.90 -57.71
C ILE B 372 -16.57 -52.77 -56.68
N GLY B 373 -15.24 -52.82 -56.79
CA GLY B 373 -14.45 -53.51 -55.78
C GLY B 373 -14.22 -52.62 -54.59
N THR B 374 -14.06 -53.22 -53.41
CA THR B 374 -13.76 -52.48 -52.18
C THR B 374 -12.70 -53.19 -51.38
N ASN B 375 -12.22 -52.51 -50.35
CA ASN B 375 -11.17 -53.02 -49.51
C ASN B 375 -11.61 -54.08 -48.53
N ASP B 376 -12.77 -53.86 -47.90
CA ASP B 376 -13.32 -54.77 -46.86
C ASP B 376 -14.68 -55.34 -47.20
N GLY B 377 -15.53 -54.55 -47.86
CA GLY B 377 -16.95 -54.90 -48.11
C GLY B 377 -17.25 -55.81 -49.29
N GLY B 378 -16.21 -56.32 -49.96
CA GLY B 378 -16.40 -57.24 -51.05
C GLY B 378 -16.90 -56.54 -52.30
N LEU B 379 -17.45 -57.33 -53.21
CA LEU B 379 -17.82 -56.87 -54.54
C LEU B 379 -19.21 -56.31 -54.55
N ASN B 380 -19.32 -55.04 -54.93
CA ASN B 380 -20.60 -54.36 -55.03
C ASN B 380 -21.07 -54.33 -56.47
N LEU B 381 -22.38 -54.47 -56.65
CA LEU B 381 -23.02 -54.33 -57.95
C LEU B 381 -24.02 -53.20 -57.83
N TYR B 382 -23.88 -52.17 -58.67
CA TYR B 382 -24.86 -51.08 -58.70
C TYR B 382 -25.69 -51.22 -59.97
N ASN B 383 -27.00 -51.35 -59.81
CA ASN B 383 -27.92 -51.66 -60.93
C ASN B 383 -28.75 -50.43 -61.19
N PRO B 384 -28.31 -49.57 -62.14
CA PRO B 384 -28.89 -48.24 -62.15
C PRO B 384 -30.36 -48.26 -62.61
N ILE B 385 -30.84 -49.45 -63.00
CA ILE B 385 -32.25 -49.68 -63.35
C ILE B 385 -33.16 -49.72 -62.11
N THR B 386 -32.73 -50.45 -61.08
CA THR B 386 -33.43 -50.46 -59.79
C THR B 386 -32.81 -49.45 -58.81
N GLN B 387 -31.63 -48.93 -59.13
CA GLN B 387 -30.89 -47.96 -58.30
C GLN B 387 -30.41 -48.57 -56.95
N ARG B 388 -30.38 -49.90 -56.92
CA ARG B 388 -30.00 -50.68 -55.77
C ARG B 388 -28.52 -51.09 -55.79
N PHE B 389 -27.94 -51.18 -54.60
CA PHE B 389 -26.70 -51.90 -54.43
C PHE B 389 -26.98 -53.34 -53.98
N THR B 390 -26.13 -54.27 -54.38
CA THR B 390 -26.07 -55.62 -53.80
C THR B 390 -24.59 -55.95 -53.70
N SER B 391 -24.22 -56.80 -52.76
CA SER B 391 -22.83 -56.95 -52.36
C SER B 391 -22.51 -58.43 -52.31
N TYR B 392 -21.28 -58.83 -52.63
CA TYR B 392 -20.92 -60.24 -52.59
C TYR B 392 -19.68 -60.45 -51.78
N THR B 393 -19.73 -61.35 -50.81
CA THR B 393 -18.57 -61.67 -50.00
C THR B 393 -17.69 -62.66 -50.73
N LEU B 394 -16.44 -62.75 -50.28
CA LEU B 394 -15.50 -63.76 -50.75
C LEU B 394 -15.05 -64.74 -49.65
N SER B 405 -6.88 -60.29 -48.93
CA SER B 405 -7.69 -61.46 -49.28
C SER B 405 -9.12 -61.08 -49.63
N ASN B 406 -9.64 -60.10 -48.90
CA ASN B 406 -10.93 -59.51 -49.15
C ASN B 406 -10.75 -58.28 -50.07
N ASN B 407 -9.52 -57.82 -50.26
CA ASN B 407 -9.27 -56.51 -50.90
C ASN B 407 -9.19 -56.65 -52.41
N ILE B 408 -10.17 -56.08 -53.10
CA ILE B 408 -10.33 -56.33 -54.51
C ILE B 408 -9.46 -55.38 -55.31
N LYS B 409 -8.67 -55.91 -56.23
CA LYS B 409 -7.78 -55.08 -57.03
C LYS B 409 -8.15 -55.07 -58.50
N ALA B 410 -8.87 -56.08 -58.97
CA ALA B 410 -9.24 -56.18 -60.37
C ALA B 410 -10.55 -56.95 -60.56
N VAL B 411 -11.30 -56.53 -61.57
CA VAL B 411 -12.61 -57.08 -61.91
C VAL B 411 -12.77 -57.13 -63.43
N TYR B 412 -13.14 -58.27 -63.95
CA TYR B 412 -13.46 -58.38 -65.36
C TYR B 412 -14.73 -59.19 -65.52
N VAL B 413 -15.64 -58.73 -66.37
CA VAL B 413 -16.92 -59.38 -66.57
C VAL B 413 -16.99 -60.04 -67.94
N ASP B 414 -17.29 -61.33 -67.93
CA ASP B 414 -17.46 -62.14 -69.14
C ASP B 414 -18.96 -62.24 -69.31
N GLU B 415 -19.49 -61.41 -70.20
CA GLU B 415 -20.93 -61.36 -70.40
C GLU B 415 -21.46 -62.67 -70.98
N LYS B 416 -20.75 -63.24 -71.96
CA LYS B 416 -21.15 -64.53 -72.55
C LYS B 416 -21.50 -65.59 -71.49
N LYS B 417 -20.60 -65.86 -70.56
CA LYS B 417 -20.85 -66.92 -69.58
C LYS B 417 -21.44 -66.41 -68.25
N SER B 418 -21.71 -65.12 -68.15
CA SER B 418 -22.24 -64.51 -66.92
C SER B 418 -21.33 -64.79 -65.72
N LEU B 419 -20.06 -64.44 -65.85
CA LEU B 419 -19.11 -64.63 -64.77
C LEU B 419 -18.44 -63.31 -64.54
N VAL B 420 -18.11 -63.03 -63.28
CA VAL B 420 -17.23 -61.93 -62.93
C VAL B 420 -15.97 -62.55 -62.34
N TYR B 421 -14.81 -62.17 -62.89
CA TYR B 421 -13.53 -62.65 -62.42
C TYR B 421 -12.97 -61.59 -61.52
N ILE B 422 -12.59 -61.95 -60.30
CA ILE B 422 -12.10 -60.99 -59.33
C ILE B 422 -10.66 -61.29 -58.88
N GLY B 423 -9.82 -60.26 -58.92
CA GLY B 423 -8.45 -60.38 -58.44
C GLY B 423 -8.30 -59.65 -57.13
N THR B 424 -7.68 -60.31 -56.16
CA THR B 424 -7.55 -59.74 -54.85
C THR B 424 -6.09 -59.69 -54.45
N HIS B 425 -5.78 -58.75 -53.56
CA HIS B 425 -4.49 -58.75 -52.92
C HIS B 425 -4.54 -59.93 -52.02
N ALA B 426 -3.55 -60.82 -52.07
CA ALA B 426 -3.48 -61.96 -51.14
C ALA B 426 -4.43 -63.17 -51.38
N GLY B 427 -5.59 -62.96 -51.98
CA GLY B 427 -6.60 -64.01 -52.08
C GLY B 427 -6.67 -64.79 -53.39
N GLY B 428 -5.86 -64.44 -54.37
CA GLY B 428 -5.88 -65.15 -55.65
C GLY B 428 -6.87 -64.62 -56.69
N LEU B 429 -7.34 -65.52 -57.54
CA LEU B 429 -8.38 -65.25 -58.50
C LEU B 429 -9.68 -65.91 -58.03
N SER B 430 -10.76 -65.15 -57.99
CA SER B 430 -12.06 -65.74 -57.71
C SER B 430 -12.96 -65.60 -58.94
N ILE B 431 -13.91 -66.52 -59.10
CA ILE B 431 -14.93 -66.38 -60.13
C ILE B 431 -16.30 -66.38 -59.47
N LEU B 432 -17.05 -65.29 -59.66
CA LEU B 432 -18.45 -65.25 -59.22
C LEU B 432 -19.29 -65.78 -60.35
N HIS B 433 -19.99 -66.88 -60.13
CA HIS B 433 -20.96 -67.42 -61.09
C HIS B 433 -22.27 -66.78 -60.81
N ARG B 434 -22.70 -65.89 -61.69
CA ARG B 434 -23.86 -65.04 -61.41
C ARG B 434 -25.17 -65.81 -61.27
N ASN B 435 -25.35 -66.85 -62.09
CA ASN B 435 -26.58 -67.63 -62.05
C ASN B 435 -26.86 -68.29 -60.69
N SER B 436 -25.81 -68.65 -59.97
CA SER B 436 -25.93 -69.47 -58.75
C SER B 436 -25.41 -68.79 -57.51
N GLY B 437 -24.78 -67.64 -57.67
CA GLY B 437 -24.13 -66.97 -56.57
C GLY B 437 -22.90 -67.71 -56.04
N GLN B 438 -22.45 -68.76 -56.73
CA GLN B 438 -21.34 -69.56 -56.21
C GLN B 438 -20.01 -68.91 -56.61
N VAL B 439 -19.01 -69.01 -55.74
CA VAL B 439 -17.71 -68.38 -55.99
C VAL B 439 -16.59 -69.43 -56.02
N GLU B 440 -15.92 -69.55 -57.17
CA GLU B 440 -14.71 -70.34 -57.30
C GLU B 440 -13.54 -69.50 -56.78
N ASN B 441 -12.58 -70.15 -56.10
CA ASN B 441 -11.31 -69.50 -55.71
C ASN B 441 -10.07 -70.31 -56.09
N PHE B 442 -9.09 -69.63 -56.65
CA PHE B 442 -7.84 -70.24 -57.04
C PHE B 442 -6.72 -69.56 -56.29
N ASN B 443 -5.99 -70.32 -55.48
CA ASN B 443 -4.87 -69.80 -54.72
C ASN B 443 -3.73 -70.82 -54.72
N GLN B 444 -2.68 -70.51 -53.98
CA GLN B 444 -1.48 -71.35 -53.98
C GLN B 444 -1.68 -72.75 -53.40
N ARG B 445 -2.70 -72.94 -52.58
CA ARG B 445 -2.99 -74.25 -51.99
C ARG B 445 -3.83 -75.19 -52.85
N ASN B 446 -4.61 -74.65 -53.81
CA ASN B 446 -5.63 -75.45 -54.50
C ASN B 446 -5.57 -75.35 -56.01
N SER B 447 -4.44 -74.82 -56.49
CA SER B 447 -4.30 -74.48 -57.89
C SER B 447 -2.83 -74.29 -58.23
N GLN B 448 -2.59 -74.02 -59.50
CA GLN B 448 -1.23 -73.87 -60.01
C GLN B 448 -0.79 -72.41 -59.96
N LEU B 449 -1.59 -71.55 -59.36
CA LEU B 449 -1.34 -70.12 -59.43
C LEU B 449 -0.03 -69.82 -58.71
N VAL B 450 0.95 -69.27 -59.43
CA VAL B 450 2.25 -68.96 -58.81
C VAL B 450 2.03 -67.93 -57.70
N ASN B 451 1.51 -66.77 -58.09
CA ASN B 451 1.37 -65.66 -57.19
C ASN B 451 -0.09 -65.34 -56.94
N GLU B 452 -0.48 -65.39 -55.68
CA GLU B 452 -1.87 -65.15 -55.31
C GLU B 452 -2.24 -63.67 -55.21
N ASN B 453 -1.36 -62.79 -55.65
CA ASN B 453 -1.64 -61.36 -55.67
C ASN B 453 -2.01 -60.90 -57.06
N VAL B 454 -3.31 -60.84 -57.35
CA VAL B 454 -3.78 -60.59 -58.71
C VAL B 454 -4.31 -59.17 -58.79
N TYR B 455 -3.54 -58.27 -59.40
CA TYR B 455 -3.85 -56.84 -59.44
C TYR B 455 -4.49 -56.38 -60.74
N ALA B 456 -4.50 -57.22 -61.76
CA ALA B 456 -5.07 -56.84 -63.04
C ALA B 456 -5.54 -58.06 -63.81
N ILE B 457 -6.65 -57.94 -64.54
CA ILE B 457 -7.20 -59.03 -65.36
C ILE B 457 -7.64 -58.45 -66.67
N LEU B 458 -7.22 -59.04 -67.78
CA LEU B 458 -7.66 -58.59 -69.09
C LEU B 458 -7.71 -59.79 -70.04
N PRO B 459 -8.72 -59.88 -70.92
CA PRO B 459 -8.77 -60.99 -71.88
C PRO B 459 -7.60 -60.99 -72.87
N ASP B 460 -7.16 -62.17 -73.30
CA ASP B 460 -6.06 -62.22 -74.25
C ASP B 460 -6.52 -62.15 -75.69
N GLY B 461 -7.84 -62.22 -75.89
CA GLY B 461 -8.43 -62.23 -77.22
C GLY B 461 -8.58 -63.61 -77.81
N GLU B 462 -8.11 -64.63 -77.10
CA GLU B 462 -8.12 -66.02 -77.57
C GLU B 462 -8.97 -66.93 -76.69
N GLY B 463 -9.70 -66.38 -75.73
CA GLY B 463 -10.48 -67.18 -74.79
C GLY B 463 -9.93 -67.21 -73.37
N ASN B 464 -8.75 -66.65 -73.13
CA ASN B 464 -8.16 -66.71 -71.82
C ASN B 464 -8.02 -65.33 -71.22
N LEU B 465 -7.66 -65.31 -69.95
CA LEU B 465 -7.39 -64.07 -69.27
C LEU B 465 -5.91 -63.96 -68.96
N TRP B 466 -5.38 -62.76 -69.15
CA TRP B 466 -4.09 -62.38 -68.59
C TRP B 466 -4.27 -61.98 -67.17
N LEU B 467 -3.37 -62.40 -66.30
CA LEU B 467 -3.41 -61.94 -64.93
C LEU B 467 -2.12 -61.17 -64.66
N GLY B 468 -2.26 -59.95 -64.19
CA GLY B 468 -1.13 -59.17 -63.74
C GLY B 468 -0.92 -59.39 -62.26
N THR B 469 0.18 -60.04 -61.89
CA THR B 469 0.45 -60.36 -60.49
C THR B 469 1.76 -59.73 -60.06
N LEU B 470 2.03 -59.80 -58.77
CA LEU B 470 3.22 -59.18 -58.22
C LEU B 470 4.55 -59.81 -58.63
N SER B 471 4.55 -60.96 -59.26
CA SER B 471 5.81 -61.56 -59.69
C SER B 471 5.85 -61.83 -61.21
N ALA B 472 4.68 -62.03 -61.82
CA ALA B 472 4.61 -62.44 -63.21
C ALA B 472 3.31 -62.08 -63.94
N LEU B 473 3.41 -62.11 -65.27
CA LEU B 473 2.28 -62.21 -66.14
C LEU B 473 1.86 -63.70 -66.18
N VAL B 474 0.61 -64.00 -65.83
CA VAL B 474 0.13 -65.36 -65.87
C VAL B 474 -1.04 -65.44 -66.82
N ARG B 475 -1.13 -66.51 -67.60
CA ARG B 475 -2.30 -66.76 -68.43
C ARG B 475 -3.17 -67.77 -67.70
N PHE B 476 -4.44 -67.44 -67.54
CA PHE B 476 -5.43 -68.34 -66.99
C PHE B 476 -6.33 -68.83 -68.13
N ASN B 477 -6.39 -70.15 -68.32
CA ASN B 477 -7.31 -70.74 -69.29
C ASN B 477 -8.52 -71.32 -68.55
N PRO B 478 -9.70 -70.68 -68.71
CA PRO B 478 -10.90 -71.09 -67.96
C PRO B 478 -11.37 -72.50 -68.30
N GLU B 479 -11.26 -72.90 -69.55
CA GLU B 479 -11.69 -74.26 -69.94
C GLU B 479 -10.87 -75.33 -69.19
N GLN B 480 -9.55 -75.17 -69.22
CA GLN B 480 -8.60 -76.09 -68.56
C GLN B 480 -8.32 -75.79 -67.11
N ARG B 481 -8.79 -74.65 -66.62
CA ARG B 481 -8.47 -74.17 -65.28
C ARG B 481 -6.98 -74.31 -64.97
N SER B 482 -6.16 -73.88 -65.94
CA SER B 482 -4.71 -73.92 -65.84
C SER B 482 -4.13 -72.51 -65.77
N PHE B 483 -3.04 -72.37 -65.01
CA PHE B 483 -2.32 -71.11 -64.88
C PHE B 483 -0.94 -71.31 -65.46
N THR B 484 -0.57 -70.59 -66.52
CA THR B 484 0.75 -70.70 -67.13
C THR B 484 1.53 -69.41 -66.94
N THR B 485 2.57 -69.43 -66.11
CA THR B 485 3.43 -68.24 -65.98
C THR B 485 4.07 -67.93 -67.31
N ILE B 486 4.13 -66.66 -67.70
CA ILE B 486 4.84 -66.30 -68.93
C ILE B 486 6.23 -65.76 -68.60
N GLU B 487 7.25 -66.56 -68.84
CA GLU B 487 8.60 -66.20 -68.40
C GLU B 487 9.55 -65.83 -69.54
N LYS B 488 9.15 -66.12 -70.78
CA LYS B 488 9.93 -65.82 -71.95
C LYS B 488 9.03 -65.41 -73.14
N GLU B 489 9.62 -64.66 -74.09
CA GLU B 489 8.93 -64.23 -75.33
C GLU B 489 9.04 -65.32 -76.38
N LYS B 490 8.50 -65.09 -77.59
CA LYS B 490 8.76 -66.03 -78.70
C LYS B 490 10.27 -66.11 -78.99
N ASP B 491 10.97 -64.97 -78.94
CA ASP B 491 12.46 -64.89 -78.97
C ASP B 491 13.17 -65.96 -78.13
N GLY B 492 12.65 -66.21 -76.92
CA GLY B 492 13.41 -66.83 -75.80
C GLY B 492 13.85 -65.75 -74.80
N THR B 493 13.61 -64.49 -75.14
CA THR B 493 13.96 -63.39 -74.29
C THR B 493 13.16 -63.46 -73.02
N PRO B 494 13.84 -63.46 -71.87
CA PRO B 494 13.11 -63.42 -70.62
C PRO B 494 12.11 -62.28 -70.61
N VAL B 495 10.99 -62.52 -69.95
CA VAL B 495 10.08 -61.47 -69.59
C VAL B 495 10.41 -61.13 -68.15
N VAL B 496 11.02 -59.97 -67.96
CA VAL B 496 11.41 -59.47 -66.63
C VAL B 496 10.20 -58.97 -65.84
N SER B 497 9.27 -58.32 -66.54
CA SER B 497 8.04 -57.70 -65.95
C SER B 497 7.61 -58.32 -64.60
N LYS B 498 7.62 -57.49 -63.57
CA LYS B 498 7.34 -57.95 -62.23
C LYS B 498 6.63 -56.80 -61.52
N GLN B 499 5.94 -57.13 -60.42
CA GLN B 499 5.19 -56.15 -59.67
C GLN B 499 4.20 -55.39 -60.58
N ILE B 500 3.40 -56.17 -61.32
CA ILE B 500 2.44 -55.61 -62.30
C ILE B 500 1.22 -55.03 -61.62
N THR B 501 0.79 -53.84 -62.04
CA THR B 501 -0.42 -53.19 -61.46
C THR B 501 -1.57 -52.93 -62.45
N THR B 502 -1.31 -52.99 -63.75
CA THR B 502 -2.30 -52.57 -64.71
C THR B 502 -1.99 -53.18 -66.10
N LEU B 503 -3.03 -53.69 -66.76
CA LEU B 503 -2.92 -54.27 -68.09
C LEU B 503 -3.86 -53.50 -68.99
N PHE B 504 -3.42 -53.19 -70.21
CA PHE B 504 -4.19 -52.35 -71.09
C PHE B 504 -4.04 -52.83 -72.50
N ARG B 505 -5.18 -52.92 -73.19
CA ARG B 505 -5.26 -53.34 -74.57
C ARG B 505 -5.49 -52.10 -75.43
N ASP B 506 -4.56 -51.80 -76.35
CA ASP B 506 -4.71 -50.60 -77.18
C ASP B 506 -5.53 -50.95 -78.42
N SER B 507 -5.84 -49.93 -79.22
CA SER B 507 -6.66 -50.08 -80.39
C SER B 507 -5.94 -50.80 -81.53
N HIS B 508 -4.61 -50.96 -81.44
CA HIS B 508 -3.86 -51.82 -82.36
C HIS B 508 -3.69 -53.23 -81.82
N LYS B 509 -4.41 -53.54 -80.76
CA LYS B 509 -4.44 -54.88 -80.16
C LYS B 509 -3.16 -55.23 -79.40
N ARG B 510 -2.33 -54.24 -79.09
CA ARG B 510 -1.13 -54.50 -78.29
C ARG B 510 -1.40 -54.44 -76.80
N LEU B 511 -0.66 -55.24 -76.04
CA LEU B 511 -0.79 -55.32 -74.60
C LEU B 511 0.21 -54.39 -73.90
N TRP B 512 -0.27 -53.46 -73.09
CA TRP B 512 0.59 -52.61 -72.30
C TRP B 512 0.65 -53.11 -70.88
N ILE B 513 1.86 -53.34 -70.35
CA ILE B 513 2.02 -53.89 -68.99
C ILE B 513 2.74 -52.88 -68.10
N GLY B 514 1.98 -52.30 -67.16
CA GLY B 514 2.52 -51.36 -66.19
C GLY B 514 2.63 -51.91 -64.77
N GLY B 515 3.69 -51.46 -64.07
CA GLY B 515 3.86 -51.74 -62.65
C GLY B 515 4.83 -50.84 -61.92
N GLU B 516 5.26 -51.30 -60.76
CA GLU B 516 6.15 -50.53 -59.89
C GLU B 516 7.46 -50.24 -60.57
N GLU B 517 7.97 -51.23 -61.30
CA GLU B 517 9.29 -51.16 -61.92
C GLU B 517 9.28 -50.37 -63.25
N GLY B 518 8.11 -50.06 -63.79
CA GLY B 518 8.06 -49.42 -65.11
C GLY B 518 6.89 -49.86 -65.98
N LEU B 519 7.06 -49.68 -67.29
CA LEU B 519 6.04 -49.91 -68.31
C LEU B 519 6.62 -50.59 -69.55
N SER B 520 5.94 -51.62 -70.07
CA SER B 520 6.33 -52.31 -71.31
C SER B 520 5.19 -52.50 -72.28
N VAL B 521 5.51 -52.64 -73.58
CA VAL B 521 4.51 -52.94 -74.60
C VAL B 521 4.86 -54.20 -75.40
N PHE B 522 3.83 -54.98 -75.66
CA PHE B 522 3.97 -56.30 -76.25
C PHE B 522 2.95 -56.47 -77.30
N LYS B 523 3.33 -57.24 -78.31
CA LYS B 523 2.49 -57.62 -79.43
C LYS B 523 2.23 -59.09 -79.19
N GLN B 524 1.01 -59.54 -79.50
CA GLN B 524 0.65 -60.95 -79.30
C GLN B 524 0.73 -61.68 -80.61
N GLU B 525 1.31 -62.87 -80.57
CA GLU B 525 1.35 -63.74 -81.74
C GLU B 525 0.84 -65.09 -81.21
N GLY B 526 -0.42 -65.40 -81.51
CA GLY B 526 -1.15 -66.47 -80.85
C GLY B 526 -0.96 -66.43 -79.35
N LEU B 527 -0.32 -67.47 -78.81
CA LEU B 527 -0.10 -67.61 -77.37
C LEU B 527 1.24 -67.02 -76.95
N ASP B 528 2.06 -66.58 -77.89
CA ASP B 528 3.33 -65.96 -77.50
C ASP B 528 3.19 -64.44 -77.41
N ILE B 529 3.96 -63.82 -76.51
CA ILE B 529 4.09 -62.38 -76.51
C ILE B 529 5.45 -61.96 -77.04
N GLN B 530 5.53 -60.74 -77.55
CA GLN B 530 6.76 -60.26 -78.13
C GLN B 530 6.91 -58.75 -77.96
N LYS B 531 8.08 -58.32 -77.50
CA LYS B 531 8.30 -56.93 -77.18
C LYS B 531 8.13 -56.08 -78.43
N ALA B 532 7.41 -54.98 -78.27
CA ALA B 532 7.25 -53.98 -79.31
C ALA B 532 8.00 -52.74 -78.84
N SER B 533 9.19 -52.53 -79.38
CA SER B 533 10.00 -51.37 -79.02
C SER B 533 9.42 -50.15 -79.71
N ILE B 534 8.34 -49.61 -79.17
CA ILE B 534 7.70 -48.45 -79.77
C ILE B 534 7.90 -47.17 -78.94
N LEU B 535 8.46 -47.29 -77.75
CA LEU B 535 8.64 -46.15 -76.87
C LEU B 535 10.07 -45.69 -76.95
N PRO B 536 10.32 -44.36 -77.11
CA PRO B 536 11.72 -43.92 -77.19
C PRO B 536 12.48 -44.14 -75.89
N VAL B 537 13.81 -43.98 -75.95
CA VAL B 537 14.65 -44.13 -74.77
C VAL B 537 14.33 -42.99 -73.82
N SER B 538 13.73 -43.34 -72.69
CA SER B 538 13.16 -42.37 -71.78
C SER B 538 13.13 -42.94 -70.37
N ASN B 539 13.34 -42.07 -69.40
CA ASN B 539 13.20 -42.43 -67.99
C ASN B 539 11.74 -42.74 -67.57
N VAL B 540 10.75 -42.32 -68.38
CA VAL B 540 9.34 -42.65 -68.10
C VAL B 540 9.06 -44.15 -68.15
N THR B 541 9.88 -44.87 -68.90
CA THR B 541 9.83 -46.33 -68.94
C THR B 541 9.99 -47.04 -67.61
N LYS B 542 10.69 -46.39 -66.68
CA LYS B 542 11.08 -46.99 -65.40
C LYS B 542 10.25 -46.45 -64.26
N LEU B 543 9.31 -45.56 -64.56
CA LEU B 543 8.41 -45.00 -63.54
C LEU B 543 7.39 -45.99 -62.99
N PHE B 544 7.07 -45.80 -61.72
CA PHE B 544 6.03 -46.54 -61.03
C PHE B 544 4.72 -46.11 -61.67
N THR B 545 4.03 -47.04 -62.31
CA THR B 545 2.91 -46.72 -63.21
C THR B 545 1.55 -47.20 -62.69
N ASN B 546 0.51 -46.38 -62.81
CA ASN B 546 -0.80 -46.66 -62.20
C ASN B 546 -1.88 -47.00 -63.20
N CYS B 547 -1.96 -46.23 -64.30
CA CYS B 547 -2.97 -46.44 -65.33
C CYS B 547 -2.46 -46.13 -66.74
N ILE B 548 -3.18 -46.69 -67.72
CA ILE B 548 -2.92 -46.43 -69.13
C ILE B 548 -4.25 -46.23 -69.82
N TYR B 549 -4.32 -45.22 -70.69
CA TYR B 549 -5.55 -44.90 -71.39
C TYR B 549 -5.24 -44.37 -72.82
N GLU B 550 -5.97 -44.88 -73.81
CA GLU B 550 -5.84 -44.38 -75.17
C GLU B 550 -6.95 -43.41 -75.45
N ALA B 551 -6.58 -42.14 -75.65
CA ALA B 551 -7.57 -41.10 -75.96
C ALA B 551 -8.24 -41.40 -77.29
N SER B 552 -9.41 -40.77 -77.48
CA SER B 552 -10.17 -40.89 -78.73
C SER B 552 -9.39 -40.42 -79.99
N ASN B 553 -8.45 -39.51 -79.82
CA ASN B 553 -7.55 -39.11 -80.90
C ASN B 553 -6.30 -39.99 -81.01
N GLY B 554 -6.29 -41.15 -80.34
CA GLY B 554 -5.20 -42.10 -80.46
C GLY B 554 -3.92 -41.85 -79.68
N ILE B 555 -3.82 -40.73 -78.97
CA ILE B 555 -2.64 -40.48 -78.13
C ILE B 555 -2.82 -41.31 -76.87
N ILE B 556 -1.73 -41.89 -76.40
CA ILE B 556 -1.78 -42.73 -75.22
C ILE B 556 -1.36 -41.91 -74.00
N TRP B 557 -2.12 -42.06 -72.91
CA TRP B 557 -1.88 -41.34 -71.67
C TRP B 557 -1.59 -42.29 -70.56
N VAL B 558 -0.51 -42.03 -69.82
CA VAL B 558 -0.06 -42.90 -68.74
C VAL B 558 0.02 -42.12 -67.42
N GLY B 559 -0.58 -42.67 -66.37
CA GLY B 559 -0.52 -42.06 -65.06
C GLY B 559 0.48 -42.79 -64.16
N THR B 560 1.34 -42.00 -63.53
CA THR B 560 2.42 -42.54 -62.71
C THR B 560 2.42 -41.93 -61.33
N ARG B 561 3.47 -42.23 -60.55
CA ARG B 561 3.69 -41.59 -59.26
C ARG B 561 4.58 -40.37 -59.35
N GLU B 562 5.09 -40.05 -60.54
CA GLU B 562 5.77 -38.79 -60.81
C GLU B 562 5.05 -38.04 -61.91
N GLY B 563 3.77 -37.81 -61.67
CA GLY B 563 2.93 -37.12 -62.63
C GLY B 563 2.42 -38.06 -63.70
N PHE B 564 1.98 -37.50 -64.81
CA PHE B 564 1.52 -38.28 -65.96
C PHE B 564 2.22 -37.83 -67.24
N TYR B 565 2.05 -38.61 -68.31
CA TYR B 565 2.62 -38.28 -69.61
C TYR B 565 1.79 -38.79 -70.78
N CYS B 566 2.05 -38.23 -71.96
CA CYS B 566 1.48 -38.76 -73.20
C CYS B 566 2.55 -39.26 -74.16
N PHE B 567 2.09 -40.07 -75.11
CA PHE B 567 2.92 -40.71 -76.11
C PHE B 567 2.23 -40.56 -77.45
N ASN B 568 2.87 -39.80 -78.34
CA ASN B 568 2.45 -39.70 -79.73
C ASN B 568 3.30 -40.65 -80.55
N GLU B 569 2.67 -41.68 -81.10
CA GLU B 569 3.40 -42.71 -81.80
C GLU B 569 3.96 -42.24 -83.14
N LYS B 570 3.16 -41.45 -83.87
CA LYS B 570 3.60 -40.80 -85.13
C LYS B 570 4.99 -40.16 -84.98
N ASP B 571 5.16 -39.37 -83.91
CA ASP B 571 6.38 -38.59 -83.69
C ASP B 571 7.36 -39.29 -82.73
N LYS B 572 6.98 -40.45 -82.21
CA LYS B 572 7.67 -41.06 -81.07
C LYS B 572 7.95 -40.03 -79.96
N GLN B 573 7.07 -39.02 -79.80
CA GLN B 573 7.28 -37.93 -78.82
C GLN B 573 6.53 -38.22 -77.52
N ILE B 574 7.21 -37.94 -76.40
CA ILE B 574 6.62 -38.00 -75.06
C ILE B 574 6.66 -36.63 -74.40
N LYS B 575 5.52 -36.18 -73.88
CA LYS B 575 5.47 -35.00 -73.03
C LYS B 575 5.14 -35.40 -71.58
N ARG B 576 5.90 -34.86 -70.62
CA ARG B 576 5.69 -35.08 -69.19
C ARG B 576 5.05 -33.88 -68.51
N TYR B 577 4.12 -34.15 -67.60
CA TYR B 577 3.53 -33.14 -66.77
C TYR B 577 3.57 -33.58 -65.30
N ASN B 578 3.79 -32.63 -64.39
CA ASN B 578 3.67 -32.93 -62.97
C ASN B 578 3.23 -31.67 -62.22
N THR B 579 3.39 -31.65 -60.90
CA THR B 579 2.95 -30.53 -60.07
C THR B 579 3.53 -29.19 -60.51
N THR B 580 4.75 -29.18 -61.04
CA THR B 580 5.35 -27.91 -61.45
C THR B 580 4.59 -27.30 -62.63
N ASN B 581 3.85 -28.12 -63.39
CA ASN B 581 3.01 -27.61 -64.49
C ASN B 581 1.55 -27.28 -64.10
N GLY B 582 1.16 -27.49 -62.83
CA GLY B 582 -0.19 -27.18 -62.34
C GLY B 582 -0.99 -28.37 -61.87
N LEU B 583 -0.43 -29.57 -62.02
CA LEU B 583 -1.06 -30.80 -61.51
C LEU B 583 -1.11 -30.69 -59.97
N PRO B 584 -2.29 -30.88 -59.37
CA PRO B 584 -2.41 -30.73 -57.92
C PRO B 584 -1.55 -31.66 -57.08
N ASN B 585 -1.20 -32.83 -57.61
CA ASN B 585 -0.44 -33.85 -56.87
C ASN B 585 0.11 -34.86 -57.85
N ASN B 586 1.24 -35.47 -57.53
CA ASN B 586 1.94 -36.28 -58.53
C ASN B 586 1.51 -37.74 -58.64
N VAL B 587 0.61 -38.18 -57.78
CA VAL B 587 0.14 -39.55 -57.91
C VAL B 587 -1.11 -39.53 -58.78
N VAL B 588 -1.02 -40.03 -60.01
CA VAL B 588 -2.18 -40.02 -60.88
C VAL B 588 -2.69 -41.44 -60.97
N TYR B 589 -3.85 -41.68 -60.38
CA TYR B 589 -4.39 -43.01 -60.24
C TYR B 589 -5.15 -43.45 -61.48
N GLY B 590 -5.81 -42.51 -62.15
CA GLY B 590 -6.69 -42.83 -63.29
C GLY B 590 -6.99 -41.64 -64.19
N ILE B 591 -7.22 -41.93 -65.46
CA ILE B 591 -7.46 -40.90 -66.48
C ILE B 591 -8.72 -41.23 -67.28
N LEU B 592 -9.72 -40.34 -67.26
CA LEU B 592 -10.85 -40.44 -68.17
C LEU B 592 -10.93 -39.22 -69.09
N GLU B 593 -11.71 -39.31 -70.15
CA GLU B 593 -11.82 -38.31 -71.20
C GLU B 593 -13.28 -37.86 -71.36
N ASP B 594 -13.52 -36.55 -71.34
CA ASP B 594 -14.86 -36.02 -71.60
C ASP B 594 -15.06 -35.76 -73.09
N SER B 595 -16.28 -35.40 -73.47
CA SER B 595 -16.69 -35.14 -74.87
C SER B 595 -15.83 -34.11 -75.60
N PHE B 596 -15.21 -33.23 -74.85
CA PHE B 596 -14.36 -32.21 -75.42
C PHE B 596 -12.90 -32.64 -75.50
N GLY B 597 -12.59 -33.89 -75.18
CA GLY B 597 -11.22 -34.36 -75.25
C GLY B 597 -10.33 -33.89 -74.10
N ARG B 598 -10.95 -33.33 -73.06
CA ARG B 598 -10.20 -33.00 -71.84
C ARG B 598 -10.12 -34.25 -70.99
N LEU B 599 -9.04 -34.33 -70.23
CA LEU B 599 -8.77 -35.50 -69.43
C LEU B 599 -9.10 -35.16 -67.99
N TRP B 600 -9.63 -36.14 -67.27
CA TRP B 600 -9.92 -35.99 -65.86
C TRP B 600 -9.05 -36.95 -65.10
N LEU B 601 -8.27 -36.43 -64.16
CA LEU B 601 -7.26 -37.21 -63.47
C LEU B 601 -7.58 -37.24 -61.98
N SER B 602 -7.47 -38.41 -61.36
CA SER B 602 -7.67 -38.55 -59.94
C SER B 602 -6.32 -38.69 -59.32
N THR B 603 -6.15 -38.12 -58.12
CA THR B 603 -4.84 -38.07 -57.43
C THR B 603 -5.00 -38.08 -55.90
N ASN B 604 -3.89 -37.89 -55.19
CA ASN B 604 -3.90 -37.79 -53.73
C ASN B 604 -4.34 -36.42 -53.22
N ARG B 605 -4.49 -35.46 -54.12
CA ARG B 605 -5.01 -34.16 -53.79
C ARG B 605 -6.11 -33.75 -54.76
N GLY B 606 -7.13 -34.57 -54.83
CA GLY B 606 -8.33 -34.24 -55.56
C GLY B 606 -8.28 -34.68 -57.01
N ILE B 607 -9.05 -34.00 -57.83
CA ILE B 607 -9.21 -34.36 -59.21
C ILE B 607 -8.83 -33.16 -60.02
N SER B 608 -8.21 -33.38 -61.18
CA SER B 608 -7.83 -32.29 -62.07
C SER B 608 -8.43 -32.49 -63.46
N CYS B 609 -9.00 -31.42 -64.02
CA CYS B 609 -9.40 -31.37 -65.41
C CYS B 609 -8.28 -30.73 -66.19
N PHE B 610 -7.76 -31.46 -67.18
CA PHE B 610 -6.59 -31.08 -67.92
C PHE B 610 -6.95 -31.01 -69.37
N ASN B 611 -6.71 -29.87 -69.97
CA ASN B 611 -6.97 -29.67 -71.37
C ASN B 611 -5.62 -29.84 -72.04
N PRO B 612 -5.46 -30.92 -72.83
CA PRO B 612 -4.18 -31.16 -73.50
C PRO B 612 -3.85 -30.21 -74.66
N GLU B 613 -4.82 -29.44 -75.15
CA GLU B 613 -4.56 -28.46 -76.23
C GLU B 613 -3.86 -27.21 -75.72
N THR B 614 -4.29 -26.76 -74.54
CA THR B 614 -3.79 -25.52 -73.92
C THR B 614 -2.88 -25.81 -72.73
N GLU B 615 -2.97 -27.03 -72.23
CA GLU B 615 -2.30 -27.46 -71.00
C GLU B 615 -2.78 -26.79 -69.71
N LYS B 616 -4.00 -26.22 -69.75
CA LYS B 616 -4.66 -25.68 -68.54
C LYS B 616 -5.09 -26.80 -67.59
N PHE B 617 -4.64 -26.71 -66.34
CA PHE B 617 -5.17 -27.53 -65.25
C PHE B 617 -6.25 -26.76 -64.52
N ARG B 618 -7.38 -27.40 -64.27
CA ARG B 618 -8.35 -26.86 -63.38
C ARG B 618 -8.57 -27.89 -62.29
N ASN B 619 -8.28 -27.53 -61.06
CA ASN B 619 -8.24 -28.50 -59.99
C ASN B 619 -9.44 -28.35 -59.06
N PHE B 620 -9.88 -29.48 -58.50
CA PHE B 620 -10.93 -29.49 -57.50
C PHE B 620 -10.45 -30.30 -56.31
N THR B 621 -11.02 -30.01 -55.14
CA THR B 621 -10.59 -30.65 -53.90
C THR B 621 -11.80 -31.05 -53.06
N GLU B 622 -11.53 -31.65 -51.92
CA GLU B 622 -12.61 -32.02 -50.99
C GLU B 622 -13.56 -30.83 -50.76
N SER B 623 -12.99 -29.68 -50.43
CA SER B 623 -13.73 -28.42 -50.21
C SER B 623 -14.76 -28.06 -51.31
N ASP B 624 -14.58 -28.55 -52.53
CA ASP B 624 -15.57 -28.38 -53.60
C ASP B 624 -16.66 -29.48 -53.61
N GLY B 625 -16.63 -30.44 -52.68
CA GLY B 625 -17.63 -31.51 -52.64
C GLY B 625 -17.18 -32.95 -52.94
N LEU B 626 -15.91 -33.12 -53.30
CA LEU B 626 -15.35 -34.43 -53.60
C LEU B 626 -15.34 -35.36 -52.37
N GLN B 627 -15.29 -36.66 -52.59
CA GLN B 627 -15.30 -37.62 -51.49
C GLN B 627 -14.17 -37.41 -50.47
N SER B 628 -13.04 -36.96 -50.98
CA SER B 628 -11.85 -36.73 -50.17
C SER B 628 -10.84 -36.16 -51.14
N ASN B 629 -9.73 -35.68 -50.62
CA ASN B 629 -8.65 -35.37 -51.49
C ASN B 629 -7.93 -36.63 -51.93
N GLN B 630 -7.98 -37.67 -51.09
CA GLN B 630 -7.30 -38.91 -51.44
C GLN B 630 -8.20 -39.84 -52.22
N PHE B 631 -7.84 -40.07 -53.47
CA PHE B 631 -8.48 -41.07 -54.29
C PHE B 631 -7.62 -42.33 -54.29
N ASN B 632 -8.05 -43.34 -55.04
CA ASN B 632 -7.50 -44.68 -54.88
C ASN B 632 -7.16 -45.36 -56.21
N THR B 633 -6.23 -46.30 -56.09
CA THR B 633 -5.73 -47.15 -57.17
C THR B 633 -6.84 -47.84 -57.95
N ALA B 634 -6.68 -47.92 -59.26
CA ALA B 634 -7.59 -48.64 -60.16
C ALA B 634 -9.01 -48.06 -60.25
N SER B 635 -9.26 -46.97 -59.53
CA SER B 635 -10.62 -46.64 -59.11
C SER B 635 -11.21 -45.52 -59.95
N TYR B 636 -11.51 -45.81 -61.20
CA TYR B 636 -11.97 -44.78 -62.15
C TYR B 636 -12.78 -45.47 -63.25
N CYS B 637 -13.86 -44.84 -63.69
CA CYS B 637 -14.66 -45.40 -64.73
C CYS B 637 -15.56 -44.35 -65.34
N ARG B 638 -15.52 -44.28 -66.65
CA ARG B 638 -16.44 -43.46 -67.42
C ARG B 638 -17.48 -44.40 -68.05
N THR B 639 -18.76 -44.18 -67.76
CA THR B 639 -19.79 -45.04 -68.34
C THR B 639 -19.91 -44.71 -69.82
N SER B 640 -20.56 -45.59 -70.58
CA SER B 640 -20.72 -45.38 -72.02
C SER B 640 -21.58 -44.16 -72.37
N VAL B 641 -22.44 -43.72 -71.45
CA VAL B 641 -23.26 -42.52 -71.65
C VAL B 641 -22.52 -41.21 -71.26
N GLY B 642 -21.31 -41.33 -70.70
CA GLY B 642 -20.47 -40.17 -70.37
C GLY B 642 -20.28 -39.82 -68.91
N GLN B 643 -20.97 -40.52 -68.02
CA GLN B 643 -20.91 -40.27 -66.57
C GLN B 643 -19.53 -40.70 -66.06
N MET B 644 -18.95 -39.98 -65.11
CA MET B 644 -17.64 -40.37 -64.56
C MET B 644 -17.77 -40.79 -63.10
N TYR B 645 -16.95 -41.75 -62.68
CA TYR B 645 -16.90 -42.19 -61.29
C TYR B 645 -15.45 -42.24 -60.88
N PHE B 646 -15.13 -41.71 -59.70
CA PHE B 646 -13.79 -41.79 -59.13
C PHE B 646 -13.93 -42.23 -57.69
N GLY B 647 -13.16 -43.25 -57.30
CA GLY B 647 -13.21 -43.80 -55.94
C GLY B 647 -12.01 -43.45 -55.08
N GLY B 648 -12.21 -43.43 -53.77
CA GLY B 648 -11.16 -43.08 -52.87
C GLY B 648 -11.39 -43.73 -51.54
N ILE B 649 -10.96 -43.08 -50.48
CA ILE B 649 -11.01 -43.67 -49.16
C ILE B 649 -12.31 -43.39 -48.43
N ASN B 650 -13.12 -42.48 -48.99
CA ASN B 650 -14.38 -42.08 -48.42
C ASN B 650 -15.49 -42.09 -49.50
N GLY B 651 -15.58 -43.17 -50.25
CA GLY B 651 -16.64 -43.31 -51.23
C GLY B 651 -16.23 -42.97 -52.66
N ILE B 652 -17.25 -42.81 -53.50
CA ILE B 652 -17.07 -42.52 -54.90
C ILE B 652 -17.66 -41.14 -55.20
N THR B 653 -16.99 -40.37 -56.03
CA THR B 653 -17.52 -39.10 -56.47
C THR B 653 -17.91 -39.31 -57.91
N THR B 654 -19.11 -38.89 -58.27
CA THR B 654 -19.61 -39.04 -59.64
C THR B 654 -20.17 -37.73 -60.15
N PHE B 655 -20.03 -37.54 -61.46
CA PHE B 655 -20.45 -36.32 -62.12
C PHE B 655 -20.36 -36.45 -63.64
N ARG B 656 -21.13 -35.61 -64.34
CA ARG B 656 -20.97 -35.44 -65.78
C ARG B 656 -20.25 -34.11 -66.06
N PRO B 657 -19.03 -34.16 -66.61
CA PRO B 657 -18.28 -32.92 -66.90
C PRO B 657 -19.10 -31.88 -67.68
N GLU B 658 -19.89 -32.38 -68.63
CA GLU B 658 -20.71 -31.57 -69.49
C GLU B 658 -21.78 -30.75 -68.75
N LEU B 659 -22.20 -31.20 -67.58
CA LEU B 659 -23.25 -30.50 -66.84
C LEU B 659 -22.71 -29.81 -65.58
N LEU B 660 -21.41 -29.85 -65.37
CA LEU B 660 -20.81 -29.09 -64.30
C LEU B 660 -21.04 -27.59 -64.54
N LEU B 661 -21.29 -26.83 -63.47
CA LEU B 661 -21.43 -25.38 -63.51
C LEU B 661 -20.46 -24.76 -62.51
N ASP B 662 -19.86 -23.63 -62.88
CA ASP B 662 -19.04 -22.84 -61.95
C ASP B 662 -19.88 -21.81 -61.20
N ASN B 663 -19.35 -21.33 -60.08
CA ASN B 663 -19.97 -20.27 -59.32
C ASN B 663 -19.86 -18.97 -60.13
N PRO B 664 -20.99 -18.43 -60.59
CA PRO B 664 -21.01 -17.17 -61.34
C PRO B 664 -20.96 -15.91 -60.45
N TYR B 665 -21.19 -16.07 -59.15
CA TYR B 665 -21.31 -14.90 -58.29
C TYR B 665 -19.96 -14.41 -57.80
N THR B 666 -19.72 -13.12 -58.02
CA THR B 666 -18.53 -12.45 -57.49
C THR B 666 -18.96 -11.18 -56.76
N PRO B 667 -19.38 -11.30 -55.49
CA PRO B 667 -19.80 -10.13 -54.73
C PRO B 667 -18.69 -9.11 -54.45
N PRO B 668 -19.08 -7.89 -54.05
CA PRO B 668 -18.09 -6.89 -53.67
C PRO B 668 -17.57 -7.19 -52.26
N VAL B 669 -16.33 -6.81 -52.01
CA VAL B 669 -15.69 -6.97 -50.72
C VAL B 669 -16.26 -5.88 -49.82
N VAL B 670 -16.60 -6.24 -48.59
CA VAL B 670 -17.03 -5.26 -47.60
C VAL B 670 -15.95 -5.11 -46.53
N ILE B 671 -15.65 -3.88 -46.14
CA ILE B 671 -14.64 -3.62 -45.11
C ILE B 671 -15.30 -3.71 -43.72
N THR B 672 -14.89 -4.66 -42.89
CA THR B 672 -15.63 -4.97 -41.69
C THR B 672 -15.06 -4.40 -40.40
N LYS B 673 -13.76 -4.16 -40.33
CA LYS B 673 -13.13 -3.69 -39.08
C LYS B 673 -11.89 -2.84 -39.35
N LEU B 674 -11.85 -1.63 -38.79
CA LEU B 674 -10.66 -0.78 -38.76
C LEU B 674 -10.10 -0.87 -37.33
N GLN B 675 -8.83 -1.19 -37.20
CA GLN B 675 -8.18 -1.16 -35.90
C GLN B 675 -7.07 -0.11 -35.90
N LEU B 676 -6.83 0.48 -34.73
CA LEU B 676 -5.76 1.48 -34.53
C LEU B 676 -4.99 1.11 -33.27
N PHE B 677 -3.69 0.91 -33.43
CA PHE B 677 -2.85 0.32 -32.39
C PHE B 677 -3.51 -0.92 -31.75
N ASN B 678 -4.04 -1.78 -32.61
CA ASN B 678 -4.72 -3.01 -32.19
C ASN B 678 -6.02 -2.85 -31.35
N LYS B 679 -6.48 -1.61 -31.13
CA LYS B 679 -7.83 -1.38 -30.63
C LYS B 679 -8.78 -1.07 -31.80
N VAL B 680 -9.89 -1.79 -31.88
CA VAL B 680 -10.96 -1.55 -32.85
C VAL B 680 -11.50 -0.15 -32.69
N VAL B 681 -11.61 0.60 -33.79
CA VAL B 681 -12.23 1.92 -33.82
C VAL B 681 -13.69 1.69 -34.06
N ARG B 682 -14.56 2.41 -33.35
CA ARG B 682 -16.01 2.30 -33.53
C ARG B 682 -16.53 3.69 -33.86
N PRO B 683 -17.73 3.77 -34.47
CA PRO B 683 -18.32 5.07 -34.75
C PRO B 683 -18.43 5.95 -33.48
N ASP B 684 -18.07 7.22 -33.64
CA ASP B 684 -18.18 8.25 -32.60
C ASP B 684 -17.37 7.96 -31.34
N ASP B 685 -16.18 7.38 -31.47
CA ASP B 685 -15.30 7.14 -30.32
C ASP B 685 -14.12 8.16 -30.19
N GLU B 686 -13.33 7.95 -29.12
CA GLU B 686 -12.19 8.83 -28.73
C GLU B 686 -11.22 9.20 -29.87
N THR B 687 -11.01 8.28 -30.82
CA THR B 687 -10.10 8.50 -31.96
C THR B 687 -10.56 9.64 -32.89
N GLY B 688 -11.87 9.81 -33.02
CA GLY B 688 -12.44 10.75 -34.00
C GLY B 688 -12.36 10.30 -35.47
N ILE B 689 -11.99 9.05 -35.74
CA ILE B 689 -11.73 8.62 -37.13
C ILE B 689 -13.04 8.37 -37.89
N LEU B 690 -14.02 7.79 -37.20
CA LEU B 690 -15.26 7.29 -37.80
C LEU B 690 -16.51 7.88 -37.16
N THR B 691 -17.32 8.57 -37.96
CA THR B 691 -18.70 8.94 -37.60
C THR B 691 -19.73 7.86 -38.01
N LYS B 692 -19.39 7.05 -39.03
CA LYS B 692 -20.21 5.92 -39.48
C LYS B 692 -19.42 4.61 -39.46
N ASN B 693 -20.11 3.49 -39.36
CA ASN B 693 -19.53 2.14 -39.46
C ASN B 693 -18.50 2.10 -40.58
N ILE B 694 -17.40 1.37 -40.37
CA ILE B 694 -16.37 1.28 -41.39
C ILE B 694 -16.95 0.73 -42.70
N SER B 695 -17.90 -0.20 -42.58
CA SER B 695 -18.65 -0.76 -43.74
C SER B 695 -19.30 0.32 -44.61
N GLU B 696 -19.79 1.38 -43.98
CA GLU B 696 -20.48 2.47 -44.68
C GLU B 696 -19.59 3.64 -45.09
N THR B 697 -18.31 3.63 -44.68
CA THR B 697 -17.45 4.84 -44.78
C THR B 697 -16.69 4.88 -46.09
N LYS B 698 -16.69 6.03 -46.74
CA LYS B 698 -16.00 6.21 -48.02
C LYS B 698 -14.58 6.77 -47.83
N SER B 699 -14.33 7.44 -46.71
CA SER B 699 -13.02 8.06 -46.44
C SER B 699 -12.73 8.18 -44.95
N ILE B 700 -11.51 7.85 -44.53
CA ILE B 700 -11.02 8.21 -43.20
C ILE B 700 -9.84 9.19 -43.26
N THR B 701 -9.65 9.93 -42.17
CA THR B 701 -8.53 10.85 -42.00
C THR B 701 -7.73 10.47 -40.75
N LEU B 702 -6.43 10.19 -40.92
CA LEU B 702 -5.54 9.82 -39.81
C LEU B 702 -4.66 11.00 -39.37
N LYS B 703 -4.74 11.37 -38.10
CA LYS B 703 -3.90 12.44 -37.56
C LYS B 703 -2.48 11.92 -37.31
N SER B 704 -1.55 12.81 -36.99
CA SER B 704 -0.12 12.50 -37.03
C SER B 704 0.33 11.38 -36.09
N TRP B 705 -0.19 11.37 -34.87
CA TRP B 705 0.13 10.29 -33.91
C TRP B 705 -0.61 8.99 -34.19
N GLN B 706 -1.62 9.03 -35.05
CA GLN B 706 -2.43 7.84 -35.40
C GLN B 706 -1.78 7.06 -36.56
N THR B 707 -0.66 6.41 -36.27
CA THR B 707 0.21 5.94 -37.33
C THR B 707 0.13 4.47 -37.61
N ALA B 708 -0.38 3.66 -36.70
CA ALA B 708 -0.38 2.20 -36.91
C ALA B 708 -1.80 1.72 -36.90
N PHE B 709 -2.24 1.10 -38.00
CA PHE B 709 -3.62 0.67 -38.12
C PHE B 709 -3.73 -0.49 -39.05
N SER B 710 -4.86 -1.17 -38.99
CA SER B 710 -5.09 -2.37 -39.78
C SER B 710 -6.51 -2.37 -40.32
N ILE B 711 -6.77 -3.14 -41.37
CA ILE B 711 -8.06 -3.16 -42.06
C ILE B 711 -8.48 -4.60 -42.28
N GLU B 712 -9.63 -4.99 -41.77
CA GLU B 712 -10.17 -6.32 -42.00
C GLU B 712 -11.29 -6.21 -43.01
N PHE B 713 -11.37 -7.19 -43.90
CA PHE B 713 -12.44 -7.23 -44.90
C PHE B 713 -12.99 -8.65 -45.06
N VAL B 714 -14.03 -8.77 -45.87
CA VAL B 714 -14.70 -10.02 -46.08
C VAL B 714 -15.45 -9.97 -47.39
N VAL B 715 -15.75 -11.16 -47.92
CA VAL B 715 -16.66 -11.28 -49.04
C VAL B 715 -17.62 -12.33 -48.60
N SER B 716 -18.88 -12.11 -48.96
CA SER B 716 -19.97 -12.94 -48.51
C SER B 716 -20.46 -13.71 -49.70
N ASN B 717 -19.90 -14.90 -49.88
CA ASN B 717 -20.20 -15.73 -51.05
C ASN B 717 -20.47 -17.13 -50.55
N TYR B 718 -21.74 -17.37 -50.26
CA TYR B 718 -22.09 -18.58 -49.54
C TYR B 718 -21.86 -19.85 -50.37
N ILE B 719 -22.02 -19.79 -51.70
CA ILE B 719 -21.62 -20.92 -52.55
C ILE B 719 -20.15 -21.29 -52.28
N SER B 720 -19.23 -20.33 -52.29
CA SER B 720 -17.79 -20.64 -52.17
C SER B 720 -17.28 -20.75 -50.72
N GLY B 721 -18.14 -20.43 -49.76
CA GLY B 721 -17.75 -20.50 -48.35
C GLY B 721 -16.61 -19.56 -48.03
N GLN B 722 -15.58 -20.08 -47.40
CA GLN B 722 -14.39 -19.32 -47.06
C GLN B 722 -13.23 -19.51 -48.06
N HIS B 723 -13.53 -20.10 -49.20
CA HIS B 723 -12.52 -20.32 -50.21
C HIS B 723 -12.66 -19.24 -51.26
N ASN B 724 -12.07 -18.09 -50.93
CA ASN B 724 -12.02 -16.94 -51.83
C ASN B 724 -10.61 -16.39 -51.86
N THR B 725 -10.28 -15.63 -52.89
CA THR B 725 -8.97 -15.00 -52.98
C THR B 725 -9.19 -13.50 -52.98
N PHE B 726 -8.45 -12.79 -52.14
CA PHE B 726 -8.51 -11.35 -52.08
C PHE B 726 -7.30 -10.80 -52.79
N ALA B 727 -7.50 -9.68 -53.48
CA ALA B 727 -6.40 -8.90 -53.99
C ALA B 727 -6.59 -7.51 -53.39
N TYR B 728 -5.50 -6.88 -52.98
CA TYR B 728 -5.56 -5.52 -52.42
C TYR B 728 -4.33 -4.71 -52.81
N LYS B 729 -4.48 -3.40 -52.74
CA LYS B 729 -3.39 -2.51 -52.96
C LYS B 729 -3.74 -1.17 -52.34
N LEU B 730 -2.82 -0.61 -51.57
CA LEU B 730 -2.98 0.76 -51.12
C LEU B 730 -2.41 1.61 -52.23
N GLU B 731 -3.30 2.14 -53.05
CA GLU B 731 -2.89 2.87 -54.24
C GLU B 731 -2.28 4.17 -53.77
N GLY B 732 -1.05 4.43 -54.23
CA GLY B 732 -0.28 5.59 -53.77
C GLY B 732 0.83 5.25 -52.77
N TYR B 733 0.89 3.99 -52.32
CA TYR B 733 1.93 3.53 -51.38
C TYR B 733 2.48 2.17 -51.78
N ASP B 734 1.59 1.20 -51.99
CA ASP B 734 2.00 -0.17 -52.37
C ASP B 734 2.67 -0.23 -53.74
N LYS B 735 3.70 -1.05 -53.81
CA LYS B 735 4.47 -1.27 -55.04
C LYS B 735 3.60 -1.99 -56.07
N GLU B 736 2.67 -2.84 -55.61
CA GLU B 736 1.84 -3.66 -56.51
C GLU B 736 0.58 -4.20 -55.80
N TRP B 737 -0.15 -5.11 -56.44
CA TRP B 737 -1.30 -5.80 -55.83
C TRP B 737 -0.82 -7.00 -55.10
N TYR B 738 -1.36 -7.24 -53.92
CA TYR B 738 -0.99 -8.41 -53.13
C TYR B 738 -2.18 -9.30 -52.94
N TYR B 739 -1.96 -10.59 -52.75
CA TYR B 739 -3.03 -11.57 -52.61
C TYR B 739 -3.01 -12.31 -51.29
N LEU B 740 -4.21 -12.63 -50.80
CA LEU B 740 -4.40 -13.36 -49.57
C LEU B 740 -5.41 -14.46 -49.81
N THR B 741 -5.18 -15.64 -49.24
CA THR B 741 -6.18 -16.73 -49.27
C THR B 741 -6.53 -17.35 -47.91
N ASP B 742 -5.70 -17.11 -46.89
CA ASP B 742 -5.88 -17.69 -45.57
C ASP B 742 -6.02 -16.59 -44.52
N SER B 743 -5.93 -15.33 -44.92
CA SER B 743 -6.16 -14.24 -43.99
C SER B 743 -6.97 -13.16 -44.71
N ARG B 744 -7.50 -12.20 -43.94
CA ARG B 744 -8.38 -11.16 -44.48
C ARG B 744 -8.05 -9.75 -43.97
N THR B 745 -6.83 -9.55 -43.45
CA THR B 745 -6.44 -8.30 -42.77
C THR B 745 -5.14 -7.79 -43.35
N VAL B 746 -5.00 -6.46 -43.45
CA VAL B 746 -3.73 -5.85 -43.81
C VAL B 746 -3.41 -4.75 -42.83
N SER B 747 -2.13 -4.60 -42.50
CA SER B 747 -1.67 -3.53 -41.63
C SER B 747 -0.79 -2.56 -42.38
N TYR B 748 -0.85 -1.31 -41.98
CA TYR B 748 0.06 -0.31 -42.48
C TYR B 748 0.52 0.52 -41.29
N SER B 749 1.70 1.11 -41.40
CA SER B 749 2.28 1.89 -40.30
C SER B 749 3.24 2.99 -40.81
N ASN B 750 3.20 4.17 -40.19
CA ASN B 750 4.12 5.26 -40.54
C ASN B 750 4.07 5.59 -42.03
N LEU B 751 2.86 5.65 -42.59
CA LEU B 751 2.70 6.10 -43.97
C LEU B 751 3.08 7.59 -44.08
N PRO B 752 3.78 8.01 -45.16
CA PRO B 752 4.02 9.44 -45.40
C PRO B 752 2.73 10.24 -45.51
N GLN B 753 2.81 11.48 -45.06
CA GLN B 753 1.81 12.53 -45.32
C GLN B 753 1.26 12.44 -46.74
N GLY B 754 -0.07 12.40 -46.87
CA GLY B 754 -0.66 12.21 -48.21
C GLY B 754 -2.06 11.61 -48.24
N THR B 755 -2.55 11.40 -49.46
CA THR B 755 -3.90 10.83 -49.67
C THR B 755 -3.79 9.58 -50.49
N TYR B 756 -4.47 8.53 -50.04
CA TYR B 756 -4.35 7.19 -50.66
C TYR B 756 -5.73 6.57 -50.82
N GLN B 757 -5.83 5.60 -51.73
CA GLN B 757 -7.03 4.82 -51.89
C GLN B 757 -6.69 3.36 -51.60
N PHE B 758 -7.26 2.83 -50.54
CA PHE B 758 -7.12 1.42 -50.26
C PHE B 758 -8.12 0.70 -51.17
N LEU B 759 -7.63 -0.15 -52.08
CA LEU B 759 -8.51 -0.88 -53.02
C LEU B 759 -8.45 -2.38 -52.74
N VAL B 760 -9.60 -3.08 -52.75
CA VAL B 760 -9.64 -4.52 -52.48
C VAL B 760 -10.76 -5.22 -53.28
N LYS B 761 -10.43 -6.32 -53.92
CA LYS B 761 -11.41 -7.11 -54.65
C LYS B 761 -11.24 -8.60 -54.32
N ALA B 762 -12.20 -9.41 -54.77
CA ALA B 762 -12.22 -10.82 -54.43
C ALA B 762 -12.57 -11.73 -55.59
N ALA B 763 -11.99 -12.94 -55.58
CA ALA B 763 -12.33 -14.00 -56.51
C ALA B 763 -13.02 -15.17 -55.79
N ASN B 764 -14.01 -15.79 -56.44
CA ASN B 764 -14.66 -16.95 -55.85
C ASN B 764 -13.81 -18.22 -55.95
N SER B 765 -14.25 -19.27 -55.26
CA SER B 765 -13.57 -20.57 -55.26
C SER B 765 -13.22 -21.06 -56.66
N ASP B 766 -14.06 -20.71 -57.64
CA ASP B 766 -13.88 -21.14 -59.03
C ASP B 766 -13.10 -20.11 -59.88
N GLY B 767 -12.40 -19.18 -59.23
CA GLY B 767 -11.47 -18.31 -59.93
C GLY B 767 -12.03 -17.08 -60.63
N LYS B 768 -13.34 -16.85 -60.53
CA LYS B 768 -13.94 -15.68 -61.18
C LYS B 768 -13.82 -14.46 -60.27
N TRP B 769 -13.27 -13.39 -60.82
CA TRP B 769 -13.04 -12.14 -60.11
C TRP B 769 -14.12 -11.13 -60.32
N ASN B 770 -14.55 -10.50 -59.24
CA ASN B 770 -15.22 -9.21 -59.35
C ASN B 770 -14.19 -8.21 -59.87
N PRO B 771 -14.49 -7.50 -60.95
CA PRO B 771 -13.50 -6.54 -61.46
C PRO B 771 -13.53 -5.15 -60.79
N ILE B 772 -14.60 -4.81 -60.10
CA ILE B 772 -14.74 -3.48 -59.49
C ILE B 772 -14.40 -3.59 -58.02
N PRO B 773 -13.22 -3.06 -57.64
CA PRO B 773 -12.77 -3.17 -56.26
C PRO B 773 -13.51 -2.21 -55.39
N THR B 774 -13.54 -2.51 -54.09
CA THR B 774 -14.08 -1.62 -53.08
C THR B 774 -13.00 -0.60 -52.62
N ALA B 775 -13.34 0.68 -52.53
CA ALA B 775 -12.36 1.76 -52.24
C ALA B 775 -12.62 2.40 -50.88
N LEU B 776 -11.55 2.63 -50.13
CA LEU B 776 -11.61 3.42 -48.91
C LEU B 776 -10.52 4.46 -49.06
N GLU B 777 -10.86 5.73 -48.93
CA GLU B 777 -9.85 6.78 -49.01
C GLU B 777 -9.24 6.95 -47.64
N ILE B 778 -7.91 7.10 -47.60
CA ILE B 778 -7.17 7.36 -46.37
C ILE B 778 -6.34 8.60 -46.57
N ILE B 779 -6.63 9.64 -45.77
CA ILE B 779 -5.84 10.86 -45.74
C ILE B 779 -4.96 10.86 -44.49
N VAL B 780 -3.64 10.86 -44.73
CA VAL B 780 -2.67 10.88 -43.66
C VAL B 780 -2.15 12.29 -43.50
N LEU B 781 -2.42 12.87 -42.33
CA LEU B 781 -2.09 14.28 -42.07
C LEU B 781 -0.62 14.44 -41.66
N PRO B 782 -0.08 15.65 -41.83
CA PRO B 782 1.29 15.92 -41.41
C PRO B 782 1.41 16.28 -39.92
N ILE B 783 2.63 16.55 -39.47
CA ILE B 783 2.96 16.93 -38.07
C ILE B 783 2.99 18.45 -37.92
N GLN C 28 -16.81 34.79 26.01
CA GLN C 28 -17.91 34.98 27.00
C GLN C 28 -18.66 33.66 27.24
N ILE C 29 -18.02 32.53 26.92
CA ILE C 29 -18.62 31.22 27.14
C ILE C 29 -17.79 30.43 28.12
N THR C 30 -18.38 30.10 29.25
CA THR C 30 -17.72 29.33 30.28
C THR C 30 -18.65 28.21 30.73
N PHE C 31 -18.05 27.12 31.21
CA PHE C 31 -18.78 25.90 31.43
C PHE C 31 -18.72 25.50 32.88
N SER C 32 -19.76 24.85 33.35
CA SER C 32 -19.65 24.09 34.58
C SER C 32 -19.54 22.62 34.22
N TYR C 33 -18.93 21.83 35.12
CA TYR C 33 -18.53 20.44 34.87
C TYR C 33 -19.43 19.41 35.54
N ILE C 34 -19.78 18.38 34.79
CA ILE C 34 -20.45 17.22 35.35
C ILE C 34 -19.76 15.94 34.86
N SER C 35 -18.98 15.29 35.72
CA SER C 35 -18.23 14.10 35.33
C SER C 35 -18.17 13.05 36.45
N ILE C 36 -17.10 12.27 36.48
CA ILE C 36 -16.92 11.16 37.41
C ILE C 36 -17.14 11.53 38.87
N ASN C 37 -16.58 12.66 39.30
CA ASN C 37 -16.79 13.12 40.67
C ASN C 37 -18.27 13.34 40.99
N GLU C 38 -19.04 13.84 40.03
CA GLU C 38 -20.47 14.07 40.21
C GLU C 38 -21.31 12.81 40.02
N GLY C 39 -20.70 11.72 39.54
CA GLY C 39 -21.38 10.43 39.49
C GLY C 39 -21.55 9.81 38.13
N LEU C 40 -21.09 10.50 37.08
CA LEU C 40 -21.11 9.93 35.71
C LEU C 40 -20.36 8.60 35.76
N SER C 41 -20.90 7.56 35.15
CA SER C 41 -20.30 6.24 35.28
C SER C 41 -18.93 6.14 34.60
N GLN C 42 -18.73 6.88 33.51
CA GLN C 42 -17.48 6.81 32.75
C GLN C 42 -17.32 8.12 31.93
N SER C 43 -16.09 8.50 31.60
CA SER C 43 -15.82 9.88 31.18
C SER C 43 -16.08 10.18 29.71
N THR C 44 -16.48 9.20 28.91
CA THR C 44 -16.69 9.42 27.49
C THR C 44 -18.16 9.43 27.21
N VAL C 45 -18.68 10.55 26.72
CA VAL C 45 -20.09 10.62 26.40
C VAL C 45 -20.27 10.68 24.89
N PHE C 46 -20.68 9.56 24.30
CA PHE C 46 -20.82 9.43 22.84
C PHE C 46 -22.09 10.09 22.31
N SER C 47 -23.08 10.32 23.18
CA SER C 47 -24.40 10.71 22.74
C SER C 47 -25.30 11.18 23.89
N ILE C 48 -26.06 12.24 23.65
CA ILE C 48 -26.83 12.92 24.67
C ILE C 48 -28.27 13.15 24.21
N ASP C 49 -29.24 12.93 25.09
CA ASP C 49 -30.66 13.26 24.79
C ASP C 49 -31.39 13.54 26.09
N GLN C 50 -32.69 13.83 25.99
CA GLN C 50 -33.50 14.24 27.15
C GLN C 50 -34.87 13.61 27.04
N ASP C 51 -35.46 13.23 28.16
CA ASP C 51 -36.80 12.62 28.13
C ASP C 51 -37.85 13.61 28.60
N LYS C 52 -39.12 13.20 28.51
CA LYS C 52 -40.26 14.08 28.87
C LYS C 52 -40.35 14.44 30.37
N ARG C 53 -39.68 13.73 31.26
CA ARG C 53 -39.58 14.14 32.66
C ARG C 53 -38.41 15.08 32.96
N GLY C 54 -37.68 15.53 31.93
CA GLY C 54 -36.54 16.43 32.11
C GLY C 54 -35.19 15.80 32.45
N ASN C 55 -35.17 14.47 32.67
CA ASN C 55 -33.90 13.76 32.84
C ASN C 55 -33.06 13.82 31.59
N MET C 56 -31.74 13.96 31.79
CA MET C 56 -30.77 13.82 30.71
C MET C 56 -30.30 12.38 30.69
N TRP C 57 -30.06 11.90 29.48
CA TRP C 57 -29.56 10.57 29.22
C TRP C 57 -28.26 10.61 28.51
N PHE C 58 -27.26 9.93 29.08
CA PHE C 58 -25.91 9.86 28.51
C PHE C 58 -25.44 8.43 28.19
N ALA C 59 -25.15 8.19 26.91
CA ALA C 59 -24.49 6.98 26.46
C ALA C 59 -22.98 7.06 26.66
N THR C 60 -22.45 6.27 27.61
CA THR C 60 -21.02 6.17 27.82
C THR C 60 -20.51 4.78 27.46
N TYR C 61 -19.19 4.63 27.54
CA TYR C 61 -18.55 3.35 27.26
C TYR C 61 -18.69 2.32 28.41
N ASP C 62 -19.20 2.72 29.58
CA ASP C 62 -19.49 1.79 30.71
C ASP C 62 -20.75 2.19 31.46
N GLY C 63 -21.88 2.06 30.79
CA GLY C 63 -23.17 2.26 31.40
C GLY C 63 -23.96 3.34 30.69
N VAL C 64 -25.28 3.24 30.79
CA VAL C 64 -26.16 4.30 30.39
C VAL C 64 -26.53 5.05 31.66
N ASN C 65 -26.35 6.38 31.62
CA ASN C 65 -26.56 7.25 32.75
C ASN C 65 -27.83 8.09 32.58
N LYS C 66 -28.62 8.16 33.65
CA LYS C 66 -29.80 9.03 33.70
C LYS C 66 -29.51 10.07 34.74
N TYR C 67 -29.53 11.34 34.34
CA TYR C 67 -29.17 12.41 35.26
C TYR C 67 -30.37 13.33 35.44
N ASP C 68 -30.68 13.69 36.69
CA ASP C 68 -31.87 14.52 36.97
C ASP C 68 -31.53 15.92 37.51
N GLY C 69 -30.25 16.27 37.50
CA GLY C 69 -29.77 17.51 38.10
C GLY C 69 -29.21 17.35 39.49
N TYR C 70 -29.68 16.35 40.22
CA TYR C 70 -29.17 16.08 41.56
C TYR C 70 -28.36 14.79 41.65
N ALA C 71 -28.71 13.77 40.86
CA ALA C 71 -28.11 12.43 41.03
C ALA C 71 -28.13 11.62 39.74
N PHE C 72 -27.23 10.63 39.70
CA PHE C 72 -27.10 9.74 38.57
C PHE C 72 -27.69 8.39 38.89
N THR C 73 -28.51 7.88 37.98
CA THR C 73 -28.88 6.49 37.96
C THR C 73 -28.11 5.84 36.81
N VAL C 74 -27.16 4.99 37.20
CA VAL C 74 -26.29 4.34 36.27
C VAL C 74 -26.86 2.96 36.03
N TYR C 75 -27.24 2.70 34.78
CA TYR C 75 -27.79 1.42 34.34
C TYR C 75 -26.70 0.56 33.67
N GLN C 76 -26.43 -0.61 34.27
CA GLN C 76 -25.35 -1.48 33.84
C GLN C 76 -25.87 -2.89 33.61
N HIS C 77 -25.06 -3.69 32.94
CA HIS C 77 -25.46 -5.03 32.58
C HIS C 77 -25.34 -5.96 33.77
N ASN C 78 -26.32 -6.82 33.94
CA ASN C 78 -26.20 -7.89 34.93
C ASN C 78 -26.49 -9.27 34.30
N GLU C 79 -25.47 -10.14 34.32
CA GLU C 79 -25.58 -11.55 33.85
C GLU C 79 -26.90 -12.23 34.28
N ASP C 80 -27.31 -12.01 35.53
CA ASP C 80 -28.50 -12.67 36.10
C ASP C 80 -29.83 -11.97 35.81
N ASP C 81 -29.84 -10.66 35.56
CA ASP C 81 -31.09 -9.94 35.30
C ASP C 81 -31.22 -9.65 33.81
N PRO C 82 -32.14 -10.35 33.12
CA PRO C 82 -32.30 -10.12 31.68
C PRO C 82 -32.96 -8.77 31.37
N ASN C 83 -33.50 -8.12 32.41
CA ASN C 83 -34.11 -6.80 32.30
C ASN C 83 -33.10 -5.66 32.45
N SER C 84 -31.87 -6.00 32.80
CA SER C 84 -30.77 -5.06 32.81
C SER C 84 -30.38 -4.75 31.36
N ILE C 85 -29.79 -3.60 31.13
CA ILE C 85 -29.37 -3.26 29.79
C ILE C 85 -28.46 -4.35 29.26
N ALA C 86 -28.53 -4.57 27.95
CA ALA C 86 -27.87 -5.67 27.25
C ALA C 86 -26.34 -5.67 27.40
N ASN C 87 -25.72 -4.49 27.42
CA ASN C 87 -24.26 -4.38 27.46
C ASN C 87 -23.87 -2.99 27.99
N ASP C 88 -22.72 -2.90 28.64
CA ASP C 88 -22.29 -1.62 29.20
C ASP C 88 -21.77 -0.67 28.13
N ILE C 89 -21.27 -1.19 27.02
CA ILE C 89 -20.80 -0.31 25.94
C ILE C 89 -22.03 0.21 25.20
N SER C 90 -22.34 1.48 25.40
CA SER C 90 -23.50 2.09 24.78
C SER C 90 -22.98 3.08 23.79
N ARG C 91 -23.71 3.29 22.71
CA ARG C 91 -23.23 4.17 21.62
C ARG C 91 -24.13 5.36 21.38
N ILE C 92 -25.44 5.17 21.51
CA ILE C 92 -26.37 6.17 21.06
C ILE C 92 -27.57 6.15 22.00
N VAL C 93 -28.16 7.30 22.23
CA VAL C 93 -29.38 7.35 23.00
C VAL C 93 -30.30 8.30 22.28
N LYS C 94 -31.56 7.90 22.12
CA LYS C 94 -32.50 8.63 21.27
C LYS C 94 -33.93 8.57 21.78
N THR C 95 -34.46 9.74 22.13
CA THR C 95 -35.84 9.86 22.55
C THR C 95 -36.67 10.04 21.29
N ASP C 96 -37.80 9.35 21.20
CA ASP C 96 -38.67 9.50 20.03
C ASP C 96 -39.72 10.59 20.28
N SER C 97 -40.57 10.81 19.28
CA SER C 97 -41.63 11.80 19.33
C SER C 97 -42.64 11.59 20.45
N GLN C 98 -42.72 10.37 20.99
CA GLN C 98 -43.61 10.08 22.13
C GLN C 98 -42.85 9.98 23.45
N GLY C 99 -41.56 10.32 23.47
CA GLY C 99 -40.81 10.37 24.72
C GLY C 99 -40.26 9.03 25.23
N ARG C 100 -40.41 7.98 24.44
CA ARG C 100 -39.80 6.72 24.78
C ARG C 100 -38.31 6.82 24.44
N VAL C 101 -37.48 6.32 25.34
CA VAL C 101 -36.04 6.42 25.23
C VAL C 101 -35.42 5.11 24.75
N TRP C 102 -34.62 5.20 23.69
CA TRP C 102 -34.02 4.05 23.02
C TRP C 102 -32.54 4.11 23.12
N ILE C 103 -31.88 2.98 23.30
CA ILE C 103 -30.43 3.00 23.38
C ILE C 103 -29.81 2.03 22.37
N GLY C 104 -28.80 2.49 21.65
CA GLY C 104 -27.98 1.61 20.83
C GLY C 104 -26.75 1.15 21.60
N THR C 105 -26.62 -0.16 21.80
CA THR C 105 -25.46 -0.75 22.49
C THR C 105 -24.64 -1.68 21.59
N ARG C 106 -23.50 -2.11 22.12
CA ARG C 106 -22.66 -3.12 21.45
C ARG C 106 -23.40 -4.41 21.05
N ASP C 107 -24.47 -4.75 21.78
CA ASP C 107 -25.22 -5.99 21.56
C ASP C 107 -26.62 -5.78 21.01
N GLY C 108 -26.99 -4.53 20.74
CA GLY C 108 -28.22 -4.27 20.01
C GLY C 108 -28.97 -3.00 20.32
N LEU C 109 -30.28 -3.11 20.32
CA LEU C 109 -31.19 -2.02 20.62
C LEU C 109 -31.88 -2.36 21.92
N SER C 110 -31.96 -1.36 22.79
CA SER C 110 -32.67 -1.46 24.03
C SER C 110 -33.67 -0.29 24.18
N ARG C 111 -34.75 -0.57 24.89
CA ARG C 111 -35.80 0.38 25.18
C ARG C 111 -35.85 0.55 26.67
N TYR C 112 -35.88 1.77 27.16
CA TYR C 112 -36.09 1.99 28.58
C TYR C 112 -37.58 1.95 28.87
N ASP C 113 -37.99 0.94 29.65
CA ASP C 113 -39.37 0.82 30.10
C ASP C 113 -39.53 1.65 31.36
N GLU C 114 -40.05 2.86 31.17
CA GLU C 114 -40.25 3.81 32.25
C GLU C 114 -41.32 3.35 33.22
N GLU C 115 -42.34 2.67 32.69
CA GLU C 115 -43.41 2.14 33.54
C GLU C 115 -42.90 1.20 34.62
N LYS C 116 -41.94 0.33 34.26
CA LYS C 116 -41.42 -0.68 35.18
C LYS C 116 -39.96 -0.41 35.56
N ASP C 117 -39.39 0.70 35.11
CA ASP C 117 -37.98 1.02 35.38
C ASP C 117 -37.03 -0.17 35.10
N ILE C 118 -37.22 -0.77 33.93
CA ILE C 118 -36.31 -1.79 33.40
C ILE C 118 -36.05 -1.56 31.90
N PHE C 119 -35.21 -2.42 31.33
CA PHE C 119 -34.97 -2.40 29.90
C PHE C 119 -35.49 -3.63 29.18
N GLN C 120 -35.86 -3.43 27.92
CA GLN C 120 -36.17 -4.52 27.03
C GLN C 120 -35.09 -4.50 25.98
N ASN C 121 -34.39 -5.61 25.84
CA ASN C 121 -33.28 -5.71 24.92
C ASN C 121 -33.70 -6.46 23.66
N PHE C 122 -33.35 -5.92 22.50
CA PHE C 122 -33.61 -6.60 21.24
C PHE C 122 -32.29 -6.85 20.52
N PHE C 123 -32.31 -7.88 19.66
CA PHE C 123 -31.10 -8.45 19.05
C PHE C 123 -31.29 -8.81 17.57
N TYR C 124 -30.33 -8.38 16.76
CA TYR C 124 -30.25 -8.76 15.37
C TYR C 124 -28.97 -9.60 15.17
N GLU C 125 -29.17 -10.88 14.87
CA GLU C 125 -28.08 -11.82 14.59
C GLU C 125 -27.72 -11.83 13.11
N LYS C 126 -26.45 -11.59 12.81
CA LYS C 126 -25.86 -11.85 11.51
C LYS C 126 -24.65 -12.77 11.71
N ASN C 127 -24.61 -13.86 10.94
CA ASN C 127 -23.49 -14.80 10.95
C ASN C 127 -22.94 -15.04 12.36
N GLY C 128 -23.83 -15.47 13.26
CA GLY C 128 -23.43 -15.90 14.60
C GLY C 128 -23.28 -14.82 15.67
N LYS C 129 -22.98 -13.59 15.27
CA LYS C 129 -22.74 -12.49 16.20
C LYS C 129 -23.96 -11.53 16.27
N HIS C 130 -24.14 -10.91 17.44
CA HIS C 130 -25.14 -9.84 17.65
C HIS C 130 -24.58 -8.55 17.14
N LEU C 131 -25.35 -7.79 16.36
CA LEU C 131 -24.83 -6.56 15.78
C LEU C 131 -25.08 -5.31 16.65
N GLN C 132 -24.06 -4.47 16.69
CA GLN C 132 -24.10 -3.19 17.39
C GLN C 132 -24.93 -2.16 16.62
N VAL C 133 -25.73 -1.39 17.36
CA VAL C 133 -26.54 -0.32 16.81
C VAL C 133 -25.80 0.99 17.00
N ASN C 134 -25.46 1.65 15.88
CA ASN C 134 -24.70 2.92 15.90
C ASN C 134 -25.55 4.18 15.81
N GLY C 135 -26.78 4.02 15.32
CA GLY C 135 -27.65 5.16 14.99
C GLY C 135 -29.12 4.80 15.03
N ILE C 136 -29.92 5.72 15.53
CA ILE C 136 -31.34 5.53 15.72
C ILE C 136 -32.01 6.84 15.29
N GLU C 137 -32.93 6.74 14.34
CA GLU C 137 -33.75 7.85 13.96
C GLU C 137 -35.17 7.32 13.70
N GLU C 138 -36.15 8.21 13.79
CA GLU C 138 -37.55 7.83 13.72
C GLU C 138 -38.05 7.96 12.28
N ILE C 139 -38.64 6.90 11.74
CA ILE C 139 -39.26 6.94 10.41
C ILE C 139 -40.72 7.38 10.53
N SER C 140 -41.38 6.85 11.57
CA SER C 140 -42.75 7.13 11.90
C SER C 140 -42.91 6.82 13.38
N PRO C 141 -44.03 7.22 14.00
CA PRO C 141 -44.18 7.02 15.45
C PRO C 141 -43.90 5.60 15.94
N GLU C 142 -44.24 4.58 15.15
CA GLU C 142 -43.99 3.19 15.54
C GLU C 142 -42.91 2.48 14.69
N GLN C 143 -42.06 3.25 14.02
CA GLN C 143 -40.98 2.69 13.20
C GLN C 143 -39.63 3.43 13.31
N LEU C 144 -38.58 2.68 13.66
CA LEU C 144 -37.22 3.22 13.76
C LEU C 144 -36.29 2.75 12.64
N LEU C 145 -35.52 3.70 12.13
CA LEU C 145 -34.39 3.39 11.25
C LEU C 145 -33.20 3.14 12.16
N ILE C 146 -32.56 1.98 11.99
CA ILE C 146 -31.48 1.49 12.84
C ILE C 146 -30.27 1.28 11.94
N SER C 147 -29.13 1.86 12.29
CA SER C 147 -27.92 1.61 11.53
C SER C 147 -26.99 0.66 12.28
N THR C 148 -26.47 -0.34 11.58
CA THR C 148 -25.49 -1.24 12.16
C THR C 148 -24.20 -1.15 11.37
N PRO C 149 -23.13 -1.77 11.88
CA PRO C 149 -21.89 -1.76 11.10
C PRO C 149 -21.99 -2.50 9.74
N GLU C 150 -22.97 -3.38 9.59
CA GLU C 150 -23.14 -4.12 8.35
C GLU C 150 -24.42 -3.76 7.58
N GLY C 151 -24.93 -2.55 7.75
CA GLY C 151 -26.11 -2.11 6.98
C GLY C 151 -27.20 -1.43 7.80
N LEU C 152 -28.21 -0.95 7.08
CA LEU C 152 -29.38 -0.31 7.67
C LEU C 152 -30.57 -1.27 7.71
N ILE C 153 -31.33 -1.21 8.80
CA ILE C 153 -32.56 -2.01 8.99
C ILE C 153 -33.63 -1.13 9.67
N MET C 154 -34.82 -1.69 9.86
CA MET C 154 -35.94 -0.99 10.53
C MET C 154 -36.33 -1.76 11.80
N PHE C 155 -36.78 -1.05 12.83
CA PHE C 155 -37.39 -1.72 14.00
C PHE C 155 -38.87 -1.37 14.12
N ASP C 156 -39.71 -2.39 14.08
CA ASP C 156 -41.16 -2.23 14.20
C ASP C 156 -41.50 -2.20 15.66
N ILE C 157 -41.93 -1.04 16.14
CA ILE C 157 -42.10 -0.85 17.57
C ILE C 157 -43.29 -1.64 18.10
N LYS C 158 -44.37 -1.72 17.32
CA LYS C 158 -45.55 -2.50 17.70
C LYS C 158 -45.16 -3.97 17.90
N GLU C 159 -44.48 -4.53 16.90
CA GLU C 159 -44.15 -5.96 16.87
C GLU C 159 -42.88 -6.34 17.59
N SER C 160 -42.12 -5.35 18.07
CA SER C 160 -40.82 -5.60 18.75
C SER C 160 -39.82 -6.40 17.90
N LYS C 161 -39.92 -6.26 16.57
CA LYS C 161 -39.14 -7.07 15.62
C LYS C 161 -38.31 -6.16 14.71
N PHE C 162 -37.14 -6.64 14.30
CA PHE C 162 -36.33 -5.95 13.32
C PHE C 162 -36.80 -6.36 11.94
N ILE C 163 -36.83 -5.42 11.00
CA ILE C 163 -37.19 -5.77 9.62
C ILE C 163 -36.03 -5.47 8.66
N ASP C 164 -35.59 -6.50 7.93
CA ASP C 164 -34.42 -6.36 7.01
C ASP C 164 -34.77 -6.32 5.51
N ASP C 165 -36.07 -6.28 5.18
CA ASP C 165 -36.52 -6.39 3.81
C ASP C 165 -37.56 -5.34 3.43
N SER C 166 -37.38 -4.12 3.91
CA SER C 166 -38.28 -3.02 3.63
C SER C 166 -37.56 -1.86 2.95
N PHE C 167 -36.31 -2.08 2.56
CA PHE C 167 -35.52 -1.05 1.89
C PHE C 167 -34.99 -1.61 0.60
N SER C 168 -34.45 -0.72 -0.22
CA SER C 168 -33.76 -1.12 -1.44
C SER C 168 -32.43 -1.78 -1.09
N THR C 169 -31.85 -2.51 -2.05
CA THR C 169 -30.53 -3.11 -1.86
C THR C 169 -29.46 -2.07 -1.56
N ALA C 170 -29.50 -0.96 -2.28
CA ALA C 170 -28.57 0.14 -2.07
C ALA C 170 -28.61 0.64 -0.64
N MET C 171 -29.83 0.86 -0.13
CA MET C 171 -30.03 1.41 1.22
C MET C 171 -29.71 0.40 2.30
N HIS C 172 -30.23 -0.81 2.14
CA HIS C 172 -29.98 -1.90 3.07
C HIS C 172 -28.50 -2.17 3.27
N LYS C 173 -27.70 -2.07 2.21
CA LYS C 173 -26.26 -2.39 2.25
C LYS C 173 -25.40 -1.27 2.82
N THR C 174 -25.98 -0.08 3.02
CA THR C 174 -25.23 1.14 3.42
C THR C 174 -24.74 1.14 4.87
N ILE C 175 -23.46 1.47 5.04
CA ILE C 175 -22.83 1.58 6.34
C ILE C 175 -22.91 3.05 6.73
N ALA C 176 -23.83 3.37 7.63
CA ALA C 176 -24.13 4.73 8.04
C ALA C 176 -23.29 5.15 9.21
N SER C 177 -22.62 6.30 9.07
CA SER C 177 -21.88 6.93 10.16
C SER C 177 -22.73 7.90 10.99
N THR C 178 -23.80 8.42 10.41
CA THR C 178 -24.70 9.30 11.15
C THR C 178 -26.09 9.36 10.49
N LEU C 179 -27.13 9.58 11.31
CA LEU C 179 -28.55 9.69 10.83
C LEU C 179 -29.18 10.98 11.38
N TYR C 180 -29.95 11.66 10.55
CA TYR C 180 -30.50 12.95 10.95
C TYR C 180 -31.83 13.21 10.26
N ARG C 181 -32.88 13.37 11.07
CA ARG C 181 -34.18 13.68 10.50
C ARG C 181 -34.48 15.19 10.47
N GLN C 182 -35.15 15.58 9.38
CA GLN C 182 -35.64 16.93 9.15
C GLN C 182 -36.87 16.91 8.24
N GLY C 183 -38.05 16.93 8.85
CA GLY C 183 -39.31 16.89 8.11
C GLY C 183 -39.54 15.51 7.50
N ASP C 184 -39.83 15.48 6.19
CA ASP C 184 -40.11 14.22 5.48
C ASP C 184 -38.82 13.46 5.15
N GLN C 185 -37.66 14.06 5.44
CA GLN C 185 -36.38 13.47 5.02
C GLN C 185 -35.53 13.04 6.20
N ILE C 186 -34.88 11.90 6.03
CA ILE C 186 -33.83 11.48 6.93
C ILE C 186 -32.54 11.51 6.15
N TYR C 187 -31.63 12.39 6.57
CA TYR C 187 -30.32 12.46 5.97
C TYR C 187 -29.46 11.33 6.56
N ILE C 188 -28.71 10.66 5.68
CA ILE C 188 -27.87 9.53 6.01
C ILE C 188 -26.44 9.77 5.54
N GLY C 189 -25.56 10.07 6.50
CA GLY C 189 -24.13 10.11 6.24
C GLY C 189 -23.48 8.74 6.22
N THR C 190 -22.58 8.53 5.25
CA THR C 190 -21.82 7.31 5.12
C THR C 190 -20.35 7.57 5.36
N SER C 191 -19.58 6.48 5.50
CA SER C 191 -18.14 6.53 5.74
C SER C 191 -17.32 6.90 4.49
N THR C 192 -17.63 6.28 3.35
CA THR C 192 -16.86 6.54 2.15
C THR C 192 -17.66 7.13 0.97
N ASP C 193 -18.99 7.16 1.09
CA ASP C 193 -19.86 7.42 -0.07
C ASP C 193 -20.74 8.69 0.03
N GLY C 194 -20.29 9.71 0.76
CA GLY C 194 -21.00 10.98 0.81
C GLY C 194 -22.34 10.92 1.55
N LEU C 195 -23.22 11.86 1.21
CA LEU C 195 -24.51 12.07 1.89
C LEU C 195 -25.69 11.60 1.02
N TYR C 196 -26.58 10.81 1.62
CA TYR C 196 -27.83 10.37 0.98
C TYR C 196 -29.02 10.98 1.71
N THR C 197 -30.19 10.94 1.07
CA THR C 197 -31.44 11.37 1.69
C THR C 197 -32.49 10.31 1.41
N TYR C 198 -33.24 9.97 2.44
CA TYR C 198 -34.35 9.03 2.34
C TYR C 198 -35.60 9.82 2.69
N SER C 199 -36.52 9.90 1.73
CA SER C 199 -37.82 10.50 1.96
C SER C 199 -38.72 9.45 2.61
N ILE C 200 -39.34 9.82 3.72
CA ILE C 200 -40.21 8.91 4.47
C ILE C 200 -41.46 8.56 3.64
N THR C 201 -42.16 9.57 3.14
CA THR C 201 -43.40 9.38 2.36
C THR C 201 -43.18 8.80 0.97
N GLN C 202 -42.20 9.32 0.23
CA GLN C 202 -41.92 8.86 -1.14
C GLN C 202 -41.07 7.58 -1.24
N LYS C 203 -40.39 7.23 -0.15
CA LYS C 203 -39.53 6.03 -0.06
C LYS C 203 -38.35 5.97 -1.08
N THR C 204 -37.90 7.14 -1.53
CA THR C 204 -36.75 7.22 -2.43
C THR C 204 -35.46 7.44 -1.64
N PHE C 205 -34.37 6.91 -2.19
CA PHE C 205 -33.05 6.95 -1.58
C PHE C 205 -32.10 7.55 -2.63
N GLU C 206 -31.74 8.82 -2.47
CA GLU C 206 -30.98 9.55 -3.47
C GLU C 206 -29.74 10.20 -2.84
N LYS C 207 -28.62 10.24 -3.58
CA LYS C 207 -27.42 10.96 -3.14
C LYS C 207 -27.70 12.45 -3.23
N VAL C 208 -27.42 13.21 -2.18
CA VAL C 208 -27.65 14.65 -2.20
C VAL C 208 -26.64 15.33 -3.13
N ILE C 209 -25.37 15.40 -2.72
CA ILE C 209 -24.29 15.80 -3.66
C ILE C 209 -22.96 15.23 -3.19
N PRO C 210 -22.01 15.02 -4.13
CA PRO C 210 -20.65 14.60 -3.74
C PRO C 210 -20.07 15.50 -2.66
N ILE C 211 -19.41 14.90 -1.67
CA ILE C 211 -18.72 15.65 -0.61
C ILE C 211 -17.24 15.29 -0.64
N THR C 214 -15.49 12.26 -0.12
CA THR C 214 -14.21 11.77 0.40
C THR C 214 -14.42 11.11 1.77
N LYS C 215 -14.28 11.90 2.84
CA LYS C 215 -14.14 11.37 4.19
C LYS C 215 -15.48 11.07 4.87
N GLN C 216 -15.42 10.41 6.03
CA GLN C 216 -16.60 9.96 6.75
C GLN C 216 -17.42 11.14 7.25
N ILE C 217 -18.74 11.04 7.11
CA ILE C 217 -19.64 12.08 7.60
C ILE C 217 -20.02 11.76 9.03
N GLN C 218 -19.78 12.72 9.92
CA GLN C 218 -19.89 12.51 11.34
C GLN C 218 -21.13 13.15 11.96
N ALA C 219 -21.61 14.23 11.36
CA ALA C 219 -22.76 14.97 11.88
C ALA C 219 -23.42 15.73 10.72
N ILE C 220 -24.75 15.88 10.80
CA ILE C 220 -25.53 16.66 9.86
C ILE C 220 -26.53 17.50 10.63
N LEU C 221 -26.78 18.72 10.19
CA LEU C 221 -27.88 19.49 10.75
C LEU C 221 -28.29 20.63 9.85
N GLN C 222 -29.60 20.83 9.76
CA GLN C 222 -30.19 21.86 8.90
C GLN C 222 -30.50 23.09 9.74
N GLN C 223 -29.92 24.23 9.39
CA GLN C 223 -30.16 25.49 10.12
C GLN C 223 -31.38 26.21 9.56
N SER C 224 -31.60 26.02 8.27
CA SER C 224 -32.65 26.72 7.54
C SER C 224 -32.88 25.96 6.23
N PRO C 225 -33.98 26.25 5.54
CA PRO C 225 -34.22 25.48 4.32
C PRO C 225 -33.20 25.77 3.20
N THR C 226 -32.31 26.73 3.44
CA THR C 226 -31.23 27.01 2.50
C THR C 226 -29.85 26.64 3.07
N ARG C 227 -29.80 25.93 4.19
CA ARG C 227 -28.51 25.61 4.84
C ARG C 227 -28.44 24.33 5.62
N ILE C 228 -27.83 23.32 5.00
CA ILE C 228 -27.51 22.09 5.70
C ILE C 228 -26.01 22.07 5.96
N TRP C 229 -25.65 21.87 7.22
CA TRP C 229 -24.26 21.74 7.61
C TRP C 229 -23.88 20.29 7.76
N VAL C 230 -22.72 19.94 7.21
CA VAL C 230 -22.21 18.57 7.22
C VAL C 230 -20.79 18.55 7.77
N ALA C 231 -20.56 17.77 8.81
CA ALA C 231 -19.24 17.66 9.46
C ALA C 231 -18.52 16.40 8.97
N THR C 232 -17.21 16.47 8.76
CA THR C 232 -16.47 15.28 8.31
C THR C 232 -15.24 14.94 9.16
N GLU C 233 -14.83 13.68 9.05
CA GLU C 233 -13.65 13.13 9.71
C GLU C 233 -12.42 13.40 8.86
N GLY C 234 -12.00 14.67 8.83
CA GLY C 234 -10.76 15.08 8.21
C GLY C 234 -10.86 15.95 6.99
N ALA C 235 -12.08 16.21 6.50
CA ALA C 235 -12.29 17.08 5.33
C ALA C 235 -12.99 18.41 5.72
N GLY C 236 -13.02 18.73 6.99
CA GLY C 236 -13.63 19.97 7.43
C GLY C 236 -15.15 19.97 7.39
N LEU C 237 -15.72 21.18 7.38
CA LEU C 237 -17.15 21.41 7.49
C LEU C 237 -17.69 21.88 6.14
N PHE C 238 -18.92 21.47 5.84
CA PHE C 238 -19.56 21.84 4.60
C PHE C 238 -20.92 22.50 4.89
N LEU C 239 -21.21 23.55 4.11
CA LEU C 239 -22.51 24.20 4.08
C LEU C 239 -23.10 23.97 2.73
N ILE C 240 -24.22 23.26 2.68
CA ILE C 240 -24.92 22.99 1.43
C ILE C 240 -26.20 23.80 1.37
N ASN C 241 -26.52 24.34 0.19
CA ASN C 241 -27.83 24.94 -0.08
C ASN C 241 -28.62 23.98 -0.99
N PRO C 242 -29.58 23.22 -0.42
CA PRO C 242 -30.28 22.18 -1.20
C PRO C 242 -31.20 22.75 -2.29
N LYS C 243 -31.60 24.01 -2.12
CA LYS C 243 -32.41 24.72 -3.12
C LYS C 243 -31.61 24.87 -4.42
N THR C 244 -30.50 25.61 -4.35
CA THR C 244 -29.62 25.80 -5.50
C THR C 244 -28.66 24.61 -5.75
N LYS C 245 -28.57 23.68 -4.79
CA LYS C 245 -27.63 22.55 -4.84
C LYS C 245 -26.12 22.94 -4.85
N GLU C 246 -25.81 24.14 -4.37
CA GLU C 246 -24.40 24.62 -4.31
C GLU C 246 -23.81 24.37 -2.93
N ILE C 247 -22.52 24.66 -2.76
CA ILE C 247 -21.77 24.11 -1.62
C ILE C 247 -20.47 24.84 -1.35
N LYS C 248 -20.19 25.09 -0.07
CA LYS C 248 -19.00 25.80 0.38
C LYS C 248 -18.25 24.98 1.45
N ASN C 249 -16.92 24.89 1.36
CA ASN C 249 -16.12 24.07 2.26
C ASN C 249 -15.27 24.91 3.18
N TYR C 250 -15.35 24.65 4.48
CA TYR C 250 -14.56 25.34 5.48
C TYR C 250 -13.48 24.41 6.02
N LEU C 251 -12.23 24.84 5.90
CA LEU C 251 -11.08 24.03 6.31
C LEU C 251 -10.24 24.79 7.32
N HIS C 252 -9.51 24.05 8.15
CA HIS C 252 -8.62 24.65 9.14
C HIS C 252 -7.52 25.42 8.49
N SER C 253 -7.16 26.54 9.12
CA SER C 253 -5.99 27.33 8.69
C SER C 253 -5.04 27.62 9.86
N PRO C 254 -3.75 27.30 9.68
CA PRO C 254 -2.75 27.69 10.67
C PRO C 254 -2.65 29.22 10.83
N SER C 255 -2.61 29.93 9.71
CA SER C 255 -2.44 31.39 9.69
C SER C 255 -3.62 32.14 10.31
N ASN C 256 -4.83 31.76 9.92
CA ASN C 256 -6.04 32.47 10.28
C ASN C 256 -6.65 31.91 11.59
N PRO C 257 -6.71 32.73 12.65
CA PRO C 257 -7.35 32.30 13.91
C PRO C 257 -8.88 32.33 13.95
N LYS C 258 -9.48 32.91 12.92
CA LYS C 258 -10.94 32.92 12.75
C LYS C 258 -11.42 31.73 11.91
N SER C 259 -10.51 30.84 11.53
CA SER C 259 -10.85 29.66 10.75
C SER C 259 -11.18 28.51 11.68
N ILE C 260 -11.84 27.48 11.14
CA ILE C 260 -12.20 26.30 11.94
C ILE C 260 -10.97 25.66 12.65
N SER C 261 -11.12 25.30 13.93
CA SER C 261 -10.01 24.73 14.72
C SER C 261 -9.34 23.47 14.16
N SER C 262 -10.11 22.61 13.50
CA SER C 262 -9.61 21.32 13.01
C SER C 262 -10.45 20.85 11.84
N ASN C 263 -9.89 20.01 10.99
CA ASN C 263 -10.64 19.37 9.90
C ASN C 263 -11.35 18.09 10.34
N TYR C 264 -11.15 17.71 11.62
CA TYR C 264 -11.83 16.55 12.20
C TYR C 264 -12.99 16.98 13.08
N ILE C 265 -14.20 16.90 12.53
CA ILE C 265 -15.38 17.46 13.17
C ILE C 265 -16.33 16.33 13.46
N ARG C 266 -16.71 16.25 14.73
CA ARG C 266 -17.45 15.11 15.24
C ARG C 266 -18.90 15.43 15.58
N SER C 267 -19.21 16.68 15.92
CA SER C 267 -20.59 16.99 16.31
C SER C 267 -21.04 18.42 15.98
N LEU C 268 -22.33 18.55 15.70
CA LEU C 268 -22.94 19.83 15.39
C LEU C 268 -24.23 19.97 16.16
N ALA C 269 -24.51 21.14 16.72
CA ALA C 269 -25.82 21.43 17.30
C ALA C 269 -26.13 22.95 17.29
N MET C 270 -27.41 23.32 17.14
CA MET C 270 -27.86 24.72 17.22
C MET C 270 -28.16 25.05 18.69
N ASP C 271 -27.91 26.28 19.13
CA ASP C 271 -28.34 26.72 20.46
C ASP C 271 -29.65 27.50 20.33
N SER C 272 -30.15 28.05 21.43
CA SER C 272 -31.43 28.73 21.39
C SER C 272 -31.34 30.08 20.69
N GLN C 273 -30.13 30.64 20.55
CA GLN C 273 -29.95 31.96 19.92
C GLN C 273 -29.48 31.90 18.46
N ASN C 274 -29.89 30.85 17.75
CA ASN C 274 -29.52 30.65 16.34
C ASN C 274 -28.00 30.65 16.04
N ARG C 275 -27.21 30.07 16.93
CA ARG C 275 -25.78 29.89 16.69
C ARG C 275 -25.47 28.39 16.51
N LEU C 276 -24.58 28.11 15.55
CA LEU C 276 -24.10 26.78 15.26
C LEU C 276 -22.86 26.46 16.10
N TRP C 277 -23.00 25.46 16.97
CA TRP C 277 -21.92 24.92 17.79
C TRP C 277 -21.31 23.73 17.11
N ILE C 278 -19.99 23.73 16.99
CA ILE C 278 -19.26 22.73 16.20
C ILE C 278 -18.24 22.02 17.09
N GLY C 279 -18.44 20.73 17.36
CA GLY C 279 -17.51 19.97 18.19
C GLY C 279 -16.41 19.33 17.35
N THR C 280 -15.17 19.78 17.51
CA THR C 280 -14.04 19.22 16.77
C THR C 280 -13.14 18.35 17.64
N PHE C 281 -12.27 17.60 16.98
CA PHE C 281 -11.22 16.85 17.65
C PHE C 281 -10.35 17.74 18.56
N ASN C 282 -10.37 19.05 18.33
CA ASN C 282 -9.48 19.93 19.02
C ASN C 282 -10.05 21.32 19.14
N ASP C 283 -10.91 21.51 20.13
CA ASP C 283 -11.57 22.80 20.41
C ASP C 283 -13.04 22.76 19.97
N LEU C 284 -13.84 23.57 20.65
CA LEU C 284 -15.18 23.96 20.19
C LEU C 284 -15.08 25.21 19.30
N ASN C 285 -15.85 25.21 18.22
CA ASN C 285 -16.05 26.40 17.44
C ASN C 285 -17.53 26.81 17.42
N ILE C 286 -17.79 28.10 17.38
CA ILE C 286 -19.14 28.63 17.13
C ILE C 286 -19.07 29.51 15.90
N TYR C 287 -19.99 29.32 14.97
CA TYR C 287 -19.99 30.08 13.73
C TYR C 287 -20.53 31.49 13.93
N HIS C 288 -19.88 32.46 13.30
CA HIS C 288 -20.33 33.85 13.35
C HIS C 288 -20.85 34.24 11.99
N GLU C 289 -22.18 34.36 11.94
CA GLU C 289 -22.89 34.73 10.73
C GLU C 289 -22.33 36.00 10.11
N GLY C 290 -22.09 37.00 10.97
CA GLY C 290 -21.72 38.33 10.54
C GLY C 290 -20.47 38.34 9.69
N THR C 291 -19.40 37.75 10.23
CA THR C 291 -18.08 37.80 9.62
C THR C 291 -17.76 36.55 8.79
N ASP C 292 -18.74 35.66 8.62
CA ASP C 292 -18.53 34.36 7.95
C ASP C 292 -17.27 33.64 8.47
N SER C 293 -17.17 33.50 9.80
CA SER C 293 -15.97 32.96 10.40
C SER C 293 -16.30 32.28 11.76
N PHE C 294 -15.29 31.92 12.55
CA PHE C 294 -15.48 31.08 13.74
C PHE C 294 -14.74 31.59 14.97
N ALA C 295 -15.40 31.46 16.11
CA ALA C 295 -14.75 31.63 17.37
C ALA C 295 -14.29 30.25 17.84
N SER C 296 -13.28 30.26 18.69
CA SER C 296 -12.69 29.06 19.25
C SER C 296 -12.73 29.10 20.75
N TYR C 297 -12.93 27.94 21.36
CA TYR C 297 -12.96 27.84 22.80
C TYR C 297 -12.17 26.60 23.15
N SER C 298 -11.10 26.79 23.92
CA SER C 298 -10.14 25.73 24.14
C SER C 298 -10.28 25.11 25.51
N SER C 299 -9.63 23.97 25.65
CA SER C 299 -9.54 23.30 26.93
C SER C 299 -8.22 23.68 27.54
N ASN C 300 -8.25 24.28 28.72
CA ASN C 300 -7.02 24.56 29.44
C ASN C 300 -7.24 24.18 30.90
N PRO C 301 -6.46 23.22 31.40
CA PRO C 301 -6.64 22.73 32.79
C PRO C 301 -6.54 23.80 33.87
N VAL C 302 -5.65 24.78 33.71
CA VAL C 302 -5.45 25.83 34.73
C VAL C 302 -6.49 26.97 34.72
N GLU C 303 -7.37 26.97 33.73
CA GLU C 303 -8.35 28.05 33.55
C GLU C 303 -9.77 27.57 33.87
N ASN C 304 -10.32 28.11 34.94
CA ASN C 304 -11.62 27.69 35.38
C ASN C 304 -12.67 28.13 34.37
N GLY C 305 -13.60 27.23 34.07
CA GLY C 305 -14.69 27.51 33.16
C GLY C 305 -14.40 27.15 31.72
N SER C 306 -13.20 26.64 31.41
CA SER C 306 -12.89 26.22 30.05
C SER C 306 -13.26 24.75 29.81
N LEU C 307 -13.21 24.31 28.56
CA LEU C 307 -13.61 22.96 28.26
C LEU C 307 -12.80 21.97 29.08
N SER C 308 -13.47 20.96 29.60
CA SER C 308 -12.79 19.94 30.39
C SER C 308 -11.76 19.18 29.58
N GLN C 309 -11.88 19.24 28.26
CA GLN C 309 -11.07 18.43 27.36
C GLN C 309 -11.23 18.92 25.90
N ARG C 310 -10.26 18.59 25.05
CA ARG C 310 -10.16 19.12 23.68
C ARG C 310 -11.21 18.58 22.74
N SER C 311 -11.49 17.29 22.84
CA SER C 311 -12.26 16.63 21.81
C SER C 311 -13.73 16.61 22.22
N VAL C 312 -14.53 17.40 21.51
CA VAL C 312 -15.96 17.47 21.77
C VAL C 312 -16.72 16.44 20.95
N ARG C 313 -17.07 15.29 21.54
CA ARG C 313 -17.76 14.23 20.81
C ARG C 313 -19.28 14.38 20.67
N SER C 314 -19.93 15.11 21.57
CA SER C 314 -21.39 15.25 21.56
C SER C 314 -21.78 16.62 22.02
N ILE C 315 -22.76 17.21 21.34
CA ILE C 315 -23.40 18.46 21.73
C ILE C 315 -24.92 18.26 21.63
N PHE C 316 -25.63 18.74 22.63
CA PHE C 316 -27.06 18.65 22.64
C PHE C 316 -27.64 19.80 23.45
N MET C 317 -28.73 20.40 22.95
CA MET C 317 -29.43 21.48 23.66
C MET C 317 -30.61 20.92 24.44
N ASP C 318 -30.72 21.23 25.73
CA ASP C 318 -31.88 20.76 26.50
C ASP C 318 -33.10 21.63 26.21
N SER C 319 -34.19 21.35 26.91
CA SER C 319 -35.43 22.06 26.68
C SER C 319 -35.42 23.48 27.22
N GLN C 320 -34.46 23.84 28.07
CA GLN C 320 -34.27 25.22 28.54
C GLN C 320 -33.28 26.02 27.70
N GLY C 321 -32.68 25.42 26.66
CA GLY C 321 -31.63 26.09 25.90
C GLY C 321 -30.21 25.85 26.42
N GLY C 322 -30.07 25.06 27.47
CA GLY C 322 -28.77 24.69 27.98
C GLY C 322 -28.04 23.85 26.96
N MET C 323 -26.71 24.02 26.90
CA MET C 323 -25.90 23.28 25.97
C MET C 323 -25.02 22.31 26.74
N TRP C 324 -25.03 21.07 26.28
CA TRP C 324 -24.32 19.97 26.90
C TRP C 324 -23.29 19.48 25.93
N LEU C 325 -22.02 19.51 26.31
CA LEU C 325 -20.94 19.02 25.47
C LEU C 325 -20.24 17.85 26.13
N GLY C 326 -20.37 16.67 25.54
CA GLY C 326 -19.61 15.49 25.97
C GLY C 326 -18.24 15.42 25.30
N THR C 327 -17.21 15.37 26.13
CA THR C 327 -15.87 15.14 25.64
C THR C 327 -15.48 13.68 25.77
N TYR C 328 -14.25 13.37 25.38
CA TYR C 328 -13.78 11.99 25.35
C TYR C 328 -13.37 11.52 26.76
N PHE C 329 -12.51 12.30 27.42
CA PHE C 329 -11.94 11.89 28.70
C PHE C 329 -12.34 12.82 29.81
N GLY C 330 -13.31 13.66 29.53
CA GLY C 330 -13.59 14.82 30.39
C GLY C 330 -15.03 14.99 30.77
N GLY C 331 -15.87 14.01 30.50
CA GLY C 331 -17.24 14.07 30.95
C GLY C 331 -18.04 15.16 30.25
N LEU C 332 -19.03 15.73 30.94
CA LEU C 332 -19.90 16.73 30.36
C LEU C 332 -19.52 18.17 30.72
N ASN C 333 -19.58 19.07 29.74
CA ASN C 333 -19.51 20.51 29.98
C ASN C 333 -20.85 21.19 29.75
N TYR C 334 -21.26 22.02 30.68
CA TYR C 334 -22.57 22.69 30.61
C TYR C 334 -22.48 24.22 30.45
N TYR C 335 -23.41 24.80 29.70
CA TYR C 335 -23.48 26.23 29.53
C TYR C 335 -24.88 26.69 29.23
N HIS C 336 -25.29 27.76 29.91
CA HIS C 336 -26.51 28.47 29.56
C HIS C 336 -26.28 29.94 29.60
N PRO C 337 -26.79 30.69 28.60
CA PRO C 337 -26.63 32.16 28.65
C PRO C 337 -27.14 32.83 29.93
N ILE C 338 -28.30 32.44 30.46
CA ILE C 338 -28.75 32.99 31.72
C ILE C 338 -27.61 32.99 32.74
N ARG C 339 -26.94 31.85 32.94
CA ARG C 339 -25.81 31.79 33.90
C ARG C 339 -24.70 32.80 33.61
N ASN C 340 -24.56 33.23 32.36
CA ASN C 340 -23.59 34.26 32.03
C ASN C 340 -24.17 35.65 32.20
N ARG C 341 -24.92 35.84 33.27
CA ARG C 341 -25.40 37.14 33.70
C ARG C 341 -24.37 37.78 34.61
N PHE C 342 -23.65 36.94 35.35
CA PHE C 342 -22.50 37.37 36.11
C PHE C 342 -21.27 36.78 35.41
N LYS C 343 -20.33 37.65 35.03
CA LYS C 343 -19.07 37.27 34.42
C LYS C 343 -17.99 37.44 35.49
N ASN C 344 -17.11 36.45 35.63
CA ASN C 344 -16.02 36.51 36.60
C ASN C 344 -14.68 36.73 35.90
N ILE C 345 -13.84 37.61 36.45
CA ILE C 345 -12.50 37.85 35.93
C ILE C 345 -11.48 37.29 36.93
N ARG C 346 -10.57 36.43 36.47
CA ARG C 346 -9.69 35.69 37.37
C ARG C 346 -8.30 35.47 36.80
N ASN C 347 -7.35 35.24 37.67
CA ASN C 347 -6.05 34.80 37.23
C ASN C 347 -6.17 33.58 36.35
N ILE C 348 -5.37 33.52 35.29
CA ILE C 348 -5.15 32.30 34.52
C ILE C 348 -3.63 32.10 34.49
N PRO C 349 -3.11 31.17 35.30
CA PRO C 349 -1.66 31.00 35.30
C PRO C 349 -1.13 30.82 33.90
N TYR C 350 -0.03 31.50 33.60
CA TYR C 350 0.68 31.34 32.35
C TYR C 350 -0.04 31.95 31.12
N LYS C 351 -1.15 32.65 31.34
CA LYS C 351 -1.75 33.51 30.33
C LYS C 351 -1.88 34.97 30.80
N ASN C 352 -1.70 35.92 29.89
CA ASN C 352 -2.06 37.30 30.18
C ASN C 352 -3.42 37.36 30.86
N SER C 353 -3.49 37.95 32.05
CA SER C 353 -4.69 37.94 32.84
C SER C 353 -4.47 38.74 34.11
N LEU C 354 -5.55 38.93 34.88
CA LEU C 354 -5.50 39.45 36.26
C LEU C 354 -4.40 38.76 37.01
N SER C 355 -3.62 39.48 37.80
CA SER C 355 -2.34 38.95 38.28
C SER C 355 -2.43 38.20 39.62
N ASP C 356 -3.58 38.32 40.27
CA ASP C 356 -3.81 37.76 41.60
C ASP C 356 -5.32 37.86 41.84
N ASN C 357 -5.88 36.90 42.55
CA ASN C 357 -7.32 36.83 42.71
C ASN C 357 -7.90 37.54 43.93
N VAL C 358 -7.02 38.02 44.82
CA VAL C 358 -7.45 38.83 45.96
C VAL C 358 -7.37 40.29 45.56
N VAL C 359 -8.54 40.84 45.26
CA VAL C 359 -8.65 42.09 44.55
C VAL C 359 -9.09 43.14 45.52
N SER C 360 -8.48 44.31 45.41
CA SER C 360 -8.82 45.42 46.24
C SER C 360 -9.41 46.50 45.30
N CYS C 361 -8.83 47.70 45.25
CA CYS C 361 -9.55 48.79 44.61
C CYS C 361 -9.70 48.62 43.11
N ILE C 362 -10.72 49.26 42.57
CA ILE C 362 -11.02 49.25 41.16
C ILE C 362 -11.44 50.68 40.78
N VAL C 363 -10.83 51.21 39.74
CA VAL C 363 -10.99 52.62 39.40
C VAL C 363 -10.97 52.77 37.89
N GLU C 364 -12.04 53.30 37.32
CA GLU C 364 -12.07 53.56 35.90
C GLU C 364 -11.39 54.88 35.64
N ASP C 365 -10.66 54.99 34.52
CA ASP C 365 -10.03 56.24 34.15
C ASP C 365 -10.77 56.87 32.98
N LYS C 366 -10.35 58.07 32.57
CA LYS C 366 -11.04 58.81 31.50
C LYS C 366 -11.05 58.02 30.19
N ASP C 367 -10.11 57.11 30.00
CA ASP C 367 -10.07 56.28 28.80
C ASP C 367 -10.88 54.99 28.95
N LYS C 368 -11.54 54.80 30.08
CA LYS C 368 -12.41 53.64 30.32
C LYS C 368 -11.61 52.34 30.50
N ASN C 369 -10.33 52.48 30.84
CA ASN C 369 -9.55 51.37 31.39
C ASN C 369 -9.79 51.29 32.88
N LEU C 370 -9.61 50.09 33.45
CA LEU C 370 -9.76 49.85 34.88
C LEU C 370 -8.41 49.64 35.54
N TRP C 371 -8.20 50.28 36.70
CA TRP C 371 -7.00 50.10 37.50
C TRP C 371 -7.42 49.29 38.66
N ILE C 372 -6.78 48.14 38.84
CA ILE C 372 -7.23 47.12 39.80
C ILE C 372 -6.09 46.79 40.75
N GLY C 373 -6.32 46.97 42.04
CA GLY C 373 -5.34 46.61 43.04
C GLY C 373 -5.53 45.15 43.41
N THR C 374 -4.44 44.53 43.83
CA THR C 374 -4.50 43.15 44.29
C THR C 374 -3.65 43.02 45.53
N ASN C 375 -3.84 41.92 46.26
CA ASN C 375 -3.12 41.69 47.52
C ASN C 375 -1.65 41.41 47.30
N ASP C 376 -1.36 40.71 46.23
CA ASP C 376 -0.08 40.07 46.11
C ASP C 376 0.51 40.13 44.72
N GLY C 377 -0.23 40.63 43.72
CA GLY C 377 0.25 40.65 42.36
C GLY C 377 0.36 42.04 41.79
N GLY C 378 0.30 43.05 42.66
CA GLY C 378 0.55 44.42 42.25
C GLY C 378 -0.65 45.05 41.59
N LEU C 379 -0.40 46.13 40.88
CA LEU C 379 -1.45 46.90 40.23
C LEU C 379 -1.60 46.41 38.79
N ASN C 380 -2.85 46.16 38.42
CA ASN C 380 -3.20 45.74 37.09
C ASN C 380 -3.86 46.90 36.36
N LEU C 381 -3.47 47.13 35.10
CA LEU C 381 -4.22 47.97 34.17
C LEU C 381 -5.01 47.06 33.23
N TYR C 382 -6.31 47.23 33.18
CA TYR C 382 -7.17 46.36 32.39
C TYR C 382 -7.95 47.15 31.35
N ASN C 383 -7.65 46.92 30.08
CA ASN C 383 -8.46 47.43 29.01
C ASN C 383 -9.60 46.42 28.75
N PRO C 384 -10.85 46.79 29.05
CA PRO C 384 -11.95 45.82 28.91
C PRO C 384 -12.47 45.62 27.47
N ILE C 385 -12.05 46.49 26.53
CA ILE C 385 -12.40 46.30 25.11
C ILE C 385 -11.47 45.20 24.61
N THR C 386 -10.15 45.47 24.67
CA THR C 386 -9.09 44.56 24.23
C THR C 386 -8.98 43.32 25.10
N GLN C 387 -9.48 43.40 26.32
CA GLN C 387 -9.24 42.40 27.36
C GLN C 387 -7.74 42.15 27.67
N ARG C 388 -6.83 43.05 27.26
CA ARG C 388 -5.42 42.96 27.66
C ARG C 388 -5.23 43.42 29.10
N PHE C 389 -4.19 42.87 29.72
CA PHE C 389 -3.81 43.23 31.08
C PHE C 389 -2.37 43.69 31.04
N THR C 390 -2.06 44.70 31.85
CA THR C 390 -0.68 45.05 32.20
C THR C 390 -0.59 45.11 33.72
N SER C 391 0.54 44.74 34.28
CA SER C 391 0.72 44.80 35.71
C SER C 391 1.92 45.69 36.05
N TYR C 392 1.88 46.30 37.22
CA TYR C 392 3.01 47.06 37.74
C TYR C 392 3.30 46.47 39.08
N THR C 393 4.51 45.95 39.24
CA THR C 393 4.86 45.16 40.40
C THR C 393 6.14 45.67 41.06
N LEU C 394 6.53 44.96 42.11
CA LEU C 394 7.71 45.26 42.92
C LEU C 394 8.99 44.67 42.28
N GLN C 395 10.13 45.30 42.55
CA GLN C 395 11.46 44.85 42.08
C GLN C 395 12.55 45.85 42.55
N ARG C 401 12.38 51.21 38.58
CA ARG C 401 11.10 51.47 37.94
C ARG C 401 9.96 50.51 38.36
N GLY C 402 9.97 50.06 39.61
CA GLY C 402 8.90 49.20 40.13
C GLY C 402 8.16 49.83 41.29
N ILE C 403 6.98 49.31 41.57
CA ILE C 403 6.11 49.78 42.65
C ILE C 403 6.75 49.41 44.02
N GLY C 404 6.39 50.10 45.10
CA GLY C 404 7.04 49.89 46.43
C GLY C 404 6.70 48.61 47.22
N SER C 405 5.53 48.04 46.96
CA SER C 405 5.08 46.78 47.53
C SER C 405 4.04 46.22 46.56
N ASN C 406 3.70 44.94 46.70
CA ASN C 406 2.72 44.30 45.83
C ASN C 406 1.27 44.35 46.36
N ASN C 407 1.11 44.85 47.59
CA ASN C 407 -0.20 44.88 48.24
C ASN C 407 -0.93 46.24 48.10
N ILE C 408 -1.79 46.33 47.09
CA ILE C 408 -2.36 47.62 46.69
C ILE C 408 -3.64 47.94 47.44
N LYS C 409 -3.71 49.09 48.10
CA LYS C 409 -4.91 49.47 48.86
C LYS C 409 -5.70 50.64 48.25
N ALA C 410 -5.07 51.53 47.50
CA ALA C 410 -5.76 52.72 46.98
C ALA C 410 -5.10 53.18 45.70
N VAL C 411 -5.90 53.73 44.79
CA VAL C 411 -5.42 54.25 43.53
C VAL C 411 -6.12 55.57 43.21
N TYR C 412 -5.34 56.57 42.77
CA TYR C 412 -5.91 57.81 42.26
C TYR C 412 -5.27 58.17 40.92
N VAL C 413 -6.09 58.39 39.89
CA VAL C 413 -5.57 58.76 38.59
C VAL C 413 -5.56 60.27 38.38
N ASP C 414 -4.37 60.87 38.31
CA ASP C 414 -4.21 62.27 37.95
C ASP C 414 -4.22 62.37 36.43
N GLU C 415 -5.40 62.68 35.90
CA GLU C 415 -5.61 62.66 34.46
C GLU C 415 -4.87 63.81 33.76
N LYS C 416 -4.81 64.98 34.40
CA LYS C 416 -4.08 66.13 33.84
C LYS C 416 -2.57 65.89 33.68
N LYS C 417 -1.96 65.17 34.62
CA LYS C 417 -0.49 64.98 34.58
C LYS C 417 -0.09 63.56 34.15
N SER C 418 -1.08 62.69 33.89
CA SER C 418 -0.82 61.30 33.50
C SER C 418 -0.02 60.52 34.54
N LEU C 419 -0.47 60.62 35.79
CA LEU C 419 0.17 59.93 36.88
C LEU C 419 -0.86 59.04 37.52
N VAL C 420 -0.41 57.88 37.99
CA VAL C 420 -1.27 57.07 38.84
C VAL C 420 -0.63 57.09 40.20
N TYR C 421 -1.41 57.48 41.19
CA TYR C 421 -0.95 57.53 42.56
C TYR C 421 -1.47 56.27 43.18
N ILE C 422 -0.56 55.51 43.79
CA ILE C 422 -0.88 54.18 44.28
C ILE C 422 -0.51 54.10 45.75
N GLY C 423 -1.49 53.75 46.58
CA GLY C 423 -1.27 53.57 48.01
C GLY C 423 -1.18 52.09 48.35
N THR C 424 -0.08 51.70 49.00
CA THR C 424 0.17 50.29 49.29
C THR C 424 0.27 50.01 50.78
N HIS C 425 -0.02 48.78 51.17
CA HIS C 425 0.27 48.31 52.53
C HIS C 425 1.71 47.96 52.62
N ALA C 426 2.35 48.41 53.70
CA ALA C 426 3.74 48.08 53.96
C ALA C 426 4.58 48.51 52.76
N GLY C 427 4.41 49.76 52.32
CA GLY C 427 5.12 50.21 51.13
C GLY C 427 5.09 51.71 50.92
N GLY C 428 3.94 52.33 51.12
CA GLY C 428 3.86 53.78 51.14
C GLY C 428 3.05 54.31 49.98
N LEU C 429 3.53 55.39 49.40
CA LEU C 429 2.91 55.98 48.22
C LEU C 429 3.81 55.79 47.00
N SER C 430 3.24 55.27 45.92
CA SER C 430 3.97 55.20 44.65
C SER C 430 3.31 56.06 43.55
N ILE C 431 4.15 56.62 42.67
CA ILE C 431 3.70 57.47 41.58
C ILE C 431 4.15 56.83 40.26
N LEU C 432 3.17 56.36 39.50
CA LEU C 432 3.43 55.83 38.17
C LEU C 432 3.34 56.95 37.15
N HIS C 433 4.43 57.20 36.44
CA HIS C 433 4.41 58.07 35.27
C HIS C 433 4.01 57.25 34.10
N ARG C 434 2.76 57.36 33.70
CA ARG C 434 2.19 56.50 32.66
C ARG C 434 2.97 56.56 31.35
N ASN C 435 3.46 57.73 30.99
CA ASN C 435 4.18 57.91 29.74
C ASN C 435 5.54 57.20 29.65
N SER C 436 6.21 56.98 30.78
CA SER C 436 7.53 56.36 30.77
C SER C 436 7.56 54.98 31.45
N GLY C 437 6.57 54.66 32.28
CA GLY C 437 6.62 53.45 33.10
C GLY C 437 7.44 53.63 34.38
N GLN C 438 7.93 54.85 34.59
CA GLN C 438 8.82 55.15 35.70
C GLN C 438 8.02 55.36 36.99
N VAL C 439 8.52 54.82 38.09
CA VAL C 439 7.82 54.90 39.35
C VAL C 439 8.69 55.60 40.41
N GLU C 440 8.10 56.50 41.19
CA GLU C 440 8.73 57.01 42.41
C GLU C 440 8.09 56.32 43.61
N ASN C 441 8.88 55.95 44.61
CA ASN C 441 8.37 55.29 45.81
C ASN C 441 8.72 56.08 47.07
N PHE C 442 7.71 56.43 47.86
CA PHE C 442 7.90 57.14 49.11
C PHE C 442 7.46 56.26 50.28
N ASN C 443 8.32 56.17 51.31
CA ASN C 443 8.03 55.39 52.51
C ASN C 443 8.72 56.04 53.69
N GLN C 444 8.66 55.40 54.87
CA GLN C 444 9.19 56.00 56.10
C GLN C 444 10.69 56.09 56.14
N ARG C 445 11.36 55.44 55.21
CA ARG C 445 12.80 55.51 55.16
C ARG C 445 13.38 56.45 54.13
N ASN C 446 12.58 57.07 53.28
CA ASN C 446 13.13 58.00 52.29
C ASN C 446 12.33 59.27 52.15
N SER C 447 11.46 59.52 53.11
CA SER C 447 10.61 60.69 53.05
C SER C 447 10.05 60.98 54.44
N GLN C 448 9.31 62.08 54.53
CA GLN C 448 8.62 62.48 55.76
C GLN C 448 7.29 61.72 55.96
N LEU C 449 6.89 60.84 55.05
CA LEU C 449 5.65 60.11 55.22
C LEU C 449 5.63 59.45 56.63
N VAL C 450 4.66 59.82 57.46
CA VAL C 450 4.61 59.39 58.85
C VAL C 450 4.33 57.90 58.99
N ASN C 451 3.48 57.37 58.11
CA ASN C 451 3.06 55.97 58.12
C ASN C 451 3.00 55.39 56.70
N GLU C 452 3.71 54.28 56.47
CA GLU C 452 3.89 53.61 55.17
C GLU C 452 2.66 52.88 54.64
N ASN C 453 1.56 52.94 55.38
CA ASN C 453 0.38 52.16 55.03
C ASN C 453 -0.74 53.08 54.57
N VAL C 454 -0.78 53.26 53.25
CA VAL C 454 -1.67 54.19 52.60
C VAL C 454 -2.87 53.45 52.00
N TYR C 455 -4.03 53.71 52.61
CA TYR C 455 -5.28 53.00 52.31
C TYR C 455 -6.32 53.85 51.56
N ALA C 456 -6.06 55.13 51.36
CA ALA C 456 -7.03 56.00 50.68
C ALA C 456 -6.27 57.17 50.11
N ILE C 457 -6.61 57.56 48.90
CA ILE C 457 -6.02 58.75 48.28
C ILE C 457 -7.17 59.55 47.68
N LEU C 458 -7.12 60.85 47.85
CA LEU C 458 -8.22 61.72 47.43
C LEU C 458 -7.61 63.10 47.23
N PRO C 459 -7.97 63.80 46.15
CA PRO C 459 -7.46 65.18 45.99
C PRO C 459 -8.01 66.07 47.08
N ASP C 460 -7.19 66.99 47.59
CA ASP C 460 -7.66 67.95 48.58
C ASP C 460 -8.31 69.18 47.94
N GLY C 461 -8.34 69.26 46.61
CA GLY C 461 -8.91 70.39 45.90
C GLY C 461 -8.13 71.69 45.96
N GLU C 462 -6.89 71.65 46.44
CA GLU C 462 -6.00 72.81 46.38
C GLU C 462 -4.74 72.42 45.61
N GLY C 463 -4.82 71.33 44.84
CA GLY C 463 -3.69 70.79 44.10
C GLY C 463 -2.96 69.67 44.80
N ASN C 464 -3.35 69.31 46.02
CA ASN C 464 -2.63 68.25 46.76
C ASN C 464 -3.43 66.94 46.87
N LEU C 465 -2.89 65.96 47.56
CA LEU C 465 -3.63 64.74 47.84
C LEU C 465 -3.75 64.52 49.32
N TRP C 466 -4.95 64.16 49.77
CA TRP C 466 -5.12 63.58 51.10
C TRP C 466 -4.75 62.13 51.02
N LEU C 467 -3.95 61.66 51.97
CA LEU C 467 -3.61 60.26 52.07
C LEU C 467 -4.18 59.79 53.39
N GLY C 468 -5.03 58.76 53.36
CA GLY C 468 -5.49 58.10 54.58
C GLY C 468 -4.50 57.01 54.97
N THR C 469 -3.79 57.20 56.08
CA THR C 469 -2.85 56.17 56.56
C THR C 469 -3.38 55.44 57.80
N LEU C 470 -2.69 54.38 58.22
CA LEU C 470 -3.10 53.63 59.41
C LEU C 470 -2.98 54.38 60.73
N SER C 471 -2.25 55.49 60.80
CA SER C 471 -2.19 56.28 62.03
C SER C 471 -2.54 57.77 61.92
N ALA C 472 -2.71 58.31 60.70
CA ALA C 472 -2.98 59.75 60.53
C ALA C 472 -3.48 60.16 59.15
N LEU C 473 -4.13 61.30 59.06
CA LEU C 473 -4.37 61.98 57.77
C LEU C 473 -3.11 62.74 57.37
N VAL C 474 -2.66 62.56 56.12
CA VAL C 474 -1.46 63.23 55.64
C VAL C 474 -1.70 63.95 54.31
N ARG C 475 -1.32 65.23 54.24
CA ARG C 475 -1.33 65.96 52.97
C ARG C 475 -0.04 65.75 52.20
N PHE C 476 -0.17 65.34 50.95
CA PHE C 476 0.97 65.21 50.07
C PHE C 476 0.93 66.35 49.07
N ASN C 477 1.98 67.16 49.05
CA ASN C 477 2.13 68.23 48.06
C ASN C 477 3.04 67.79 46.95
N PRO C 478 2.49 67.60 45.74
CA PRO C 478 3.31 67.11 44.64
C PRO C 478 4.35 68.10 44.16
N GLU C 479 4.03 69.39 44.14
CA GLU C 479 5.00 70.38 43.71
C GLU C 479 6.23 70.31 44.62
N GLN C 480 6.01 70.24 45.94
CA GLN C 480 7.12 70.22 46.90
C GLN C 480 7.67 68.82 47.20
N ARG C 481 6.93 67.77 46.85
CA ARG C 481 7.26 66.41 47.28
C ARG C 481 7.21 66.22 48.81
N SER C 482 6.36 66.98 49.49
CA SER C 482 6.28 66.95 50.95
C SER C 482 5.01 66.24 51.50
N PHE C 483 5.17 65.70 52.70
CA PHE C 483 4.09 65.07 53.45
C PHE C 483 3.95 65.82 54.76
N THR C 484 2.74 66.28 55.07
CA THR C 484 2.47 66.97 56.30
C THR C 484 1.35 66.26 57.02
N THR C 485 1.61 65.80 58.25
CA THR C 485 0.61 65.13 59.08
C THR C 485 -0.32 66.13 59.71
N ILE C 486 -1.61 65.83 59.68
CA ILE C 486 -2.61 66.71 60.27
C ILE C 486 -2.84 66.24 61.68
N GLU C 487 -2.53 67.11 62.64
CA GLU C 487 -2.59 66.79 64.06
C GLU C 487 -3.61 67.61 64.83
N LYS C 488 -3.92 68.80 64.33
CA LYS C 488 -4.85 69.71 65.00
C LYS C 488 -5.86 70.23 63.98
N GLU C 489 -7.11 70.40 64.38
CA GLU C 489 -8.10 71.15 63.59
C GLU C 489 -7.65 72.59 63.61
N LYS C 490 -8.41 73.46 62.94
CA LYS C 490 -8.12 74.92 62.89
C LYS C 490 -8.13 75.53 64.29
N ASP C 491 -9.17 75.18 65.07
CA ASP C 491 -9.37 75.72 66.42
C ASP C 491 -8.40 75.16 67.48
N GLY C 492 -7.55 74.20 67.09
CA GLY C 492 -6.60 73.60 68.01
C GLY C 492 -6.92 72.16 68.40
N THR C 493 -8.20 71.79 68.34
CA THR C 493 -8.66 70.46 68.76
C THR C 493 -7.80 69.37 68.10
N PRO C 494 -7.21 68.47 68.90
CA PRO C 494 -6.36 67.44 68.31
C PRO C 494 -7.13 66.37 67.54
N VAL C 495 -6.63 66.04 66.36
CA VAL C 495 -7.12 64.90 65.59
C VAL C 495 -6.34 63.70 66.10
N VAL C 496 -6.98 62.81 66.84
CA VAL C 496 -6.31 61.63 67.42
C VAL C 496 -5.92 60.59 66.33
N SER C 497 -4.83 59.86 66.57
CA SER C 497 -4.30 58.86 65.62
C SER C 497 -5.28 57.71 65.40
N LYS C 498 -6.30 57.94 64.56
CA LYS C 498 -7.26 56.92 64.17
C LYS C 498 -6.66 56.11 63.02
N GLN C 499 -7.43 55.16 62.51
CA GLN C 499 -6.90 54.21 61.56
C GLN C 499 -7.77 54.30 60.33
N ILE C 500 -7.34 55.16 59.40
CA ILE C 500 -8.15 55.54 58.25
C ILE C 500 -8.26 54.48 57.17
N THR C 501 -9.44 53.89 57.04
CA THR C 501 -9.71 52.96 55.94
C THR C 501 -10.23 53.66 54.67
N THR C 502 -10.93 54.78 54.82
CA THR C 502 -11.67 55.32 53.70
C THR C 502 -11.83 56.83 53.80
N LEU C 503 -11.55 57.52 52.69
CA LEU C 503 -11.73 58.98 52.54
C LEU C 503 -12.81 59.24 51.48
N PHE C 504 -13.77 60.11 51.77
CA PHE C 504 -14.84 60.40 50.82
C PHE C 504 -15.12 61.88 50.68
N ARG C 505 -15.37 62.33 49.45
CA ARG C 505 -15.69 63.73 49.17
C ARG C 505 -17.19 63.84 48.85
N ASP C 506 -17.95 64.59 49.64
CA ASP C 506 -19.38 64.68 49.40
C ASP C 506 -19.69 65.87 48.48
N SER C 507 -20.98 66.04 48.18
CA SER C 507 -21.42 67.00 47.19
C SER C 507 -21.30 68.44 47.66
N HIS C 508 -21.12 68.66 48.96
CA HIS C 508 -20.75 69.98 49.52
C HIS C 508 -19.24 70.17 49.65
N LYS C 509 -18.45 69.29 49.06
CA LYS C 509 -16.98 69.28 49.18
C LYS C 509 -16.45 69.07 50.61
N ARG C 510 -17.28 68.53 51.50
CA ARG C 510 -16.82 68.19 52.84
C ARG C 510 -16.12 66.83 52.83
N LEU C 511 -15.20 66.62 53.77
CA LEU C 511 -14.33 65.44 53.79
C LEU C 511 -14.76 64.45 54.87
N TRP C 512 -15.23 63.29 54.44
CA TRP C 512 -15.63 62.24 55.36
C TRP C 512 -14.48 61.31 55.54
N ILE C 513 -14.18 60.97 56.79
CA ILE C 513 -13.04 60.13 57.13
C ILE C 513 -13.48 58.88 57.90
N GLY C 514 -13.35 57.72 57.27
CA GLY C 514 -13.83 56.46 57.85
C GLY C 514 -12.70 55.56 58.32
N GLY C 515 -12.89 54.97 59.48
CA GLY C 515 -11.90 54.06 60.02
C GLY C 515 -12.49 52.94 60.84
N GLU C 516 -11.60 52.12 61.36
CA GLU C 516 -11.95 51.06 62.29
C GLU C 516 -12.54 51.60 63.57
N GLU C 517 -12.06 52.76 63.99
CA GLU C 517 -12.52 53.35 65.23
C GLU C 517 -13.79 54.22 65.03
N GLY C 518 -14.21 54.46 63.78
CA GLY C 518 -15.40 55.28 63.53
C GLY C 518 -15.40 56.18 62.30
N LEU C 519 -16.25 57.20 62.35
CA LEU C 519 -16.48 58.15 61.24
C LEU C 519 -16.54 59.56 61.76
N SER C 520 -16.01 60.51 60.98
CA SER C 520 -16.06 61.94 61.29
C SER C 520 -16.14 62.76 60.02
N VAL C 521 -16.80 63.91 60.06
CA VAL C 521 -16.94 64.74 58.86
C VAL C 521 -16.27 66.08 59.09
N PHE C 522 -15.54 66.56 58.08
CA PHE C 522 -14.74 67.78 58.18
C PHE C 522 -15.03 68.76 57.04
N LYS C 523 -14.92 70.05 57.38
CA LYS C 523 -14.90 71.11 56.39
C LYS C 523 -13.45 71.56 56.24
N GLN C 524 -13.07 71.86 55.01
CA GLN C 524 -11.76 72.40 54.76
C GLN C 524 -11.78 73.91 54.82
N GLU C 525 -10.70 74.47 55.33
CA GLU C 525 -10.50 75.90 55.40
C GLU C 525 -9.04 76.12 55.05
N GLY C 526 -8.77 76.53 53.81
CA GLY C 526 -7.39 76.60 53.31
C GLY C 526 -6.73 75.23 53.44
N LEU C 527 -5.57 75.19 54.10
CA LEU C 527 -4.91 73.95 54.46
C LEU C 527 -5.44 73.35 55.78
N ASP C 528 -6.31 74.07 56.48
CA ASP C 528 -6.86 73.52 57.70
C ASP C 528 -8.06 72.61 57.43
N ILE C 529 -8.39 71.79 58.42
CA ILE C 529 -9.66 71.09 58.48
C ILE C 529 -10.36 71.53 59.77
N GLN C 530 -11.67 71.39 59.82
CA GLN C 530 -12.47 71.70 61.01
C GLN C 530 -13.69 70.81 61.04
N LYS C 531 -14.05 70.30 62.22
CA LYS C 531 -15.23 69.47 62.41
C LYS C 531 -16.47 70.14 61.77
N ALA C 532 -17.24 69.39 60.98
CA ALA C 532 -18.47 69.90 60.36
C ALA C 532 -19.68 69.76 61.28
N SER C 533 -19.71 68.69 62.08
CA SER C 533 -20.79 68.48 63.07
C SER C 533 -22.19 68.63 62.44
N ILE C 534 -22.45 67.81 61.45
CA ILE C 534 -23.72 67.75 60.75
C ILE C 534 -24.55 66.54 61.23
N LEU C 535 -23.86 65.48 61.63
CA LEU C 535 -24.48 64.28 62.15
C LEU C 535 -25.17 64.56 63.48
N PRO C 536 -26.29 63.87 63.76
CA PRO C 536 -26.85 63.92 65.09
C PRO C 536 -26.00 63.10 66.08
N VAL C 537 -26.31 63.20 67.36
CA VAL C 537 -25.67 62.34 68.36
C VAL C 537 -26.13 60.90 68.12
N SER C 538 -25.16 60.03 67.90
CA SER C 538 -25.45 58.66 67.52
C SER C 538 -24.20 57.82 67.65
N ASN C 539 -24.37 56.54 67.96
CA ASN C 539 -23.23 55.63 68.06
C ASN C 539 -22.60 55.27 66.71
N VAL C 540 -23.22 55.64 65.59
CA VAL C 540 -22.63 55.38 64.28
C VAL C 540 -21.27 56.05 64.12
N THR C 541 -21.10 57.21 64.74
CA THR C 541 -19.80 57.89 64.75
C THR C 541 -18.68 56.99 65.23
N LYS C 542 -18.98 56.03 66.11
CA LYS C 542 -17.96 55.12 66.68
C LYS C 542 -17.89 53.71 66.03
N LEU C 543 -18.73 53.45 65.01
CA LEU C 543 -18.76 52.15 64.33
C LEU C 543 -17.61 51.94 63.32
N PHE C 544 -17.08 50.73 63.28
CA PHE C 544 -16.07 50.34 62.29
C PHE C 544 -16.70 50.61 60.92
N THR C 545 -16.06 51.47 60.14
CA THR C 545 -16.65 52.01 58.91
C THR C 545 -15.80 51.63 57.71
N ASN C 546 -16.47 51.07 56.71
CA ASN C 546 -15.81 50.52 55.52
C ASN C 546 -15.88 51.38 54.28
N CYS C 547 -16.99 52.06 54.06
CA CYS C 547 -17.18 52.87 52.84
C CYS C 547 -18.32 53.85 53.04
N ILE C 548 -18.25 54.96 52.30
CA ILE C 548 -19.29 55.98 52.30
C ILE C 548 -19.70 56.24 50.85
N TYR C 549 -20.99 56.46 50.61
CA TYR C 549 -21.46 56.74 49.27
C TYR C 549 -22.61 57.75 49.30
N GLU C 550 -22.52 58.81 48.48
CA GLU C 550 -23.64 59.74 48.34
C GLU C 550 -24.50 59.36 47.12
N ALA C 551 -25.75 58.97 47.34
CA ALA C 551 -26.63 58.54 46.24
C ALA C 551 -27.07 59.75 45.39
N SER C 552 -27.60 59.50 44.20
CA SER C 552 -27.96 60.63 43.33
C SER C 552 -28.97 61.57 43.95
N ASN C 553 -29.83 61.08 44.84
CA ASN C 553 -30.81 61.92 45.52
C ASN C 553 -30.28 62.59 46.79
N GLY C 554 -28.99 62.51 47.05
CA GLY C 554 -28.36 63.26 48.15
C GLY C 554 -28.33 62.57 49.52
N ILE C 555 -28.99 61.42 49.65
CA ILE C 555 -28.86 60.60 50.86
C ILE C 555 -27.46 60.03 50.90
N ILE C 556 -26.82 60.09 52.06
CA ILE C 556 -25.49 59.52 52.23
C ILE C 556 -25.63 58.13 52.80
N TRP C 557 -24.82 57.19 52.33
CA TRP C 557 -24.90 55.79 52.80
C TRP C 557 -23.59 55.31 53.32
N VAL C 558 -23.60 54.61 54.45
CA VAL C 558 -22.37 54.10 55.06
C VAL C 558 -22.41 52.56 55.27
N GLY C 559 -21.34 51.91 54.84
CA GLY C 559 -21.13 50.50 55.10
C GLY C 559 -20.22 50.35 56.30
N THR C 560 -20.69 49.56 57.26
CA THR C 560 -19.94 49.25 58.46
C THR C 560 -19.79 47.74 58.54
N ARG C 561 -19.36 47.25 59.71
CA ARG C 561 -19.42 45.82 60.03
C ARG C 561 -20.64 45.47 60.86
N GLU C 562 -21.56 46.41 61.03
CA GLU C 562 -22.88 46.12 61.60
C GLU C 562 -24.00 46.46 60.63
N GLY C 563 -23.82 46.13 59.37
CA GLY C 563 -24.79 46.45 58.35
C GLY C 563 -24.45 47.77 57.70
N PHE C 564 -25.47 48.47 57.25
CA PHE C 564 -25.27 49.77 56.67
C PHE C 564 -26.33 50.75 57.18
N TYR C 565 -26.11 52.05 56.97
CA TYR C 565 -27.15 53.03 57.29
C TYR C 565 -27.21 54.19 56.29
N CYS C 566 -28.30 54.94 56.37
CA CYS C 566 -28.41 56.16 55.58
C CYS C 566 -28.50 57.35 56.51
N PHE C 567 -27.90 58.45 56.08
CA PHE C 567 -28.01 59.74 56.77
C PHE C 567 -28.73 60.70 55.85
N ASN C 568 -29.83 61.26 56.36
CA ASN C 568 -30.58 62.31 55.70
C ASN C 568 -30.38 63.69 56.37
N GLU C 569 -29.57 64.52 55.71
CA GLU C 569 -29.19 65.82 56.25
C GLU C 569 -30.34 66.83 56.30
N LYS C 570 -31.37 66.61 55.47
CA LYS C 570 -32.58 67.43 55.53
C LYS C 570 -33.20 67.36 56.94
N ASP C 571 -33.54 66.17 57.43
CA ASP C 571 -34.18 66.04 58.78
C ASP C 571 -33.27 65.43 59.84
N LYS C 572 -31.96 65.47 59.59
CA LYS C 572 -30.96 64.91 60.50
C LYS C 572 -31.22 63.44 60.92
N GLN C 573 -31.94 62.67 60.10
CA GLN C 573 -32.27 61.27 60.44
C GLN C 573 -31.31 60.21 59.90
N ILE C 574 -31.02 59.23 60.75
CA ILE C 574 -30.23 58.06 60.43
C ILE C 574 -31.10 56.84 60.55
N LYS C 575 -31.17 56.01 59.51
CA LYS C 575 -31.81 54.71 59.67
C LYS C 575 -30.80 53.61 59.32
N ARG C 576 -30.75 52.57 60.16
CA ARG C 576 -29.79 51.46 60.03
C ARG C 576 -30.50 50.18 59.58
N TYR C 577 -29.81 49.40 58.75
CA TYR C 577 -30.30 48.11 58.26
C TYR C 577 -29.25 47.03 58.49
N ASN C 578 -29.68 45.79 58.75
CA ASN C 578 -28.74 44.69 59.02
C ASN C 578 -29.36 43.35 58.65
N THR C 579 -28.77 42.24 59.09
CA THR C 579 -29.20 40.95 58.61
C THR C 579 -30.66 40.68 58.97
N THR C 580 -31.14 41.25 60.08
CA THR C 580 -32.52 41.04 60.48
C THR C 580 -33.49 41.69 59.49
N ASN C 581 -33.04 42.73 58.80
CA ASN C 581 -33.87 43.39 57.80
C ASN C 581 -33.91 42.63 56.46
N GLY C 582 -32.97 41.71 56.26
CA GLY C 582 -32.85 40.99 54.99
C GLY C 582 -31.51 41.04 54.27
N LEU C 583 -30.58 41.86 54.78
CA LEU C 583 -29.18 41.84 54.36
C LEU C 583 -28.59 40.46 54.66
N PRO C 584 -27.76 39.90 53.77
CA PRO C 584 -27.28 38.54 53.98
C PRO C 584 -26.11 38.39 54.91
N ASN C 585 -25.47 39.51 55.26
CA ASN C 585 -24.30 39.52 56.12
C ASN C 585 -23.98 40.96 56.50
N ASN C 586 -23.51 41.17 57.73
CA ASN C 586 -23.35 42.51 58.28
C ASN C 586 -22.09 43.27 57.91
N VAL C 587 -21.17 42.67 57.19
CA VAL C 587 -19.96 43.37 56.83
C VAL C 587 -20.22 43.90 55.46
N VAL C 588 -20.42 45.22 55.33
CA VAL C 588 -20.69 45.81 54.02
C VAL C 588 -19.47 46.56 53.51
N TYR C 589 -18.84 46.05 52.45
CA TYR C 589 -17.59 46.58 51.95
C TYR C 589 -17.80 47.71 50.97
N GLY C 590 -18.75 47.54 50.05
CA GLY C 590 -18.95 48.55 49.00
C GLY C 590 -20.41 48.89 48.72
N ILE C 591 -20.66 50.10 48.22
CA ILE C 591 -22.01 50.48 47.78
C ILE C 591 -22.04 51.18 46.42
N LEU C 592 -22.66 50.53 45.44
CA LEU C 592 -22.90 51.13 44.13
C LEU C 592 -24.40 51.34 43.99
N GLU C 593 -24.80 52.24 43.09
CA GLU C 593 -26.20 52.60 42.82
C GLU C 593 -26.48 52.45 41.32
N ASP C 594 -27.58 51.77 40.98
CA ASP C 594 -27.96 51.60 39.58
C ASP C 594 -28.91 52.71 39.11
N SER C 595 -29.29 52.65 37.84
CA SER C 595 -30.09 53.70 37.22
C SER C 595 -31.47 53.83 37.85
N PHE C 596 -31.92 52.79 38.56
CA PHE C 596 -33.22 52.83 39.21
C PHE C 596 -33.11 53.33 40.63
N GLY C 597 -31.93 53.75 41.03
CA GLY C 597 -31.70 54.17 42.40
C GLY C 597 -31.53 53.05 43.41
N ARG C 598 -31.53 51.79 42.97
CA ARG C 598 -31.34 50.67 43.90
C ARG C 598 -29.87 50.56 44.26
N LEU C 599 -29.57 50.15 45.50
CA LEU C 599 -28.18 50.05 45.93
C LEU C 599 -27.70 48.63 45.83
N TRP C 600 -26.44 48.48 45.42
CA TRP C 600 -25.77 47.20 45.35
C TRP C 600 -24.66 47.14 46.34
N LEU C 601 -24.69 46.15 47.21
CA LEU C 601 -23.80 46.07 48.34
C LEU C 601 -23.01 44.78 48.28
N SER C 602 -21.69 44.85 48.48
CA SER C 602 -20.87 43.63 48.59
C SER C 602 -20.61 43.33 50.06
N THR C 603 -20.72 42.05 50.41
CA THR C 603 -20.56 41.61 51.80
C THR C 603 -19.65 40.37 51.89
N ASN C 604 -19.56 39.77 53.08
CA ASN C 604 -18.99 38.42 53.19
C ASN C 604 -19.95 37.30 52.82
N ARG C 605 -21.22 37.58 52.52
CA ARG C 605 -22.11 36.55 51.96
C ARG C 605 -22.74 37.05 50.68
N GLY C 606 -21.88 37.23 49.69
CA GLY C 606 -22.33 37.65 48.38
C GLY C 606 -22.70 39.11 48.28
N ILE C 607 -23.52 39.41 47.29
CA ILE C 607 -23.87 40.77 46.91
C ILE C 607 -25.37 40.95 47.15
N SER C 608 -25.76 42.08 47.73
CA SER C 608 -27.18 42.40 47.88
C SER C 608 -27.66 43.61 47.05
N CYS C 609 -28.87 43.46 46.50
CA CYS C 609 -29.60 44.56 45.86
C CYS C 609 -30.67 45.03 46.83
N PHE C 610 -30.56 46.29 47.24
CA PHE C 610 -31.44 46.88 48.22
C PHE C 610 -32.15 48.05 47.59
N ASN C 611 -33.46 48.07 47.72
CA ASN C 611 -34.26 49.17 47.27
C ASN C 611 -34.57 50.14 48.41
N PRO C 612 -34.02 51.34 48.36
CA PRO C 612 -34.28 52.23 49.49
C PRO C 612 -35.75 52.58 49.70
N GLU C 613 -36.53 52.62 48.63
CA GLU C 613 -37.94 53.00 48.75
C GLU C 613 -38.78 51.91 49.38
N THR C 614 -38.57 50.65 49.00
CA THR C 614 -39.40 49.55 49.48
C THR C 614 -38.76 48.83 50.65
N GLU C 615 -37.47 49.08 50.87
CA GLU C 615 -36.70 48.44 51.94
C GLU C 615 -36.62 46.93 51.81
N LYS C 616 -36.65 46.46 50.56
CA LYS C 616 -36.58 45.04 50.25
C LYS C 616 -35.20 44.70 49.69
N PHE C 617 -34.75 43.47 49.96
CA PHE C 617 -33.42 43.01 49.62
C PHE C 617 -33.55 41.83 48.67
N ARG C 618 -32.57 41.68 47.79
CA ARG C 618 -32.54 40.57 46.89
C ARG C 618 -31.10 40.15 46.77
N ASN C 619 -30.80 38.93 47.18
CA ASN C 619 -29.43 38.53 47.42
C ASN C 619 -28.89 37.49 46.46
N PHE C 620 -27.61 37.57 46.15
CA PHE C 620 -26.99 36.60 45.26
C PHE C 620 -25.83 36.01 46.01
N THR C 621 -25.49 34.78 45.65
CA THR C 621 -24.38 34.06 46.25
C THR C 621 -23.45 33.45 45.19
N GLU C 622 -22.40 32.80 45.66
CA GLU C 622 -21.45 32.14 44.79
C GLU C 622 -22.20 31.18 43.85
N SER C 623 -23.14 30.42 44.38
CA SER C 623 -23.90 29.48 43.54
C SER C 623 -24.63 30.12 42.36
N ASP C 624 -24.89 31.42 42.42
CA ASP C 624 -25.46 32.17 41.31
C ASP C 624 -24.44 32.66 40.30
N GLY C 625 -23.16 32.41 40.52
CA GLY C 625 -22.14 32.82 39.55
C GLY C 625 -21.19 33.91 40.03
N LEU C 626 -21.31 34.34 41.29
CA LEU C 626 -20.42 35.36 41.84
C LEU C 626 -19.07 34.76 42.07
N GLN C 627 -18.04 35.60 42.06
CA GLN C 627 -16.66 35.15 42.22
C GLN C 627 -16.45 34.30 43.43
N SER C 628 -17.14 34.65 44.52
CA SER C 628 -17.09 33.95 45.81
C SER C 628 -18.19 34.54 46.65
N ASN C 629 -18.50 33.92 47.77
CA ASN C 629 -19.30 34.62 48.76
C ASN C 629 -18.50 35.75 49.45
N GLN C 630 -17.18 35.65 49.55
CA GLN C 630 -16.41 36.65 50.30
C GLN C 630 -15.88 37.71 49.36
N PHE C 631 -16.42 38.90 49.48
CA PHE C 631 -15.91 40.04 48.76
C PHE C 631 -14.91 40.77 49.64
N ASN C 632 -14.31 41.83 49.11
CA ASN C 632 -13.16 42.42 49.76
C ASN C 632 -13.23 43.94 49.92
N THR C 633 -12.48 44.42 50.93
CA THR C 633 -12.30 45.84 51.22
C THR C 633 -11.94 46.64 49.98
N ALA C 634 -12.73 47.69 49.76
CA ALA C 634 -12.51 48.72 48.74
C ALA C 634 -12.79 48.26 47.31
N SER C 635 -13.28 47.05 47.13
CA SER C 635 -13.25 46.43 45.81
C SER C 635 -14.61 46.60 45.17
N TYR C 636 -14.84 47.81 44.69
CA TYR C 636 -16.08 48.16 44.01
C TYR C 636 -15.80 49.28 43.02
N CYS C 637 -16.58 49.30 41.95
CA CYS C 637 -16.51 50.33 40.93
C CYS C 637 -17.75 50.26 40.04
N ARG C 638 -18.32 51.42 39.75
CA ARG C 638 -19.34 51.55 38.74
C ARG C 638 -18.80 52.41 37.61
N THR C 639 -18.78 51.87 36.40
CA THR C 639 -18.24 52.61 35.28
C THR C 639 -19.20 53.73 34.90
N SER C 640 -18.78 54.61 33.99
CA SER C 640 -19.62 55.71 33.57
C SER C 640 -20.85 55.25 32.79
N VAL C 641 -20.84 54.04 32.25
CA VAL C 641 -22.03 53.53 31.56
C VAL C 641 -22.78 52.53 32.42
N GLY C 642 -22.45 52.50 33.71
CA GLY C 642 -23.24 51.76 34.64
C GLY C 642 -22.89 50.30 34.82
N GLN C 643 -21.79 49.84 34.24
CA GLN C 643 -21.34 48.45 34.47
C GLN C 643 -20.77 48.38 35.87
N MET C 644 -21.06 47.33 36.62
CA MET C 644 -20.58 47.23 38.01
C MET C 644 -19.49 46.17 38.17
N TYR C 645 -18.46 46.50 38.96
CA TYR C 645 -17.43 45.53 39.31
C TYR C 645 -17.23 45.42 40.83
N PHE C 646 -17.28 44.19 41.34
CA PHE C 646 -16.99 43.91 42.74
C PHE C 646 -15.95 42.82 42.77
N GLY C 647 -14.90 42.98 43.58
CA GLY C 647 -13.85 41.98 43.71
C GLY C 647 -13.86 41.36 45.08
N GLY C 648 -13.33 40.14 45.18
CA GLY C 648 -13.21 39.42 46.44
C GLY C 648 -11.94 38.60 46.54
N ILE C 649 -12.04 37.43 47.14
CA ILE C 649 -10.88 36.57 47.35
C ILE C 649 -10.66 35.62 46.17
N ASN C 650 -11.58 35.63 45.20
CA ASN C 650 -11.49 34.74 44.05
C ASN C 650 -11.83 35.47 42.74
N GLY C 651 -11.29 36.67 42.59
CA GLY C 651 -11.46 37.45 41.36
C GLY C 651 -12.53 38.53 41.42
N ILE C 652 -12.91 39.03 40.26
CA ILE C 652 -13.87 40.10 40.15
C ILE C 652 -15.15 39.61 39.46
N THR C 653 -16.30 39.94 40.01
CA THR C 653 -17.57 39.71 39.30
C THR C 653 -18.00 41.04 38.67
N THR C 654 -18.29 41.02 37.37
CA THR C 654 -18.85 42.18 36.69
C THR C 654 -20.23 41.87 36.19
N PHE C 655 -21.08 42.88 36.15
CA PHE C 655 -22.42 42.73 35.62
C PHE C 655 -23.06 44.08 35.39
N ARG C 656 -24.18 44.07 34.67
CA ARG C 656 -24.97 45.26 34.39
C ARG C 656 -26.33 45.07 35.03
N PRO C 657 -26.61 45.78 36.14
CA PRO C 657 -27.85 45.53 36.93
C PRO C 657 -29.15 45.60 36.15
N GLU C 658 -29.18 46.50 35.18
CA GLU C 658 -30.37 46.70 34.37
C GLU C 658 -30.65 45.47 33.49
N LEU C 659 -29.63 44.69 33.17
CA LEU C 659 -29.73 43.58 32.21
C LEU C 659 -29.72 42.20 32.87
N LEU C 660 -29.91 42.12 34.18
CA LEU C 660 -29.92 40.81 34.84
C LEU C 660 -31.25 40.12 34.61
N LEU C 661 -31.20 38.88 34.13
CA LEU C 661 -32.42 38.07 33.94
C LEU C 661 -32.50 36.96 34.93
N ASP C 662 -33.68 36.74 35.49
CA ASP C 662 -33.89 35.60 36.39
C ASP C 662 -34.25 34.37 35.59
N ASN C 663 -34.02 33.19 36.18
CA ASN C 663 -34.42 31.91 35.59
C ASN C 663 -35.94 31.86 35.57
N PRO C 664 -36.56 31.79 34.39
CA PRO C 664 -38.02 31.75 34.32
C PRO C 664 -38.61 30.33 34.42
N TYR C 665 -37.78 29.28 34.35
CA TYR C 665 -38.27 27.89 34.40
C TYR C 665 -38.59 27.40 35.82
N THR C 666 -39.72 26.74 35.96
CA THR C 666 -40.10 26.12 37.20
C THR C 666 -40.72 24.74 36.91
N PRO C 667 -39.86 23.72 36.70
CA PRO C 667 -40.39 22.40 36.36
C PRO C 667 -41.10 21.70 37.51
N PRO C 668 -41.90 20.67 37.18
CA PRO C 668 -42.57 19.90 38.21
C PRO C 668 -41.55 19.11 39.00
N VAL C 669 -41.85 18.85 40.27
CA VAL C 669 -41.10 17.89 41.04
C VAL C 669 -41.49 16.50 40.56
N VAL C 670 -40.53 15.62 40.42
CA VAL C 670 -40.79 14.21 40.11
C VAL C 670 -40.45 13.37 41.36
N ILE C 671 -41.33 12.43 41.70
CA ILE C 671 -41.06 11.54 42.84
C ILE C 671 -40.19 10.37 42.37
N THR C 672 -39.00 10.21 42.93
CA THR C 672 -37.99 9.29 42.39
C THR C 672 -37.84 7.95 43.11
N LYS C 673 -38.19 7.89 44.39
CA LYS C 673 -37.98 6.68 45.19
C LYS C 673 -39.04 6.60 46.28
N LEU C 674 -39.60 5.42 46.49
CA LEU C 674 -40.42 5.11 47.67
C LEU C 674 -39.73 3.99 48.47
N GLN C 675 -39.55 4.22 49.77
CA GLN C 675 -38.96 3.24 50.71
C GLN C 675 -39.95 2.82 51.80
N LEU C 676 -39.91 1.55 52.17
CA LEU C 676 -40.74 1.00 53.25
C LEU C 676 -39.80 0.34 54.24
N PHE C 677 -39.82 0.82 55.48
CA PHE C 677 -38.80 0.48 56.49
C PHE C 677 -37.38 0.60 55.90
N ASN C 678 -37.09 1.76 55.36
CA ASN C 678 -35.76 2.08 54.86
C ASN C 678 -35.25 1.00 53.88
N LYS C 679 -36.16 0.49 53.06
CA LYS C 679 -35.85 -0.46 52.00
C LYS C 679 -36.62 -0.05 50.73
N VAL C 680 -35.94 0.07 49.59
CA VAL C 680 -36.61 0.55 48.37
C VAL C 680 -37.75 -0.35 47.95
N VAL C 681 -38.84 0.27 47.50
CA VAL C 681 -39.97 -0.45 46.93
C VAL C 681 -39.84 -0.46 45.42
N ARG C 682 -40.13 -1.59 44.80
CA ARG C 682 -39.98 -1.72 43.36
C ARG C 682 -41.23 -2.25 42.72
N PRO C 683 -41.46 -1.85 41.46
CA PRO C 683 -42.66 -2.28 40.77
C PRO C 683 -42.81 -3.78 40.88
N ASP C 684 -43.98 -4.24 41.28
CA ASP C 684 -44.28 -5.67 41.32
C ASP C 684 -43.44 -6.44 42.36
N ASP C 685 -42.83 -5.78 43.34
CA ASP C 685 -42.09 -6.51 44.37
C ASP C 685 -43.02 -7.10 45.46
N GLU C 686 -42.41 -7.80 46.42
CA GLU C 686 -43.11 -8.45 47.58
C GLU C 686 -44.23 -7.63 48.23
N THR C 687 -44.00 -6.32 48.36
CA THR C 687 -44.86 -5.47 49.17
C THR C 687 -46.28 -5.26 48.60
N GLY C 688 -46.43 -5.39 47.28
CA GLY C 688 -47.70 -5.18 46.60
C GLY C 688 -48.09 -3.71 46.40
N ILE C 689 -47.22 -2.80 46.80
CA ILE C 689 -47.55 -1.37 46.78
C ILE C 689 -47.56 -0.79 45.36
N LEU C 690 -46.52 -1.04 44.56
CA LEU C 690 -46.42 -0.49 43.20
C LEU C 690 -46.54 -1.54 42.08
N THR C 691 -47.40 -1.27 41.11
CA THR C 691 -47.34 -1.98 39.83
C THR C 691 -46.45 -1.22 38.83
N LYS C 692 -46.35 0.11 39.00
CA LYS C 692 -45.55 0.99 38.13
C LYS C 692 -44.51 1.75 38.92
N ASN C 693 -43.49 2.24 38.21
CA ASN C 693 -42.45 3.16 38.71
C ASN C 693 -43.10 4.28 39.49
N ILE C 694 -42.51 4.63 40.63
CA ILE C 694 -43.11 5.63 41.52
C ILE C 694 -43.30 6.96 40.79
N SER C 695 -42.38 7.32 39.91
CA SER C 695 -42.52 8.50 39.06
C SER C 695 -43.77 8.50 38.19
N GLU C 696 -44.36 7.35 37.95
CA GLU C 696 -45.58 7.22 37.13
C GLU C 696 -46.83 6.88 37.96
N THR C 697 -46.69 6.78 39.28
CA THR C 697 -47.77 6.33 40.16
C THR C 697 -48.55 7.49 40.75
N LYS C 698 -49.87 7.47 40.53
CA LYS C 698 -50.76 8.50 41.03
C LYS C 698 -51.28 8.14 42.44
N SER C 699 -51.19 6.87 42.82
CA SER C 699 -51.70 6.41 44.13
C SER C 699 -51.07 5.11 44.68
N ILE C 700 -50.90 5.07 46.00
CA ILE C 700 -50.47 3.86 46.68
C ILE C 700 -51.41 3.59 47.86
N THR C 701 -51.58 2.31 48.15
CA THR C 701 -52.39 1.87 49.29
C THR C 701 -51.47 1.13 50.24
N LEU C 702 -51.43 1.56 51.49
CA LEU C 702 -50.57 0.92 52.48
C LEU C 702 -51.42 0.06 53.38
N LYS C 703 -51.10 -1.23 53.40
CA LYS C 703 -51.76 -2.17 54.30
C LYS C 703 -51.39 -1.81 55.76
N SER C 704 -52.15 -2.34 56.71
CA SER C 704 -52.07 -1.89 58.12
C SER C 704 -50.71 -2.09 58.81
N TRP C 705 -49.90 -3.00 58.30
CA TRP C 705 -48.56 -3.23 58.84
C TRP C 705 -47.51 -2.47 58.08
N GLN C 706 -47.91 -1.77 57.01
CA GLN C 706 -46.96 -1.03 56.18
C GLN C 706 -46.86 0.42 56.70
N THR C 707 -46.23 0.50 57.87
CA THR C 707 -46.33 1.57 58.85
C THR C 707 -45.43 2.77 58.62
N ALA C 708 -44.22 2.53 58.12
CA ALA C 708 -43.16 3.55 58.03
C ALA C 708 -42.60 3.56 56.65
N PHE C 709 -42.48 4.74 56.05
CA PHE C 709 -42.05 4.85 54.67
C PHE C 709 -41.39 6.18 54.43
N SER C 710 -40.63 6.27 53.36
CA SER C 710 -40.03 7.56 53.01
C SER C 710 -40.18 7.85 51.51
N ILE C 711 -40.12 9.12 51.15
CA ILE C 711 -40.37 9.53 49.78
C ILE C 711 -39.21 10.43 49.41
N GLU C 712 -38.57 10.15 48.30
CA GLU C 712 -37.52 10.99 47.76
C GLU C 712 -38.01 11.63 46.47
N PHE C 713 -37.56 12.85 46.17
CA PHE C 713 -38.00 13.57 44.98
C PHE C 713 -36.89 14.46 44.35
N VAL C 714 -37.15 14.95 43.14
CA VAL C 714 -36.27 15.90 42.48
C VAL C 714 -37.01 16.92 41.65
N VAL C 715 -36.25 17.93 41.29
CA VAL C 715 -36.63 18.78 40.22
C VAL C 715 -35.39 18.91 39.35
N SER C 716 -35.59 18.91 38.04
CA SER C 716 -34.51 18.99 37.08
C SER C 716 -34.49 20.39 36.46
N ASN C 717 -33.75 21.30 37.08
CA ASN C 717 -33.71 22.69 36.61
C ASN C 717 -32.26 23.05 36.45
N TYR C 718 -31.73 22.77 35.26
CA TYR C 718 -30.29 22.80 35.03
C TYR C 718 -29.71 24.20 35.15
N ILE C 719 -30.49 25.23 34.91
CA ILE C 719 -29.99 26.60 35.09
C ILE C 719 -29.68 26.81 36.56
N SER C 720 -30.55 26.28 37.41
CA SER C 720 -30.44 26.48 38.86
C SER C 720 -29.59 25.42 39.55
N GLY C 721 -29.18 24.39 38.81
CA GLY C 721 -28.44 23.28 39.37
C GLY C 721 -29.15 22.66 40.54
N GLN C 722 -28.45 22.55 41.66
CA GLN C 722 -29.01 21.92 42.87
C GLN C 722 -29.47 22.93 43.91
N HIS C 723 -29.66 24.18 43.48
CA HIS C 723 -30.13 25.23 44.35
C HIS C 723 -31.57 25.52 44.05
N ASN C 724 -32.41 24.61 44.50
CA ASN C 724 -33.84 24.77 44.45
C ASN C 724 -34.34 24.62 45.87
N THR C 725 -35.52 25.12 46.15
CA THR C 725 -36.13 24.87 47.45
C THR C 725 -37.36 24.04 47.21
N PHE C 726 -37.50 22.95 47.98
CA PHE C 726 -38.69 22.11 47.91
C PHE C 726 -39.60 22.46 49.06
N ALA C 727 -40.89 22.32 48.81
CA ALA C 727 -41.90 22.47 49.82
C ALA C 727 -42.75 21.22 49.75
N TYR C 728 -43.12 20.67 50.90
CA TYR C 728 -44.01 19.53 50.92
C TYR C 728 -45.03 19.59 52.05
N LYS C 729 -46.07 18.79 51.91
CA LYS C 729 -47.08 18.66 52.94
C LYS C 729 -47.80 17.35 52.69
N LEU C 730 -48.00 16.57 53.75
CA LEU C 730 -48.89 15.45 53.64
C LEU C 730 -50.30 15.94 53.98
N GLU C 731 -51.04 16.31 52.95
CA GLU C 731 -52.38 16.88 53.12
C GLU C 731 -53.28 15.80 53.67
N GLY C 732 -54.06 16.17 54.67
CA GLY C 732 -54.80 15.22 55.49
C GLY C 732 -54.17 15.11 56.87
N TYR C 733 -52.83 15.25 56.96
CA TYR C 733 -52.08 14.96 58.19
C TYR C 733 -51.23 16.14 58.68
N ASP C 734 -50.28 16.58 57.85
CA ASP C 734 -49.27 17.59 58.22
C ASP C 734 -49.96 18.89 58.55
N LYS C 735 -49.46 19.58 59.59
CA LYS C 735 -50.12 20.79 60.11
C LYS C 735 -49.89 22.00 59.19
N GLU C 736 -48.75 22.04 58.51
CA GLU C 736 -48.45 23.13 57.58
C GLU C 736 -47.52 22.63 56.44
N TRP C 737 -46.96 23.55 55.67
CA TRP C 737 -45.93 23.18 54.70
C TRP C 737 -44.59 23.31 55.33
N TYR C 738 -43.65 22.52 54.83
CA TYR C 738 -42.27 22.53 55.30
C TYR C 738 -41.32 22.56 54.11
N TYR C 739 -40.14 23.11 54.35
CA TYR C 739 -39.20 23.44 53.29
C TYR C 739 -37.87 22.72 53.44
N LEU C 740 -37.24 22.38 52.32
CA LEU C 740 -35.96 21.69 52.28
C LEU C 740 -35.07 22.25 51.19
N THR C 741 -33.78 22.43 51.51
CA THR C 741 -32.77 22.85 50.53
C THR C 741 -31.51 21.99 50.52
N ASP C 742 -31.22 21.26 51.60
CA ASP C 742 -30.04 20.40 51.65
C ASP C 742 -30.42 18.93 51.56
N SER C 743 -31.71 18.65 51.46
CA SER C 743 -32.23 17.29 51.50
C SER C 743 -33.45 17.16 50.57
N ARG C 744 -33.74 15.94 50.16
CA ARG C 744 -34.79 15.65 49.20
C ARG C 744 -35.65 14.44 49.62
N THR C 745 -35.72 14.16 50.92
CA THR C 745 -36.43 12.96 51.43
C THR C 745 -37.28 13.27 52.64
N VAL C 746 -38.43 12.62 52.72
CA VAL C 746 -39.34 12.81 53.82
C VAL C 746 -39.85 11.46 54.31
N SER C 747 -39.95 11.31 55.63
CA SER C 747 -40.35 10.03 56.26
C SER C 747 -41.62 10.22 57.06
N TYR C 748 -42.57 9.32 56.92
CA TYR C 748 -43.75 9.31 57.79
C TYR C 748 -43.85 7.97 58.50
N SER C 749 -44.51 7.93 59.65
CA SER C 749 -44.77 6.65 60.31
C SER C 749 -46.04 6.63 61.16
N ASN C 750 -46.63 5.45 61.26
CA ASN C 750 -47.83 5.26 62.08
C ASN C 750 -48.92 6.31 61.82
N LEU C 751 -49.21 6.56 60.55
CA LEU C 751 -50.34 7.41 60.16
C LEU C 751 -51.64 6.67 60.51
N PRO C 752 -52.68 7.39 60.98
CA PRO C 752 -54.01 6.78 61.21
C PRO C 752 -54.73 6.42 59.91
N GLN C 753 -55.76 5.58 60.00
CA GLN C 753 -56.59 5.18 58.85
C GLN C 753 -57.00 6.38 57.99
N GLY C 754 -57.11 6.20 56.67
CA GLY C 754 -57.69 7.22 55.80
C GLY C 754 -56.91 7.50 54.53
N THR C 755 -57.22 8.64 53.91
CA THR C 755 -56.70 8.97 52.58
C THR C 755 -55.98 10.28 52.64
N TYR C 756 -54.71 10.27 52.22
CA TYR C 756 -53.86 11.45 52.28
C TYR C 756 -53.36 11.76 50.89
N GLN C 757 -52.89 12.99 50.70
CA GLN C 757 -52.24 13.32 49.46
C GLN C 757 -50.89 13.88 49.81
N PHE C 758 -49.85 13.22 49.32
CA PHE C 758 -48.52 13.77 49.47
C PHE C 758 -48.25 14.78 48.35
N LEU C 759 -47.91 16.00 48.76
CA LEU C 759 -47.76 17.14 47.85
C LEU C 759 -46.36 17.68 47.99
N VAL C 760 -45.71 17.96 46.87
CA VAL C 760 -44.38 18.55 46.88
C VAL C 760 -44.22 19.48 45.68
N LYS C 761 -43.66 20.66 45.89
CA LYS C 761 -43.39 21.61 44.80
C LYS C 761 -41.98 22.20 44.96
N ALA C 762 -41.51 22.96 44.00
CA ALA C 762 -40.17 23.51 44.09
C ALA C 762 -40.10 24.91 43.51
N ALA C 763 -39.23 25.73 44.08
CA ALA C 763 -38.85 27.02 43.53
C ALA C 763 -37.43 26.94 43.00
N ASN C 764 -37.11 27.75 41.99
CA ASN C 764 -35.78 27.72 41.35
C ASN C 764 -34.84 28.56 42.17
N SER C 765 -33.59 28.67 41.74
CA SER C 765 -32.58 29.39 42.53
C SER C 765 -32.90 30.85 42.66
N ASP C 766 -33.58 31.43 41.68
CA ASP C 766 -34.00 32.84 41.74
C ASP C 766 -35.34 33.03 42.46
N GLY C 767 -35.88 32.00 43.11
CA GLY C 767 -37.03 32.18 44.00
C GLY C 767 -38.43 32.06 43.39
N LYS C 768 -38.51 31.68 42.11
CA LYS C 768 -39.80 31.52 41.44
C LYS C 768 -40.34 30.08 41.65
N TRP C 769 -41.59 29.95 42.11
CA TRP C 769 -42.23 28.63 42.32
C TRP C 769 -43.00 28.11 41.15
N ASN C 770 -42.96 26.78 41.01
CA ASN C 770 -44.00 26.07 40.28
C ASN C 770 -45.15 25.83 41.26
N PRO C 771 -46.26 26.55 41.08
CA PRO C 771 -47.36 26.49 42.06
C PRO C 771 -48.25 25.23 41.98
N ILE C 772 -48.08 24.41 40.95
CA ILE C 772 -48.84 23.17 40.88
C ILE C 772 -48.01 22.02 41.47
N PRO C 773 -48.40 21.51 42.66
CA PRO C 773 -47.62 20.43 43.24
C PRO C 773 -47.72 19.12 42.50
N THR C 774 -46.73 18.26 42.68
CA THR C 774 -46.85 16.87 42.31
C THR C 774 -47.51 16.18 43.48
N ALA C 775 -48.52 15.36 43.21
CA ALA C 775 -49.36 14.78 44.27
C ALA C 775 -49.27 13.26 44.22
N LEU C 776 -49.26 12.60 45.38
CA LEU C 776 -49.29 11.13 45.44
C LEU C 776 -50.33 10.71 46.46
N GLU C 777 -51.35 10.01 46.01
CA GLU C 777 -52.41 9.63 46.92
C GLU C 777 -51.91 8.46 47.75
N ILE C 778 -52.15 8.54 49.05
CA ILE C 778 -51.74 7.52 49.98
C ILE C 778 -52.96 7.11 50.79
N ILE C 779 -53.42 5.89 50.57
CA ILE C 779 -54.54 5.34 51.29
C ILE C 779 -53.99 4.38 52.36
N VAL C 780 -54.20 4.72 53.63
CA VAL C 780 -53.74 3.88 54.74
C VAL C 780 -54.89 3.06 55.27
N LEU C 781 -54.89 1.76 55.01
CA LEU C 781 -55.94 0.85 55.46
C LEU C 781 -55.96 0.66 56.99
N PRO C 782 -57.13 0.26 57.53
CA PRO C 782 -57.23 -0.07 58.96
C PRO C 782 -56.81 -1.53 59.27
N ILE C 783 -56.29 -1.76 60.48
CA ILE C 783 -55.99 -3.13 61.02
C ILE C 783 -57.26 -3.96 61.18
N GLN D 28 5.45 12.81 50.13
CA GLN D 28 4.62 13.92 49.58
C GLN D 28 3.58 14.39 50.62
N ILE D 29 3.73 15.64 51.04
CA ILE D 29 2.72 16.31 51.85
C ILE D 29 1.77 17.08 50.94
N THR D 30 0.48 16.74 51.00
CA THR D 30 -0.57 17.42 50.21
C THR D 30 -1.82 17.63 51.07
N PHE D 31 -2.68 18.59 50.69
CA PHE D 31 -3.74 19.08 51.57
C PHE D 31 -5.13 18.94 51.00
N SER D 32 -6.11 18.76 51.90
CA SER D 32 -7.53 18.96 51.63
C SER D 32 -7.91 20.37 52.05
N TYR D 33 -9.03 20.86 51.52
CA TYR D 33 -9.45 22.25 51.71
C TYR D 33 -10.80 22.36 52.43
N ILE D 34 -10.81 23.25 53.42
CA ILE D 34 -12.01 23.59 54.17
C ILE D 34 -12.04 25.10 54.25
N SER D 35 -12.91 25.70 53.46
CA SER D 35 -12.98 27.16 53.35
C SER D 35 -14.43 27.58 53.06
N ILE D 36 -14.59 28.74 52.43
CA ILE D 36 -15.92 29.34 52.22
C ILE D 36 -16.90 28.36 51.56
N ASN D 37 -16.45 27.68 50.50
CA ASN D 37 -17.34 26.77 49.80
C ASN D 37 -17.82 25.67 50.74
N GLU D 38 -17.01 25.30 51.73
CA GLU D 38 -17.36 24.22 52.64
C GLU D 38 -18.21 24.70 53.84
N GLY D 39 -18.35 26.01 54.00
CA GLY D 39 -19.16 26.59 55.08
C GLY D 39 -18.46 27.54 56.06
N LEU D 40 -17.13 27.61 55.99
CA LEU D 40 -16.36 28.52 56.84
C LEU D 40 -16.90 29.92 56.64
N SER D 41 -17.09 30.67 57.71
CA SER D 41 -17.78 31.97 57.58
C SER D 41 -16.94 32.98 56.82
N GLN D 42 -15.63 32.95 57.02
CA GLN D 42 -14.73 33.94 56.43
C GLN D 42 -13.34 33.31 56.29
N SER D 43 -12.57 33.79 55.32
CA SER D 43 -11.38 33.09 54.83
C SER D 43 -10.15 33.08 55.78
N THR D 44 -10.16 33.97 56.79
CA THR D 44 -8.99 34.21 57.64
C THR D 44 -9.14 33.46 58.93
N VAL D 45 -8.29 32.46 59.19
CA VAL D 45 -8.38 31.76 60.46
C VAL D 45 -7.20 32.10 61.33
N PHE D 46 -7.48 32.85 62.41
CA PHE D 46 -6.46 33.43 63.27
C PHE D 46 -5.97 32.45 64.29
N SER D 47 -6.80 31.46 64.63
CA SER D 47 -6.53 30.57 65.76
C SER D 47 -7.42 29.33 65.69
N ILE D 48 -6.85 28.17 66.02
CA ILE D 48 -7.56 26.91 65.93
C ILE D 48 -7.48 26.17 67.25
N ASP D 49 -8.56 25.50 67.65
CA ASP D 49 -8.49 24.60 68.80
C ASP D 49 -9.61 23.56 68.66
N GLN D 50 -9.62 22.58 69.57
CA GLN D 50 -10.56 21.48 69.51
C GLN D 50 -11.20 21.26 70.89
N ASP D 51 -12.47 20.92 70.95
CA ASP D 51 -13.10 20.72 72.25
C ASP D 51 -13.21 19.22 72.61
N LYS D 52 -13.81 18.91 73.75
CA LYS D 52 -13.87 17.54 74.24
C LYS D 52 -14.84 16.63 73.43
N ARG D 53 -15.72 17.21 72.61
CA ARG D 53 -16.60 16.40 71.74
C ARG D 53 -16.02 16.19 70.33
N GLY D 54 -14.80 16.69 70.12
CA GLY D 54 -14.07 16.53 68.88
C GLY D 54 -14.29 17.65 67.89
N ASN D 55 -15.06 18.67 68.27
CA ASN D 55 -15.35 19.77 67.34
C ASN D 55 -14.14 20.61 67.18
N MET D 56 -13.95 21.12 65.97
CA MET D 56 -12.92 22.08 65.71
C MET D 56 -13.52 23.46 65.87
N TRP D 57 -12.75 24.35 66.48
CA TRP D 57 -13.11 25.75 66.63
C TRP D 57 -12.15 26.61 65.88
N PHE D 58 -12.70 27.57 65.13
CA PHE D 58 -11.93 28.48 64.30
C PHE D 58 -12.33 29.91 64.58
N ALA D 59 -11.35 30.74 64.94
CA ALA D 59 -11.55 32.17 65.09
C ALA D 59 -11.24 32.85 63.76
N THR D 60 -12.24 33.52 63.18
CA THR D 60 -12.04 34.24 61.95
C THR D 60 -12.31 35.72 62.11
N TYR D 61 -12.11 36.43 61.01
CA TYR D 61 -12.34 37.86 60.96
C TYR D 61 -13.84 38.20 60.72
N ASP D 62 -14.70 37.17 60.64
CA ASP D 62 -16.17 37.37 60.65
C ASP D 62 -16.87 36.18 61.28
N GLY D 63 -16.71 36.06 62.59
CA GLY D 63 -17.44 35.05 63.37
C GLY D 63 -16.62 33.86 63.85
N VAL D 64 -17.09 33.23 64.91
CA VAL D 64 -16.46 32.04 65.42
C VAL D 64 -17.16 30.82 64.79
N ASN D 65 -16.36 29.93 64.21
CA ASN D 65 -16.86 28.77 63.51
C ASN D 65 -16.57 27.49 64.31
N LYS D 66 -17.61 26.69 64.52
CA LYS D 66 -17.50 25.37 65.12
C LYS D 66 -17.74 24.35 64.02
N TYR D 67 -16.85 23.38 63.89
CA TYR D 67 -16.91 22.41 62.80
C TYR D 67 -16.81 20.99 63.33
N ASP D 68 -17.74 20.14 62.90
CA ASP D 68 -17.88 18.78 63.46
C ASP D 68 -17.54 17.69 62.45
N GLY D 69 -16.99 18.09 61.30
CA GLY D 69 -16.57 17.14 60.29
C GLY D 69 -17.60 16.99 59.20
N TYR D 70 -18.83 17.43 59.48
CA TYR D 70 -19.94 17.44 58.48
C TYR D 70 -20.55 18.81 58.21
N ALA D 71 -20.68 19.65 59.22
CA ALA D 71 -21.25 20.98 59.04
C ALA D 71 -20.56 21.99 59.95
N PHE D 72 -20.61 23.24 59.51
CA PHE D 72 -20.17 24.34 60.32
C PHE D 72 -21.38 24.89 61.07
N THR D 73 -21.18 25.30 62.32
CA THR D 73 -22.09 26.22 62.97
C THR D 73 -21.32 27.54 63.12
N VAL D 74 -21.88 28.62 62.58
CA VAL D 74 -21.24 29.91 62.63
C VAL D 74 -21.90 30.70 63.73
N TYR D 75 -21.09 31.31 64.60
CA TYR D 75 -21.61 32.16 65.65
C TYR D 75 -21.17 33.61 65.38
N GLN D 76 -22.16 34.46 65.12
CA GLN D 76 -21.94 35.84 64.83
C GLN D 76 -22.73 36.69 65.81
N HIS D 77 -22.47 37.98 65.78
CA HIS D 77 -23.00 38.89 66.76
C HIS D 77 -24.32 39.41 66.31
N ASN D 78 -25.27 39.48 67.24
CA ASN D 78 -26.56 40.06 66.98
C ASN D 78 -26.83 41.02 68.09
N GLU D 79 -27.07 42.28 67.74
CA GLU D 79 -27.25 43.36 68.72
C GLU D 79 -28.56 43.20 69.52
N ASP D 80 -29.53 42.49 68.97
CA ASP D 80 -30.77 42.26 69.68
C ASP D 80 -30.68 41.06 70.64
N ASP D 81 -29.72 40.17 70.43
CA ASP D 81 -29.57 38.98 71.25
C ASP D 81 -28.26 39.02 72.04
N PRO D 82 -28.32 39.37 73.33
CA PRO D 82 -27.08 39.53 74.08
C PRO D 82 -26.42 38.21 74.47
N ASN D 83 -27.04 37.08 74.10
CA ASN D 83 -26.41 35.76 74.24
C ASN D 83 -25.53 35.40 73.05
N SER D 84 -25.49 36.28 72.05
CA SER D 84 -24.59 36.13 70.93
C SER D 84 -23.20 36.65 71.29
N ILE D 85 -22.23 36.20 70.51
CA ILE D 85 -20.83 36.61 70.61
C ILE D 85 -20.77 38.14 70.54
N ALA D 86 -19.92 38.75 71.36
CA ALA D 86 -19.91 40.22 71.48
C ALA D 86 -19.53 40.91 70.17
N ASN D 87 -18.67 40.27 69.38
CA ASN D 87 -18.16 40.85 68.15
C ASN D 87 -17.78 39.76 67.16
N ASP D 88 -17.91 40.06 65.88
CA ASP D 88 -17.55 39.11 64.83
C ASP D 88 -16.07 39.00 64.58
N ILE D 89 -15.30 40.03 64.91
CA ILE D 89 -13.85 39.98 64.79
C ILE D 89 -13.38 39.19 66.00
N SER D 90 -12.95 37.95 65.77
CA SER D 90 -12.44 37.08 66.84
C SER D 90 -11.00 36.86 66.54
N ARG D 91 -10.19 36.71 67.58
CA ARG D 91 -8.76 36.62 67.42
C ARG D 91 -8.20 35.32 67.92
N ILE D 92 -8.73 34.82 69.02
CA ILE D 92 -8.09 33.71 69.67
C ILE D 92 -9.18 32.77 70.17
N VAL D 93 -8.97 31.48 70.01
CA VAL D 93 -9.86 30.50 70.63
C VAL D 93 -9.02 29.52 71.45
N LYS D 94 -9.38 29.34 72.71
CA LYS D 94 -8.61 28.45 73.57
C LYS D 94 -9.53 27.57 74.41
N THR D 95 -9.31 26.26 74.31
CA THR D 95 -9.99 25.29 75.14
C THR D 95 -9.15 25.13 76.40
N ASP D 96 -9.78 25.16 77.57
CA ASP D 96 -9.06 24.93 78.82
C ASP D 96 -9.03 23.45 79.22
N SER D 97 -8.37 23.17 80.33
CA SER D 97 -8.20 21.81 80.86
C SER D 97 -9.50 21.09 81.19
N GLN D 98 -10.58 21.82 81.38
CA GLN D 98 -11.89 21.21 81.57
C GLN D 98 -12.80 21.27 80.34
N GLY D 99 -12.19 21.50 79.17
CA GLY D 99 -12.93 21.51 77.92
C GLY D 99 -13.81 22.71 77.65
N ARG D 100 -13.74 23.76 78.46
CA ARG D 100 -14.51 24.97 78.14
C ARG D 100 -13.82 25.78 77.05
N VAL D 101 -14.63 26.33 76.15
CA VAL D 101 -14.14 27.13 75.02
C VAL D 101 -14.23 28.64 75.26
N TRP D 102 -13.07 29.28 75.19
CA TRP D 102 -12.93 30.72 75.40
C TRP D 102 -12.56 31.38 74.12
N ILE D 103 -13.16 32.53 73.88
CA ILE D 103 -12.88 33.30 72.69
C ILE D 103 -12.43 34.67 73.13
N GLY D 104 -11.33 35.14 72.54
CA GLY D 104 -10.93 36.54 72.65
C GLY D 104 -11.40 37.24 71.39
N THR D 105 -12.19 38.30 71.57
CA THR D 105 -12.70 39.11 70.45
C THR D 105 -12.22 40.53 70.61
N ARG D 106 -12.51 41.33 69.59
CA ARG D 106 -12.20 42.76 69.59
C ARG D 106 -12.89 43.48 70.75
N ASP D 107 -14.00 42.93 71.22
CA ASP D 107 -14.76 43.57 72.29
C ASP D 107 -14.55 42.93 73.65
N GLY D 108 -13.76 41.86 73.75
CA GLY D 108 -13.47 41.31 75.08
C GLY D 108 -13.18 39.82 75.16
N LEU D 109 -13.61 39.21 76.26
CA LEU D 109 -13.53 37.78 76.43
C LEU D 109 -14.94 37.21 76.35
N SER D 110 -15.08 36.04 75.72
CA SER D 110 -16.38 35.34 75.61
C SER D 110 -16.20 33.85 75.91
N ARG D 111 -17.15 33.29 76.65
CA ARG D 111 -17.20 31.86 76.91
C ARG D 111 -18.35 31.20 76.13
N TYR D 112 -18.07 30.07 75.50
CA TYR D 112 -19.12 29.26 74.88
C TYR D 112 -19.72 28.41 75.96
N ASP D 113 -20.96 28.72 76.33
CA ASP D 113 -21.72 27.89 77.26
C ASP D 113 -22.25 26.68 76.49
N GLU D 114 -21.52 25.58 76.57
CA GLU D 114 -21.92 24.35 75.88
C GLU D 114 -23.25 23.78 76.41
N GLU D 115 -23.50 23.93 77.72
CA GLU D 115 -24.80 23.58 78.29
C GLU D 115 -25.95 24.28 77.62
N LYS D 116 -25.84 25.57 77.39
CA LYS D 116 -26.96 26.34 76.84
C LYS D 116 -26.82 26.71 75.36
N ASP D 117 -25.74 26.25 74.72
CA ASP D 117 -25.40 26.62 73.33
C ASP D 117 -25.55 28.13 73.09
N ILE D 118 -24.99 28.92 74.00
CA ILE D 118 -24.97 30.38 73.90
C ILE D 118 -23.61 30.92 74.36
N PHE D 119 -23.45 32.24 74.28
CA PHE D 119 -22.25 32.87 74.78
C PHE D 119 -22.51 33.78 75.98
N GLN D 120 -21.59 33.76 76.94
CA GLN D 120 -21.51 34.82 77.94
C GLN D 120 -20.34 35.71 77.53
N ASN D 121 -20.55 37.02 77.57
CA ASN D 121 -19.53 37.97 77.15
C ASN D 121 -19.05 38.82 78.33
N PHE D 122 -17.75 39.03 78.42
CA PHE D 122 -17.17 39.81 79.52
C PHE D 122 -16.32 40.94 78.99
N PHE D 123 -16.37 42.09 79.69
CA PHE D 123 -15.79 43.33 79.17
C PHE D 123 -14.88 44.00 80.16
N TYR D 124 -13.75 44.51 79.68
CA TYR D 124 -12.81 45.25 80.49
C TYR D 124 -12.75 46.66 79.92
N GLU D 125 -13.03 47.65 80.76
CA GLU D 125 -12.96 49.06 80.37
C GLU D 125 -11.64 49.67 80.82
N LYS D 126 -11.02 50.42 79.92
CA LYS D 126 -9.86 51.27 80.23
C LYS D 126 -10.01 52.55 79.39
N ASN D 127 -10.16 53.66 80.11
CA ASN D 127 -10.27 54.98 79.51
C ASN D 127 -11.37 55.04 78.46
N GLY D 128 -12.58 54.63 78.86
CA GLY D 128 -13.75 54.62 77.97
C GLY D 128 -13.81 53.61 76.81
N LYS D 129 -12.82 52.72 76.67
CA LYS D 129 -12.81 51.74 75.59
C LYS D 129 -12.85 50.33 76.16
N HIS D 130 -13.58 49.43 75.51
CA HIS D 130 -13.53 48.03 75.89
C HIS D 130 -12.34 47.43 75.24
N LEU D 131 -11.49 46.78 76.03
CA LEU D 131 -10.27 46.29 75.47
C LEU D 131 -10.49 44.94 74.82
N GLN D 132 -9.67 44.72 73.80
CA GLN D 132 -9.71 43.57 72.94
C GLN D 132 -8.84 42.50 73.56
N VAL D 133 -9.16 41.22 73.37
CA VAL D 133 -8.36 40.15 73.96
C VAL D 133 -7.54 39.40 72.90
N ASN D 134 -6.21 39.53 72.98
CA ASN D 134 -5.26 38.98 71.99
C ASN D 134 -4.75 37.61 72.33
N GLY D 135 -4.87 37.25 73.61
CA GLY D 135 -4.30 36.00 74.08
C GLY D 135 -5.00 35.49 75.32
N ILE D 136 -5.13 34.16 75.37
CA ILE D 136 -5.70 33.47 76.52
C ILE D 136 -4.80 32.29 76.87
N GLU D 137 -4.44 32.19 78.14
CA GLU D 137 -3.77 30.98 78.66
C GLU D 137 -4.30 30.69 80.07
N GLU D 138 -4.11 29.46 80.50
CA GLU D 138 -4.67 28.99 81.76
C GLU D 138 -3.61 29.04 82.87
N ILE D 139 -3.85 29.89 83.87
CA ILE D 139 -3.00 29.93 85.06
C ILE D 139 -3.31 28.75 85.98
N SER D 140 -4.60 28.61 86.29
CA SER D 140 -5.12 27.52 87.08
C SER D 140 -6.54 27.24 86.55
N PRO D 141 -7.18 26.16 87.04
CA PRO D 141 -8.49 25.81 86.50
C PRO D 141 -9.54 26.91 86.57
N GLU D 142 -9.50 27.77 87.56
CA GLU D 142 -10.51 28.81 87.63
C GLU D 142 -9.95 30.21 87.38
N GLN D 143 -8.77 30.30 86.77
CA GLN D 143 -8.11 31.59 86.50
C GLN D 143 -7.36 31.62 85.15
N LEU D 144 -7.64 32.65 84.35
CA LEU D 144 -7.02 32.80 83.02
C LEU D 144 -6.05 33.97 82.97
N LEU D 145 -4.99 33.82 82.19
CA LEU D 145 -4.11 34.94 81.84
C LEU D 145 -4.69 35.55 80.55
N ILE D 146 -4.93 36.85 80.57
CA ILE D 146 -5.53 37.59 79.44
C ILE D 146 -4.63 38.73 78.99
N SER D 147 -4.14 38.65 77.76
CA SER D 147 -3.35 39.73 77.23
C SER D 147 -4.24 40.67 76.43
N THR D 148 -4.20 41.96 76.75
CA THR D 148 -4.87 43.00 75.97
C THR D 148 -3.77 43.87 75.33
N PRO D 149 -4.14 44.75 74.39
CA PRO D 149 -3.13 45.67 73.81
C PRO D 149 -2.51 46.63 74.81
N GLU D 150 -3.16 46.85 75.95
CA GLU D 150 -2.65 47.74 76.97
C GLU D 150 -2.11 47.03 78.21
N GLY D 151 -1.89 45.72 78.13
CA GLY D 151 -1.31 45.00 79.26
C GLY D 151 -1.90 43.63 79.56
N LEU D 152 -1.37 43.02 80.63
CA LEU D 152 -1.73 41.67 81.06
C LEU D 152 -2.60 41.72 82.29
N ILE D 153 -3.71 40.99 82.25
CA ILE D 153 -4.67 40.96 83.36
C ILE D 153 -5.16 39.51 83.58
N MET D 154 -5.97 39.30 84.61
CA MET D 154 -6.49 37.98 84.92
C MET D 154 -8.03 37.93 84.86
N PHE D 155 -8.58 36.77 84.52
CA PHE D 155 -10.01 36.56 84.60
C PHE D 155 -10.29 35.44 85.58
N ASP D 156 -10.94 35.79 86.67
CA ASP D 156 -11.41 34.84 87.67
C ASP D 156 -12.69 34.17 87.15
N ILE D 157 -12.61 32.87 86.87
CA ILE D 157 -13.75 32.12 86.33
C ILE D 157 -14.85 31.88 87.38
N LYS D 158 -14.47 31.58 88.62
CA LYS D 158 -15.47 31.50 89.72
C LYS D 158 -16.36 32.72 89.67
N GLU D 159 -15.76 33.89 89.75
CA GLU D 159 -16.50 35.14 89.92
C GLU D 159 -16.87 35.82 88.60
N SER D 160 -16.43 35.28 87.47
CA SER D 160 -16.67 35.94 86.18
C SER D 160 -16.20 37.40 86.21
N LYS D 161 -15.00 37.65 86.70
CA LYS D 161 -14.53 39.00 86.90
C LYS D 161 -13.13 39.20 86.36
N PHE D 162 -12.89 40.39 85.83
CA PHE D 162 -11.53 40.78 85.49
C PHE D 162 -10.83 41.36 86.73
N ILE D 163 -9.61 40.90 86.96
CA ILE D 163 -8.80 41.39 88.07
C ILE D 163 -7.50 41.92 87.47
N ASP D 164 -7.25 43.21 87.64
CA ASP D 164 -6.08 43.84 87.03
C ASP D 164 -4.98 44.24 88.02
N ASP D 165 -5.15 43.91 89.29
CA ASP D 165 -4.26 44.44 90.33
C ASP D 165 -3.51 43.36 91.12
N SER D 166 -3.37 42.17 90.55
CA SER D 166 -2.76 41.05 91.27
C SER D 166 -1.41 40.60 90.68
N PHE D 167 -1.04 41.11 89.51
CA PHE D 167 0.30 40.91 89.02
C PHE D 167 1.21 42.05 89.47
N SER D 168 2.50 41.85 89.28
CA SER D 168 3.47 42.90 89.51
C SER D 168 3.25 43.99 88.45
N THR D 169 3.67 45.22 88.74
CA THR D 169 3.65 46.27 87.74
C THR D 169 4.33 45.79 86.46
N ALA D 170 5.55 45.28 86.59
CA ALA D 170 6.32 44.84 85.44
C ALA D 170 5.56 43.87 84.58
N MET D 171 4.81 42.96 85.17
CA MET D 171 4.08 41.98 84.38
C MET D 171 2.83 42.63 83.77
N HIS D 172 2.11 43.40 84.57
CA HIS D 172 0.90 44.11 84.14
C HIS D 172 1.11 44.97 82.92
N LYS D 173 2.16 45.78 82.89
CA LYS D 173 2.36 46.72 81.80
C LYS D 173 2.98 46.06 80.55
N THR D 174 3.30 44.76 80.61
CA THR D 174 3.82 44.02 79.44
C THR D 174 2.76 43.85 78.33
N ILE D 175 3.16 44.19 77.09
CA ILE D 175 2.30 44.04 75.93
C ILE D 175 2.68 42.69 75.31
N ALA D 176 1.84 41.68 75.55
CA ALA D 176 2.19 40.31 75.19
C ALA D 176 1.60 39.97 73.84
N SER D 177 2.44 39.48 72.93
CA SER D 177 2.05 39.13 71.58
C SER D 177 1.71 37.66 71.40
N THR D 178 2.01 36.84 72.40
CA THR D 178 1.79 35.40 72.34
C THR D 178 1.98 34.80 73.74
N LEU D 179 1.09 33.90 74.12
CA LEU D 179 1.14 33.21 75.41
C LEU D 179 1.26 31.74 75.16
N TYR D 180 1.93 31.04 76.06
CA TYR D 180 2.21 29.63 75.86
C TYR D 180 2.54 28.98 77.20
N ARG D 181 1.71 28.03 77.63
CA ARG D 181 1.96 27.32 78.87
C ARG D 181 2.67 26.01 78.62
N GLN D 182 3.70 25.76 79.42
CA GLN D 182 4.29 24.42 79.50
C GLN D 182 4.57 24.09 80.95
N GLY D 183 3.78 23.17 81.49
CA GLY D 183 3.89 22.78 82.88
C GLY D 183 3.58 23.94 83.79
N ASP D 184 4.49 24.22 84.71
CA ASP D 184 4.34 25.29 85.68
C ASP D 184 4.64 26.70 85.13
N GLN D 185 5.16 26.77 83.91
CA GLN D 185 5.56 28.04 83.33
C GLN D 185 4.65 28.47 82.22
N ILE D 186 4.28 29.75 82.21
CA ILE D 186 3.63 30.37 81.06
C ILE D 186 4.63 31.26 80.32
N TYR D 187 5.07 30.85 79.15
CA TYR D 187 5.97 31.69 78.35
C TYR D 187 5.24 32.86 77.67
N ILE D 188 5.82 34.05 77.76
CA ILE D 188 5.19 35.28 77.28
C ILE D 188 6.06 36.03 76.27
N GLY D 189 5.70 35.93 75.00
CA GLY D 189 6.36 36.71 73.96
C GLY D 189 5.89 38.15 73.98
N THR D 190 6.80 39.08 73.76
CA THR D 190 6.46 40.47 73.73
C THR D 190 6.77 41.05 72.38
N SER D 191 6.21 42.22 72.12
CA SER D 191 6.35 42.89 70.83
C SER D 191 7.76 43.41 70.57
N THR D 192 8.45 43.85 71.63
CA THR D 192 9.75 44.51 71.49
C THR D 192 10.86 44.02 72.45
N ASP D 193 10.46 43.45 73.59
CA ASP D 193 11.41 43.09 74.65
C ASP D 193 11.64 41.57 74.84
N GLY D 194 11.37 40.80 73.81
CA GLY D 194 11.67 39.39 73.86
C GLY D 194 10.82 38.52 74.77
N LEU D 195 11.41 37.39 75.14
CA LEU D 195 10.69 36.28 75.75
C LEU D 195 10.84 36.29 77.27
N TYR D 196 9.70 36.28 77.97
CA TYR D 196 9.66 36.17 79.42
C TYR D 196 8.99 34.85 79.84
N THR D 197 9.15 34.52 81.11
CA THR D 197 8.56 33.30 81.69
C THR D 197 7.96 33.61 83.06
N TYR D 198 6.67 33.34 83.19
CA TYR D 198 5.98 33.50 84.46
C TYR D 198 5.84 32.14 85.12
N SER D 199 6.21 32.04 86.38
CA SER D 199 5.99 30.81 87.12
C SER D 199 4.65 30.90 87.85
N ILE D 200 3.75 29.97 87.57
CA ILE D 200 2.44 29.95 88.23
C ILE D 200 2.57 29.81 89.76
N THR D 201 3.51 28.95 90.18
CA THR D 201 3.73 28.66 91.58
C THR D 201 4.48 29.77 92.30
N GLN D 202 5.66 30.12 91.79
CA GLN D 202 6.53 31.13 92.44
C GLN D 202 6.05 32.58 92.18
N LYS D 203 5.33 32.78 91.07
CA LYS D 203 4.86 34.11 90.65
C LYS D 203 6.00 35.06 90.26
N THR D 204 7.13 34.46 89.86
CA THR D 204 8.24 35.21 89.32
C THR D 204 7.99 35.44 87.83
N PHE D 205 8.34 36.62 87.35
CA PHE D 205 8.18 37.00 85.96
C PHE D 205 9.52 37.50 85.50
N GLU D 206 10.18 36.75 84.62
CA GLU D 206 11.53 37.12 84.26
C GLU D 206 11.92 36.71 82.85
N LYS D 207 12.80 37.53 82.27
CA LYS D 207 13.30 37.36 80.91
C LYS D 207 14.09 36.05 80.85
N VAL D 208 13.88 35.30 79.77
CA VAL D 208 14.52 34.01 79.57
C VAL D 208 15.90 34.22 78.94
N ILE D 209 16.03 35.22 78.06
CA ILE D 209 17.30 35.53 77.38
C ILE D 209 17.35 36.98 76.86
N PRO D 210 18.40 37.75 77.22
CA PRO D 210 18.61 39.05 76.61
C PRO D 210 19.63 39.01 75.47
N THR D 214 14.88 42.10 69.07
CA THR D 214 13.89 43.16 69.31
C THR D 214 12.72 43.18 68.30
N LYS D 215 12.41 42.06 67.66
CA LYS D 215 11.23 41.97 66.78
C LYS D 215 10.14 41.17 67.46
N GLN D 216 8.91 41.28 66.97
CA GLN D 216 7.76 40.78 67.71
C GLN D 216 7.74 39.25 67.76
N ILE D 217 7.50 38.70 68.94
CA ILE D 217 7.43 37.24 69.11
C ILE D 217 6.02 36.70 68.85
N GLN D 218 5.91 35.89 67.81
CA GLN D 218 4.60 35.53 67.25
C GLN D 218 4.07 34.19 67.73
N ALA D 219 4.96 33.22 67.90
CA ALA D 219 4.61 31.88 68.36
C ALA D 219 5.75 31.34 69.23
N ILE D 220 5.40 30.46 70.17
CA ILE D 220 6.38 29.75 71.00
C ILE D 220 5.92 28.31 71.16
N LEU D 221 6.88 27.40 71.26
CA LEU D 221 6.56 25.98 71.26
C LEU D 221 7.73 25.26 71.90
N GLN D 222 7.44 24.37 72.84
CA GLN D 222 8.51 23.58 73.51
C GLN D 222 8.57 22.16 72.94
N GLN D 223 9.71 21.82 72.34
CA GLN D 223 9.87 20.50 71.76
C GLN D 223 10.31 19.52 72.84
N SER D 224 11.26 19.94 73.66
CA SER D 224 11.83 19.13 74.72
C SER D 224 12.09 20.01 75.95
N PRO D 225 12.55 19.42 77.04
CA PRO D 225 12.95 20.33 78.13
C PRO D 225 14.22 21.13 77.80
N THR D 226 14.89 20.80 76.69
CA THR D 226 16.07 21.54 76.26
C THR D 226 15.87 22.21 74.90
N ARG D 227 14.62 22.40 74.48
CA ARG D 227 14.33 23.03 73.19
C ARG D 227 13.08 23.88 73.22
N ILE D 228 13.26 25.19 73.09
CA ILE D 228 12.14 26.11 72.93
C ILE D 228 12.26 26.86 71.61
N TRP D 229 11.25 26.70 70.75
CA TRP D 229 11.21 27.37 69.46
C TRP D 229 10.45 28.67 69.53
N VAL D 230 11.08 29.76 69.06
CA VAL D 230 10.47 31.11 69.04
C VAL D 230 10.38 31.72 67.62
N ALA D 231 9.14 31.92 67.14
CA ALA D 231 8.88 32.57 65.86
C ALA D 231 8.95 34.09 66.05
N THR D 232 9.50 34.81 65.08
CA THR D 232 9.48 36.28 65.14
C THR D 232 9.02 36.92 63.84
N GLU D 233 8.71 38.20 63.96
CA GLU D 233 8.18 39.00 62.88
C GLU D 233 9.34 39.81 62.29
N GLY D 234 10.25 39.10 61.63
CA GLY D 234 11.31 39.73 60.88
C GLY D 234 12.71 39.28 61.27
N ALA D 235 12.85 38.61 62.42
CA ALA D 235 14.17 38.14 62.87
C ALA D 235 14.24 36.61 62.87
N GLY D 236 13.40 36.01 62.03
CA GLY D 236 13.44 34.58 61.78
C GLY D 236 12.98 33.72 62.94
N LEU D 237 13.40 32.46 62.88
CA LEU D 237 13.09 31.45 63.89
C LEU D 237 14.26 31.41 64.87
N PHE D 238 13.99 31.12 66.14
CA PHE D 238 15.07 30.96 67.13
C PHE D 238 14.93 29.63 67.86
N LEU D 239 16.03 28.90 68.03
CA LEU D 239 16.04 27.72 68.92
C LEU D 239 16.73 28.11 70.22
N ILE D 240 16.14 27.73 71.34
CA ILE D 240 16.66 28.08 72.67
C ILE D 240 16.73 26.86 73.57
N ASN D 241 17.89 26.70 74.23
CA ASN D 241 18.07 25.74 75.33
C ASN D 241 18.00 26.47 76.66
N PRO D 242 16.85 26.37 77.35
CA PRO D 242 16.65 27.10 78.62
C PRO D 242 17.41 26.51 79.81
N LYS D 243 17.95 25.30 79.66
CA LYS D 243 18.83 24.73 80.67
C LYS D 243 20.14 25.53 80.70
N THR D 244 20.78 25.67 79.54
CA THR D 244 22.04 26.41 79.40
C THR D 244 21.85 27.91 79.07
N LYS D 245 20.68 28.29 78.57
CA LYS D 245 20.42 29.65 78.08
C LYS D 245 21.24 30.02 76.82
N GLU D 246 21.43 29.07 75.89
CA GLU D 246 22.13 29.37 74.63
C GLU D 246 21.19 29.23 73.42
N ILE D 247 21.48 29.96 72.34
CA ILE D 247 20.52 30.15 71.24
C ILE D 247 21.12 30.00 69.84
N LYS D 248 20.35 29.42 68.92
CA LYS D 248 20.66 29.46 67.48
C LYS D 248 19.54 30.23 66.77
N ASN D 249 19.90 30.97 65.71
CA ASN D 249 18.96 31.76 64.90
C ASN D 249 18.98 31.29 63.47
N TYR D 250 17.81 30.95 62.93
CA TYR D 250 17.69 30.47 61.55
C TYR D 250 17.08 31.56 60.65
N LEU D 251 17.88 32.12 59.76
CA LEU D 251 17.42 33.22 58.90
C LEU D 251 17.25 32.75 57.48
N HIS D 252 16.45 33.47 56.71
CA HIS D 252 16.23 33.16 55.29
C HIS D 252 17.46 33.54 54.52
N SER D 253 17.84 32.68 53.59
CA SER D 253 18.87 33.03 52.62
C SER D 253 18.27 32.77 51.25
N PRO D 254 18.43 33.72 50.32
CA PRO D 254 17.97 33.49 48.95
C PRO D 254 18.89 32.56 48.16
N SER D 255 20.16 32.46 48.54
CA SER D 255 21.08 31.54 47.87
C SER D 255 20.76 30.08 48.24
N ASN D 256 20.43 29.85 49.51
CA ASN D 256 20.17 28.51 50.02
C ASN D 256 18.66 28.14 50.09
N PRO D 257 18.21 27.20 49.24
CA PRO D 257 16.78 26.83 49.21
C PRO D 257 16.32 25.88 50.33
N LYS D 258 17.28 25.33 51.06
CA LYS D 258 17.02 24.45 52.21
C LYS D 258 17.07 25.26 53.53
N SER D 259 17.36 26.56 53.42
CA SER D 259 17.21 27.46 54.56
C SER D 259 15.75 27.84 54.70
N ILE D 260 15.45 28.57 55.76
CA ILE D 260 14.08 28.93 56.09
C ILE D 260 13.52 29.90 55.06
N SER D 261 12.25 29.70 54.75
CA SER D 261 11.59 30.30 53.62
C SER D 261 11.36 31.80 53.72
N SER D 262 11.31 32.32 54.94
CA SER D 262 11.02 33.75 55.19
C SER D 262 11.44 34.13 56.60
N ASN D 263 11.69 35.41 56.82
CA ASN D 263 12.04 35.86 58.16
C ASN D 263 10.81 36.20 58.99
N TYR D 264 9.63 36.14 58.39
CA TYR D 264 8.39 36.54 59.05
C TYR D 264 7.55 35.31 59.38
N ILE D 265 7.67 34.87 60.63
CA ILE D 265 7.14 33.58 61.06
C ILE D 265 6.02 33.78 62.05
N ARG D 266 4.85 33.24 61.74
CA ARG D 266 3.65 33.54 62.49
C ARG D 266 3.16 32.42 63.35
N SER D 267 3.48 31.18 63.00
CA SER D 267 2.93 30.04 63.73
C SER D 267 3.85 28.84 63.79
N LEU D 268 3.71 28.08 64.87
CA LEU D 268 4.47 26.85 65.15
C LEU D 268 3.57 25.73 65.70
N ALA D 269 3.86 24.48 65.34
CA ALA D 269 3.17 23.32 65.93
C ALA D 269 3.95 22.05 65.63
N MET D 270 3.99 21.14 66.61
CA MET D 270 4.53 19.80 66.42
C MET D 270 3.44 18.93 65.82
N ASP D 271 3.82 17.98 64.97
CA ASP D 271 2.90 16.93 64.55
C ASP D 271 3.12 15.71 65.46
N SER D 272 2.45 14.60 65.15
CA SER D 272 2.56 13.38 65.99
C SER D 272 3.87 12.60 65.81
N GLN D 273 4.57 12.84 64.70
CA GLN D 273 5.84 12.16 64.43
C GLN D 273 6.99 13.12 64.75
N ASN D 274 6.81 13.91 65.80
CA ASN D 274 7.86 14.78 66.29
C ASN D 274 8.49 15.71 65.22
N ARG D 275 7.67 16.23 64.30
CA ARG D 275 8.16 17.18 63.32
C ARG D 275 7.58 18.56 63.59
N LEU D 276 8.42 19.58 63.42
CA LEU D 276 8.08 20.97 63.68
C LEU D 276 7.55 21.62 62.41
N TRP D 277 6.32 22.11 62.49
CA TRP D 277 5.69 22.78 61.37
C TRP D 277 5.77 24.27 61.56
N ILE D 278 6.25 24.97 60.53
CA ILE D 278 6.52 26.38 60.65
C ILE D 278 5.68 27.16 59.64
N GLY D 279 4.81 28.03 60.15
CA GLY D 279 3.92 28.83 59.33
C GLY D 279 4.44 30.23 59.14
N THR D 280 4.86 30.55 57.92
CA THR D 280 5.49 31.82 57.61
C THR D 280 4.55 32.72 56.80
N PHE D 281 5.05 33.92 56.51
CA PHE D 281 4.38 34.87 55.60
C PHE D 281 4.33 34.31 54.20
N ASN D 282 5.29 33.46 53.88
CA ASN D 282 5.48 32.97 52.54
C ASN D 282 5.97 31.54 52.57
N ASP D 283 5.04 30.59 52.68
CA ASP D 283 5.31 29.13 52.69
C ASP D 283 5.20 28.46 54.07
N LEU D 284 4.80 27.19 54.07
CA LEU D 284 4.96 26.30 55.22
C LEU D 284 6.38 25.74 55.16
N ASN D 285 7.11 25.78 56.27
CA ASN D 285 8.38 25.03 56.36
C ASN D 285 8.21 23.91 57.36
N ILE D 286 8.82 22.77 57.08
CA ILE D 286 8.97 21.71 58.09
C ILE D 286 10.43 21.50 58.36
N TYR D 287 10.80 21.40 59.64
CA TYR D 287 12.20 21.28 60.05
C TYR D 287 12.67 19.86 59.90
N HIS D 288 13.74 19.64 59.15
CA HIS D 288 14.34 18.31 59.02
C HIS D 288 15.42 18.16 60.05
N GLU D 289 15.14 17.36 61.08
CA GLU D 289 16.09 17.12 62.18
C GLU D 289 17.45 16.66 61.64
N GLY D 290 17.41 15.65 60.75
CA GLY D 290 18.61 14.98 60.28
C GLY D 290 19.68 15.80 59.55
N THR D 291 19.28 16.91 58.93
CA THR D 291 20.23 17.72 58.15
C THR D 291 20.23 19.19 58.61
N ASP D 292 19.59 19.47 59.74
CA ASP D 292 19.46 20.83 60.27
C ASP D 292 19.04 21.82 59.18
N SER D 293 17.99 21.47 58.46
CA SER D 293 17.50 22.31 57.36
C SER D 293 15.94 22.30 57.31
N PHE D 294 15.40 22.87 56.24
CA PHE D 294 13.95 23.00 56.08
C PHE D 294 13.45 22.54 54.73
N ALA D 295 12.27 21.95 54.73
CA ALA D 295 11.51 21.66 53.52
C ALA D 295 10.43 22.74 53.33
N SER D 296 10.35 23.32 52.14
CA SER D 296 9.32 24.30 51.81
C SER D 296 8.12 23.61 51.15
N TYR D 297 6.92 24.10 51.44
CA TYR D 297 5.69 23.64 50.82
C TYR D 297 4.91 24.87 50.40
N SER D 298 4.81 25.10 49.10
CA SER D 298 4.30 26.38 48.62
C SER D 298 2.92 26.31 48.05
N SER D 299 2.37 27.49 47.87
CA SER D 299 1.10 27.65 47.22
C SER D 299 1.33 27.68 45.73
N ASN D 300 0.58 26.88 45.00
CA ASN D 300 0.71 26.81 43.58
C ASN D 300 -0.66 26.48 42.99
N PRO D 301 -1.33 27.49 42.42
CA PRO D 301 -2.67 27.25 41.91
C PRO D 301 -2.71 26.17 40.82
N VAL D 302 -1.59 25.95 40.16
CA VAL D 302 -1.52 24.93 39.12
C VAL D 302 -1.36 23.52 39.67
N GLU D 303 -1.09 23.38 40.96
CA GLU D 303 -0.68 22.11 41.53
C GLU D 303 -1.65 21.58 42.56
N ASN D 304 -2.07 20.35 42.34
CA ASN D 304 -3.15 19.74 43.09
C ASN D 304 -2.70 19.41 44.50
N GLY D 305 -3.47 19.86 45.48
CA GLY D 305 -3.18 19.57 46.86
C GLY D 305 -2.09 20.43 47.47
N SER D 306 -1.63 21.45 46.74
CA SER D 306 -0.65 22.36 47.34
C SER D 306 -1.40 23.33 48.29
N LEU D 307 -0.66 24.05 49.13
CA LEU D 307 -1.26 25.01 50.05
C LEU D 307 -2.17 26.00 49.34
N SER D 308 -3.32 26.29 49.95
CA SER D 308 -4.33 27.14 49.34
C SER D 308 -3.89 28.61 49.31
N GLN D 309 -2.98 29.00 50.19
CA GLN D 309 -2.52 30.38 50.23
C GLN D 309 -1.16 30.41 50.91
N ARG D 310 -0.37 31.41 50.60
CA ARG D 310 1.04 31.40 51.03
C ARG D 310 1.22 31.66 52.53
N SER D 311 0.27 32.36 53.13
CA SER D 311 0.51 32.92 54.44
C SER D 311 -0.14 32.09 55.50
N VAL D 312 0.64 31.36 56.29
CA VAL D 312 0.07 30.47 57.30
C VAL D 312 0.03 31.16 58.65
N ARG D 313 -1.17 31.46 59.11
CA ARG D 313 -1.39 32.26 60.33
C ARG D 313 -1.65 31.42 61.56
N SER D 314 -2.12 30.19 61.37
CA SER D 314 -2.31 29.28 62.50
C SER D 314 -2.00 27.85 62.08
N ILE D 315 -1.56 27.04 63.04
CA ILE D 315 -1.28 25.60 62.84
C ILE D 315 -1.66 24.89 64.12
N PHE D 316 -2.38 23.78 64.00
CA PHE D 316 -2.87 23.03 65.16
C PHE D 316 -2.99 21.56 64.82
N MET D 317 -2.49 20.70 65.71
CA MET D 317 -2.66 19.24 65.58
C MET D 317 -3.91 18.82 66.34
N ASP D 318 -4.82 18.09 65.71
CA ASP D 318 -6.02 17.60 66.41
C ASP D 318 -5.66 16.30 67.08
N SER D 319 -6.59 15.71 67.83
CA SER D 319 -6.32 14.51 68.64
C SER D 319 -6.00 13.26 67.84
N GLN D 320 -6.31 13.26 66.55
CA GLN D 320 -5.91 12.17 65.63
C GLN D 320 -4.55 12.38 64.99
N GLY D 321 -3.86 13.47 65.29
CA GLY D 321 -2.60 13.83 64.61
C GLY D 321 -2.83 14.64 63.34
N GLY D 322 -4.08 14.95 63.05
CA GLY D 322 -4.35 15.82 61.92
C GLY D 322 -3.74 17.19 62.14
N MET D 323 -3.14 17.75 61.09
CA MET D 323 -2.66 19.13 61.08
C MET D 323 -3.61 20.04 60.33
N TRP D 324 -4.05 21.10 61.00
CA TRP D 324 -4.91 22.13 60.40
C TRP D 324 -4.09 23.36 60.22
N LEU D 325 -4.10 23.95 59.03
CA LEU D 325 -3.34 25.17 58.77
C LEU D 325 -4.25 26.34 58.36
N GLY D 326 -4.33 27.38 59.17
CA GLY D 326 -5.18 28.52 58.82
C GLY D 326 -4.41 29.55 58.04
N THR D 327 -4.95 29.97 56.90
CA THR D 327 -4.33 31.03 56.10
C THR D 327 -5.05 32.37 56.31
N TYR D 328 -4.70 33.41 55.53
CA TYR D 328 -5.40 34.70 55.68
C TYR D 328 -6.54 34.86 54.65
N PHE D 329 -6.26 34.49 53.40
CA PHE D 329 -7.27 34.50 52.34
C PHE D 329 -7.65 33.13 51.77
N GLY D 330 -7.24 32.03 52.40
CA GLY D 330 -7.43 30.70 51.81
C GLY D 330 -8.06 29.66 52.72
N GLY D 331 -8.60 30.10 53.85
CA GLY D 331 -9.24 29.20 54.76
C GLY D 331 -8.26 28.17 55.28
N LEU D 332 -8.76 26.96 55.48
CA LEU D 332 -8.02 25.91 56.15
C LEU D 332 -7.47 24.88 55.18
N ASN D 333 -6.22 24.47 55.41
CA ASN D 333 -5.65 23.28 54.77
C ASN D 333 -5.49 22.15 55.79
N TYR D 334 -5.76 20.91 55.38
CA TYR D 334 -5.74 19.76 56.29
C TYR D 334 -4.90 18.66 55.70
N TYR D 335 -4.12 18.02 56.56
CA TYR D 335 -3.24 16.94 56.19
C TYR D 335 -3.22 15.91 57.28
N HIS D 336 -3.25 14.64 56.90
CA HIS D 336 -2.95 13.54 57.81
C HIS D 336 -2.20 12.49 57.05
N PRO D 337 -1.18 11.87 57.64
CA PRO D 337 -0.50 10.80 56.89
C PRO D 337 -1.42 9.69 56.34
N ILE D 338 -2.40 9.24 57.11
CA ILE D 338 -3.29 8.19 56.61
C ILE D 338 -4.15 8.66 55.43
N ARG D 339 -4.39 9.97 55.32
CA ARG D 339 -5.14 10.47 54.18
C ARG D 339 -4.27 10.64 52.97
N ASN D 340 -2.96 10.60 53.17
CA ASN D 340 -1.98 10.61 52.10
C ASN D 340 -1.38 9.21 51.87
N ARG D 341 -2.16 8.16 52.06
CA ARG D 341 -1.61 6.80 51.92
C ARG D 341 -1.50 6.35 50.47
N PHE D 342 -2.28 6.97 49.61
CA PHE D 342 -2.17 6.77 48.18
C PHE D 342 -1.52 8.03 47.65
N LYS D 343 -0.49 7.88 46.83
CA LYS D 343 0.24 8.97 46.27
C LYS D 343 -0.21 9.11 44.82
N ASN D 344 -0.56 10.33 44.39
CA ASN D 344 -0.91 10.60 43.00
C ASN D 344 0.18 11.32 42.24
N ILE D 345 0.47 10.78 41.05
CA ILE D 345 1.46 11.33 40.15
C ILE D 345 0.68 11.97 39.00
N ARG D 346 0.81 13.29 38.87
CA ARG D 346 0.07 14.05 37.87
C ARG D 346 0.93 15.08 37.18
N ASN D 347 0.45 15.53 36.04
CA ASN D 347 1.06 16.65 35.37
C ASN D 347 0.98 17.88 36.24
N ILE D 348 2.10 18.57 36.36
CA ILE D 348 2.17 19.89 36.98
C ILE D 348 2.74 20.83 35.93
N PRO D 349 1.90 21.74 35.39
CA PRO D 349 2.42 22.70 34.44
C PRO D 349 3.70 23.39 34.92
N TYR D 350 4.73 23.29 34.08
CA TYR D 350 6.02 23.98 34.25
C TYR D 350 6.79 23.59 35.50
N LYS D 351 6.52 22.37 35.96
CA LYS D 351 7.32 21.67 36.95
C LYS D 351 7.57 20.24 36.42
N ASN D 352 8.78 19.73 36.62
CA ASN D 352 9.12 18.42 36.12
C ASN D 352 8.10 17.39 36.58
N SER D 353 7.43 16.71 35.66
CA SER D 353 6.30 15.86 35.99
C SER D 353 5.85 14.98 34.84
N LEU D 354 4.87 14.13 35.13
CA LEU D 354 4.21 13.33 34.09
C LEU D 354 3.63 14.33 33.07
N SER D 355 3.90 14.09 31.80
CA SER D 355 3.56 15.05 30.74
C SER D 355 2.08 15.12 30.40
N ASP D 356 1.29 14.14 30.84
CA ASP D 356 -0.11 14.01 30.41
C ASP D 356 -0.80 13.00 31.32
N ASN D 357 -1.99 13.35 31.78
CA ASN D 357 -2.69 12.62 32.83
C ASN D 357 -3.53 11.43 32.37
N VAL D 358 -3.86 11.32 31.08
CA VAL D 358 -4.49 10.09 30.59
C VAL D 358 -3.39 9.07 30.27
N VAL D 359 -3.21 8.10 31.15
CA VAL D 359 -2.08 7.18 31.13
C VAL D 359 -2.49 5.76 30.65
N SER D 360 -1.63 5.15 29.84
CA SER D 360 -1.81 3.75 29.45
C SER D 360 -0.73 2.93 30.15
N CYS D 361 0.09 2.20 29.40
CA CYS D 361 0.93 1.19 30.05
C CYS D 361 2.04 1.80 30.89
N ILE D 362 2.48 1.02 31.87
CA ILE D 362 3.54 1.39 32.77
C ILE D 362 4.40 0.15 32.81
N VAL D 363 5.70 0.32 32.58
CA VAL D 363 6.60 -0.82 32.51
C VAL D 363 7.91 -0.51 33.20
N GLU D 364 8.36 -1.42 34.06
CA GLU D 364 9.63 -1.24 34.74
C GLU D 364 10.70 -2.01 34.01
N ASP D 365 11.88 -1.42 33.87
CA ASP D 365 13.00 -2.09 33.25
C ASP D 365 14.04 -2.48 34.30
N LYS D 366 15.13 -3.11 33.86
CA LYS D 366 16.04 -3.80 34.80
C LYS D 366 16.92 -2.83 35.59
N ASP D 367 16.94 -1.57 35.19
CA ASP D 367 17.56 -0.51 36.00
C ASP D 367 16.55 0.16 36.92
N LYS D 368 15.33 -0.37 36.95
CA LYS D 368 14.24 0.16 37.78
C LYS D 368 13.70 1.53 37.29
N ASN D 369 13.91 1.86 36.01
CA ASN D 369 13.22 3.01 35.42
C ASN D 369 11.77 2.62 35.11
N LEU D 370 10.87 3.59 35.14
CA LEU D 370 9.52 3.37 34.69
C LEU D 370 9.29 3.98 33.32
N TRP D 371 8.75 3.18 32.42
CA TRP D 371 8.30 3.67 31.13
C TRP D 371 6.80 3.76 31.15
N ILE D 372 6.29 4.91 30.74
CA ILE D 372 4.89 5.24 30.92
C ILE D 372 4.38 5.84 29.64
N GLY D 373 3.40 5.14 29.07
CA GLY D 373 2.72 5.60 27.88
C GLY D 373 1.57 6.47 28.29
N THR D 374 1.17 7.33 27.39
CA THR D 374 0.07 8.25 27.62
C THR D 374 -0.71 8.44 26.34
N ASN D 375 -1.89 9.02 26.48
CA ASN D 375 -2.79 9.28 25.37
C ASN D 375 -2.28 10.36 24.40
N ASP D 376 -1.69 11.41 24.95
CA ASP D 376 -1.26 12.62 24.18
C ASP D 376 0.16 13.11 24.42
N GLY D 377 0.69 12.89 25.62
CA GLY D 377 2.00 13.37 25.99
C GLY D 377 3.21 12.54 25.59
N GLY D 378 3.05 11.50 24.78
CA GLY D 378 4.21 10.70 24.34
C GLY D 378 4.75 9.79 25.45
N LEU D 379 5.92 9.20 25.21
CA LEU D 379 6.46 8.20 26.13
C LEU D 379 7.17 8.89 27.26
N ASN D 380 6.84 8.53 28.50
CA ASN D 380 7.47 9.14 29.65
C ASN D 380 8.41 8.16 30.30
N LEU D 381 9.56 8.68 30.68
CA LEU D 381 10.53 7.92 31.44
C LEU D 381 10.58 8.52 32.84
N TYR D 382 10.25 7.72 33.86
CA TYR D 382 10.50 8.13 35.23
C TYR D 382 11.74 7.43 35.75
N ASN D 383 12.72 8.22 36.19
CA ASN D 383 14.03 7.73 36.63
C ASN D 383 14.17 7.93 38.14
N PRO D 384 14.14 6.84 38.94
CA PRO D 384 14.08 7.01 40.40
C PRO D 384 15.42 7.31 41.04
N ILE D 385 16.50 7.25 40.25
CA ILE D 385 17.81 7.79 40.64
C ILE D 385 17.73 9.30 40.76
N THR D 386 17.30 9.95 39.68
CA THR D 386 17.23 11.40 39.62
C THR D 386 15.89 11.97 40.13
N GLN D 387 14.88 11.11 40.29
CA GLN D 387 13.52 11.56 40.65
C GLN D 387 12.82 12.42 39.56
N ARG D 388 13.33 12.34 38.33
CA ARG D 388 12.88 13.21 37.24
C ARG D 388 12.16 12.47 36.11
N PHE D 389 11.18 13.15 35.53
CA PHE D 389 10.54 12.68 34.32
C PHE D 389 11.20 13.31 33.14
N THR D 390 11.18 12.60 32.03
CA THR D 390 11.46 13.17 30.71
C THR D 390 10.46 12.53 29.76
N SER D 391 10.22 13.13 28.61
CA SER D 391 9.27 12.54 27.69
C SER D 391 9.80 12.51 26.24
N TYR D 392 9.17 11.71 25.39
CA TYR D 392 9.61 11.54 24.02
C TYR D 392 8.40 11.62 23.10
N THR D 393 8.35 12.63 22.25
CA THR D 393 7.33 12.77 21.24
C THR D 393 7.51 11.69 20.18
N LEU D 394 6.43 11.29 19.54
CA LEU D 394 6.51 10.29 18.46
C LEU D 394 6.39 10.88 17.06
N GLN D 395 5.36 11.71 16.84
CA GLN D 395 5.10 12.32 15.54
C GLN D 395 6.11 13.42 15.22
N GLY D 402 -1.80 11.53 11.83
CA GLY D 402 -2.66 10.45 12.29
C GLY D 402 -3.37 10.77 13.60
N ILE D 403 -4.57 10.18 13.78
CA ILE D 403 -5.43 10.39 14.97
C ILE D 403 -5.30 9.20 15.97
N GLY D 404 -4.48 9.39 17.00
CA GLY D 404 -4.08 8.30 17.90
C GLY D 404 -2.77 7.62 17.49
N SER D 405 -1.88 8.38 16.84
CA SER D 405 -0.54 7.90 16.53
C SER D 405 0.43 8.36 17.62
N ASN D 406 -0.02 9.29 18.45
CA ASN D 406 0.70 9.68 19.66
C ASN D 406 0.17 8.87 20.85
N ASN D 407 -0.82 8.00 20.61
CA ASN D 407 -1.56 7.32 21.68
C ASN D 407 -0.97 5.94 21.97
N ILE D 408 -0.14 5.87 23.02
CA ILE D 408 0.69 4.70 23.29
C ILE D 408 -0.12 3.56 23.92
N LYS D 409 0.07 2.34 23.44
CA LYS D 409 -0.74 1.19 23.92
C LYS D 409 0.08 0.05 24.52
N ALA D 410 1.33 -0.09 24.06
CA ALA D 410 2.23 -1.12 24.56
C ALA D 410 3.66 -0.61 24.51
N VAL D 411 4.45 -1.02 25.51
CA VAL D 411 5.88 -0.72 25.58
C VAL D 411 6.65 -2.00 25.95
N TYR D 412 7.70 -2.30 25.19
CA TYR D 412 8.63 -3.35 25.60
C TYR D 412 10.08 -2.85 25.51
N VAL D 413 10.86 -3.15 26.57
CA VAL D 413 12.25 -2.69 26.68
C VAL D 413 13.24 -3.84 26.43
N ASP D 414 14.10 -3.65 25.44
CA ASP D 414 15.18 -4.54 25.12
C ASP D 414 16.42 -3.95 25.77
N GLU D 415 16.77 -4.44 26.96
CA GLU D 415 17.94 -3.87 27.66
C GLU D 415 19.25 -4.16 26.97
N LYS D 416 19.41 -5.37 26.43
CA LYS D 416 20.64 -5.77 25.70
C LYS D 416 21.01 -4.82 24.56
N LYS D 417 20.02 -4.31 23.82
CA LYS D 417 20.28 -3.41 22.68
C LYS D 417 19.94 -1.93 22.95
N SER D 418 19.45 -1.61 24.15
CA SER D 418 19.05 -0.23 24.54
C SER D 418 17.94 0.37 23.70
N LEU D 419 16.89 -0.43 23.49
CA LEU D 419 15.77 -0.03 22.61
C LEU D 419 14.47 -0.10 23.36
N VAL D 420 13.57 0.86 23.14
CA VAL D 420 12.20 0.73 23.63
C VAL D 420 11.22 0.67 22.46
N TYR D 421 10.52 -0.46 22.33
CA TYR D 421 9.56 -0.67 21.26
C TYR D 421 8.23 -0.18 21.75
N ILE D 422 7.56 0.65 20.95
CA ILE D 422 6.31 1.29 21.35
C ILE D 422 5.24 0.97 20.36
N GLY D 423 4.10 0.48 20.85
CA GLY D 423 2.95 0.26 19.99
C GLY D 423 1.88 1.33 20.22
N THR D 424 1.45 2.00 19.15
CA THR D 424 0.44 3.03 19.28
C THR D 424 -0.86 2.66 18.61
N HIS D 425 -1.92 3.39 18.93
CA HIS D 425 -3.24 3.09 18.41
C HIS D 425 -3.40 3.17 16.92
N ALA D 426 -2.77 4.13 16.23
CA ALA D 426 -2.90 4.14 14.78
C ALA D 426 -1.61 4.54 14.09
N GLY D 427 -0.49 4.34 14.78
CA GLY D 427 0.80 4.82 14.29
C GLY D 427 1.83 3.72 14.10
N GLY D 428 1.41 2.47 14.19
CA GLY D 428 2.31 1.36 13.91
C GLY D 428 3.19 0.94 15.08
N LEU D 429 4.42 0.56 14.75
CA LEU D 429 5.42 0.17 15.72
C LEU D 429 6.50 1.21 15.66
N SER D 430 7.00 1.62 16.82
CA SER D 430 8.06 2.60 16.91
C SER D 430 9.21 2.05 17.77
N ILE D 431 10.43 2.47 17.46
CA ILE D 431 11.60 2.02 18.19
C ILE D 431 12.38 3.26 18.59
N LEU D 432 12.44 3.49 19.90
CA LEU D 432 13.32 4.51 20.45
C LEU D 432 14.72 3.91 20.56
N HIS D 433 15.68 4.47 19.82
CA HIS D 433 17.11 4.18 20.01
C HIS D 433 17.60 5.10 21.10
N ARG D 434 17.86 4.52 22.28
CA ARG D 434 18.08 5.31 23.49
C ARG D 434 19.41 6.07 23.49
N ASN D 435 20.47 5.44 22.96
CA ASN D 435 21.76 6.10 22.81
C ASN D 435 21.73 7.39 21.94
N SER D 436 20.70 7.57 21.11
CA SER D 436 20.65 8.74 20.20
C SER D 436 19.35 9.53 20.23
N GLY D 437 18.32 9.00 20.87
CA GLY D 437 17.04 9.68 20.90
C GLY D 437 16.33 9.63 19.56
N GLN D 438 16.82 8.79 18.65
CA GLN D 438 16.22 8.68 17.34
C GLN D 438 15.13 7.62 17.40
N VAL D 439 14.05 7.83 16.64
CA VAL D 439 12.91 6.95 16.65
C VAL D 439 12.60 6.41 15.26
N GLU D 440 12.73 5.09 15.08
CA GLU D 440 12.24 4.42 13.87
C GLU D 440 10.72 4.27 13.99
N ASN D 441 10.02 4.36 12.85
CA ASN D 441 8.62 4.02 12.82
C ASN D 441 8.35 3.06 11.68
N PHE D 442 7.45 2.10 11.92
CA PHE D 442 6.99 1.19 10.87
C PHE D 442 5.48 1.24 10.72
N ASN D 443 5.04 1.56 9.52
CA ASN D 443 3.62 1.72 9.22
C ASN D 443 3.32 1.08 7.84
N GLN D 444 2.08 1.17 7.40
CA GLN D 444 1.67 0.58 6.12
C GLN D 444 2.37 1.18 4.89
N ARG D 445 2.78 2.45 4.97
CA ARG D 445 3.40 3.11 3.83
C ARG D 445 4.88 2.80 3.67
N ASN D 446 5.54 2.39 4.75
CA ASN D 446 7.01 2.26 4.74
C ASN D 446 7.54 0.89 5.17
N SER D 447 6.66 -0.11 5.27
CA SER D 447 7.05 -1.41 5.81
C SER D 447 6.00 -2.45 5.46
N GLN D 448 6.22 -3.68 5.90
CA GLN D 448 5.31 -4.78 5.58
C GLN D 448 4.23 -5.03 6.64
N LEU D 449 4.08 -4.13 7.61
CA LEU D 449 3.09 -4.29 8.67
C LEU D 449 1.67 -4.18 8.11
N VAL D 450 0.85 -5.22 8.31
CA VAL D 450 -0.56 -5.16 7.89
C VAL D 450 -1.29 -4.07 8.64
N ASN D 451 -1.26 -4.13 9.97
CA ASN D 451 -2.13 -3.29 10.77
C ASN D 451 -1.35 -2.37 11.70
N GLU D 452 -1.67 -1.08 11.60
CA GLU D 452 -0.94 -0.02 12.26
C GLU D 452 -1.25 -0.01 13.72
N ASN D 453 -2.32 -0.68 14.10
CA ASN D 453 -2.81 -0.60 15.47
C ASN D 453 -2.19 -1.70 16.30
N VAL D 454 -1.17 -1.34 17.07
CA VAL D 454 -0.38 -2.31 17.79
C VAL D 454 -0.62 -2.12 19.27
N TYR D 455 -1.43 -3.01 19.85
CA TYR D 455 -1.93 -2.89 21.22
C TYR D 455 -1.13 -3.70 22.27
N ALA D 456 -0.27 -4.59 21.80
CA ALA D 456 0.49 -5.47 22.68
C ALA D 456 1.84 -5.87 22.04
N ILE D 457 2.87 -6.02 22.87
CA ILE D 457 4.23 -6.42 22.43
C ILE D 457 4.85 -7.39 23.45
N LEU D 458 5.29 -8.54 22.98
CA LEU D 458 5.84 -9.53 23.88
C LEU D 458 6.94 -10.28 23.15
N PRO D 459 8.13 -10.41 23.76
CA PRO D 459 9.14 -11.19 23.03
C PRO D 459 8.67 -12.64 22.78
N ASP D 460 9.13 -13.28 21.72
CA ASP D 460 8.71 -14.62 21.36
C ASP D 460 9.71 -15.68 21.84
N GLY D 461 10.79 -15.22 22.48
CA GLY D 461 11.83 -16.14 22.96
C GLY D 461 12.83 -16.63 21.91
N GLU D 462 12.62 -16.29 20.64
CA GLU D 462 13.58 -16.65 19.58
C GLU D 462 14.34 -15.44 19.03
N GLY D 463 14.23 -14.29 19.69
CA GLY D 463 14.89 -13.05 19.25
C GLY D 463 13.95 -12.05 18.62
N ASN D 464 12.70 -12.46 18.41
CA ASN D 464 11.70 -11.63 17.74
C ASN D 464 10.67 -11.14 18.70
N LEU D 465 9.73 -10.38 18.16
CA LEU D 465 8.64 -9.85 18.95
C LEU D 465 7.30 -10.25 18.34
N TRP D 466 6.38 -10.72 19.20
CA TRP D 466 4.98 -10.81 18.87
C TRP D 466 4.35 -9.47 19.00
N LEU D 467 3.53 -9.11 18.02
CA LEU D 467 2.70 -7.90 18.07
C LEU D 467 1.23 -8.29 18.03
N GLY D 468 0.45 -7.83 19.00
CA GLY D 468 -0.99 -7.98 18.93
C GLY D 468 -1.64 -6.78 18.26
N THR D 469 -2.23 -6.97 17.09
CA THR D 469 -2.87 -5.88 16.34
C THR D 469 -4.39 -6.12 16.30
N LEU D 470 -5.12 -5.19 15.72
CA LEU D 470 -6.56 -5.34 15.65
C LEU D 470 -7.03 -6.45 14.70
N SER D 471 -6.19 -6.90 13.78
CA SER D 471 -6.64 -7.90 12.81
C SER D 471 -5.87 -9.24 12.87
N ALA D 472 -4.70 -9.23 13.49
CA ALA D 472 -3.77 -10.34 13.33
C ALA D 472 -2.70 -10.37 14.42
N LEU D 473 -2.19 -11.56 14.70
CA LEU D 473 -0.94 -11.72 15.43
C LEU D 473 0.19 -11.58 14.44
N VAL D 474 1.15 -10.71 14.73
CA VAL D 474 2.27 -10.47 13.83
C VAL D 474 3.63 -10.75 14.51
N ARG D 475 4.54 -11.38 13.77
CA ARG D 475 5.91 -11.52 14.25
C ARG D 475 6.82 -10.50 13.58
N PHE D 476 7.52 -9.73 14.39
CA PHE D 476 8.52 -8.78 13.88
C PHE D 476 9.90 -9.27 14.26
N ASN D 477 10.77 -9.32 13.25
CA ASN D 477 12.15 -9.73 13.39
C ASN D 477 13.07 -8.51 13.32
N PRO D 478 13.59 -8.06 14.48
CA PRO D 478 14.40 -6.83 14.49
C PRO D 478 15.58 -6.82 13.53
N GLU D 479 16.23 -7.97 13.35
CA GLU D 479 17.44 -8.06 12.49
C GLU D 479 17.11 -7.90 11.02
N GLN D 480 15.97 -8.43 10.63
CA GLN D 480 15.52 -8.38 9.25
C GLN D 480 14.56 -7.24 8.96
N ARG D 481 14.08 -6.59 10.02
CA ARG D 481 13.02 -5.62 9.94
C ARG D 481 11.84 -6.17 9.15
N SER D 482 11.48 -7.43 9.36
CA SER D 482 10.36 -8.02 8.65
C SER D 482 9.17 -8.22 9.57
N PHE D 483 7.97 -8.17 9.00
CA PHE D 483 6.74 -8.45 9.70
C PHE D 483 6.09 -9.64 9.04
N THR D 484 5.58 -10.58 9.81
CA THR D 484 4.99 -11.78 9.24
C THR D 484 3.71 -12.05 9.96
N THR D 485 2.60 -11.91 9.26
CA THR D 485 1.32 -12.19 9.85
C THR D 485 1.24 -13.69 10.09
N ILE D 486 0.62 -14.10 11.18
CA ILE D 486 0.48 -15.51 11.50
C ILE D 486 -0.96 -15.85 11.22
N GLU D 487 -1.21 -16.54 10.12
CA GLU D 487 -2.57 -16.83 9.68
C GLU D 487 -2.97 -18.28 9.94
N LYS D 488 -1.98 -19.17 10.02
CA LYS D 488 -2.21 -20.60 10.20
C LYS D 488 -1.36 -21.16 11.38
N GLU D 489 -1.94 -22.12 12.11
CA GLU D 489 -1.19 -22.92 13.08
C GLU D 489 -0.23 -23.84 12.34
N LYS D 490 0.58 -24.58 13.10
CA LYS D 490 1.50 -25.58 12.52
C LYS D 490 0.78 -26.60 11.61
N ASP D 491 -0.42 -27.00 12.01
CA ASP D 491 -1.21 -28.02 11.26
C ASP D 491 -2.15 -27.46 10.15
N GLY D 492 -2.02 -26.17 9.81
CA GLY D 492 -2.89 -25.55 8.80
C GLY D 492 -4.15 -24.92 9.37
N THR D 493 -4.50 -25.19 10.63
CA THR D 493 -5.64 -24.56 11.26
C THR D 493 -5.51 -23.05 11.14
N PRO D 494 -6.61 -22.36 10.76
CA PRO D 494 -6.52 -20.91 10.76
C PRO D 494 -6.44 -20.36 12.16
N VAL D 495 -5.74 -19.24 12.30
CA VAL D 495 -5.80 -18.41 13.48
C VAL D 495 -6.81 -17.29 13.17
N VAL D 496 -7.77 -17.12 14.07
CA VAL D 496 -8.73 -16.01 14.05
C VAL D 496 -8.72 -15.30 15.40
N GLN D 499 -8.67 -9.59 17.25
CA GLN D 499 -8.60 -8.22 17.77
C GLN D 499 -7.91 -8.10 19.13
N ILE D 500 -6.59 -8.15 19.10
CA ILE D 500 -5.80 -8.47 20.28
C ILE D 500 -5.60 -7.24 21.13
N THR D 501 -5.78 -7.38 22.44
CA THR D 501 -5.54 -6.30 23.39
C THR D 501 -4.42 -6.62 24.35
N THR D 502 -4.06 -7.89 24.46
CA THR D 502 -3.10 -8.27 25.45
C THR D 502 -2.41 -9.58 25.06
N LEU D 503 -1.14 -9.71 25.47
CA LEU D 503 -0.33 -10.91 25.24
C LEU D 503 0.42 -11.20 26.52
N PHE D 504 0.38 -12.46 26.95
CA PHE D 504 1.01 -12.84 28.19
C PHE D 504 1.74 -14.16 28.03
N ARG D 505 2.89 -14.26 28.68
CA ARG D 505 3.71 -15.47 28.67
C ARG D 505 3.67 -16.14 30.02
N ASP D 506 3.10 -17.33 30.12
CA ASP D 506 3.01 -18.00 31.41
C ASP D 506 4.32 -18.71 31.76
N SER D 507 4.37 -19.34 32.92
CA SER D 507 5.60 -19.94 33.40
C SER D 507 5.91 -21.25 32.70
N HIS D 508 4.95 -21.83 32.00
CA HIS D 508 5.18 -22.96 31.12
C HIS D 508 5.52 -22.54 29.71
N LYS D 509 5.70 -21.24 29.52
CA LYS D 509 6.17 -20.66 28.27
C LYS D 509 5.11 -20.68 27.17
N ARG D 510 3.85 -20.74 27.58
CA ARG D 510 2.75 -20.70 26.62
C ARG D 510 2.34 -19.28 26.35
N LEU D 511 1.91 -18.99 25.12
CA LEU D 511 1.40 -17.67 24.75
C LEU D 511 -0.12 -17.54 25.01
N TRP D 512 -0.52 -16.59 25.85
CA TRP D 512 -1.94 -16.25 26.03
C TRP D 512 -2.30 -15.03 25.23
N ILE D 513 -3.36 -15.14 24.42
CA ILE D 513 -3.78 -14.03 23.54
C ILE D 513 -5.22 -13.65 23.90
N GLY D 514 -5.38 -12.45 24.44
CA GLY D 514 -6.69 -11.91 24.82
C GLY D 514 -7.07 -10.74 23.91
N GLY D 515 -8.37 -10.55 23.73
CA GLY D 515 -8.88 -9.46 22.90
C GLY D 515 -10.38 -9.26 23.08
N GLU D 516 -10.96 -8.41 22.23
CA GLU D 516 -12.40 -8.13 22.31
C GLU D 516 -13.25 -9.40 22.14
N GLU D 517 -12.79 -10.31 21.29
CA GLU D 517 -13.56 -11.52 20.97
C GLU D 517 -13.28 -12.67 21.91
N GLY D 518 -12.34 -12.55 22.84
CA GLY D 518 -12.07 -13.65 23.76
C GLY D 518 -10.63 -13.86 24.16
N LEU D 519 -10.27 -15.12 24.39
CA LEU D 519 -8.96 -15.52 24.89
C LEU D 519 -8.58 -16.88 24.36
N SER D 520 -7.34 -17.01 23.90
CA SER D 520 -6.78 -18.30 23.42
C SER D 520 -5.40 -18.56 24.04
N VAL D 521 -5.05 -19.85 24.19
CA VAL D 521 -3.71 -20.24 24.61
C VAL D 521 -2.98 -21.07 23.56
N PHE D 522 -1.72 -20.73 23.32
CA PHE D 522 -0.90 -21.38 22.33
C PHE D 522 0.42 -21.82 22.94
N LYS D 523 0.94 -22.91 22.41
CA LYS D 523 2.26 -23.43 22.75
C LYS D 523 3.09 -23.08 21.51
N GLN D 524 4.34 -22.67 21.69
CA GLN D 524 5.25 -22.41 20.55
C GLN D 524 6.09 -23.62 20.28
N GLU D 525 6.36 -23.84 18.99
CA GLU D 525 7.28 -24.89 18.52
C GLU D 525 8.01 -24.23 17.35
N GLY D 526 9.16 -23.66 17.65
CA GLY D 526 9.88 -22.81 16.71
C GLY D 526 9.11 -21.53 16.42
N LEU D 527 8.93 -21.28 15.11
CA LEU D 527 8.17 -20.15 14.61
C LEU D 527 6.69 -20.49 14.40
N ASP D 528 6.28 -21.72 14.66
CA ASP D 528 4.86 -22.05 14.60
C ASP D 528 4.22 -21.94 15.98
N ILE D 529 2.92 -21.65 16.00
CA ILE D 529 2.13 -21.73 17.22
C ILE D 529 1.04 -22.80 17.07
N GLN D 530 0.54 -23.28 18.19
CA GLN D 530 -0.40 -24.41 18.17
C GLN D 530 -1.35 -24.40 19.35
N LYS D 531 -2.66 -24.38 19.08
CA LYS D 531 -3.69 -24.24 20.12
C LYS D 531 -3.37 -25.15 21.28
N ALA D 532 -3.38 -24.63 22.50
CA ALA D 532 -3.15 -25.46 23.67
C ALA D 532 -4.41 -26.18 24.08
N SER D 533 -5.54 -25.50 24.18
CA SER D 533 -6.82 -26.17 24.56
C SER D 533 -6.74 -26.81 25.96
N ILE D 534 -6.30 -26.01 26.93
CA ILE D 534 -6.14 -26.45 28.31
C ILE D 534 -7.33 -25.99 29.15
N LEU D 535 -8.12 -25.09 28.59
CA LEU D 535 -9.26 -24.50 29.29
C LEU D 535 -10.48 -25.39 29.12
N PRO D 536 -11.33 -25.43 30.14
CA PRO D 536 -12.60 -26.14 29.99
C PRO D 536 -13.58 -25.32 29.16
N VAL D 537 -14.52 -26.01 28.52
CA VAL D 537 -15.57 -25.34 27.77
C VAL D 537 -16.35 -24.43 28.75
N SER D 538 -16.45 -23.17 28.38
CA SER D 538 -16.95 -22.13 29.26
C SER D 538 -17.14 -20.86 28.46
N ASN D 539 -17.98 -19.96 28.96
CA ASN D 539 -18.29 -18.74 28.21
C ASN D 539 -17.30 -17.59 28.46
N VAL D 540 -16.40 -17.77 29.44
CA VAL D 540 -15.33 -16.79 29.67
C VAL D 540 -14.37 -16.69 28.49
N THR D 541 -14.20 -17.77 27.72
CA THR D 541 -13.22 -17.75 26.63
C THR D 541 -13.64 -16.86 25.46
N LYS D 542 -14.89 -16.40 25.49
CA LYS D 542 -15.46 -15.50 24.48
C LYS D 542 -15.66 -14.07 25.02
N LEU D 543 -15.40 -13.86 26.30
CA LEU D 543 -15.50 -12.55 26.89
C LEU D 543 -14.40 -11.59 26.42
N PHE D 544 -14.76 -10.30 26.34
CA PHE D 544 -13.86 -9.18 26.05
C PHE D 544 -12.81 -9.11 27.17
N THR D 545 -11.55 -9.38 26.83
CA THR D 545 -10.48 -9.61 27.80
C THR D 545 -9.44 -8.45 27.83
N ASN D 546 -9.13 -7.97 29.03
CA ASN D 546 -8.24 -6.84 29.22
C ASN D 546 -6.84 -7.25 29.67
N CYS D 547 -6.73 -8.16 30.63
CA CYS D 547 -5.41 -8.56 31.13
C CYS D 547 -5.38 -10.00 31.55
N ILE D 548 -4.17 -10.55 31.62
CA ILE D 548 -3.93 -11.91 32.08
C ILE D 548 -2.79 -11.85 33.08
N TYR D 549 -2.90 -12.60 34.17
CA TYR D 549 -1.85 -12.59 35.20
C TYR D 549 -1.68 -13.97 35.82
N GLU D 550 -0.44 -14.43 35.98
CA GLU D 550 -0.19 -15.67 36.69
C GLU D 550 0.29 -15.31 38.09
N ALA D 551 -0.36 -15.89 39.07
CA ALA D 551 -0.03 -15.63 40.46
C ALA D 551 1.15 -16.48 40.86
N SER D 552 1.88 -16.03 41.88
CA SER D 552 3.02 -16.81 42.38
C SER D 552 2.66 -18.24 42.75
N ASN D 553 1.38 -18.54 42.96
CA ASN D 553 0.98 -19.91 43.27
C ASN D 553 0.48 -20.67 42.03
N GLY D 554 0.75 -20.14 40.84
CA GLY D 554 0.42 -20.84 39.61
C GLY D 554 -0.98 -20.64 39.04
N ILE D 555 -1.89 -20.04 39.79
CA ILE D 555 -3.24 -19.79 39.30
C ILE D 555 -3.21 -18.62 38.30
N ILE D 556 -3.99 -18.75 37.23
CA ILE D 556 -4.11 -17.69 36.23
C ILE D 556 -5.37 -16.88 36.46
N TRP D 557 -5.24 -15.55 36.38
CA TRP D 557 -6.33 -14.63 36.62
C TRP D 557 -6.51 -13.75 35.43
N VAL D 558 -7.75 -13.64 34.97
CA VAL D 558 -8.05 -12.86 33.78
C VAL D 558 -9.03 -11.72 34.10
N GLY D 559 -8.73 -10.50 33.67
CA GLY D 559 -9.64 -9.37 33.84
C GLY D 559 -10.40 -9.11 32.56
N THR D 560 -11.73 -8.98 32.68
CA THR D 560 -12.60 -8.78 31.51
C THR D 560 -13.50 -7.57 31.71
N ARG D 561 -14.48 -7.41 30.83
CA ARG D 561 -15.52 -6.41 31.04
C ARG D 561 -16.72 -6.99 31.75
N GLU D 562 -16.69 -8.29 32.04
CA GLU D 562 -17.73 -8.91 32.85
C GLU D 562 -17.12 -9.51 34.10
N GLY D 563 -16.30 -8.71 34.77
CA GLY D 563 -15.67 -9.10 36.01
C GLY D 563 -14.34 -9.74 35.74
N PHE D 564 -13.91 -10.62 36.65
CA PHE D 564 -12.68 -11.35 36.47
C PHE D 564 -12.90 -12.82 36.84
N TYR D 565 -11.87 -13.63 36.61
CA TYR D 565 -11.91 -15.06 36.90
C TYR D 565 -10.54 -15.68 37.03
N CYS D 566 -10.49 -16.89 37.59
CA CYS D 566 -9.26 -17.65 37.67
C CYS D 566 -9.39 -19.04 37.07
N PHE D 567 -8.26 -19.54 36.58
CA PHE D 567 -8.14 -20.85 35.94
C PHE D 567 -7.12 -21.68 36.71
N ASN D 568 -7.62 -22.69 37.42
CA ASN D 568 -6.79 -23.67 38.11
C ASN D 568 -6.59 -24.83 37.17
N GLU D 569 -5.39 -24.96 36.62
CA GLU D 569 -5.15 -25.89 35.52
C GLU D 569 -5.22 -27.33 35.98
N LYS D 570 -4.71 -27.59 37.17
CA LYS D 570 -4.67 -28.92 37.74
C LYS D 570 -6.09 -29.54 37.74
N ASP D 571 -7.09 -28.79 38.22
CA ASP D 571 -8.50 -29.28 38.24
C ASP D 571 -9.34 -29.00 36.97
N LYS D 572 -8.81 -28.24 36.02
CA LYS D 572 -9.62 -27.60 34.97
C LYS D 572 -10.83 -26.86 35.56
N GLN D 573 -10.61 -26.16 36.67
CA GLN D 573 -11.67 -25.43 37.38
C GLN D 573 -11.59 -23.92 37.11
N ILE D 574 -12.72 -23.31 36.77
CA ILE D 574 -12.82 -21.85 36.63
C ILE D 574 -13.82 -21.23 37.59
N LYS D 575 -13.37 -20.23 38.36
CA LYS D 575 -14.19 -19.47 39.30
C LYS D 575 -14.27 -17.98 38.87
N ARG D 576 -15.48 -17.53 38.60
CA ARG D 576 -15.75 -16.18 38.13
C ARG D 576 -16.23 -15.28 39.26
N TYR D 577 -15.92 -14.00 39.13
CA TYR D 577 -16.34 -13.00 40.11
C TYR D 577 -16.74 -11.73 39.39
N ASN D 578 -17.77 -11.07 39.90
CA ASN D 578 -18.30 -9.82 39.37
C ASN D 578 -18.90 -9.02 40.51
N THR D 579 -19.61 -7.93 40.20
CA THR D 579 -20.09 -7.00 41.25
C THR D 579 -21.10 -7.59 42.22
N THR D 580 -21.88 -8.61 41.83
CA THR D 580 -22.71 -9.32 42.82
C THR D 580 -21.85 -9.96 43.92
N ASN D 581 -20.59 -10.28 43.62
CA ASN D 581 -19.67 -10.87 44.60
C ASN D 581 -19.04 -9.88 45.55
N GLY D 582 -19.02 -8.60 45.20
CA GLY D 582 -18.36 -7.55 45.99
C GLY D 582 -17.44 -6.64 45.18
N LEU D 583 -17.12 -7.04 43.95
CA LEU D 583 -16.32 -6.20 43.07
C LEU D 583 -17.05 -4.83 42.83
N PRO D 584 -16.32 -3.72 42.87
CA PRO D 584 -17.03 -2.42 42.75
C PRO D 584 -17.50 -2.07 41.34
N ASN D 585 -16.91 -2.69 40.31
CA ASN D 585 -17.30 -2.46 38.92
C ASN D 585 -16.78 -3.59 38.05
N ASN D 586 -17.51 -3.88 36.98
CA ASN D 586 -17.24 -5.08 36.21
C ASN D 586 -16.12 -4.98 35.16
N VAL D 587 -15.62 -3.79 34.88
CA VAL D 587 -14.50 -3.67 33.96
C VAL D 587 -13.22 -3.75 34.78
N VAL D 588 -12.51 -4.87 34.68
CA VAL D 588 -11.25 -5.05 35.41
C VAL D 588 -10.12 -4.84 34.40
N TYR D 589 -9.26 -3.87 34.66
CA TYR D 589 -8.23 -3.49 33.69
C TYR D 589 -6.92 -4.19 33.98
N GLY D 590 -6.56 -4.28 35.25
CA GLY D 590 -5.25 -4.80 35.65
C GLY D 590 -5.34 -5.63 36.91
N ILE D 591 -4.39 -6.56 37.10
CA ILE D 591 -4.32 -7.41 38.28
C ILE D 591 -2.88 -7.49 38.78
N LEU D 592 -2.62 -7.17 40.05
CA LEU D 592 -1.28 -7.27 40.66
C LEU D 592 -1.39 -8.01 41.98
N GLU D 593 -0.31 -8.69 42.38
CA GLU D 593 -0.30 -9.50 43.57
C GLU D 593 0.65 -8.89 44.58
N ASP D 594 0.17 -8.68 45.81
CA ASP D 594 1.05 -8.23 46.88
C ASP D 594 1.74 -9.43 47.53
N SER D 595 2.59 -9.17 48.52
CA SER D 595 3.38 -10.21 49.24
C SER D 595 2.55 -11.23 50.01
N PHE D 596 1.30 -10.89 50.31
CA PHE D 596 0.39 -11.81 50.95
C PHE D 596 -0.48 -12.55 49.95
N GLY D 597 -0.15 -12.46 48.68
CA GLY D 597 -0.90 -13.15 47.65
C GLY D 597 -2.28 -12.58 47.40
N ARG D 598 -2.52 -11.36 47.86
CA ARG D 598 -3.80 -10.69 47.60
C ARG D 598 -3.71 -10.02 46.25
N LEU D 599 -4.86 -9.84 45.59
CA LEU D 599 -4.87 -9.31 44.25
C LEU D 599 -5.37 -7.87 44.27
N TRP D 600 -4.69 -7.01 43.52
CA TRP D 600 -5.12 -5.62 43.42
C TRP D 600 -5.59 -5.33 42.04
N LEU D 601 -6.87 -5.00 41.93
CA LEU D 601 -7.54 -4.79 40.66
C LEU D 601 -7.85 -3.31 40.44
N SER D 602 -7.67 -2.83 39.21
CA SER D 602 -8.18 -1.52 38.82
C SER D 602 -9.44 -1.67 37.96
N THR D 603 -10.40 -0.76 38.12
CA THR D 603 -11.71 -0.89 37.50
C THR D 603 -12.18 0.48 37.06
N ASN D 604 -13.45 0.61 36.66
CA ASN D 604 -14.05 1.95 36.44
C ASN D 604 -14.59 2.61 37.73
N ARG D 605 -14.69 1.85 38.83
CA ARG D 605 -15.04 2.43 40.14
C ARG D 605 -13.99 2.07 41.19
N GLY D 606 -12.79 2.58 40.97
CA GLY D 606 -11.72 2.51 41.96
C GLY D 606 -10.89 1.27 41.88
N ILE D 607 -10.22 0.95 42.98
CA ILE D 607 -9.37 -0.21 43.06
C ILE D 607 -9.91 -1.16 44.12
N SER D 608 -9.67 -2.46 43.95
CA SER D 608 -10.13 -3.49 44.87
C SER D 608 -8.94 -4.35 45.31
N CYS D 609 -8.74 -4.50 46.61
CA CYS D 609 -7.90 -5.58 47.12
C CYS D 609 -8.78 -6.80 47.31
N PHE D 610 -8.40 -7.90 46.67
CA PHE D 610 -9.20 -9.12 46.69
C PHE D 610 -8.38 -10.25 47.29
N ASN D 611 -8.91 -10.88 48.33
CA ASN D 611 -8.23 -12.02 48.97
C ASN D 611 -8.76 -13.34 48.39
N PRO D 612 -7.94 -14.07 47.61
CA PRO D 612 -8.41 -15.36 47.03
C PRO D 612 -8.77 -16.43 48.05
N GLU D 613 -8.20 -16.40 49.25
CA GLU D 613 -8.52 -17.41 50.27
C GLU D 613 -9.92 -17.21 50.85
N THR D 614 -10.25 -15.97 51.19
CA THR D 614 -11.52 -15.63 51.85
C THR D 614 -12.58 -15.04 50.90
N GLU D 615 -12.13 -14.65 49.71
CA GLU D 615 -12.96 -13.98 48.73
C GLU D 615 -13.55 -12.66 49.26
N LYS D 616 -12.88 -12.06 50.24
CA LYS D 616 -13.25 -10.73 50.71
C LYS D 616 -12.69 -9.67 49.77
N PHE D 617 -13.59 -8.81 49.29
CA PHE D 617 -13.21 -7.57 48.60
C PHE D 617 -13.08 -6.40 49.57
N ARG D 618 -12.08 -5.58 49.36
CA ARG D 618 -11.91 -4.36 50.10
C ARG D 618 -11.65 -3.27 49.08
N ASN D 619 -12.58 -2.32 48.97
CA ASN D 619 -12.62 -1.39 47.84
C ASN D 619 -12.24 0.02 48.24
N PHE D 620 -11.49 0.68 47.38
CA PHE D 620 -11.10 2.07 47.56
C PHE D 620 -11.62 2.90 46.39
N THR D 621 -11.74 4.20 46.57
CA THR D 621 -12.33 5.09 45.56
C THR D 621 -11.60 6.43 45.59
N GLU D 622 -12.10 7.39 44.83
CA GLU D 622 -11.48 8.73 44.72
C GLU D 622 -11.50 9.47 46.04
N SER D 623 -12.57 9.29 46.81
CA SER D 623 -12.64 9.83 48.18
C SER D 623 -11.50 9.33 49.09
N ASP D 624 -10.96 8.13 48.83
CA ASP D 624 -9.82 7.62 49.59
C ASP D 624 -8.48 8.18 49.11
N GLY D 625 -8.49 9.03 48.08
CA GLY D 625 -7.26 9.62 47.55
C GLY D 625 -6.79 9.00 46.24
N LEU D 626 -7.54 8.04 45.71
CA LEU D 626 -7.30 7.52 44.37
C LEU D 626 -7.34 8.62 43.28
N GLN D 627 -6.50 8.50 42.26
CA GLN D 627 -6.43 9.48 41.16
C GLN D 627 -7.79 9.81 40.54
N SER D 628 -8.66 8.80 40.48
CA SER D 628 -10.01 8.91 39.94
C SER D 628 -10.67 7.58 40.24
N ASN D 629 -11.97 7.50 40.04
CA ASN D 629 -12.61 6.20 40.07
C ASN D 629 -12.34 5.47 38.79
N GLN D 630 -12.13 6.21 37.71
CA GLN D 630 -11.91 5.63 36.39
C GLN D 630 -10.43 5.43 36.14
N PHE D 631 -10.05 4.15 36.06
CA PHE D 631 -8.70 3.76 35.67
C PHE D 631 -8.68 3.44 34.17
N ASN D 632 -7.57 2.93 33.66
CA ASN D 632 -7.39 2.85 32.22
C ASN D 632 -6.81 1.53 31.73
N THR D 633 -7.12 1.15 30.49
CA THR D 633 -6.59 -0.09 29.86
C THR D 633 -5.07 -0.13 29.91
N ALA D 634 -4.55 -1.28 30.32
CA ALA D 634 -3.14 -1.63 30.24
C ALA D 634 -2.26 -0.95 31.28
N SER D 635 -2.89 -0.17 32.16
CA SER D 635 -2.15 0.79 32.98
C SER D 635 -1.98 0.29 34.39
N TYR D 636 -1.09 -0.68 34.54
CA TYR D 636 -0.79 -1.29 35.82
C TYR D 636 0.63 -1.78 35.80
N CYS D 637 1.30 -1.76 36.95
CA CYS D 637 2.66 -2.24 37.09
C CYS D 637 2.98 -2.48 38.56
N ARG D 638 3.57 -3.64 38.87
CA ARG D 638 4.19 -3.85 40.17
C ARG D 638 5.71 -3.91 40.02
N THR D 639 6.43 -3.13 40.80
CA THR D 639 7.89 -3.10 40.68
C THR D 639 8.52 -4.33 41.35
N SER D 640 9.78 -4.57 41.07
CA SER D 640 10.46 -5.72 41.65
C SER D 640 10.50 -5.61 43.16
N VAL D 641 10.35 -4.40 43.67
CA VAL D 641 10.47 -4.14 45.11
C VAL D 641 9.08 -4.14 45.82
N GLY D 642 7.99 -4.20 45.05
CA GLY D 642 6.64 -4.18 45.60
C GLY D 642 5.78 -2.95 45.31
N GLN D 643 6.34 -1.82 44.85
CA GLN D 643 5.47 -0.66 44.62
C GLN D 643 4.51 -0.98 43.50
N MET D 644 3.26 -0.61 43.72
CA MET D 644 2.23 -0.72 42.70
C MET D 644 1.94 0.63 42.09
N TYR D 645 1.54 0.60 40.82
CA TYR D 645 1.14 1.78 40.06
C TYR D 645 -0.08 1.44 39.22
N PHE D 646 -1.17 2.20 39.35
CA PHE D 646 -2.34 2.05 38.49
C PHE D 646 -2.69 3.40 37.91
N GLY D 647 -2.89 3.48 36.60
CA GLY D 647 -3.15 4.76 35.95
C GLY D 647 -4.56 4.87 35.41
N GLY D 648 -5.00 6.12 35.24
CA GLY D 648 -6.35 6.40 34.81
C GLY D 648 -6.44 7.66 33.97
N ILE D 649 -7.56 8.35 34.09
CA ILE D 649 -7.78 9.54 33.31
C ILE D 649 -7.22 10.76 34.04
N ASN D 650 -6.75 10.59 35.26
CA ASN D 650 -6.26 11.74 35.98
C ASN D 650 -4.99 11.39 36.75
N GLY D 651 -4.05 10.77 36.03
CA GLY D 651 -2.74 10.46 36.60
C GLY D 651 -2.58 9.01 37.02
N ILE D 652 -1.51 8.77 37.78
CA ILE D 652 -1.19 7.44 38.29
C ILE D 652 -1.32 7.44 39.81
N THR D 653 -1.90 6.39 40.37
CA THR D 653 -1.92 6.24 41.82
C THR D 653 -0.89 5.18 42.22
N THR D 654 0.06 5.54 43.08
CA THR D 654 1.07 4.58 43.53
C THR D 654 1.03 4.40 45.04
N PHE D 655 1.39 3.20 45.46
CA PHE D 655 1.42 2.84 46.87
C PHE D 655 2.05 1.48 47.03
N ARG D 656 2.44 1.16 48.26
CA ARG D 656 2.86 -0.18 48.59
C ARG D 656 1.89 -0.83 49.58
N PRO D 657 1.14 -1.87 49.14
CA PRO D 657 0.17 -2.57 50.01
C PRO D 657 0.66 -2.86 51.41
N GLU D 658 1.88 -3.35 51.51
CA GLU D 658 2.41 -3.76 52.81
C GLU D 658 2.74 -2.56 53.73
N LEU D 659 2.54 -1.33 53.27
CA LEU D 659 2.74 -0.14 54.10
C LEU D 659 1.49 0.72 54.26
N LEU D 660 0.39 0.32 53.64
CA LEU D 660 -0.88 1.01 53.85
C LEU D 660 -1.32 0.92 55.31
N LEU D 661 -1.99 1.96 55.78
CA LEU D 661 -2.57 1.98 57.10
C LEU D 661 -4.06 2.24 57.00
N ASP D 662 -4.84 1.57 57.83
CA ASP D 662 -6.24 1.91 57.99
C ASP D 662 -6.38 2.93 59.10
N ASN D 663 -7.47 3.70 59.02
CA ASN D 663 -7.84 4.64 60.07
C ASN D 663 -8.16 3.85 61.34
N PRO D 664 -7.32 3.99 62.36
CA PRO D 664 -7.62 3.26 63.57
C PRO D 664 -8.68 3.94 64.45
N TYR D 665 -8.99 5.21 64.17
CA TYR D 665 -9.89 5.96 65.06
C TYR D 665 -11.38 5.74 64.79
N THR D 666 -12.13 5.41 65.84
CA THR D 666 -13.59 5.29 65.77
C THR D 666 -14.24 6.09 66.90
N PRO D 667 -14.43 7.40 66.68
CA PRO D 667 -14.97 8.22 67.75
C PRO D 667 -16.43 7.92 68.00
N PRO D 668 -17.00 8.46 69.08
CA PRO D 668 -18.39 8.22 69.40
C PRO D 668 -19.29 9.14 68.61
N VAL D 669 -20.57 8.78 68.51
CA VAL D 669 -21.54 9.57 67.81
C VAL D 669 -22.09 10.59 68.79
N VAL D 670 -22.19 11.83 68.33
CA VAL D 670 -22.76 12.90 69.11
C VAL D 670 -24.11 13.29 68.48
N ILE D 671 -25.16 13.43 69.31
CA ILE D 671 -26.46 13.95 68.85
C ILE D 671 -26.39 15.47 68.86
N THR D 672 -26.57 16.10 67.71
CA THR D 672 -26.26 17.51 67.53
C THR D 672 -27.48 18.44 67.45
N LYS D 673 -28.66 17.89 67.15
CA LYS D 673 -29.85 18.68 66.84
C LYS D 673 -31.06 17.78 67.12
N LEU D 674 -31.98 18.25 67.96
CA LEU D 674 -33.31 17.64 68.12
C LEU D 674 -34.35 18.59 67.50
N GLN D 675 -35.32 18.03 66.80
CA GLN D 675 -36.40 18.84 66.23
C GLN D 675 -37.74 18.28 66.62
N LEU D 676 -38.67 19.18 66.88
CA LEU D 676 -40.06 18.83 67.15
C LEU D 676 -40.89 19.53 66.10
N PHE D 677 -41.62 18.75 65.31
CA PHE D 677 -42.37 19.27 64.16
C PHE D 677 -41.49 20.15 63.26
N ASN D 678 -40.33 19.63 62.91
CA ASN D 678 -39.35 20.36 62.09
C ASN D 678 -39.00 21.79 62.60
N LYS D 679 -39.13 22.04 63.90
CA LYS D 679 -38.53 23.24 64.53
C LYS D 679 -37.46 22.81 65.56
N VAL D 680 -36.27 23.41 65.46
CA VAL D 680 -35.13 23.05 66.32
C VAL D 680 -35.38 23.35 67.81
N VAL D 681 -35.33 22.31 68.65
CA VAL D 681 -35.55 22.43 70.10
C VAL D 681 -34.28 22.94 70.79
N ARG D 682 -34.38 24.07 71.50
CA ARG D 682 -33.24 24.67 72.17
C ARG D 682 -33.39 24.60 73.68
N PRO D 683 -32.26 24.57 74.39
CA PRO D 683 -32.26 24.59 75.85
C PRO D 683 -33.12 25.71 76.42
N ASP D 684 -33.99 25.35 77.37
CA ASP D 684 -34.83 26.33 78.07
C ASP D 684 -35.78 27.12 77.14
N ASP D 685 -36.23 26.51 76.05
CA ASP D 685 -37.22 27.14 75.17
C ASP D 685 -38.60 26.64 75.56
N GLU D 686 -39.61 27.16 74.84
CA GLU D 686 -41.03 26.92 75.09
C GLU D 686 -41.44 25.45 75.33
N THR D 687 -40.83 24.53 74.60
CA THR D 687 -41.22 23.11 74.58
C THR D 687 -41.02 22.38 75.91
N GLY D 688 -40.07 22.84 76.72
CA GLY D 688 -39.75 22.22 78.00
C GLY D 688 -39.03 20.88 77.90
N ILE D 689 -38.61 20.52 76.69
CA ILE D 689 -37.94 19.23 76.45
C ILE D 689 -36.48 19.29 76.90
N LEU D 690 -35.85 20.44 76.66
CA LEU D 690 -34.40 20.60 76.87
C LEU D 690 -34.03 21.66 77.89
N THR D 691 -33.36 21.22 78.95
CA THR D 691 -32.65 22.14 79.83
C THR D 691 -31.17 22.25 79.44
N LYS D 692 -30.67 21.35 78.60
CA LYS D 692 -29.26 21.35 78.17
C LYS D 692 -29.19 21.06 76.68
N ASN D 693 -28.07 21.46 76.06
CA ASN D 693 -27.81 21.15 74.63
C ASN D 693 -28.03 19.66 74.41
N ILE D 694 -28.64 19.32 73.29
CA ILE D 694 -28.99 17.96 73.03
C ILE D 694 -27.79 17.04 73.25
N SER D 695 -26.59 17.52 72.94
CA SER D 695 -25.37 16.72 73.04
C SER D 695 -24.93 16.34 74.46
N GLU D 696 -25.45 17.02 75.49
CA GLU D 696 -25.21 16.64 76.90
C GLU D 696 -26.31 15.73 77.41
N THR D 697 -27.48 15.84 76.79
CA THR D 697 -28.70 15.31 77.37
C THR D 697 -28.64 13.81 77.34
N LYS D 698 -28.95 13.19 78.47
CA LYS D 698 -28.93 11.74 78.57
C LYS D 698 -30.34 11.17 78.49
N SER D 699 -31.34 12.05 78.56
CA SER D 699 -32.73 11.65 78.44
C SER D 699 -33.59 12.85 78.10
N ILE D 700 -34.54 12.64 77.20
CA ILE D 700 -35.63 13.58 77.06
C ILE D 700 -36.91 12.87 77.44
N THR D 701 -37.96 13.65 77.51
CA THR D 701 -39.28 13.14 77.74
C THR D 701 -40.25 14.03 76.97
N LEU D 702 -41.22 13.38 76.33
CA LEU D 702 -42.18 14.03 75.43
C LEU D 702 -43.62 13.96 75.98
N LYS D 703 -44.28 15.12 76.00
CA LYS D 703 -45.69 15.20 76.36
C LYS D 703 -46.57 14.62 75.23
N SER D 704 -47.79 14.25 75.55
CA SER D 704 -48.72 13.62 74.60
C SER D 704 -48.79 14.25 73.22
N TRP D 705 -48.76 15.57 73.15
CA TRP D 705 -48.86 16.29 71.86
C TRP D 705 -47.54 16.44 71.10
N GLN D 706 -46.43 16.10 71.76
CA GLN D 706 -45.11 16.20 71.16
C GLN D 706 -44.83 14.90 70.43
N THR D 707 -45.37 14.85 69.22
CA THR D 707 -45.67 13.62 68.49
C THR D 707 -44.63 13.29 67.44
N ALA D 708 -44.24 14.30 66.65
CA ALA D 708 -43.36 14.12 65.51
C ALA D 708 -42.03 14.82 65.80
N PHE D 709 -40.94 14.07 65.72
CA PHE D 709 -39.64 14.64 65.97
C PHE D 709 -38.55 13.97 65.16
N SER D 710 -37.36 14.57 65.20
CA SER D 710 -36.22 13.97 64.55
C SER D 710 -34.95 14.19 65.33
N ILE D 711 -33.99 13.32 65.10
CA ILE D 711 -32.71 13.36 65.79
C ILE D 711 -31.60 13.34 64.76
N GLU D 712 -30.84 14.44 64.72
CA GLU D 712 -29.63 14.55 63.91
C GLU D 712 -28.40 14.21 64.75
N PHE D 713 -27.45 13.50 64.16
CA PHE D 713 -26.20 13.11 64.83
C PHE D 713 -24.99 13.23 63.91
N VAL D 714 -23.81 13.12 64.50
CA VAL D 714 -22.59 13.31 63.75
C VAL D 714 -21.48 12.44 64.36
N VAL D 715 -20.40 12.24 63.60
CA VAL D 715 -19.16 11.66 64.12
C VAL D 715 -18.06 12.55 63.57
N SER D 716 -17.10 12.88 64.41
CA SER D 716 -16.07 13.84 64.09
C SER D 716 -14.82 13.04 63.84
N ASN D 717 -14.59 12.65 62.59
CA ASN D 717 -13.48 11.79 62.20
C ASN D 717 -12.79 12.38 60.97
N TYR D 718 -11.88 13.28 61.22
CA TYR D 718 -11.32 14.06 60.15
C TYR D 718 -10.52 13.24 59.12
N ILE D 719 -9.93 12.11 59.51
CA ILE D 719 -9.27 11.23 58.53
C ILE D 719 -10.31 10.70 57.51
N SER D 720 -11.49 10.31 57.98
CA SER D 720 -12.53 9.79 57.08
C SER D 720 -13.40 10.85 56.40
N GLY D 721 -13.28 12.10 56.81
CA GLY D 721 -14.15 13.14 56.31
C GLY D 721 -15.61 12.82 56.56
N GLN D 722 -16.43 12.96 55.53
CA GLN D 722 -17.86 12.67 55.62
C GLN D 722 -18.23 11.24 55.18
N HIS D 723 -17.24 10.37 55.09
CA HIS D 723 -17.48 8.99 54.70
C HIS D 723 -17.43 8.09 55.91
N ASN D 724 -18.53 8.05 56.64
CA ASN D 724 -18.67 7.19 57.78
C ASN D 724 -19.97 6.44 57.60
N THR D 725 -20.15 5.38 58.36
CA THR D 725 -21.38 4.64 58.28
C THR D 725 -21.99 4.65 59.65
N PHE D 726 -23.26 5.04 59.72
CA PHE D 726 -24.00 5.08 60.95
C PHE D 726 -24.95 3.91 61.02
N ALA D 727 -25.23 3.47 62.25
CA ALA D 727 -26.21 2.45 62.51
C ALA D 727 -26.97 2.93 63.73
N TYR D 728 -28.30 2.85 63.69
CA TYR D 728 -29.13 3.28 64.80
C TYR D 728 -30.24 2.29 65.09
N LYS D 729 -30.75 2.35 66.30
CA LYS D 729 -31.97 1.65 66.62
C LYS D 729 -32.64 2.37 67.76
N LEU D 730 -33.91 2.69 67.62
CA LEU D 730 -34.73 3.08 68.78
C LEU D 730 -35.20 1.81 69.49
N GLU D 731 -34.39 1.39 70.46
CA GLU D 731 -34.66 0.18 71.24
C GLU D 731 -36.05 0.24 71.87
N GLY D 732 -36.77 -0.87 71.82
CA GLY D 732 -38.13 -0.92 72.33
C GLY D 732 -39.16 -0.45 71.31
N TYR D 733 -38.71 -0.07 70.12
CA TYR D 733 -39.63 0.28 69.02
C TYR D 733 -39.13 -0.30 67.71
N ASP D 734 -37.95 0.15 67.25
CA ASP D 734 -37.37 -0.30 65.97
C ASP D 734 -37.24 -1.83 65.89
N LYS D 735 -37.54 -2.37 64.72
CA LYS D 735 -37.54 -3.81 64.48
C LYS D 735 -36.11 -4.38 64.34
N GLU D 736 -35.15 -3.51 64.01
CA GLU D 736 -33.76 -3.91 63.85
C GLU D 736 -32.82 -2.71 63.73
N TRP D 737 -31.53 -2.97 63.53
CA TRP D 737 -30.58 -1.92 63.33
C TRP D 737 -30.64 -1.46 61.90
N TYR D 738 -30.77 -0.15 61.70
CA TYR D 738 -30.78 0.43 60.37
C TYR D 738 -29.50 1.20 60.10
N TYR D 739 -29.11 1.28 58.84
CA TYR D 739 -27.85 1.91 58.43
C TYR D 739 -28.05 3.15 57.57
N LEU D 740 -27.18 4.14 57.76
CA LEU D 740 -27.15 5.35 56.95
C LEU D 740 -25.74 5.69 56.42
N THR D 741 -25.65 6.07 55.15
CA THR D 741 -24.38 6.46 54.50
C THR D 741 -24.39 7.87 53.94
N ASP D 742 -25.55 8.32 53.49
CA ASP D 742 -25.69 9.56 52.75
C ASP D 742 -26.61 10.52 53.50
N SER D 743 -26.76 10.32 54.80
CA SER D 743 -27.76 11.06 55.61
C SER D 743 -27.47 10.81 57.10
N ARG D 744 -27.88 11.73 57.96
CA ARG D 744 -27.53 11.72 59.39
C ARG D 744 -28.72 12.02 60.30
N THR D 745 -29.93 11.71 59.86
CA THR D 745 -31.11 12.15 60.63
C THR D 745 -32.11 11.02 60.66
N VAL D 746 -32.85 10.90 61.74
CA VAL D 746 -33.90 9.89 61.82
C VAL D 746 -35.13 10.53 62.43
N SER D 747 -36.29 10.19 61.87
CA SER D 747 -37.57 10.76 62.27
C SER D 747 -38.46 9.68 62.84
N TYR D 748 -39.21 10.03 63.88
CA TYR D 748 -40.20 9.14 64.45
C TYR D 748 -41.49 9.90 64.66
N SER D 749 -42.60 9.17 64.69
CA SER D 749 -43.91 9.79 64.81
C SER D 749 -44.96 8.90 65.48
N ASN D 750 -45.73 9.49 66.39
CA ASN D 750 -46.81 8.79 67.11
C ASN D 750 -46.35 7.52 67.79
N LEU D 751 -45.41 7.65 68.72
CA LEU D 751 -44.83 6.51 69.43
C LEU D 751 -45.68 6.13 70.63
N PRO D 752 -46.07 4.83 70.74
CA PRO D 752 -46.86 4.35 71.89
C PRO D 752 -46.23 4.70 73.23
N GLN D 753 -47.03 5.08 74.20
CA GLN D 753 -46.50 5.43 75.51
C GLN D 753 -45.48 4.39 75.98
N GLY D 754 -44.45 4.87 76.64
CA GLY D 754 -43.41 4.00 77.15
C GLY D 754 -42.06 4.67 77.01
N THR D 755 -41.02 3.94 77.37
CA THR D 755 -39.70 4.50 77.48
C THR D 755 -38.76 3.72 76.56
N TYR D 756 -38.07 4.47 75.70
CA TYR D 756 -37.22 3.90 74.66
C TYR D 756 -35.79 4.40 74.87
N GLN D 757 -34.88 3.71 74.22
CA GLN D 757 -33.47 4.06 74.28
C GLN D 757 -32.95 4.16 72.82
N PHE D 758 -32.67 5.39 72.39
CA PHE D 758 -32.15 5.61 71.07
C PHE D 758 -30.66 5.31 71.07
N LEU D 759 -30.26 4.35 70.23
CA LEU D 759 -28.86 3.91 70.15
C LEU D 759 -28.31 4.22 68.78
N VAL D 760 -27.11 4.78 68.70
CA VAL D 760 -26.47 5.08 67.43
C VAL D 760 -24.95 4.90 67.55
N LYS D 761 -24.38 4.19 66.59
CA LYS D 761 -22.93 3.98 66.52
C LYS D 761 -22.42 4.29 65.10
N ALA D 762 -21.10 4.32 64.93
CA ALA D 762 -20.54 4.64 63.62
C ALA D 762 -19.27 3.88 63.34
N ALA D 763 -19.01 3.68 62.05
CA ALA D 763 -17.75 3.15 61.58
C ALA D 763 -17.07 4.17 60.69
N ASN D 764 -15.74 4.19 60.71
CA ASN D 764 -14.95 5.04 59.82
C ASN D 764 -14.94 4.54 58.38
N SER D 765 -14.32 5.32 57.51
CA SER D 765 -14.17 4.98 56.08
C SER D 765 -13.62 3.57 55.84
N ASP D 766 -12.67 3.13 56.67
CA ASP D 766 -12.07 1.79 56.52
C ASP D 766 -12.82 0.65 57.25
N GLY D 767 -14.10 0.86 57.53
CA GLY D 767 -14.97 -0.21 58.00
C GLY D 767 -14.83 -0.58 59.47
N LYS D 768 -14.14 0.24 60.25
CA LYS D 768 -13.89 -0.07 61.64
C LYS D 768 -14.95 0.60 62.50
N TRP D 769 -15.60 -0.18 63.34
CA TRP D 769 -16.71 0.29 64.16
C TRP D 769 -16.31 0.67 65.52
N ASN D 770 -16.98 1.68 66.05
CA ASN D 770 -17.05 1.87 67.49
C ASN D 770 -18.10 0.87 68.02
N PRO D 771 -17.69 -0.04 68.91
CA PRO D 771 -18.64 -1.02 69.46
C PRO D 771 -19.64 -0.45 70.49
N ILE D 772 -19.30 0.65 71.15
CA ILE D 772 -20.14 1.22 72.20
C ILE D 772 -21.04 2.32 71.62
N PRO D 773 -22.37 2.09 71.58
CA PRO D 773 -23.22 3.13 71.02
C PRO D 773 -23.48 4.29 71.97
N THR D 774 -23.75 5.45 71.38
CA THR D 774 -24.28 6.60 72.09
C THR D 774 -25.78 6.38 72.35
N ALA D 775 -26.25 6.74 73.55
CA ALA D 775 -27.64 6.48 73.98
C ALA D 775 -28.38 7.73 74.45
N LEU D 776 -29.60 7.89 73.98
CA LEU D 776 -30.52 8.89 74.48
C LEU D 776 -31.79 8.15 74.85
N GLU D 777 -32.23 8.33 76.09
CA GLU D 777 -33.47 7.72 76.54
C GLU D 777 -34.61 8.67 76.18
N ILE D 778 -35.71 8.09 75.71
CA ILE D 778 -36.87 8.88 75.30
C ILE D 778 -38.08 8.31 76.00
N ILE D 779 -38.75 9.15 76.78
CA ILE D 779 -39.98 8.74 77.47
C ILE D 779 -41.15 9.41 76.76
N VAL D 780 -42.08 8.61 76.25
CA VAL D 780 -43.28 9.12 75.59
C VAL D 780 -44.41 9.04 76.60
N LEU D 781 -44.87 10.20 77.07
CA LEU D 781 -45.95 10.25 78.07
C LEU D 781 -47.31 10.00 77.40
N PRO D 782 -48.32 9.56 78.16
CA PRO D 782 -49.69 9.40 77.68
C PRO D 782 -50.61 10.62 77.99
N ILE D 783 -51.93 10.45 77.85
CA ILE D 783 -52.92 11.50 78.19
C ILE D 783 -53.91 10.99 79.26
N GLN E 28 40.39 12.36 15.75
CA GLN E 28 39.27 12.54 14.79
C GLN E 28 39.66 12.18 13.35
N ILE E 29 39.23 11.00 12.90
CA ILE E 29 39.78 10.37 11.72
C ILE E 29 38.69 9.99 10.71
N THR E 30 38.83 10.54 9.51
CA THR E 30 37.92 10.32 8.39
C THR E 30 38.77 10.08 7.17
N PHE E 31 38.20 9.39 6.19
CA PHE E 31 38.98 8.89 5.08
C PHE E 31 38.41 9.37 3.78
N SER E 32 39.28 9.64 2.81
CA SER E 32 38.85 9.73 1.42
C SER E 32 38.93 8.34 0.81
N TYR E 33 38.30 8.14 -0.34
CA TYR E 33 38.24 6.81 -0.95
C TYR E 33 38.86 6.83 -2.30
N ILE E 34 39.73 5.86 -2.54
CA ILE E 34 40.30 5.64 -3.86
C ILE E 34 40.12 4.17 -4.19
N SER E 35 39.21 3.88 -5.11
CA SER E 35 38.80 2.51 -5.41
C SER E 35 38.33 2.40 -6.88
N ILE E 36 37.44 1.44 -7.17
CA ILE E 36 37.04 1.12 -8.54
C ILE E 36 36.56 2.35 -9.31
N ASN E 37 35.75 3.19 -8.67
CA ASN E 37 35.22 4.35 -9.36
C ASN E 37 36.34 5.27 -9.83
N GLU E 38 37.44 5.29 -9.08
CA GLU E 38 38.51 6.26 -9.29
C GLU E 38 39.58 5.73 -10.23
N GLY E 39 39.51 4.45 -10.62
CA GLY E 39 40.47 3.84 -11.55
C GLY E 39 41.20 2.56 -11.12
N LEU E 40 41.17 2.29 -9.82
CA LEU E 40 41.77 1.07 -9.25
C LEU E 40 41.24 -0.12 -10.01
N SER E 41 42.12 -1.02 -10.39
CA SER E 41 41.71 -2.12 -11.26
C SER E 41 40.86 -3.16 -10.52
N GLN E 42 41.09 -3.34 -9.22
CA GLN E 42 40.40 -4.35 -8.45
C GLN E 42 40.47 -3.99 -6.96
N SER E 43 39.50 -4.46 -6.19
CA SER E 43 39.23 -3.89 -4.85
C SER E 43 40.25 -4.23 -3.75
N THR E 44 40.96 -5.35 -3.91
CA THR E 44 41.88 -5.89 -2.88
C THR E 44 43.23 -5.25 -3.04
N VAL E 45 43.76 -4.65 -1.97
CA VAL E 45 45.13 -4.17 -2.02
C VAL E 45 45.98 -4.92 -1.00
N PHE E 46 46.77 -5.87 -1.49
CA PHE E 46 47.65 -6.68 -0.63
C PHE E 46 48.83 -5.90 -0.08
N SER E 47 49.30 -4.90 -0.82
CA SER E 47 50.57 -4.27 -0.52
C SER E 47 50.64 -2.88 -1.15
N ILE E 48 51.28 -1.94 -0.46
CA ILE E 48 51.38 -0.59 -0.94
C ILE E 48 52.81 -0.09 -0.83
N ASP E 49 53.28 0.63 -1.85
CA ASP E 49 54.55 1.33 -1.73
C ASP E 49 54.53 2.57 -2.60
N GLN E 50 55.64 3.30 -2.65
CA GLN E 50 55.73 4.58 -3.36
C GLN E 50 57.12 4.71 -3.97
N ASP E 51 57.22 5.33 -5.14
CA ASP E 51 58.51 5.42 -5.84
C ASP E 51 59.14 6.81 -5.72
N LYS E 52 60.35 7.00 -6.23
CA LYS E 52 61.06 8.27 -6.04
C LYS E 52 60.44 9.44 -6.82
N ARG E 53 59.51 9.16 -7.73
CA ARG E 53 58.73 10.19 -8.41
C ARG E 53 57.42 10.54 -7.69
N GLY E 54 57.17 9.89 -6.56
CA GLY E 54 55.97 10.11 -5.77
C GLY E 54 54.75 9.33 -6.23
N ASN E 55 54.90 8.40 -7.17
CA ASN E 55 53.78 7.54 -7.54
C ASN E 55 53.57 6.53 -6.45
N MET E 56 52.31 6.23 -6.16
CA MET E 56 51.97 5.13 -5.31
C MET E 56 51.88 3.88 -6.15
N TRP E 57 52.21 2.75 -5.55
CA TRP E 57 52.08 1.45 -6.18
C TRP E 57 51.26 0.57 -5.30
N PHE E 58 50.28 -0.08 -5.91
CA PHE E 58 49.35 -0.93 -5.22
C PHE E 58 49.31 -2.28 -5.88
N ALA E 59 49.56 -3.33 -5.12
CA ALA E 59 49.45 -4.70 -5.59
C ALA E 59 48.05 -5.22 -5.31
N THR E 60 47.36 -5.66 -6.35
CA THR E 60 45.96 -6.10 -6.26
C THR E 60 45.82 -7.50 -6.80
N TYR E 61 44.61 -8.03 -6.70
CA TYR E 61 44.34 -9.38 -7.17
C TYR E 61 44.01 -9.41 -8.66
N ASP E 62 44.05 -8.26 -9.34
CA ASP E 62 43.90 -8.20 -10.81
C ASP E 62 44.68 -7.00 -11.35
N GLY E 63 46.01 -7.09 -11.21
CA GLY E 63 46.91 -6.15 -11.84
C GLY E 63 47.73 -5.37 -10.84
N VAL E 64 48.79 -4.76 -11.33
CA VAL E 64 49.54 -3.84 -10.53
C VAL E 64 49.16 -2.42 -10.98
N ASN E 65 48.90 -1.57 -10.00
CA ASN E 65 48.37 -0.25 -10.23
C ASN E 65 49.38 0.81 -9.80
N LYS E 66 49.72 1.71 -10.71
CA LYS E 66 50.57 2.85 -10.43
C LYS E 66 49.65 4.05 -10.47
N TYR E 67 49.73 4.88 -9.45
CA TYR E 67 48.80 5.98 -9.28
C TYR E 67 49.59 7.24 -9.02
N ASP E 68 49.27 8.32 -9.73
CA ASP E 68 50.07 9.55 -9.63
C ASP E 68 49.33 10.69 -8.95
N GLY E 69 48.13 10.40 -8.46
CA GLY E 69 47.29 11.42 -7.84
C GLY E 69 46.19 11.96 -8.73
N TYR E 70 46.35 11.80 -10.03
CA TYR E 70 45.30 12.15 -10.98
C TYR E 70 44.79 10.94 -11.75
N ALA E 71 45.68 10.03 -12.13
CA ALA E 71 45.26 8.90 -12.95
C ALA E 71 45.98 7.59 -12.57
N PHE E 72 45.31 6.48 -12.85
CA PHE E 72 45.88 5.16 -12.64
C PHE E 72 46.47 4.66 -13.92
N THR E 73 47.59 3.95 -13.82
CA THR E 73 48.08 3.17 -14.91
C THR E 73 47.98 1.73 -14.42
N VAL E 74 47.25 0.90 -15.16
CA VAL E 74 47.05 -0.47 -14.76
C VAL E 74 47.89 -1.39 -15.62
N TYR E 75 48.68 -2.22 -14.95
CA TYR E 75 49.59 -3.14 -15.60
C TYR E 75 49.08 -4.55 -15.40
N GLN E 76 48.66 -5.15 -16.51
CA GLN E 76 48.12 -6.49 -16.54
C GLN E 76 48.88 -7.37 -17.51
N HIS E 77 48.69 -8.67 -17.36
CA HIS E 77 49.44 -9.63 -18.15
C HIS E 77 48.85 -9.77 -19.55
N ASN E 78 49.74 -9.98 -20.51
CA ASN E 78 49.34 -10.16 -21.88
C ASN E 78 50.19 -11.26 -22.44
N GLU E 79 49.55 -12.34 -22.86
CA GLU E 79 50.29 -13.53 -23.32
C GLU E 79 51.03 -13.26 -24.63
N ASP E 80 50.53 -12.31 -25.42
CA ASP E 80 51.21 -11.86 -26.63
C ASP E 80 52.46 -11.04 -26.31
N ASP E 81 52.49 -10.38 -25.16
CA ASP E 81 53.56 -9.44 -24.84
C ASP E 81 54.37 -9.83 -23.60
N PRO E 82 55.59 -10.32 -23.80
CA PRO E 82 56.45 -10.75 -22.70
C PRO E 82 57.11 -9.61 -21.89
N ASN E 83 56.86 -8.35 -22.26
CA ASN E 83 57.23 -7.22 -21.41
C ASN E 83 56.12 -6.81 -20.43
N SER E 84 55.00 -7.53 -20.48
CA SER E 84 53.92 -7.29 -19.58
C SER E 84 54.20 -8.07 -18.29
N ILE E 85 53.67 -7.59 -17.17
CA ILE E 85 53.77 -8.25 -15.87
C ILE E 85 53.29 -9.68 -16.05
N ALA E 86 53.94 -10.61 -15.36
CA ALA E 86 53.84 -12.03 -15.66
C ALA E 86 52.50 -12.64 -15.27
N ASN E 87 51.88 -12.14 -14.22
CA ASN E 87 50.57 -12.63 -13.80
C ASN E 87 49.80 -11.53 -13.10
N ASP E 88 48.49 -11.51 -13.28
CA ASP E 88 47.62 -10.46 -12.72
C ASP E 88 47.46 -10.52 -11.20
N ILE E 89 47.70 -11.70 -10.62
CA ILE E 89 47.68 -11.87 -9.18
C ILE E 89 49.04 -11.40 -8.63
N SER E 90 49.06 -10.18 -8.13
CA SER E 90 50.23 -9.63 -7.48
C SER E 90 50.00 -9.73 -6.00
N ARG E 91 51.09 -9.92 -5.27
CA ARG E 91 51.03 -10.08 -3.84
C ARG E 91 51.77 -8.99 -3.09
N ILE E 92 52.85 -8.51 -3.65
CA ILE E 92 53.70 -7.61 -2.91
C ILE E 92 54.35 -6.65 -3.87
N VAL E 93 54.50 -5.41 -3.43
CA VAL E 93 55.32 -4.46 -4.14
C VAL E 93 56.34 -3.89 -3.17
N LYS E 94 57.59 -3.75 -3.61
CA LYS E 94 58.67 -3.19 -2.79
C LYS E 94 59.55 -2.25 -3.61
N THR E 95 59.74 -1.04 -3.10
CA THR E 95 60.70 -0.11 -3.66
C THR E 95 61.99 -0.31 -2.88
N ASP E 96 63.06 -0.60 -3.58
CA ASP E 96 64.38 -0.73 -2.94
C ASP E 96 65.07 0.62 -2.71
N SER E 97 66.26 0.58 -2.13
CA SER E 97 67.03 1.79 -1.77
C SER E 97 67.36 2.70 -2.95
N GLN E 98 67.40 2.14 -4.16
CA GLN E 98 67.66 2.92 -5.39
C GLN E 98 66.39 3.26 -6.20
N GLY E 99 65.22 3.09 -5.62
CA GLY E 99 63.98 3.47 -6.28
C GLY E 99 63.38 2.52 -7.30
N ARG E 100 63.95 1.33 -7.42
CA ARG E 100 63.43 0.34 -8.36
C ARG E 100 62.30 -0.38 -7.71
N VAL E 101 61.24 -0.56 -8.48
CA VAL E 101 60.02 -1.16 -8.00
C VAL E 101 59.99 -2.63 -8.34
N TRP E 102 59.82 -3.45 -7.31
CA TRP E 102 59.79 -4.90 -7.44
C TRP E 102 58.43 -5.39 -7.06
N ILE E 103 57.94 -6.41 -7.79
CA ILE E 103 56.62 -6.97 -7.59
C ILE E 103 56.73 -8.48 -7.45
N GLY E 104 56.17 -9.03 -6.38
CA GLY E 104 56.02 -10.47 -6.27
C GLY E 104 54.64 -10.83 -6.76
N THR E 105 54.55 -11.84 -7.64
CA THR E 105 53.29 -12.28 -8.23
C THR E 105 53.13 -13.77 -8.05
N ARG E 106 52.02 -14.29 -8.54
CA ARG E 106 51.75 -15.71 -8.51
C ARG E 106 52.78 -16.47 -9.31
N ASP E 107 53.37 -15.85 -10.31
CA ASP E 107 54.34 -16.55 -11.16
C ASP E 107 55.81 -16.18 -10.95
N GLY E 108 56.10 -15.25 -10.04
CA GLY E 108 57.48 -15.03 -9.63
C GLY E 108 57.81 -13.63 -9.21
N LEU E 109 58.92 -13.11 -9.72
CA LEU E 109 59.39 -11.78 -9.38
C LEU E 109 59.37 -10.98 -10.67
N SER E 110 58.98 -9.72 -10.54
CA SER E 110 58.96 -8.79 -11.66
C SER E 110 59.61 -7.49 -11.26
N ARG E 111 60.24 -6.84 -12.24
CA ARG E 111 60.90 -5.57 -12.06
C ARG E 111 60.21 -4.56 -12.96
N TYR E 112 59.76 -3.43 -12.40
CA TYR E 112 59.28 -2.35 -13.24
C TYR E 112 60.46 -1.61 -13.79
N ASP E 113 60.64 -1.75 -15.09
CA ASP E 113 61.71 -1.03 -15.76
C ASP E 113 61.16 0.36 -16.08
N GLU E 114 61.43 1.30 -15.19
CA GLU E 114 60.96 2.66 -15.34
C GLU E 114 61.53 3.36 -16.59
N GLU E 115 62.75 3.00 -16.95
CA GLU E 115 63.44 3.63 -18.08
C GLU E 115 62.78 3.31 -19.43
N LYS E 116 62.08 2.19 -19.53
CA LYS E 116 61.37 1.79 -20.74
C LYS E 116 59.88 1.60 -20.52
N ASP E 117 59.38 1.94 -19.33
CA ASP E 117 58.00 1.66 -18.96
C ASP E 117 57.55 0.23 -19.33
N ILE E 118 58.33 -0.77 -18.91
CA ILE E 118 57.93 -2.18 -19.05
C ILE E 118 58.36 -3.01 -17.83
N PHE E 119 58.01 -4.29 -17.85
CA PHE E 119 58.42 -5.23 -16.81
C PHE E 119 59.37 -6.26 -17.35
N GLN E 120 60.33 -6.64 -16.52
CA GLN E 120 61.09 -7.85 -16.74
C GLN E 120 60.66 -8.85 -15.68
N ASN E 121 60.21 -10.01 -16.14
CA ASN E 121 59.77 -11.08 -15.27
C ASN E 121 60.85 -12.13 -15.08
N PHE E 122 61.03 -12.62 -13.85
CA PHE E 122 61.99 -13.68 -13.55
C PHE E 122 61.28 -14.84 -12.85
N PHE E 123 61.69 -16.06 -13.18
CA PHE E 123 61.01 -17.28 -12.70
C PHE E 123 61.93 -18.21 -11.91
N TYR E 124 61.36 -18.88 -10.92
CA TYR E 124 62.10 -19.85 -10.11
C TYR E 124 61.34 -21.16 -10.15
N GLU E 125 61.98 -22.18 -10.74
CA GLU E 125 61.36 -23.48 -10.94
C GLU E 125 61.69 -24.41 -9.78
N LYS E 126 60.71 -25.20 -9.39
CA LYS E 126 60.86 -26.18 -8.32
C LYS E 126 59.82 -27.27 -8.52
N ASN E 127 60.28 -28.49 -8.79
CA ASN E 127 59.41 -29.65 -8.94
C ASN E 127 58.32 -29.39 -9.97
N GLY E 128 58.75 -28.94 -11.15
CA GLY E 128 57.82 -28.69 -12.26
C GLY E 128 57.18 -27.31 -12.28
N LYS E 129 56.74 -26.82 -11.11
CA LYS E 129 56.05 -25.53 -10.98
C LYS E 129 56.97 -24.29 -10.93
N HIS E 130 56.42 -23.14 -11.34
CA HIS E 130 57.03 -21.84 -11.09
C HIS E 130 56.55 -21.34 -9.77
N LEU E 131 57.46 -21.05 -8.85
CA LEU E 131 57.05 -20.57 -7.53
C LEU E 131 56.71 -19.06 -7.47
N GLN E 132 55.79 -18.76 -6.56
CA GLN E 132 55.19 -17.46 -6.33
C GLN E 132 56.01 -16.73 -5.28
N VAL E 133 56.07 -15.39 -5.38
CA VAL E 133 56.84 -14.59 -4.45
C VAL E 133 55.94 -13.87 -3.43
N ASN E 134 56.09 -14.27 -2.16
CA ASN E 134 55.28 -13.78 -1.04
C ASN E 134 55.85 -12.57 -0.33
N GLY E 135 57.15 -12.38 -0.44
CA GLY E 135 57.77 -11.26 0.24
C GLY E 135 59.06 -10.89 -0.43
N ILE E 136 59.36 -9.60 -0.47
CA ILE E 136 60.62 -9.13 -1.00
C ILE E 136 61.23 -8.21 0.04
N GLU E 137 62.51 -8.41 0.37
CA GLU E 137 63.19 -7.45 1.23
C GLU E 137 64.62 -7.26 0.70
N GLU E 138 65.27 -6.16 1.10
CA GLU E 138 66.58 -5.81 0.56
C GLU E 138 67.74 -6.30 1.42
N ILE E 139 68.52 -7.25 0.92
CA ILE E 139 69.73 -7.69 1.61
C ILE E 139 70.80 -6.63 1.45
N SER E 140 71.10 -6.29 0.21
CA SER E 140 72.04 -5.22 -0.08
C SER E 140 71.53 -4.55 -1.35
N PRO E 141 72.18 -3.45 -1.77
CA PRO E 141 71.71 -2.77 -2.96
C PRO E 141 71.52 -3.65 -4.17
N GLU E 142 72.32 -4.71 -4.31
CA GLU E 142 72.17 -5.59 -5.46
C GLU E 142 71.67 -7.02 -5.13
N GLN E 143 71.07 -7.20 -3.95
CA GLN E 143 70.60 -8.52 -3.51
C GLN E 143 69.31 -8.45 -2.72
N LEU E 144 68.30 -9.14 -3.24
CA LEU E 144 67.01 -9.29 -2.59
C LEU E 144 66.84 -10.65 -1.86
N LEU E 145 66.21 -10.60 -0.70
CA LEU E 145 65.64 -11.78 -0.02
C LEU E 145 64.24 -12.04 -0.59
N ILE E 146 63.98 -13.26 -1.03
CA ILE E 146 62.71 -13.62 -1.64
C ILE E 146 62.10 -14.76 -0.83
N SER E 147 60.86 -14.57 -0.39
CA SER E 147 60.11 -15.67 0.23
C SER E 147 59.16 -16.30 -0.76
N THR E 148 59.23 -17.62 -0.87
CA THR E 148 58.27 -18.40 -1.63
C THR E 148 57.60 -19.33 -0.65
N PRO E 149 56.52 -19.98 -1.07
CA PRO E 149 55.83 -20.95 -0.21
C PRO E 149 56.68 -22.16 0.17
N GLU E 150 57.69 -22.46 -0.62
CA GLU E 150 58.56 -23.60 -0.35
C GLU E 150 59.88 -23.20 0.32
N GLY E 151 60.11 -21.91 0.60
CA GLY E 151 61.31 -21.50 1.33
C GLY E 151 61.84 -20.12 1.07
N LEU E 152 63.06 -19.82 1.56
CA LEU E 152 63.73 -18.52 1.34
C LEU E 152 64.92 -18.63 0.40
N ILE E 153 64.96 -17.76 -0.60
CA ILE E 153 66.09 -17.68 -1.55
C ILE E 153 66.53 -16.23 -1.78
N MET E 154 67.49 -16.03 -2.68
CA MET E 154 68.03 -14.72 -2.95
C MET E 154 67.93 -14.39 -4.44
N PHE E 155 67.73 -13.11 -4.79
CA PHE E 155 67.83 -12.71 -6.18
C PHE E 155 69.00 -11.79 -6.37
N ASP E 156 69.90 -12.17 -7.28
CA ASP E 156 71.08 -11.36 -7.62
C ASP E 156 70.70 -10.39 -8.72
N ILE E 157 70.64 -9.11 -8.39
CA ILE E 157 70.10 -8.11 -9.29
C ILE E 157 71.05 -7.87 -10.47
N LYS E 158 72.33 -7.72 -10.15
CA LYS E 158 73.39 -7.58 -11.14
C LYS E 158 73.29 -8.68 -12.20
N GLU E 159 73.10 -9.92 -11.76
CA GLU E 159 73.10 -11.08 -12.66
C GLU E 159 71.71 -11.50 -13.17
N SER E 160 70.64 -10.96 -12.57
CA SER E 160 69.27 -11.36 -12.88
C SER E 160 69.01 -12.86 -12.70
N LYS E 161 69.65 -13.45 -11.69
CA LYS E 161 69.57 -14.89 -11.39
C LYS E 161 69.08 -15.12 -9.95
N PHE E 162 68.24 -16.14 -9.77
CA PHE E 162 67.92 -16.66 -8.44
C PHE E 162 69.06 -17.54 -7.94
N ILE E 163 69.32 -17.46 -6.64
CA ILE E 163 70.33 -18.30 -6.00
C ILE E 163 69.71 -18.92 -4.76
N ASP E 164 69.60 -20.24 -4.78
CA ASP E 164 68.93 -20.97 -3.70
C ASP E 164 69.87 -21.69 -2.73
N ASP E 165 71.17 -21.53 -2.92
CA ASP E 165 72.16 -22.34 -2.16
C ASP E 165 73.21 -21.54 -1.35
N SER E 166 72.99 -20.23 -1.17
CA SER E 166 73.83 -19.41 -0.30
C SER E 166 73.38 -19.32 1.17
N PHE E 167 72.15 -19.70 1.50
CA PHE E 167 71.75 -19.69 2.90
C PHE E 167 72.01 -21.03 3.58
N SER E 168 72.01 -21.02 4.90
CA SER E 168 71.99 -22.25 5.68
C SER E 168 70.72 -22.99 5.37
N THR E 169 70.70 -24.29 5.64
CA THR E 169 69.48 -25.07 5.51
C THR E 169 68.39 -24.52 6.41
N ALA E 170 68.70 -24.20 7.67
CA ALA E 170 67.73 -23.62 8.62
C ALA E 170 66.95 -22.42 8.02
N MET E 171 67.68 -21.53 7.36
CA MET E 171 67.06 -20.33 6.79
C MET E 171 66.30 -20.65 5.50
N HIS E 172 66.99 -21.35 4.60
CA HIS E 172 66.45 -21.77 3.32
C HIS E 172 65.14 -22.49 3.43
N LYS E 173 64.98 -23.39 4.40
CA LYS E 173 63.76 -24.21 4.46
C LYS E 173 62.65 -23.55 5.29
N THR E 174 62.88 -22.32 5.72
CA THR E 174 61.88 -21.53 6.44
C THR E 174 60.80 -21.05 5.48
N ILE E 175 59.55 -21.24 5.89
CA ILE E 175 58.41 -20.73 5.18
C ILE E 175 58.09 -19.38 5.82
N ALA E 176 58.41 -18.29 5.14
CA ALA E 176 58.26 -16.96 5.71
C ALA E 176 56.93 -16.30 5.30
N SER E 177 56.22 -15.75 6.28
CA SER E 177 54.94 -15.11 6.07
C SER E 177 55.11 -13.61 6.00
N THR E 178 56.22 -13.08 6.51
CA THR E 178 56.46 -11.65 6.39
C THR E 178 57.95 -11.38 6.57
N LEU E 179 58.45 -10.36 5.88
CA LEU E 179 59.88 -9.95 5.91
C LEU E 179 59.95 -8.46 6.25
N TYR E 180 60.86 -8.05 7.12
CA TYR E 180 60.92 -6.66 7.55
C TYR E 180 62.32 -6.25 7.97
N ARG E 181 62.95 -5.44 7.14
CA ARG E 181 64.27 -4.94 7.46
C ARG E 181 64.24 -3.75 8.41
N GLN E 182 65.17 -3.76 9.35
CA GLN E 182 65.56 -2.60 10.16
C GLN E 182 67.07 -2.65 10.38
N GLY E 183 67.81 -1.73 9.76
CA GLY E 183 69.26 -1.68 9.84
C GLY E 183 69.93 -2.92 9.26
N ASP E 184 70.73 -3.58 10.09
CA ASP E 184 71.48 -4.77 9.69
C ASP E 184 70.66 -6.07 9.78
N GLN E 185 69.55 -6.03 10.52
CA GLN E 185 68.71 -7.20 10.73
C GLN E 185 67.52 -7.20 9.77
N ILE E 186 67.24 -8.35 9.16
CA ILE E 186 65.94 -8.60 8.53
C ILE E 186 65.14 -9.50 9.46
N TYR E 187 64.05 -8.99 10.04
CA TYR E 187 63.14 -9.82 10.84
C TYR E 187 62.29 -10.69 9.90
N ILE E 188 62.08 -11.94 10.29
CA ILE E 188 61.42 -12.94 9.45
C ILE E 188 60.36 -13.63 10.28
N GLY E 189 59.10 -13.34 9.97
CA GLY E 189 57.98 -13.96 10.65
C GLY E 189 57.65 -15.24 9.92
N THR E 190 57.39 -16.30 10.67
CA THR E 190 57.03 -17.57 10.09
C THR E 190 55.60 -17.89 10.45
N SER E 191 55.04 -18.89 9.78
CA SER E 191 53.64 -19.27 9.90
C SER E 191 53.36 -20.04 11.19
N THR E 192 54.33 -20.79 11.66
CA THR E 192 54.14 -21.63 12.85
C THR E 192 55.26 -21.45 13.89
N ASP E 193 56.46 -21.11 13.43
CA ASP E 193 57.66 -21.10 14.26
C ASP E 193 58.02 -19.71 14.84
N GLY E 194 57.07 -18.77 14.87
CA GLY E 194 57.32 -17.46 15.47
C GLY E 194 58.32 -16.61 14.70
N LEU E 195 59.11 -15.82 15.41
CA LEU E 195 59.89 -14.74 14.81
C LEU E 195 61.41 -15.00 14.82
N TYR E 196 62.06 -14.82 13.67
CA TYR E 196 63.51 -14.96 13.52
C TYR E 196 64.13 -13.63 13.07
N THR E 197 65.47 -13.54 13.16
CA THR E 197 66.22 -12.36 12.72
C THR E 197 67.48 -12.80 11.97
N TYR E 198 67.68 -12.19 10.81
CA TYR E 198 68.86 -12.42 9.99
C TYR E 198 69.76 -11.20 10.02
N SER E 199 70.98 -11.37 10.47
CA SER E 199 71.98 -10.31 10.40
C SER E 199 72.62 -10.33 9.03
N ILE E 200 72.45 -9.24 8.29
CA ILE E 200 73.02 -9.12 6.94
C ILE E 200 74.54 -9.27 6.96
N THR E 201 75.17 -8.76 8.02
CA THR E 201 76.62 -8.74 8.17
C THR E 201 77.18 -10.08 8.70
N GLN E 202 76.64 -10.56 9.82
CA GLN E 202 77.07 -11.81 10.43
C GLN E 202 76.59 -13.00 9.64
N LYS E 203 75.40 -12.92 9.07
CA LYS E 203 74.76 -14.03 8.41
C LYS E 203 74.31 -15.08 9.40
N THR E 204 73.92 -14.63 10.59
CA THR E 204 73.30 -15.48 11.58
C THR E 204 71.77 -15.40 11.47
N PHE E 205 71.10 -16.48 11.83
CA PHE E 205 69.65 -16.61 11.70
C PHE E 205 69.20 -17.16 13.03
N GLU E 206 68.54 -16.33 13.83
CA GLU E 206 68.21 -16.64 15.23
C GLU E 206 66.73 -16.45 15.50
N LYS E 207 66.18 -17.23 16.43
CA LYS E 207 64.87 -16.94 17.02
C LYS E 207 65.02 -15.74 17.96
N VAL E 208 64.13 -14.76 17.85
CA VAL E 208 64.19 -13.59 18.72
C VAL E 208 63.63 -13.88 20.13
N ILE E 209 62.46 -14.51 20.22
CA ILE E 209 61.93 -15.06 21.48
C ILE E 209 61.53 -16.54 21.31
N PRO E 210 62.08 -17.44 22.14
CA PRO E 210 61.50 -18.79 22.15
C PRO E 210 60.15 -18.88 22.90
N THR E 214 52.80 -19.30 18.37
CA THR E 214 52.59 -20.39 17.41
C THR E 214 51.70 -20.02 16.19
N LYS E 215 51.01 -18.87 16.22
CA LYS E 215 50.16 -18.46 15.08
C LYS E 215 50.97 -17.66 14.07
N GLN E 216 50.51 -17.61 12.82
CA GLN E 216 51.30 -17.01 11.74
C GLN E 216 51.52 -15.52 11.97
N ILE E 217 52.73 -15.06 11.62
CA ILE E 217 53.11 -13.68 11.80
C ILE E 217 52.89 -12.91 10.50
N GLN E 218 51.99 -11.94 10.58
CA GLN E 218 51.50 -11.25 9.40
C GLN E 218 52.20 -9.93 9.12
N ALA E 219 52.57 -9.20 10.19
CA ALA E 219 53.28 -7.91 10.06
C ALA E 219 54.32 -7.75 11.17
N ILE E 220 55.36 -6.96 10.90
CA ILE E 220 56.40 -6.66 11.90
C ILE E 220 56.83 -5.21 11.73
N LEU E 221 56.95 -4.50 12.84
CA LEU E 221 57.27 -3.09 12.80
C LEU E 221 58.07 -2.72 14.04
N GLN E 222 59.18 -2.01 13.86
CA GLN E 222 59.96 -1.54 14.99
C GLN E 222 59.67 -0.06 15.22
N GLN E 223 59.22 0.27 16.41
CA GLN E 223 58.95 1.65 16.79
C GLN E 223 60.22 2.28 17.35
N SER E 224 60.96 1.52 18.15
CA SER E 224 62.18 1.99 18.79
C SER E 224 63.13 0.80 18.98
N PRO E 225 64.40 1.07 19.33
CA PRO E 225 65.30 -0.06 19.62
C PRO E 225 64.75 -1.06 20.64
N THR E 226 63.95 -0.58 21.60
CA THR E 226 63.36 -1.44 22.64
C THR E 226 61.89 -1.81 22.39
N ARG E 227 61.38 -1.57 21.19
CA ARG E 227 59.97 -1.87 20.86
C ARG E 227 59.75 -2.40 19.45
N ILE E 228 59.45 -3.69 19.36
CA ILE E 228 59.07 -4.32 18.09
C ILE E 228 57.64 -4.85 18.20
N TRP E 229 56.79 -4.42 17.29
CA TRP E 229 55.41 -4.90 17.24
C TRP E 229 55.29 -6.02 16.27
N VAL E 230 54.43 -7.00 16.60
CA VAL E 230 54.23 -8.21 15.79
C VAL E 230 52.75 -8.60 15.70
N ALA E 231 52.20 -8.53 14.49
CA ALA E 231 50.84 -8.95 14.21
C ALA E 231 50.77 -10.45 13.91
N THR E 232 49.79 -11.13 14.49
CA THR E 232 49.58 -12.56 14.29
C THR E 232 48.16 -12.88 13.77
N GLU E 233 48.03 -14.03 13.13
CA GLU E 233 46.75 -14.49 12.61
C GLU E 233 46.02 -15.30 13.69
N GLY E 234 45.50 -14.58 14.70
CA GLY E 234 44.63 -15.18 15.70
C GLY E 234 45.12 -15.18 17.14
N ALA E 235 46.36 -14.74 17.37
CA ALA E 235 46.94 -14.70 18.72
C ALA E 235 47.16 -13.24 19.15
N GLY E 236 46.57 -12.32 18.40
CA GLY E 236 46.63 -10.91 18.75
C GLY E 236 47.94 -10.22 18.40
N LEU E 237 48.17 -9.12 19.11
CA LEU E 237 49.32 -8.25 18.89
C LEU E 237 50.36 -8.48 19.97
N PHE E 238 51.64 -8.38 19.61
CA PHE E 238 52.73 -8.63 20.56
C PHE E 238 53.69 -7.44 20.53
N LEU E 239 54.07 -6.97 21.71
CA LEU E 239 55.10 -5.93 21.86
C LEU E 239 56.31 -6.61 22.47
N ILE E 240 57.45 -6.52 21.80
CA ILE E 240 58.65 -7.20 22.20
C ILE E 240 59.71 -6.18 22.51
N ASN E 241 60.45 -6.40 23.59
CA ASN E 241 61.71 -5.70 23.80
C ASN E 241 62.83 -6.69 23.44
N PRO E 242 63.51 -6.47 22.29
CA PRO E 242 64.54 -7.42 21.80
C PRO E 242 65.85 -7.41 22.59
N LYS E 243 66.10 -6.33 23.35
CA LYS E 243 67.25 -6.27 24.24
C LYS E 243 66.98 -7.14 25.49
N THR E 244 65.89 -6.89 26.20
CA THR E 244 65.55 -7.70 27.40
C THR E 244 64.84 -9.02 27.10
N LYS E 245 64.37 -9.20 25.86
CA LYS E 245 63.62 -10.40 25.44
C LYS E 245 62.32 -10.68 26.19
N GLU E 246 61.71 -9.65 26.76
CA GLU E 246 60.40 -9.79 27.39
C GLU E 246 59.30 -9.38 26.40
N ILE E 247 58.14 -10.04 26.50
CA ILE E 247 57.02 -9.83 25.58
C ILE E 247 55.78 -9.41 26.35
N LYS E 248 54.86 -8.77 25.64
CA LYS E 248 53.58 -8.36 26.17
C LYS E 248 52.53 -8.68 25.09
N ASN E 249 51.46 -9.39 25.45
CA ASN E 249 50.47 -9.87 24.46
C ASN E 249 49.12 -9.15 24.55
N TYR E 250 48.76 -8.39 23.53
CA TYR E 250 47.47 -7.69 23.51
C TYR E 250 46.42 -8.50 22.78
N LEU E 251 45.39 -8.91 23.52
CA LEU E 251 44.32 -9.75 22.98
C LEU E 251 43.00 -9.00 22.96
N HIS E 252 42.04 -9.52 22.21
CA HIS E 252 40.70 -8.96 22.17
C HIS E 252 39.90 -9.38 23.38
N SER E 253 39.03 -8.49 23.83
CA SER E 253 38.09 -8.78 24.90
C SER E 253 36.74 -8.26 24.42
N PRO E 254 35.73 -9.13 24.34
CA PRO E 254 34.41 -8.63 23.94
C PRO E 254 33.81 -7.64 24.95
N SER E 255 34.18 -7.78 26.24
CA SER E 255 33.70 -6.88 27.31
C SER E 255 34.35 -5.50 27.23
N ASN E 256 35.67 -5.48 27.09
CA ASN E 256 36.43 -4.24 27.01
C ASN E 256 36.51 -3.76 25.56
N PRO E 257 35.87 -2.60 25.24
CA PRO E 257 35.97 -2.01 23.90
C PRO E 257 37.24 -1.18 23.69
N LYS E 258 37.98 -0.91 24.76
CA LYS E 258 39.27 -0.23 24.69
C LYS E 258 40.39 -1.25 24.42
N SER E 259 40.02 -2.53 24.45
CA SER E 259 40.89 -3.62 23.98
C SER E 259 40.87 -3.71 22.46
N ILE E 260 41.98 -4.18 21.92
CA ILE E 260 42.13 -4.43 20.49
C ILE E 260 40.88 -5.07 19.87
N SER E 261 40.53 -4.67 18.65
CA SER E 261 39.30 -5.11 17.98
C SER E 261 39.28 -6.58 17.57
N SER E 262 40.43 -7.19 17.37
CA SER E 262 40.46 -8.56 16.86
C SER E 262 41.78 -9.24 17.17
N ASN E 263 41.75 -10.55 17.35
CA ASN E 263 43.00 -11.28 17.49
C ASN E 263 43.62 -11.56 16.12
N TYR E 264 42.94 -11.16 15.04
CA TYR E 264 43.42 -11.46 13.69
C TYR E 264 43.94 -10.21 13.05
N ILE E 265 45.26 -10.03 13.12
CA ILE E 265 45.88 -8.77 12.72
C ILE E 265 46.73 -8.98 11.48
N ARG E 266 46.58 -8.08 10.52
CA ARG E 266 47.12 -8.26 9.19
C ARG E 266 48.17 -7.25 8.75
N SER E 267 48.11 -6.03 9.30
CA SER E 267 49.03 -4.97 8.90
C SER E 267 49.35 -4.04 10.05
N LEU E 268 50.48 -3.35 9.94
CA LEU E 268 51.00 -2.42 10.94
C LEU E 268 51.76 -1.26 10.27
N ALA E 269 51.49 -0.02 10.67
CA ALA E 269 52.35 1.10 10.21
C ALA E 269 52.40 2.22 11.24
N MET E 270 53.51 2.94 11.26
CA MET E 270 53.62 4.17 12.03
C MET E 270 53.16 5.32 11.13
N ASP E 271 52.45 6.29 11.71
CA ASP E 271 52.22 7.57 11.04
C ASP E 271 53.35 8.55 11.40
N SER E 272 53.27 9.79 10.94
CA SER E 272 54.36 10.75 11.13
C SER E 272 54.40 11.29 12.55
N GLN E 273 53.32 11.06 13.31
CA GLN E 273 53.17 11.56 14.67
C GLN E 273 53.30 10.44 15.70
N ASN E 274 54.07 9.40 15.34
CA ASN E 274 54.43 8.36 16.28
C ASN E 274 53.25 7.55 16.86
N ARG E 275 52.24 7.33 16.03
CA ARG E 275 51.08 6.53 16.41
C ARG E 275 51.08 5.25 15.58
N LEU E 276 50.91 4.13 16.27
CA LEU E 276 50.91 2.78 15.67
C LEU E 276 49.54 2.46 15.06
N TRP E 277 49.47 2.38 13.72
CA TRP E 277 48.22 1.96 13.07
C TRP E 277 48.16 0.48 12.87
N ILE E 278 47.02 -0.12 13.22
CA ILE E 278 46.87 -1.58 13.31
C ILE E 278 45.66 -2.03 12.46
N GLY E 279 45.93 -2.78 11.41
CA GLY E 279 44.90 -3.22 10.45
C GLY E 279 44.55 -4.66 10.74
N THR E 280 43.28 -4.89 11.06
CA THR E 280 42.82 -6.19 11.47
C THR E 280 41.73 -6.68 10.54
N PHE E 281 41.30 -7.90 10.77
CA PHE E 281 40.15 -8.52 10.11
C PHE E 281 38.84 -7.76 10.32
N ASN E 282 38.77 -7.04 11.44
CA ASN E 282 37.55 -6.39 11.89
C ASN E 282 37.84 -5.05 12.55
N ASP E 283 38.13 -4.01 11.75
CA ASP E 283 38.39 -2.63 12.23
C ASP E 283 39.86 -2.26 12.16
N LEU E 284 40.08 -0.95 12.00
CA LEU E 284 41.37 -0.33 12.22
C LEU E 284 41.53 -0.07 13.70
N ASN E 285 42.74 -0.24 14.23
CA ASN E 285 43.05 0.21 15.59
C ASN E 285 44.22 1.17 15.61
N ILE E 286 44.17 2.14 16.51
CA ILE E 286 45.32 3.02 16.78
C ILE E 286 45.70 2.90 18.25
N TYR E 287 46.97 2.57 18.50
CA TYR E 287 47.46 2.39 19.86
C TYR E 287 47.64 3.72 20.50
N HIS E 288 47.07 3.89 21.70
CA HIS E 288 47.26 5.11 22.50
C HIS E 288 48.25 4.87 23.63
N GLU E 289 49.42 5.48 23.50
CA GLU E 289 50.53 5.31 24.44
C GLU E 289 50.06 5.65 25.85
N GLY E 290 49.38 6.78 25.96
CA GLY E 290 48.95 7.33 27.25
C GLY E 290 48.22 6.37 28.16
N THR E 291 47.19 5.73 27.64
CA THR E 291 46.28 4.90 28.45
C THR E 291 46.40 3.40 28.14
N ASP E 292 47.52 3.01 27.51
CA ASP E 292 47.78 1.62 27.09
C ASP E 292 46.62 0.90 26.41
N SER E 293 45.94 1.58 25.50
CA SER E 293 44.70 1.07 24.95
C SER E 293 44.49 1.45 23.48
N PHE E 294 43.40 0.93 22.89
CA PHE E 294 43.18 1.00 21.45
C PHE E 294 41.90 1.71 21.05
N ALA E 295 42.03 2.72 20.18
CA ALA E 295 40.89 3.36 19.54
C ALA E 295 40.45 2.50 18.35
N SER E 296 39.15 2.21 18.26
CA SER E 296 38.59 1.44 17.15
C SER E 296 38.10 2.42 16.09
N TYR E 297 38.24 2.05 14.82
CA TYR E 297 37.57 2.75 13.72
C TYR E 297 36.94 1.72 12.78
N SER E 298 35.63 1.80 12.62
CA SER E 298 34.93 0.77 11.90
C SER E 298 34.43 1.24 10.58
N SER E 299 34.04 0.26 9.77
CA SER E 299 33.25 0.48 8.58
C SER E 299 31.78 0.68 8.96
N ASN E 300 31.16 1.73 8.46
CA ASN E 300 29.73 1.98 8.67
C ASN E 300 29.17 2.74 7.47
N PRO E 301 28.29 2.08 6.70
CA PRO E 301 27.86 2.65 5.42
C PRO E 301 27.03 3.89 5.58
N VAL E 302 26.53 4.13 6.79
CA VAL E 302 25.66 5.25 7.08
C VAL E 302 26.46 6.50 7.50
N GLU E 303 27.76 6.33 7.72
CA GLU E 303 28.63 7.39 8.26
C GLU E 303 29.67 7.79 7.23
N ASN E 304 29.60 9.05 6.84
CA ASN E 304 30.52 9.66 5.89
C ASN E 304 31.94 9.60 6.41
N GLY E 305 32.87 9.23 5.55
CA GLY E 305 34.28 9.20 5.92
C GLY E 305 34.70 8.01 6.74
N SER E 306 33.76 7.14 7.11
CA SER E 306 34.16 5.93 7.80
C SER E 306 34.90 5.01 6.84
N LEU E 307 35.55 4.01 7.42
CA LEU E 307 36.29 3.01 6.67
C LEU E 307 35.40 2.33 5.61
N SER E 308 35.87 2.24 4.38
CA SER E 308 35.07 1.65 3.30
C SER E 308 34.77 0.15 3.53
N GLN E 309 35.64 -0.57 4.23
CA GLN E 309 35.41 -1.99 4.52
C GLN E 309 36.15 -2.40 5.80
N ARG E 310 35.65 -3.44 6.45
CA ARG E 310 36.07 -3.81 7.83
C ARG E 310 37.50 -4.36 7.93
N SER E 311 38.01 -4.92 6.84
CA SER E 311 39.28 -5.68 6.85
C SER E 311 40.45 -4.94 6.21
N VAL E 312 41.35 -4.44 7.03
CA VAL E 312 42.45 -3.65 6.54
C VAL E 312 43.63 -4.58 6.32
N ARG E 313 43.95 -4.81 5.05
CA ARG E 313 45.00 -5.73 4.64
C ARG E 313 46.35 -5.08 4.50
N SER E 314 46.38 -3.77 4.27
CA SER E 314 47.65 -3.10 4.12
C SER E 314 47.58 -1.67 4.58
N ILE E 315 48.70 -1.20 5.14
CA ILE E 315 48.83 0.16 5.64
C ILE E 315 50.22 0.68 5.30
N PHE E 316 50.29 1.91 4.81
CA PHE E 316 51.56 2.51 4.37
C PHE E 316 51.53 4.02 4.57
N MET E 317 52.60 4.58 5.11
CA MET E 317 52.74 6.02 5.18
C MET E 317 53.49 6.55 3.96
N ASP E 318 52.91 7.51 3.25
CA ASP E 318 53.62 8.15 2.13
C ASP E 318 54.60 9.22 2.62
N SER E 319 55.38 9.76 1.72
CA SER E 319 56.43 10.69 2.09
C SER E 319 55.84 11.99 2.68
N GLN E 320 54.61 12.31 2.34
CA GLN E 320 53.90 13.46 2.94
C GLN E 320 53.36 13.20 4.35
N GLY E 321 53.37 11.96 4.83
CA GLY E 321 52.76 11.60 6.09
C GLY E 321 51.35 11.05 5.90
N GLY E 322 50.91 10.93 4.65
CA GLY E 322 49.58 10.41 4.40
C GLY E 322 49.47 8.97 4.84
N MET E 323 48.27 8.52 5.19
CA MET E 323 48.09 7.12 5.52
C MET E 323 47.22 6.45 4.49
N TRP E 324 47.67 5.31 3.98
CA TRP E 324 46.92 4.55 3.00
C TRP E 324 46.57 3.23 3.58
N LEU E 325 45.32 2.85 3.40
CA LEU E 325 44.82 1.63 4.01
C LEU E 325 44.15 0.77 2.94
N GLY E 326 44.74 -0.38 2.65
CA GLY E 326 44.24 -1.27 1.61
C GLY E 326 43.29 -2.28 2.22
N THR E 327 42.10 -2.40 1.65
CA THR E 327 41.13 -3.35 2.15
C THR E 327 41.00 -4.51 1.18
N TYR E 328 40.03 -5.37 1.41
CA TYR E 328 39.89 -6.54 0.57
C TYR E 328 38.80 -6.31 -0.49
N PHE E 329 37.68 -5.70 -0.08
CA PHE E 329 36.58 -5.38 -0.99
C PHE E 329 36.27 -3.92 -1.08
N GLY E 330 37.14 -3.05 -0.61
CA GLY E 330 36.77 -1.63 -0.58
C GLY E 330 37.87 -0.68 -0.96
N GLY E 331 38.85 -1.18 -1.73
CA GLY E 331 39.86 -0.32 -2.27
C GLY E 331 40.66 0.33 -1.18
N LEU E 332 41.10 1.56 -1.43
CA LEU E 332 41.95 2.31 -0.53
C LEU E 332 41.21 3.39 0.25
N ASN E 333 41.57 3.51 1.52
CA ASN E 333 41.15 4.63 2.36
C ASN E 333 42.39 5.52 2.60
N TYR E 334 42.21 6.83 2.51
CA TYR E 334 43.32 7.76 2.66
C TYR E 334 43.02 8.73 3.76
N TYR E 335 44.02 9.06 4.57
CA TYR E 335 43.90 10.00 5.67
C TYR E 335 45.16 10.81 5.84
N HIS E 336 45.02 12.13 5.95
CA HIS E 336 46.12 12.99 6.37
C HIS E 336 45.62 13.98 7.37
N PRO E 337 46.35 14.20 8.48
CA PRO E 337 45.92 15.22 9.47
C PRO E 337 45.50 16.55 8.85
N ILE E 338 46.29 17.06 7.91
CA ILE E 338 45.97 18.32 7.20
C ILE E 338 44.70 18.26 6.36
N ARG E 339 44.27 17.09 5.94
CA ARG E 339 43.01 17.01 5.22
C ARG E 339 41.81 16.92 6.17
N ASN E 340 42.06 17.03 7.48
CA ASN E 340 41.02 17.02 8.52
C ASN E 340 41.03 18.32 9.33
N ARG E 341 41.46 19.41 8.69
CA ARG E 341 41.51 20.74 9.33
C ARG E 341 40.12 21.10 9.74
N PHE E 342 39.21 20.82 8.82
CA PHE E 342 37.80 21.05 8.98
C PHE E 342 37.11 19.77 9.45
N LYS E 343 36.36 19.88 10.55
CA LYS E 343 35.59 18.75 11.09
C LYS E 343 34.11 18.95 10.75
N ASN E 344 33.44 17.94 10.20
CA ASN E 344 32.02 18.05 9.86
C ASN E 344 31.16 17.30 10.87
N ILE E 345 30.17 17.98 11.42
CA ILE E 345 29.20 17.43 12.34
C ILE E 345 27.95 17.18 11.49
N ARG E 346 27.54 15.92 11.40
CA ARG E 346 26.43 15.51 10.52
C ARG E 346 25.57 14.53 11.24
N ASN E 347 24.41 14.28 10.68
CA ASN E 347 23.59 13.23 11.22
C ASN E 347 24.14 11.88 10.84
N ILE E 348 24.21 10.97 11.81
CA ILE E 348 24.49 9.58 11.58
C ILE E 348 23.28 8.78 12.07
N PRO E 349 22.55 8.15 11.13
CA PRO E 349 21.40 7.35 11.48
C PRO E 349 21.68 6.33 12.56
N TYR E 350 20.93 6.43 13.64
CA TYR E 350 20.91 5.50 14.77
C TYR E 350 22.24 5.41 15.49
N LYS E 351 23.06 6.45 15.35
CA LYS E 351 24.09 6.76 16.34
C LYS E 351 23.87 8.24 16.82
N ASN E 352 24.24 8.52 18.06
CA ASN E 352 24.09 9.84 18.66
C ASN E 352 24.77 10.91 17.86
N SER E 353 23.98 11.85 17.34
CA SER E 353 24.42 12.88 16.42
C SER E 353 23.40 13.99 16.21
N LEU E 354 23.84 15.09 15.61
CA LEU E 354 22.95 16.13 15.07
C LEU E 354 21.76 15.46 14.40
N SER E 355 20.54 15.93 14.66
CA SER E 355 19.36 15.17 14.21
C SER E 355 18.95 15.45 12.76
N ASP E 356 19.51 16.51 12.18
CA ASP E 356 19.14 16.97 10.87
C ASP E 356 20.26 17.84 10.33
N ASN E 357 20.62 17.61 9.08
CA ASN E 357 21.75 18.25 8.44
C ASN E 357 21.45 19.66 7.92
N VAL E 358 20.18 20.06 7.80
CA VAL E 358 19.89 21.45 7.41
C VAL E 358 19.79 22.32 8.67
N VAL E 359 20.87 23.05 8.93
CA VAL E 359 21.08 23.75 10.21
C VAL E 359 20.81 25.25 10.06
N SER E 360 20.16 25.84 11.06
CA SER E 360 20.01 27.29 11.15
C SER E 360 20.85 27.78 12.32
N CYS E 361 20.26 28.45 13.29
CA CYS E 361 21.09 29.20 14.26
C CYS E 361 21.87 28.24 15.13
N ILE E 362 23.02 28.72 15.61
CA ILE E 362 23.88 28.04 16.58
C ILE E 362 24.20 29.08 17.64
N VAL E 363 23.91 28.76 18.89
CA VAL E 363 24.10 29.68 20.01
C VAL E 363 24.75 28.92 21.17
N GLU E 364 25.82 29.50 21.72
CA GLU E 364 26.50 28.92 22.85
C GLU E 364 25.94 29.52 24.12
N ASP E 365 25.60 28.70 25.11
CA ASP E 365 25.09 29.19 26.40
C ASP E 365 26.24 29.30 27.37
N LYS E 366 26.00 29.87 28.54
CA LYS E 366 27.08 30.17 29.48
C LYS E 366 27.71 28.93 30.10
N ASP E 367 27.06 27.77 30.02
CA ASP E 367 27.68 26.52 30.47
C ASP E 367 28.43 25.85 29.34
N LYS E 368 28.64 26.61 28.26
CA LYS E 368 29.31 26.14 27.05
C LYS E 368 28.55 25.04 26.25
N ASN E 369 27.24 24.89 26.45
CA ASN E 369 26.44 24.00 25.60
C ASN E 369 26.21 24.70 24.27
N LEU E 370 26.01 23.95 23.20
CA LEU E 370 25.58 24.54 21.93
C LEU E 370 24.12 24.20 21.67
N TRP E 371 23.32 25.22 21.39
CA TRP E 371 21.95 25.01 20.94
C TRP E 371 21.96 25.21 19.47
N ILE E 372 21.34 24.28 18.75
CA ILE E 372 21.41 24.24 17.30
C ILE E 372 20.00 24.04 16.76
N GLY E 373 19.53 25.02 16.01
CA GLY E 373 18.27 24.90 15.32
C GLY E 373 18.45 24.19 14.01
N THR E 374 17.37 23.56 13.54
CA THR E 374 17.40 22.82 12.29
C THR E 374 16.09 23.02 11.57
N ASN E 375 16.05 22.55 10.32
CA ASN E 375 14.90 22.76 9.47
C ASN E 375 13.76 21.82 9.85
N ASP E 376 14.12 20.63 10.31
CA ASP E 376 13.16 19.53 10.56
C ASP E 376 13.37 18.74 11.85
N GLY E 377 14.63 18.47 12.17
CA GLY E 377 14.97 17.64 13.32
C GLY E 377 14.82 18.30 14.68
N GLY E 378 14.22 19.50 14.74
CA GLY E 378 13.98 20.17 16.02
C GLY E 378 15.18 20.91 16.57
N LEU E 379 15.12 21.22 17.86
CA LEU E 379 16.18 21.95 18.53
C LEU E 379 17.15 20.96 19.08
N ASN E 380 18.41 21.09 18.69
CA ASN E 380 19.43 20.18 19.14
C ASN E 380 20.27 20.82 20.24
N LEU E 381 20.73 20.00 21.17
CA LEU E 381 21.61 20.43 22.25
C LEU E 381 22.88 19.62 22.21
N TYR E 382 24.03 20.26 21.99
CA TYR E 382 25.30 19.56 22.08
C TYR E 382 25.99 19.92 23.38
N ASN E 383 26.21 18.91 24.22
CA ASN E 383 26.79 19.06 25.56
C ASN E 383 28.23 18.57 25.57
N PRO E 384 29.20 19.48 25.66
CA PRO E 384 30.58 19.04 25.40
C PRO E 384 31.24 18.34 26.59
N ILE E 385 30.58 18.38 27.75
CA ILE E 385 30.96 17.55 28.92
C ILE E 385 30.72 16.07 28.62
N THR E 386 29.63 15.77 27.92
CA THR E 386 29.31 14.41 27.54
C THR E 386 29.56 14.16 26.05
N GLN E 387 30.03 15.16 25.31
CA GLN E 387 30.26 14.98 23.88
C GLN E 387 28.99 14.49 23.14
N ARG E 388 27.82 14.67 23.77
CA ARG E 388 26.55 14.11 23.31
C ARG E 388 25.54 15.11 22.75
N PHE E 389 24.67 14.61 21.87
CA PHE E 389 23.56 15.38 21.34
C PHE E 389 22.24 14.93 21.93
N THR E 390 21.36 15.90 22.18
CA THR E 390 19.93 15.64 22.42
C THR E 390 19.12 16.62 21.58
N SER E 391 17.86 16.27 21.32
CA SER E 391 17.01 17.11 20.52
C SER E 391 15.62 17.20 21.09
N TYR E 392 14.98 18.34 20.87
CA TYR E 392 13.63 18.59 21.33
C TYR E 392 12.75 18.90 20.15
N THR E 393 11.53 18.39 20.17
CA THR E 393 10.58 18.62 19.07
C THR E 393 9.54 19.67 19.48
N LEU E 394 8.81 20.23 18.50
CA LEU E 394 7.90 21.36 18.74
C LEU E 394 6.47 21.24 18.18
N GLY E 404 6.47 25.02 8.12
CA GLY E 404 7.64 25.57 8.79
C GLY E 404 7.36 25.89 10.27
N SER E 405 6.60 25.00 10.90
CA SER E 405 6.34 25.07 12.33
C SER E 405 7.54 24.52 13.09
N ASN E 406 8.13 23.46 12.53
CA ASN E 406 9.30 22.80 13.08
C ASN E 406 10.61 23.53 12.68
N ASN E 407 10.52 24.49 11.74
CA ASN E 407 11.70 25.09 11.12
C ASN E 407 12.22 26.29 11.95
N ILE E 408 13.30 26.04 12.71
CA ILE E 408 13.79 26.96 13.73
C ILE E 408 14.63 28.08 13.12
N LYS E 409 14.30 29.32 13.47
CA LYS E 409 14.96 30.49 12.92
C LYS E 409 15.80 31.30 13.93
N ALA E 410 15.39 31.26 15.19
CA ALA E 410 16.09 32.01 16.23
C ALA E 410 16.10 31.21 17.52
N VAL E 411 17.18 31.36 18.30
CA VAL E 411 17.30 30.77 19.61
C VAL E 411 17.95 31.73 20.58
N TYR E 412 17.29 31.94 21.72
CA TYR E 412 17.85 32.73 22.81
C TYR E 412 17.69 32.03 24.15
N VAL E 413 18.80 31.90 24.89
CA VAL E 413 18.82 31.14 26.14
C VAL E 413 18.81 32.08 27.33
N ASP E 414 17.78 31.93 28.16
CA ASP E 414 17.69 32.66 29.40
C ASP E 414 18.43 31.83 30.45
N GLU E 415 19.59 32.35 30.85
CA GLU E 415 20.44 31.70 31.83
C GLU E 415 19.77 31.69 33.18
N LYS E 416 19.41 32.88 33.66
CA LYS E 416 18.77 33.08 34.97
C LYS E 416 17.58 32.14 35.20
N LYS E 417 16.60 32.20 34.30
CA LYS E 417 15.34 31.46 34.48
C LYS E 417 15.39 29.99 33.98
N SER E 418 16.49 29.57 33.36
CA SER E 418 16.67 28.21 32.79
C SER E 418 15.71 27.93 31.63
N LEU E 419 15.53 28.93 30.77
CA LEU E 419 14.62 28.79 29.62
C LEU E 419 15.35 28.96 28.30
N VAL E 420 14.82 28.34 27.25
CA VAL E 420 15.29 28.59 25.91
C VAL E 420 14.13 29.05 25.03
N TYR E 421 14.24 30.27 24.53
CA TYR E 421 13.23 30.81 23.63
C TYR E 421 13.62 30.51 22.20
N ILE E 422 12.65 30.10 21.40
CA ILE E 422 12.88 29.60 20.06
C ILE E 422 11.88 30.23 19.10
N GLY E 423 12.37 30.78 18.01
CA GLY E 423 11.51 31.37 17.01
C GLY E 423 11.50 30.47 15.81
N THR E 424 10.31 30.17 15.30
CA THR E 424 10.22 29.26 14.15
C THR E 424 9.54 29.96 12.96
N HIS E 425 9.73 29.41 11.75
CA HIS E 425 9.22 30.03 10.54
C HIS E 425 7.72 30.23 10.47
N ALA E 426 6.90 29.33 11.02
CA ALA E 426 5.45 29.60 11.04
C ALA E 426 4.75 29.20 12.35
N GLY E 427 5.52 28.80 13.36
CA GLY E 427 4.99 28.32 14.63
C GLY E 427 4.99 29.31 15.78
N GLY E 428 5.42 30.53 15.54
CA GLY E 428 5.39 31.52 16.58
C GLY E 428 6.59 31.43 17.48
N LEU E 429 6.37 31.75 18.75
CA LEU E 429 7.41 31.77 19.74
C LEU E 429 7.22 30.56 20.64
N SER E 430 8.28 29.79 20.84
CA SER E 430 8.22 28.65 21.75
C SER E 430 9.20 28.83 22.89
N ILE E 431 8.78 28.47 24.10
CA ILE E 431 9.65 28.48 25.30
C ILE E 431 9.85 27.03 25.80
N LEU E 432 11.10 26.59 25.85
CA LEU E 432 11.43 25.31 26.48
C LEU E 432 11.76 25.57 27.94
N HIS E 433 11.00 24.94 28.83
CA HIS E 433 11.31 24.93 30.26
C HIS E 433 12.24 23.78 30.50
N ARG E 434 13.50 24.07 30.75
CA ARG E 434 14.53 23.02 30.75
C ARG E 434 14.34 22.06 31.93
N ASN E 435 14.09 22.62 33.12
CA ASN E 435 13.86 21.83 34.32
C ASN E 435 12.75 20.78 34.19
N SER E 436 11.80 20.98 33.27
CA SER E 436 10.70 20.02 33.08
C SER E 436 10.58 19.45 31.66
N GLY E 437 11.29 20.04 30.70
CA GLY E 437 11.16 19.60 29.30
C GLY E 437 9.83 20.01 28.65
N GLN E 438 9.09 20.89 29.31
CA GLN E 438 7.82 21.34 28.77
C GLN E 438 8.01 22.54 27.83
N VAL E 439 7.24 22.54 26.76
CA VAL E 439 7.41 23.56 25.74
C VAL E 439 6.14 24.36 25.66
N GLU E 440 6.26 25.67 25.82
CA GLU E 440 5.12 26.57 25.75
C GLU E 440 5.12 27.16 24.36
N ASN E 441 3.95 27.34 23.77
CA ASN E 441 3.84 27.97 22.47
C ASN E 441 2.90 29.17 22.43
N PHE E 442 3.26 30.15 21.62
CA PHE E 442 2.44 31.32 21.40
C PHE E 442 2.27 31.56 19.91
N ASN E 443 1.02 31.63 19.49
CA ASN E 443 0.67 31.84 18.09
C ASN E 443 -0.58 32.72 18.01
N GLN E 444 -1.00 33.03 16.78
CA GLN E 444 -2.15 33.88 16.55
C GLN E 444 -3.46 33.37 17.19
N ARG E 445 -3.60 32.05 17.35
CA ARG E 445 -4.82 31.51 17.96
C ARG E 445 -4.90 31.62 19.47
N ASN E 446 -3.77 31.48 20.18
CA ASN E 446 -3.79 31.34 21.65
C ASN E 446 -3.12 32.50 22.42
N SER E 447 -2.83 33.59 21.73
CA SER E 447 -2.05 34.67 22.32
C SER E 447 -2.23 35.94 21.53
N GLN E 448 -1.53 36.98 21.94
CA GLN E 448 -1.66 38.28 21.30
C GLN E 448 -0.63 38.50 20.20
N LEU E 449 0.16 37.48 19.86
CA LEU E 449 1.25 37.61 18.89
C LEU E 449 0.64 37.90 17.53
N VAL E 450 1.09 38.98 16.89
CA VAL E 450 0.53 39.45 15.62
C VAL E 450 1.01 38.59 14.47
N ASN E 451 2.29 38.24 14.50
CA ASN E 451 2.94 37.53 13.42
C ASN E 451 3.72 36.34 13.93
N GLU E 452 3.40 35.18 13.36
CA GLU E 452 3.90 33.88 13.80
C GLU E 452 5.32 33.58 13.35
N ASN E 453 5.82 34.37 12.41
CA ASN E 453 7.10 34.11 11.76
C ASN E 453 8.16 34.90 12.51
N VAL E 454 8.71 34.27 13.53
CA VAL E 454 9.65 34.93 14.42
C VAL E 454 11.04 34.53 14.01
N TYR E 455 11.75 35.46 13.38
CA TYR E 455 13.04 35.17 12.76
C TYR E 455 14.23 35.61 13.60
N ALA E 456 14.00 36.30 14.69
CA ALA E 456 15.11 36.84 15.49
C ALA E 456 14.63 37.16 16.87
N ILE E 457 15.41 36.79 17.89
CA ILE E 457 15.09 37.06 19.28
C ILE E 457 16.29 37.69 19.95
N LEU E 458 16.06 38.74 20.72
CA LEU E 458 17.14 39.48 21.39
C LEU E 458 16.57 40.16 22.63
N PRO E 459 17.26 40.03 23.77
CA PRO E 459 16.80 40.70 25.01
C PRO E 459 16.89 42.21 24.91
N ASP E 460 15.95 42.91 25.55
CA ASP E 460 15.84 44.38 25.40
C ASP E 460 16.52 45.14 26.53
N GLY E 461 17.07 44.40 27.48
CA GLY E 461 17.78 45.01 28.59
C GLY E 461 16.89 45.32 29.77
N GLU E 462 15.57 45.27 29.61
CA GLU E 462 14.66 45.57 30.73
C GLU E 462 13.92 44.32 31.18
N GLY E 463 14.40 43.15 30.78
CA GLY E 463 13.76 41.88 31.11
C GLY E 463 12.72 41.39 30.13
N ASN E 464 12.64 41.99 28.94
CA ASN E 464 11.75 41.53 27.88
C ASN E 464 12.54 41.09 26.66
N LEU E 465 11.84 40.64 25.63
CA LEU E 465 12.48 40.20 24.43
C LEU E 465 11.99 40.99 23.24
N TRP E 466 12.92 41.41 22.41
CA TRP E 466 12.61 41.82 21.05
C TRP E 466 12.41 40.61 20.18
N LEU E 467 11.28 40.57 19.48
CA LEU E 467 11.04 39.56 18.45
C LEU E 467 11.04 40.23 17.08
N GLY E 468 11.98 39.83 16.22
CA GLY E 468 11.96 40.23 14.84
C GLY E 468 11.04 39.31 14.05
N THR E 469 9.83 39.77 13.81
CA THR E 469 8.91 39.02 12.99
C THR E 469 8.94 39.53 11.55
N LEU E 470 8.24 38.84 10.64
CA LEU E 470 8.27 39.21 9.22
C LEU E 470 7.52 40.49 8.89
N SER E 471 6.56 40.90 9.73
CA SER E 471 5.83 42.14 9.46
C SER E 471 6.03 43.27 10.49
N ALA E 472 6.71 42.97 11.61
CA ALA E 472 6.83 43.96 12.68
C ALA E 472 7.90 43.62 13.71
N LEU E 473 8.40 44.65 14.39
CA LEU E 473 9.17 44.47 15.61
C LEU E 473 8.17 44.33 16.76
N VAL E 474 8.35 43.30 17.60
CA VAL E 474 7.43 43.01 18.70
C VAL E 474 8.15 42.79 20.04
N ARG E 475 7.65 43.39 21.12
CA ARG E 475 8.20 43.16 22.45
C ARG E 475 7.38 42.10 23.10
N PHE E 476 8.03 41.08 23.62
CA PHE E 476 7.37 40.06 24.41
C PHE E 476 7.75 40.27 25.85
N ASN E 477 6.77 40.45 26.73
CA ASN E 477 7.00 40.57 28.18
C ASN E 477 6.70 39.24 28.85
N PRO E 478 7.74 38.49 29.22
CA PRO E 478 7.54 37.13 29.74
C PRO E 478 6.71 37.05 31.01
N GLU E 479 6.82 38.05 31.88
CA GLU E 479 6.10 38.05 33.15
C GLU E 479 4.58 38.20 32.94
N GLN E 480 4.21 39.15 32.08
CA GLN E 480 2.83 39.43 31.74
C GLN E 480 2.31 38.57 30.60
N ARG E 481 3.19 37.77 29.99
CA ARG E 481 2.84 36.98 28.83
C ARG E 481 2.17 37.86 27.75
N SER E 482 2.66 39.09 27.57
CA SER E 482 2.11 40.02 26.58
C SER E 482 2.99 40.24 25.34
N PHE E 483 2.35 40.65 24.24
CA PHE E 483 3.05 40.95 22.98
C PHE E 483 2.60 42.31 22.49
N THR E 484 3.53 43.23 22.36
CA THR E 484 3.21 44.59 21.94
C THR E 484 3.96 44.88 20.68
N THR E 485 3.23 45.21 19.63
CA THR E 485 3.84 45.63 18.37
C THR E 485 4.40 47.02 18.55
N ILE E 486 5.48 47.33 17.85
CA ILE E 486 6.07 48.66 17.90
C ILE E 486 5.87 49.34 16.55
N GLU E 487 4.78 50.08 16.47
CA GLU E 487 4.35 50.78 15.27
C GLU E 487 5.01 52.15 15.20
N LYS E 488 5.09 52.81 16.35
CA LYS E 488 5.52 54.19 16.42
C LYS E 488 6.84 54.30 17.22
N GLU E 489 7.64 55.30 16.88
CA GLU E 489 8.77 55.71 17.72
C GLU E 489 8.25 56.54 18.90
N LYS E 490 9.15 56.98 19.77
CA LYS E 490 8.77 57.85 20.90
C LYS E 490 8.07 59.13 20.39
N ASP E 491 8.66 59.80 19.40
CA ASP E 491 8.07 61.03 18.79
C ASP E 491 6.77 60.81 17.99
N GLY E 492 6.55 59.60 17.47
CA GLY E 492 5.39 59.28 16.62
C GLY E 492 5.75 58.79 15.22
N THR E 493 7.04 58.79 14.88
CA THR E 493 7.49 58.35 13.57
C THR E 493 7.09 56.91 13.36
N PRO E 494 6.35 56.60 12.28
CA PRO E 494 6.10 55.16 12.09
C PRO E 494 7.42 54.42 11.99
N VAL E 495 7.42 53.20 12.54
CA VAL E 495 8.51 52.26 12.33
C VAL E 495 8.17 51.47 11.06
N VAL E 496 9.09 51.49 10.11
CA VAL E 496 8.84 50.95 8.78
C VAL E 496 8.95 49.42 8.77
N SER E 497 7.78 48.77 8.75
CA SER E 497 7.61 47.30 8.86
C SER E 497 8.51 46.43 7.96
N LYS E 498 9.80 46.36 8.33
CA LYS E 498 10.73 45.56 7.55
C LYS E 498 10.32 44.09 7.71
N GLN E 499 10.87 43.24 6.87
CA GLN E 499 10.76 41.81 7.07
C GLN E 499 12.02 41.41 7.78
N ILE E 500 11.95 41.33 9.12
CA ILE E 500 13.13 41.33 9.98
C ILE E 500 13.81 39.99 9.85
N THR E 501 15.12 39.97 9.65
CA THR E 501 15.83 38.70 9.65
C THR E 501 16.83 38.62 10.80
N THR E 502 17.13 39.76 11.40
CA THR E 502 18.26 39.80 12.30
C THR E 502 18.18 40.99 13.24
N LEU E 503 18.54 40.76 14.49
CA LEU E 503 18.63 41.82 15.51
C LEU E 503 20.01 41.76 16.11
N PHE E 504 20.58 42.92 16.40
CA PHE E 504 21.93 42.95 16.94
C PHE E 504 22.10 44.10 17.94
N ARG E 505 22.81 43.81 19.03
CA ARG E 505 23.12 44.77 20.08
C ARG E 505 24.59 45.12 20.00
N ASP E 506 24.90 46.39 19.76
CA ASP E 506 26.27 46.81 19.69
C ASP E 506 26.76 47.18 21.09
N SER E 507 28.02 47.58 21.19
CA SER E 507 28.63 47.88 22.49
C SER E 507 28.11 49.17 23.13
N HIS E 508 27.54 50.07 22.33
CA HIS E 508 26.88 51.28 22.83
C HIS E 508 25.41 51.06 23.06
N LYS E 509 25.02 49.79 23.14
CA LYS E 509 23.66 49.40 23.54
C LYS E 509 22.60 49.72 22.51
N ARG E 510 22.96 49.92 21.25
CA ARG E 510 21.98 50.25 20.22
C ARG E 510 21.47 48.99 19.51
N LEU E 511 20.29 49.10 18.92
CA LEU E 511 19.58 47.97 18.35
C LEU E 511 19.63 48.08 16.85
N TRP E 512 20.22 47.09 16.21
CA TRP E 512 20.32 47.08 14.75
C TRP E 512 19.31 46.13 14.21
N ILE E 513 18.47 46.60 13.30
CA ILE E 513 17.41 45.77 12.76
C ILE E 513 17.70 45.53 11.29
N GLY E 514 18.00 44.28 10.95
CA GLY E 514 18.30 43.88 9.56
C GLY E 514 17.18 43.03 8.95
N GLY E 515 16.95 43.20 7.66
CA GLY E 515 15.88 42.48 6.97
C GLY E 515 16.02 42.51 5.45
N GLU E 516 15.02 41.94 4.79
CA GLU E 516 14.98 41.91 3.32
C GLU E 516 14.96 43.32 2.71
N GLU E 517 14.27 44.26 3.35
CA GLU E 517 14.18 45.62 2.84
C GLU E 517 15.39 46.49 3.23
N GLY E 518 16.24 46.06 4.15
CA GLY E 518 17.40 46.88 4.53
C GLY E 518 17.86 46.79 5.98
N LEU E 519 18.46 47.89 6.45
CA LEU E 519 19.06 48.00 7.80
C LEU E 519 18.72 49.37 8.46
N SER E 520 18.43 49.34 9.77
CA SER E 520 18.19 50.55 10.56
C SER E 520 18.79 50.38 11.95
N VAL E 521 19.31 51.46 12.52
CA VAL E 521 19.84 51.46 13.87
C VAL E 521 18.94 52.27 14.78
N PHE E 522 18.63 51.72 15.95
CA PHE E 522 17.79 52.41 16.93
C PHE E 522 18.47 52.60 18.28
N LYS E 523 17.97 53.56 19.04
CA LYS E 523 18.46 53.90 20.38
C LYS E 523 17.29 53.61 21.29
N GLN E 524 17.54 53.10 22.49
CA GLN E 524 16.43 52.76 23.40
C GLN E 524 16.29 53.83 24.47
N GLU E 525 15.05 54.17 24.79
CA GLU E 525 14.78 55.03 25.93
C GLU E 525 13.55 54.43 26.59
N GLY E 526 13.78 53.79 27.72
CA GLY E 526 12.71 53.10 28.41
C GLY E 526 12.22 51.99 27.52
N LEU E 527 10.91 51.94 27.32
CA LEU E 527 10.29 50.98 26.42
C LEU E 527 10.13 51.56 24.99
N ASP E 528 10.56 52.80 24.73
CA ASP E 528 10.46 53.35 23.37
C ASP E 528 11.73 53.15 22.57
N ILE E 529 11.61 53.16 21.26
CA ILE E 529 12.79 53.18 20.40
C ILE E 529 12.81 54.48 19.57
N GLN E 530 13.98 54.85 19.06
CA GLN E 530 14.07 55.96 18.13
C GLN E 530 15.29 55.95 17.22
N LYS E 531 15.09 56.31 15.94
CA LYS E 531 16.11 56.21 14.89
C LYS E 531 17.40 56.85 15.34
N ALA E 532 18.53 56.25 14.98
CA ALA E 532 19.85 56.82 15.31
C ALA E 532 20.47 57.66 14.18
N SER E 533 20.08 57.40 12.92
CA SER E 533 20.62 58.15 11.77
C SER E 533 22.12 58.46 11.95
N ILE E 534 22.87 57.37 12.08
CA ILE E 534 24.31 57.38 12.27
C ILE E 534 25.02 56.90 11.00
N LEU E 535 24.29 56.15 10.17
CA LEU E 535 24.82 55.70 8.88
C LEU E 535 24.66 56.82 7.86
N PRO E 536 25.64 56.96 6.95
CA PRO E 536 25.51 58.00 5.91
C PRO E 536 24.44 57.64 4.88
N VAL E 537 24.17 58.57 3.98
CA VAL E 537 23.31 58.27 2.84
C VAL E 537 24.00 57.22 1.96
N SER E 538 23.40 56.04 1.83
CA SER E 538 23.98 54.98 1.01
C SER E 538 22.94 53.92 0.70
N ASN E 539 22.98 53.39 -0.51
CA ASN E 539 22.05 52.32 -0.92
C ASN E 539 22.30 50.97 -0.21
N VAL E 540 23.44 50.87 0.48
CA VAL E 540 23.71 49.79 1.45
C VAL E 540 22.57 49.60 2.48
N THR E 541 22.05 50.70 2.99
CA THR E 541 20.91 50.71 3.90
C THR E 541 19.73 49.91 3.42
N LYS E 542 19.63 49.71 2.13
CA LYS E 542 18.41 49.17 1.53
C LYS E 542 18.60 47.69 1.06
N LEU E 543 19.85 47.21 1.17
CA LEU E 543 20.20 45.85 0.81
C LEU E 543 19.54 44.80 1.72
N PHE E 544 19.15 43.68 1.12
CA PHE E 544 18.74 42.47 1.82
C PHE E 544 19.87 42.06 2.80
N THR E 545 19.60 42.19 4.10
CA THR E 545 20.66 41.98 5.11
C THR E 545 20.49 40.65 5.84
N ASN E 546 21.58 39.91 5.99
CA ASN E 546 21.59 38.60 6.65
C ASN E 546 22.18 38.67 8.07
N CYS E 547 23.23 39.46 8.28
CA CYS E 547 23.85 39.52 9.59
C CYS E 547 24.62 40.79 9.86
N ILE E 548 24.81 41.04 11.15
CA ILE E 548 25.50 42.20 11.65
C ILE E 548 26.48 41.74 12.72
N TYR E 549 27.68 42.30 12.72
CA TYR E 549 28.65 41.91 13.72
C TYR E 549 29.55 43.07 14.05
N GLU E 550 29.81 43.28 15.34
CA GLU E 550 30.78 44.28 15.78
C GLU E 550 32.13 43.63 16.09
N ALA E 551 33.15 44.05 15.37
CA ALA E 551 34.51 43.51 15.57
C ALA E 551 35.13 44.07 16.84
N SER E 552 36.22 43.44 17.26
CA SER E 552 36.94 43.80 18.48
C SER E 552 37.53 45.22 18.47
N ASN E 553 37.66 45.80 17.29
CA ASN E 553 38.10 47.20 17.16
C ASN E 553 36.96 48.18 16.89
N GLY E 554 35.72 47.75 17.07
CA GLY E 554 34.57 48.65 17.02
C GLY E 554 33.92 48.80 15.65
N ILE E 555 34.58 48.32 14.61
CA ILE E 555 34.01 48.41 13.26
C ILE E 555 32.79 47.46 13.13
N ILE E 556 31.75 47.91 12.44
CA ILE E 556 30.53 47.12 12.27
C ILE E 556 30.55 46.46 10.88
N TRP E 557 30.28 45.16 10.82
CA TRP E 557 30.29 44.38 9.58
C TRP E 557 28.95 43.85 9.29
N VAL E 558 28.45 44.07 8.06
CA VAL E 558 27.10 43.68 7.67
C VAL E 558 27.16 42.72 6.49
N GLY E 559 26.60 41.52 6.66
CA GLY E 559 26.56 40.54 5.59
C GLY E 559 25.25 40.67 4.84
N THR E 560 25.31 40.79 3.52
CA THR E 560 24.10 40.99 2.71
C THR E 560 24.08 39.97 1.60
N ARG E 561 23.15 40.15 0.67
CA ARG E 561 23.13 39.36 -0.55
C ARG E 561 23.89 40.00 -1.69
N GLU E 562 24.30 41.26 -1.58
CA GLU E 562 25.19 41.83 -2.57
C GLU E 562 26.56 42.04 -1.92
N GLY E 563 27.09 40.98 -1.36
CA GLY E 563 28.38 41.01 -0.68
C GLY E 563 28.24 41.47 0.75
N PHE E 564 29.27 42.15 1.25
CA PHE E 564 29.23 42.70 2.60
C PHE E 564 29.91 44.07 2.67
N TYR E 565 29.76 44.77 3.80
CA TYR E 565 30.43 46.05 4.05
C TYR E 565 30.83 46.25 5.51
N CYS E 566 31.68 47.27 5.71
CA CYS E 566 31.96 47.77 7.07
C CYS E 566 31.53 49.22 7.21
N PHE E 567 31.26 49.61 8.46
CA PHE E 567 30.90 50.99 8.82
C PHE E 567 31.84 51.45 9.93
N ASN E 568 32.67 52.45 9.59
CA ASN E 568 33.46 53.22 10.57
C ASN E 568 32.61 54.40 10.99
N GLU E 569 32.20 54.41 12.26
CA GLU E 569 31.34 55.46 12.78
C GLU E 569 32.07 56.80 12.86
N LYS E 570 33.35 56.75 13.24
CA LYS E 570 34.15 57.97 13.40
C LYS E 570 34.30 58.74 12.09
N ASP E 571 34.35 58.04 10.96
CA ASP E 571 34.47 58.69 9.64
C ASP E 571 33.15 58.75 8.85
N LYS E 572 32.06 58.26 9.44
CA LYS E 572 30.82 58.02 8.68
C LYS E 572 31.07 57.39 7.28
N GLN E 573 32.15 56.60 7.14
CA GLN E 573 32.57 56.03 5.83
C GLN E 573 32.27 54.54 5.74
N ILE E 574 31.70 54.11 4.61
CA ILE E 574 31.32 52.72 4.40
C ILE E 574 32.10 52.14 3.23
N LYS E 575 32.72 50.97 3.41
CA LYS E 575 33.27 50.28 2.24
C LYS E 575 32.66 48.89 2.01
N ARG E 576 32.33 48.66 0.75
CA ARG E 576 31.67 47.46 0.30
C ARG E 576 32.67 46.54 -0.34
N TYR E 577 32.43 45.25 -0.18
CA TYR E 577 33.23 44.23 -0.82
C TYR E 577 32.28 43.24 -1.48
N ASN E 578 32.74 42.64 -2.59
CA ASN E 578 31.92 41.67 -3.32
C ASN E 578 32.79 40.70 -4.17
N THR E 579 32.22 40.18 -5.24
CA THR E 579 32.85 39.12 -6.03
C THR E 579 34.13 39.59 -6.74
N THR E 580 34.08 40.82 -7.27
CA THR E 580 35.23 41.42 -7.96
C THR E 580 36.40 41.63 -7.01
N ASN E 581 36.12 41.83 -5.74
CA ASN E 581 37.17 42.01 -4.73
C ASN E 581 37.86 40.73 -4.32
N GLY E 582 37.24 39.58 -4.60
CA GLY E 582 37.81 38.27 -4.24
C GLY E 582 36.90 37.39 -3.41
N LEU E 583 35.78 37.94 -2.94
CA LEU E 583 34.77 37.13 -2.26
C LEU E 583 34.24 36.06 -3.24
N PRO E 584 34.12 34.79 -2.77
CA PRO E 584 33.78 33.68 -3.64
C PRO E 584 32.33 33.65 -4.05
N ASN E 585 31.45 34.36 -3.32
CA ASN E 585 30.00 34.39 -3.60
C ASN E 585 29.39 35.55 -2.86
N ASN E 586 28.42 36.20 -3.49
CA ASN E 586 27.88 37.43 -2.92
C ASN E 586 26.90 37.28 -1.77
N VAL E 587 26.36 36.07 -1.55
CA VAL E 587 25.43 35.87 -0.43
C VAL E 587 26.23 35.59 0.83
N VAL E 588 26.39 36.59 1.71
CA VAL E 588 27.15 36.39 2.95
C VAL E 588 26.16 36.20 4.05
N TYR E 589 26.36 35.11 4.80
CA TYR E 589 25.36 34.66 5.76
C TYR E 589 25.71 35.02 7.22
N GLY E 590 27.00 34.91 7.57
CA GLY E 590 27.48 35.05 8.93
C GLY E 590 28.91 35.54 8.89
N ILE E 591 29.35 36.19 9.96
CA ILE E 591 30.68 36.78 10.06
C ILE E 591 31.21 36.51 11.46
N LEU E 592 32.35 35.84 11.59
CA LEU E 592 33.02 35.67 12.89
C LEU E 592 34.45 36.23 12.79
N GLU E 593 35.12 36.38 13.93
CA GLU E 593 36.42 37.03 13.96
C GLU E 593 37.36 36.21 14.82
N ASP E 594 38.55 35.92 14.30
CA ASP E 594 39.55 35.15 15.04
C ASP E 594 40.48 36.06 15.83
N SER E 595 41.49 35.48 16.47
CA SER E 595 42.48 36.24 17.27
C SER E 595 43.26 37.28 16.54
N PHE E 596 43.35 37.18 15.22
CA PHE E 596 44.21 38.09 14.48
C PHE E 596 43.44 39.27 13.92
N GLY E 597 42.12 39.29 14.16
CA GLY E 597 41.22 40.34 13.66
C GLY E 597 40.69 40.02 12.28
N ARG E 598 40.97 38.82 11.80
CA ARG E 598 40.48 38.40 10.50
C ARG E 598 39.05 37.93 10.62
N LEU E 599 38.29 38.20 9.58
CA LEU E 599 36.88 37.85 9.54
C LEU E 599 36.70 36.54 8.80
N TRP E 600 35.75 35.75 9.23
CA TRP E 600 35.47 34.50 8.57
C TRP E 600 34.04 34.52 8.12
N LEU E 601 33.84 34.29 6.83
CA LEU E 601 32.54 34.47 6.22
C LEU E 601 31.97 33.15 5.68
N SER E 602 30.66 32.98 5.79
CA SER E 602 29.96 31.84 5.18
C SER E 602 29.08 32.33 4.03
N THR E 603 29.09 31.61 2.89
CA THR E 603 28.40 32.05 1.68
C THR E 603 27.80 30.87 0.95
N ASN E 604 27.17 31.11 -0.22
CA ASN E 604 26.76 30.00 -1.08
C ASN E 604 27.93 29.29 -1.81
N ARG E 605 29.14 29.84 -1.77
CA ARG E 605 30.28 29.17 -2.35
C ARG E 605 31.42 29.09 -1.35
N GLY E 606 31.12 28.46 -0.23
CA GLY E 606 32.12 28.16 0.78
C GLY E 606 32.31 29.22 1.84
N ILE E 607 33.42 29.11 2.54
CA ILE E 607 33.83 30.01 3.61
C ILE E 607 35.08 30.79 3.19
N SER E 608 35.11 32.07 3.51
CA SER E 608 36.19 32.97 3.12
C SER E 608 36.85 33.61 4.33
N CYS E 609 38.17 33.64 4.35
CA CYS E 609 38.90 34.31 5.40
C CYS E 609 39.39 35.60 4.82
N PHE E 610 38.95 36.71 5.40
CA PHE E 610 39.21 38.03 4.88
C PHE E 610 40.03 38.75 5.94
N ASN E 611 41.12 39.39 5.50
CA ASN E 611 41.92 40.23 6.37
C ASN E 611 41.55 41.68 6.11
N PRO E 612 40.86 42.33 7.05
CA PRO E 612 40.49 43.74 6.89
C PRO E 612 41.65 44.67 6.56
N GLU E 613 42.82 44.46 7.17
CA GLU E 613 43.94 45.39 6.99
C GLU E 613 44.47 45.37 5.57
N THR E 614 44.59 44.17 5.00
CA THR E 614 45.18 43.95 3.68
C THR E 614 44.16 43.57 2.60
N GLU E 615 42.91 43.39 2.98
CA GLU E 615 41.84 42.99 2.04
C GLU E 615 42.13 41.75 1.21
N LYS E 616 42.94 40.84 1.77
CA LYS E 616 43.22 39.58 1.11
C LYS E 616 42.08 38.63 1.44
N PHE E 617 41.47 38.07 0.39
CA PHE E 617 40.56 36.95 0.56
C PHE E 617 41.28 35.62 0.40
N ARG E 618 40.94 34.69 1.28
CA ARG E 618 41.38 33.33 1.17
C ARG E 618 40.15 32.43 1.29
N ASN E 619 39.86 31.68 0.24
CA ASN E 619 38.61 30.95 0.15
C ASN E 619 38.75 29.44 0.23
N PHE E 620 37.81 28.81 0.93
CA PHE E 620 37.75 27.36 1.05
C PHE E 620 36.43 26.85 0.47
N THR E 621 36.40 25.61 0.04
CA THR E 621 35.23 25.03 -0.61
C THR E 621 35.02 23.62 -0.08
N GLU E 622 34.05 22.93 -0.65
CA GLU E 622 33.77 21.55 -0.26
C GLU E 622 34.97 20.60 -0.53
N SER E 623 35.72 20.84 -1.60
CA SER E 623 36.95 20.07 -1.87
C SER E 623 38.01 20.15 -0.74
N ASP E 624 37.99 21.23 0.04
CA ASP E 624 38.87 21.34 1.20
C ASP E 624 38.30 20.66 2.45
N GLY E 625 37.08 20.14 2.36
CA GLY E 625 36.50 19.38 3.49
C GLY E 625 35.30 20.02 4.19
N LEU E 626 34.89 21.20 3.75
CA LEU E 626 33.68 21.87 4.26
C LEU E 626 32.42 21.02 4.01
N GLN E 627 31.44 21.14 4.90
CA GLN E 627 30.18 20.36 4.83
C GLN E 627 29.53 20.40 3.45
N SER E 628 29.61 21.57 2.82
CA SER E 628 29.10 21.80 1.49
C SER E 628 29.58 23.16 1.03
N ASN E 629 29.35 23.49 -0.22
CA ASN E 629 29.62 24.85 -0.69
C ASN E 629 28.54 25.83 -0.17
N GLN E 630 27.36 25.31 0.15
CA GLN E 630 26.21 26.14 0.48
C GLN E 630 25.95 26.12 1.98
N PHE E 631 26.18 27.26 2.61
CA PHE E 631 25.93 27.44 4.02
C PHE E 631 24.56 28.07 4.17
N ASN E 632 24.17 28.41 5.38
CA ASN E 632 22.79 28.71 5.63
C ASN E 632 22.56 29.91 6.52
N THR E 633 21.37 30.52 6.37
CA THR E 633 20.92 31.69 7.13
C THR E 633 21.08 31.54 8.64
N ALA E 634 21.70 32.54 9.26
CA ALA E 634 21.81 32.64 10.72
C ALA E 634 22.75 31.60 11.32
N SER E 635 23.39 30.80 10.48
CA SER E 635 24.06 29.60 10.96
C SER E 635 25.55 29.82 11.19
N TYR E 636 25.87 30.45 12.31
CA TYR E 636 27.24 30.78 12.65
C TYR E 636 27.36 31.01 14.14
N CYS E 637 28.53 30.71 14.68
CA CYS E 637 28.81 30.87 16.09
C CYS E 637 30.30 30.75 16.36
N ARG E 638 30.83 31.64 17.18
CA ARG E 638 32.17 31.50 17.72
C ARG E 638 32.07 31.34 19.24
N THR E 639 32.69 30.30 19.77
CA THR E 639 32.57 29.98 21.18
C THR E 639 33.54 30.83 21.99
N SER E 640 33.39 30.80 23.31
CA SER E 640 34.17 31.70 24.14
C SER E 640 35.68 31.46 24.00
N VAL E 641 36.07 30.24 23.60
CA VAL E 641 37.49 29.87 23.44
C VAL E 641 38.02 30.04 22.02
N GLY E 642 37.14 30.20 21.03
CA GLY E 642 37.55 30.46 19.66
C GLY E 642 37.12 29.46 18.59
N GLN E 643 36.49 28.32 18.97
CA GLN E 643 36.02 27.36 17.96
C GLN E 643 35.01 28.09 17.13
N MET E 644 35.07 27.88 15.82
CA MET E 644 34.04 28.39 14.93
C MET E 644 33.21 27.24 14.43
N TYR E 645 31.96 27.57 14.13
CA TYR E 645 30.97 26.63 13.63
C TYR E 645 30.16 27.35 12.54
N PHE E 646 29.98 26.71 11.40
CA PHE E 646 29.21 27.27 10.30
C PHE E 646 28.31 26.17 9.74
N GLY E 647 27.00 26.41 9.69
CA GLY E 647 26.08 25.43 9.23
C GLY E 647 25.54 25.68 7.83
N GLY E 648 25.12 24.59 7.20
CA GLY E 648 24.64 24.62 5.84
C GLY E 648 23.62 23.53 5.62
N ILE E 649 23.61 23.00 4.41
CA ILE E 649 22.58 22.07 4.04
C ILE E 649 23.03 20.64 4.28
N ASN E 650 24.30 20.45 4.59
CA ASN E 650 24.83 19.13 4.85
C ASN E 650 25.68 19.09 6.11
N GLY E 651 25.11 19.66 7.18
CA GLY E 651 25.68 19.62 8.52
C GLY E 651 26.40 20.89 8.92
N ILE E 652 27.22 20.78 9.96
CA ILE E 652 28.03 21.90 10.46
C ILE E 652 29.55 21.66 10.27
N THR E 653 30.25 22.63 9.69
CA THR E 653 31.71 22.61 9.71
C THR E 653 32.20 23.37 10.94
N THR E 654 33.13 22.77 11.67
CA THR E 654 33.74 23.42 12.82
C THR E 654 35.25 23.37 12.68
N PHE E 655 35.89 24.38 13.25
CA PHE E 655 37.34 24.47 13.22
C PHE E 655 37.81 25.62 14.10
N ARG E 656 39.11 25.71 14.25
CA ARG E 656 39.73 26.68 15.11
C ARG E 656 40.79 27.37 14.26
N PRO E 657 40.47 28.55 13.74
CA PRO E 657 41.33 29.22 12.76
C PRO E 657 42.80 29.27 13.14
N GLU E 658 43.06 29.46 14.42
CA GLU E 658 44.41 29.62 14.90
C GLU E 658 45.16 28.26 14.92
N LEU E 659 44.45 27.15 14.78
CA LEU E 659 45.05 25.80 14.69
C LEU E 659 45.02 25.20 13.28
N LEU E 660 44.61 25.97 12.29
CA LEU E 660 44.60 25.50 10.92
C LEU E 660 46.03 25.38 10.38
N LEU E 661 46.22 24.46 9.44
CA LEU E 661 47.53 24.25 8.77
C LEU E 661 47.33 24.25 7.24
N ASP E 662 48.26 24.86 6.51
CA ASP E 662 48.28 24.77 5.04
C ASP E 662 49.20 23.65 4.58
N ASN E 663 48.95 23.18 3.36
CA ASN E 663 49.79 22.14 2.76
C ASN E 663 51.15 22.74 2.44
N PRO E 664 52.21 22.25 3.10
CA PRO E 664 53.53 22.86 2.90
C PRO E 664 54.23 22.30 1.68
N TYR E 665 53.70 21.21 1.13
CA TYR E 665 54.41 20.42 0.12
C TYR E 665 54.17 20.97 -1.28
N THR E 666 55.26 21.09 -2.03
CA THR E 666 55.20 21.61 -3.37
C THR E 666 56.07 20.71 -4.24
N PRO E 667 55.56 19.51 -4.59
CA PRO E 667 56.40 18.55 -5.29
C PRO E 667 56.63 18.95 -6.73
N PRO E 668 57.67 18.40 -7.36
CA PRO E 668 57.91 18.78 -8.75
C PRO E 668 56.83 18.20 -9.68
N VAL E 669 56.68 18.82 -10.84
CA VAL E 669 55.80 18.33 -11.88
C VAL E 669 56.53 17.25 -12.65
N VAL E 670 55.82 16.18 -12.98
CA VAL E 670 56.36 15.07 -13.71
C VAL E 670 55.61 14.99 -15.03
N ILE E 671 56.36 14.94 -16.13
CA ILE E 671 55.77 14.84 -17.45
C ILE E 671 55.47 13.38 -17.70
N THR E 672 54.20 13.05 -17.99
CA THR E 672 53.78 11.65 -18.04
C THR E 672 53.64 11.09 -19.45
N LYS E 673 53.06 11.85 -20.36
CA LYS E 673 52.68 11.31 -21.67
C LYS E 673 53.05 12.29 -22.80
N LEU E 674 53.84 11.83 -23.77
CA LEU E 674 54.06 12.59 -25.02
C LEU E 674 53.19 11.96 -26.10
N GLN E 675 52.58 12.80 -26.94
CA GLN E 675 51.80 12.33 -28.06
C GLN E 675 52.26 13.01 -29.34
N LEU E 676 52.37 12.24 -30.42
CA LEU E 676 52.66 12.77 -31.76
C LEU E 676 51.44 12.46 -32.65
N PHE E 677 50.93 13.48 -33.31
CA PHE E 677 49.69 13.33 -34.08
C PHE E 677 48.68 12.49 -33.32
N ASN E 678 48.36 12.92 -32.09
CA ASN E 678 47.34 12.27 -31.27
C ASN E 678 47.58 10.77 -30.90
N LYS E 679 48.75 10.22 -31.23
CA LYS E 679 49.08 8.85 -30.87
C LYS E 679 50.29 8.82 -29.91
N VAL E 680 50.12 8.19 -28.74
CA VAL E 680 51.17 8.16 -27.70
C VAL E 680 52.51 7.71 -28.28
N VAL E 681 53.60 8.22 -27.72
CA VAL E 681 54.95 7.89 -28.21
C VAL E 681 55.65 7.13 -27.12
N ARG E 682 56.29 6.02 -27.45
CA ARG E 682 56.84 5.17 -26.42
C ARG E 682 58.32 4.98 -26.62
N PRO E 683 59.02 4.56 -25.56
CA PRO E 683 60.46 4.33 -25.66
C PRO E 683 60.77 3.32 -26.75
N ASP E 684 61.79 3.59 -27.57
CA ASP E 684 62.24 2.70 -28.65
C ASP E 684 61.18 2.44 -29.76
N ASP E 685 60.14 3.28 -29.82
CA ASP E 685 59.09 3.12 -30.82
C ASP E 685 59.56 3.69 -32.16
N GLU E 686 58.70 3.55 -33.16
CA GLU E 686 59.02 3.83 -34.55
C GLU E 686 59.28 5.32 -34.86
N THR E 687 58.72 6.22 -34.05
CA THR E 687 58.92 7.66 -34.26
C THR E 687 60.37 8.05 -33.99
N GLY E 688 61.07 7.25 -33.19
CA GLY E 688 62.48 7.46 -32.88
C GLY E 688 62.77 8.65 -31.97
N ILE E 689 61.74 9.14 -31.26
CA ILE E 689 61.88 10.34 -30.42
C ILE E 689 62.39 9.99 -29.03
N LEU E 690 61.94 8.85 -28.51
CA LEU E 690 62.24 8.44 -27.13
C LEU E 690 63.04 7.13 -27.07
N THR E 691 64.19 7.17 -26.38
CA THR E 691 64.86 5.95 -25.92
C THR E 691 64.49 5.60 -24.46
N LYS E 692 63.87 6.56 -23.76
CA LYS E 692 63.50 6.45 -22.34
C LYS E 692 62.09 6.99 -22.07
N ASN E 693 61.51 6.55 -20.96
CA ASN E 693 60.23 7.04 -20.49
C ASN E 693 60.24 8.55 -20.57
N ILE E 694 59.17 9.14 -21.06
CA ILE E 694 59.11 10.59 -21.15
C ILE E 694 59.40 11.21 -19.76
N SER E 695 58.95 10.55 -18.70
CA SER E 695 59.23 10.95 -17.31
C SER E 695 60.70 11.14 -16.99
N GLU E 696 61.57 10.41 -17.68
CA GLU E 696 63.02 10.49 -17.46
C GLU E 696 63.77 11.36 -18.46
N THR E 697 63.11 11.77 -19.54
CA THR E 697 63.78 12.37 -20.68
C THR E 697 64.12 13.82 -20.43
N LYS E 698 65.37 14.21 -20.67
CA LYS E 698 65.76 15.63 -20.52
C LYS E 698 65.60 16.39 -21.83
N SER E 699 65.61 15.66 -22.95
CA SER E 699 65.55 16.27 -24.30
C SER E 699 64.87 15.36 -25.33
N ILE E 700 64.12 15.97 -26.26
CA ILE E 700 63.56 15.27 -27.42
C ILE E 700 63.83 16.07 -28.70
N THR E 701 64.05 15.37 -29.80
CA THR E 701 64.30 16.01 -31.08
C THR E 701 63.25 15.57 -32.08
N LEU E 702 62.50 16.54 -32.60
CA LEU E 702 61.46 16.28 -33.59
C LEU E 702 61.98 16.48 -35.02
N LYS E 703 61.77 15.47 -35.87
CA LYS E 703 62.11 15.57 -37.29
C LYS E 703 61.14 16.57 -37.96
N SER E 704 61.51 17.08 -39.14
CA SER E 704 60.77 18.17 -39.80
C SER E 704 59.28 17.90 -39.98
N TRP E 705 58.93 16.64 -40.27
CA TRP E 705 57.52 16.23 -40.45
C TRP E 705 56.78 15.96 -39.18
N GLN E 706 57.51 15.72 -38.08
CA GLN E 706 56.87 15.43 -36.78
C GLN E 706 56.40 16.73 -36.11
N THR E 707 55.33 17.31 -36.66
CA THR E 707 55.02 18.74 -36.49
C THR E 707 53.99 19.08 -35.42
N ALA E 708 53.11 18.12 -35.09
CA ALA E 708 52.07 18.33 -34.09
C ALA E 708 52.28 17.35 -32.96
N PHE E 709 52.20 17.84 -31.72
CA PHE E 709 52.40 17.01 -30.54
C PHE E 709 51.74 17.62 -29.32
N SER E 710 51.69 16.86 -28.23
CA SER E 710 51.14 17.37 -26.98
C SER E 710 51.87 16.75 -25.79
N ILE E 711 51.85 17.47 -24.67
CA ILE E 711 52.57 17.07 -23.46
C ILE E 711 51.57 17.02 -22.31
N GLU E 712 51.48 15.85 -21.68
CA GLU E 712 50.63 15.66 -20.50
C GLU E 712 51.55 15.63 -19.29
N PHE E 713 51.14 16.28 -18.20
CA PHE E 713 51.96 16.31 -16.99
C PHE E 713 51.11 16.14 -15.75
N VAL E 714 51.74 16.09 -14.58
CA VAL E 714 51.06 15.75 -13.34
C VAL E 714 51.90 16.17 -12.14
N VAL E 715 51.22 16.32 -11.01
CA VAL E 715 51.90 16.56 -9.74
C VAL E 715 51.25 15.58 -8.80
N SER E 716 52.06 14.97 -7.93
CA SER E 716 51.61 13.97 -6.97
C SER E 716 51.60 14.61 -5.58
N ASN E 717 50.47 15.20 -5.23
CA ASN E 717 50.31 15.94 -3.98
C ASN E 717 49.04 15.45 -3.29
N TYR E 718 49.18 14.35 -2.57
CA TYR E 718 48.02 13.58 -2.15
C TYR E 718 47.12 14.34 -1.16
N ILE E 719 47.72 15.19 -0.31
CA ILE E 719 46.96 16.12 0.49
C ILE E 719 46.08 17.04 -0.38
N SER E 720 46.63 17.59 -1.46
CA SER E 720 45.85 18.45 -2.38
C SER E 720 44.89 17.72 -3.29
N GLY E 721 45.05 16.43 -3.47
CA GLY E 721 44.23 15.69 -4.44
C GLY E 721 44.47 16.20 -5.84
N GLN E 722 43.40 16.38 -6.59
CA GLN E 722 43.48 16.86 -7.97
C GLN E 722 43.28 18.38 -8.11
N HIS E 723 43.41 19.11 -7.02
CA HIS E 723 43.26 20.59 -7.03
C HIS E 723 44.60 21.27 -6.91
N ASN E 724 45.30 21.30 -8.03
CA ASN E 724 46.58 21.98 -8.09
C ASN E 724 46.51 22.91 -9.28
N THR E 725 47.38 23.92 -9.28
CA THR E 725 47.43 24.85 -10.39
C THR E 725 48.76 24.74 -11.12
N PHE E 726 48.71 24.50 -12.43
CA PHE E 726 49.92 24.38 -13.21
C PHE E 726 50.23 25.71 -13.88
N ALA E 727 51.50 26.02 -14.00
CA ALA E 727 51.98 27.11 -14.83
C ALA E 727 52.99 26.49 -15.76
N TYR E 728 52.90 26.83 -17.04
CA TYR E 728 53.80 26.27 -18.03
C TYR E 728 54.22 27.36 -18.99
N LYS E 729 55.28 27.11 -19.73
CA LYS E 729 55.69 28.02 -20.79
C LYS E 729 56.67 27.30 -21.69
N LEU E 730 56.45 27.36 -23.00
CA LEU E 730 57.44 26.87 -23.95
C LEU E 730 58.42 28.00 -24.22
N GLU E 731 59.49 28.03 -23.43
CA GLU E 731 60.48 29.10 -23.49
C GLU E 731 61.15 29.14 -24.86
N GLY E 732 61.11 30.30 -25.50
CA GLY E 732 61.59 30.45 -26.86
C GLY E 732 60.44 30.60 -27.84
N TYR E 733 59.21 30.31 -27.39
CA TYR E 733 58.03 30.36 -28.26
C TYR E 733 56.85 31.08 -27.60
N ASP E 734 56.38 30.62 -26.45
CA ASP E 734 55.17 31.19 -25.89
C ASP E 734 55.42 32.65 -25.53
N LYS E 735 54.35 33.45 -25.55
CA LYS E 735 54.42 34.89 -25.20
C LYS E 735 54.55 35.06 -23.68
N GLU E 736 53.87 34.21 -22.91
CA GLU E 736 53.85 34.30 -21.45
C GLU E 736 53.75 32.93 -20.81
N TRP E 737 53.68 32.92 -19.48
CA TRP E 737 53.29 31.73 -18.73
C TRP E 737 51.80 31.64 -18.78
N TYR E 738 51.28 30.42 -18.85
CA TYR E 738 49.85 30.20 -18.93
C TYR E 738 49.50 29.26 -17.82
N TYR E 739 48.27 29.32 -17.32
CA TYR E 739 47.85 28.48 -16.23
C TYR E 739 46.75 27.51 -16.62
N LEU E 740 46.68 26.39 -15.90
CA LEU E 740 45.68 25.37 -16.09
C LEU E 740 45.24 24.84 -14.72
N THR E 741 43.93 24.73 -14.49
CA THR E 741 43.39 24.08 -13.27
C THR E 741 42.52 22.84 -13.49
N ASP E 742 41.92 22.73 -14.68
CA ASP E 742 40.98 21.64 -14.99
C ASP E 742 41.52 20.65 -16.02
N SER E 743 42.73 20.92 -16.50
CA SER E 743 43.35 20.16 -17.58
C SER E 743 44.86 20.02 -17.31
N ARG E 744 45.50 19.05 -17.95
CA ARG E 744 46.93 18.77 -17.68
C ARG E 744 47.70 18.59 -18.97
N THR E 745 47.24 19.20 -20.07
CA THR E 745 47.82 18.89 -21.37
C THR E 745 47.97 20.12 -22.19
N VAL E 746 49.06 20.21 -22.94
CA VAL E 746 49.35 21.33 -23.78
C VAL E 746 49.82 20.82 -25.14
N SER E 747 49.27 21.38 -26.20
CA SER E 747 49.62 20.97 -27.55
C SER E 747 50.34 22.08 -28.26
N TYR E 748 51.25 21.73 -29.14
CA TYR E 748 51.90 22.71 -29.99
C TYR E 748 51.98 22.14 -31.38
N SER E 749 52.00 23.00 -32.38
CA SER E 749 51.91 22.56 -33.75
C SER E 749 52.73 23.46 -34.67
N ASN E 750 53.47 22.85 -35.58
CA ASN E 750 54.22 23.61 -36.61
C ASN E 750 55.15 24.66 -36.00
N LEU E 751 55.91 24.28 -34.98
CA LEU E 751 56.91 25.18 -34.42
C LEU E 751 58.03 25.40 -35.45
N PRO E 752 58.50 26.67 -35.59
CA PRO E 752 59.71 26.98 -36.36
C PRO E 752 60.97 26.25 -35.87
N GLN E 753 61.88 25.92 -36.79
CA GLN E 753 63.19 25.32 -36.43
C GLN E 753 63.81 26.07 -35.25
N GLY E 754 64.41 25.31 -34.34
CA GLY E 754 65.07 25.89 -33.18
C GLY E 754 65.15 24.98 -31.99
N THR E 755 65.57 25.56 -30.87
CA THR E 755 65.67 24.85 -29.61
C THR E 755 64.83 25.58 -28.58
N TYR E 756 63.96 24.82 -27.91
CA TYR E 756 63.07 25.37 -26.91
C TYR E 756 63.18 24.56 -25.61
N GLN E 757 62.71 25.16 -24.52
CA GLN E 757 62.70 24.48 -23.22
C GLN E 757 61.31 24.62 -22.66
N PHE E 758 60.57 23.52 -22.69
CA PHE E 758 59.24 23.52 -22.10
C PHE E 758 59.39 23.53 -20.58
N LEU E 759 58.84 24.54 -19.92
CA LEU E 759 58.94 24.65 -18.49
C LEU E 759 57.55 24.48 -17.87
N VAL E 760 57.43 23.64 -16.83
CA VAL E 760 56.17 23.55 -16.08
C VAL E 760 56.43 23.42 -14.57
N LYS E 761 55.62 24.13 -13.80
CA LYS E 761 55.63 24.08 -12.34
C LYS E 761 54.19 24.03 -11.82
N ALA E 762 54.03 23.79 -10.52
CA ALA E 762 52.70 23.68 -9.92
C ALA E 762 52.63 24.24 -8.52
N ALA E 763 51.42 24.61 -8.10
CA ALA E 763 51.13 25.05 -6.72
C ALA E 763 50.12 24.10 -6.12
N ASN E 764 50.13 23.93 -4.80
CA ASN E 764 49.13 23.06 -4.16
C ASN E 764 47.81 23.77 -3.96
N SER E 765 46.83 23.13 -3.34
CA SER E 765 45.49 23.72 -3.22
C SER E 765 45.54 24.98 -2.36
N ASP E 766 46.51 25.06 -1.46
CA ASP E 766 46.63 26.23 -0.60
C ASP E 766 47.55 27.32 -1.16
N GLY E 767 47.85 27.25 -2.46
CA GLY E 767 48.46 28.38 -3.15
C GLY E 767 49.96 28.47 -3.04
N LYS E 768 50.60 27.44 -2.49
CA LYS E 768 52.05 27.44 -2.37
C LYS E 768 52.71 26.80 -3.59
N TRP E 769 53.57 27.56 -4.25
CA TRP E 769 54.29 27.14 -5.46
C TRP E 769 55.61 26.48 -5.24
N ASN E 770 55.92 25.49 -6.08
CA ASN E 770 57.29 25.06 -6.27
C ASN E 770 57.95 26.07 -7.20
N PRO E 771 59.04 26.73 -6.76
CA PRO E 771 59.64 27.76 -7.61
C PRO E 771 60.59 27.22 -8.70
N ILE E 772 60.93 25.92 -8.67
CA ILE E 772 61.80 25.36 -9.68
C ILE E 772 61.00 24.47 -10.64
N PRO E 773 60.86 24.88 -11.91
CA PRO E 773 60.12 24.09 -12.87
C PRO E 773 60.86 22.91 -13.43
N THR E 774 60.10 21.89 -13.80
CA THR E 774 60.60 20.85 -14.64
C THR E 774 60.79 21.35 -16.09
N ALA E 775 61.88 20.93 -16.71
CA ALA E 775 62.28 21.36 -18.05
C ALA E 775 62.39 20.15 -18.95
N LEU E 776 61.92 20.30 -20.17
CA LEU E 776 62.12 19.34 -21.26
C LEU E 776 62.60 20.17 -22.44
N GLU E 777 63.73 19.79 -23.00
CA GLU E 777 64.27 20.48 -24.15
C GLU E 777 63.62 19.93 -25.42
N ILE E 778 63.26 20.82 -26.35
CA ILE E 778 62.71 20.41 -27.64
C ILE E 778 63.47 21.06 -28.79
N ILE E 779 64.16 20.22 -29.55
CA ILE E 779 64.87 20.65 -30.73
C ILE E 779 63.96 20.34 -31.91
N VAL E 780 63.56 21.38 -32.63
CA VAL E 780 62.79 21.22 -33.86
C VAL E 780 63.75 21.31 -35.01
N LEU E 781 63.88 20.22 -35.77
CA LEU E 781 64.82 20.16 -36.88
C LEU E 781 64.35 20.95 -38.11
N PRO E 782 65.30 21.32 -38.99
CA PRO E 782 64.91 22.07 -40.18
C PRO E 782 64.42 21.17 -41.34
N ILE E 783 63.50 21.70 -42.16
CA ILE E 783 63.10 21.07 -43.43
C ILE E 783 64.28 20.95 -44.42
N GLN F 28 11.57 0.09 -9.10
CA GLN F 28 11.38 0.53 -10.52
C GLN F 28 11.88 1.97 -10.79
N ILE F 29 11.50 2.93 -9.93
CA ILE F 29 11.94 4.33 -10.09
C ILE F 29 13.12 4.70 -9.21
N THR F 30 14.25 4.99 -9.85
CA THR F 30 15.46 5.37 -9.16
C THR F 30 16.01 6.62 -9.84
N PHE F 31 16.62 7.49 -9.05
CA PHE F 31 17.09 8.77 -9.51
C PHE F 31 18.60 8.87 -9.51
N SER F 32 19.12 9.65 -10.46
CA SER F 32 20.50 10.15 -10.43
C SER F 32 20.45 11.56 -9.89
N TYR F 33 21.57 12.04 -9.38
CA TYR F 33 21.63 13.31 -8.72
C TYR F 33 22.50 14.30 -9.43
N ILE F 34 21.98 15.53 -9.52
CA ILE F 34 22.72 16.68 -10.06
C ILE F 34 22.44 17.88 -9.14
N SER F 35 23.45 18.26 -8.35
CA SER F 35 23.32 19.31 -7.37
C SER F 35 24.63 20.12 -7.23
N ILE F 36 24.89 20.64 -6.05
CA ILE F 36 26.04 21.50 -5.76
C ILE F 36 27.38 20.93 -6.21
N ASN F 37 27.67 19.71 -5.79
CA ASN F 37 28.87 19.00 -6.21
C ASN F 37 29.04 18.97 -7.73
N GLU F 38 27.94 18.98 -8.47
CA GLU F 38 27.98 18.93 -9.92
C GLU F 38 27.95 20.30 -10.59
N GLY F 39 27.87 21.39 -9.84
CA GLY F 39 27.92 22.71 -10.44
C GLY F 39 26.71 23.61 -10.25
N LEU F 40 25.58 23.03 -9.86
CA LEU F 40 24.38 23.83 -9.55
C LEU F 40 24.72 24.81 -8.44
N SER F 41 24.26 26.06 -8.60
CA SER F 41 24.73 27.19 -7.81
C SER F 41 24.13 27.23 -6.44
N GLN F 42 22.88 26.77 -6.32
CA GLN F 42 22.15 26.76 -5.05
C GLN F 42 21.13 25.62 -5.07
N SER F 43 20.81 25.06 -3.91
CA SER F 43 20.12 23.75 -3.84
C SER F 43 18.60 23.78 -4.09
N THR F 44 18.00 24.95 -4.14
CA THR F 44 16.57 25.09 -4.37
C THR F 44 16.34 25.34 -5.85
N VAL F 45 15.61 24.47 -6.51
CA VAL F 45 15.23 24.68 -7.88
C VAL F 45 13.73 24.90 -7.94
N PHE F 46 13.34 26.15 -8.15
CA PHE F 46 11.94 26.57 -8.20
C PHE F 46 11.24 26.22 -9.51
N SER F 47 12.01 26.15 -10.61
CA SER F 47 11.43 26.08 -11.93
C SER F 47 12.46 25.51 -12.90
N ILE F 48 11.98 24.76 -13.89
CA ILE F 48 12.85 24.08 -14.85
C ILE F 48 12.27 24.24 -16.24
N ASP F 49 13.10 24.47 -17.25
CA ASP F 49 12.64 24.42 -18.64
C ASP F 49 13.83 24.03 -19.50
N GLN F 50 13.60 23.91 -20.80
CA GLN F 50 14.66 23.48 -21.72
C GLN F 50 14.57 24.39 -22.93
N ASP F 51 15.72 24.65 -23.56
CA ASP F 51 15.76 25.55 -24.71
C ASP F 51 15.95 24.77 -26.02
N LYS F 52 15.95 25.48 -27.15
CA LYS F 52 16.02 24.85 -28.49
C LYS F 52 17.30 24.03 -28.71
N ARG F 53 18.37 24.38 -28.01
CA ARG F 53 19.66 23.66 -28.10
C ARG F 53 19.80 22.42 -27.22
N GLY F 54 18.82 22.18 -26.34
CA GLY F 54 18.87 21.03 -25.44
C GLY F 54 19.37 21.33 -24.04
N ASN F 55 19.78 22.57 -23.78
CA ASN F 55 20.26 22.94 -22.44
C ASN F 55 19.09 23.00 -21.48
N MET F 56 19.33 22.51 -20.26
CA MET F 56 18.36 22.64 -19.21
C MET F 56 18.56 24.01 -18.58
N TRP F 57 17.47 24.64 -18.18
CA TRP F 57 17.51 25.87 -17.43
C TRP F 57 16.89 25.71 -16.07
N PHE F 58 17.54 26.24 -15.05
CA PHE F 58 17.08 26.13 -13.65
C PHE F 58 17.05 27.47 -12.94
N ALA F 59 15.91 27.80 -12.35
CA ALA F 59 15.77 29.01 -11.57
C ALA F 59 15.96 28.68 -10.10
N THR F 60 17.03 29.21 -9.50
CA THR F 60 17.30 29.00 -8.10
C THR F 60 17.22 30.27 -7.25
N TYR F 61 17.42 30.11 -5.94
CA TYR F 61 17.44 31.24 -5.00
C TYR F 61 18.80 31.97 -4.99
N ASP F 62 19.74 31.55 -5.84
CA ASP F 62 20.99 32.31 -6.10
C ASP F 62 21.56 31.99 -7.50
N GLY F 63 20.93 32.55 -8.53
CA GLY F 63 21.41 32.46 -9.90
C GLY F 63 20.56 31.61 -10.82
N VAL F 64 20.61 31.93 -12.10
CA VAL F 64 19.98 31.12 -13.11
C VAL F 64 21.06 30.19 -13.62
N ASN F 65 20.73 28.91 -13.79
CA ASN F 65 21.70 27.91 -14.19
C ASN F 65 21.37 27.38 -15.57
N LYS F 66 22.37 27.33 -16.44
CA LYS F 66 22.24 26.72 -17.75
C LYS F 66 23.08 25.46 -17.71
N TYR F 67 22.51 24.32 -18.08
CA TYR F 67 23.20 23.05 -17.97
C TYR F 67 23.11 22.29 -19.30
N ASP F 68 24.25 21.84 -19.81
CA ASP F 68 24.29 21.22 -21.14
C ASP F 68 24.48 19.70 -21.14
N GLY F 69 24.57 19.11 -19.95
CA GLY F 69 24.82 17.67 -19.85
C GLY F 69 26.19 17.39 -19.26
N TYR F 70 27.13 18.32 -19.48
CA TYR F 70 28.51 18.21 -18.98
C TYR F 70 28.81 19.26 -17.93
N ALA F 71 28.44 20.51 -18.18
CA ALA F 71 28.85 21.60 -17.32
C ALA F 71 27.76 22.62 -17.10
N PHE F 72 27.84 23.31 -15.97
CA PHE F 72 26.95 24.44 -15.69
C PHE F 72 27.55 25.77 -16.06
N THR F 73 26.72 26.68 -16.54
CA THR F 73 27.03 28.08 -16.58
C THR F 73 26.04 28.74 -15.63
N VAL F 74 26.59 29.37 -14.59
CA VAL F 74 25.81 30.09 -13.60
C VAL F 74 25.78 31.59 -13.95
N TYR F 75 24.58 32.12 -14.17
CA TYR F 75 24.40 33.54 -14.43
C TYR F 75 23.95 34.28 -13.16
N GLN F 76 24.82 35.14 -12.63
CA GLN F 76 24.55 35.91 -11.41
C GLN F 76 24.67 37.42 -11.63
N HIS F 77 24.08 38.18 -10.71
CA HIS F 77 24.01 39.61 -10.83
C HIS F 77 25.33 40.27 -10.59
N ASN F 78 25.57 41.35 -11.33
CA ASN F 78 26.72 42.20 -11.10
C ASN F 78 26.31 43.68 -11.08
N GLU F 79 26.55 44.35 -9.95
CA GLU F 79 26.30 45.81 -9.82
C GLU F 79 26.97 46.60 -10.95
N ASP F 80 28.13 46.15 -11.41
CA ASP F 80 28.87 46.81 -12.51
C ASP F 80 28.31 46.48 -13.90
N ASP F 81 28.14 45.21 -14.23
CA ASP F 81 27.67 44.81 -15.57
C ASP F 81 26.12 44.84 -15.66
N PRO F 82 25.54 45.80 -16.40
CA PRO F 82 24.08 45.88 -16.46
C PRO F 82 23.46 44.83 -17.37
N ASN F 83 24.30 44.15 -18.17
CA ASN F 83 23.88 43.00 -19.00
C ASN F 83 23.84 41.66 -18.25
N SER F 84 24.20 41.69 -16.96
CA SER F 84 23.99 40.54 -16.09
C SER F 84 22.55 40.52 -15.58
N ILE F 85 22.14 39.35 -15.09
CA ILE F 85 20.76 39.12 -14.67
C ILE F 85 20.43 40.13 -13.57
N ALA F 86 19.21 40.67 -13.61
CA ALA F 86 18.77 41.72 -12.66
C ALA F 86 19.01 41.38 -11.17
N ASN F 87 18.61 40.17 -10.77
CA ASN F 87 18.75 39.73 -9.37
C ASN F 87 19.07 38.25 -9.36
N ASP F 88 19.81 37.83 -8.35
CA ASP F 88 20.14 36.43 -8.15
C ASP F 88 18.92 35.59 -7.74
N ILE F 89 17.97 36.17 -7.00
CA ILE F 89 16.78 35.44 -6.59
C ILE F 89 15.86 35.26 -7.78
N SER F 90 15.90 34.07 -8.36
CA SER F 90 15.08 33.77 -9.52
C SER F 90 13.90 32.95 -9.06
N ARG F 91 12.81 33.03 -9.81
CA ARG F 91 11.56 32.39 -9.40
C ARG F 91 11.00 31.46 -10.47
N ILE F 92 11.13 31.85 -11.73
CA ILE F 92 10.45 31.16 -12.81
C ILE F 92 11.31 31.24 -14.06
N VAL F 93 11.34 30.17 -14.85
CA VAL F 93 12.04 30.20 -16.13
C VAL F 93 11.12 29.58 -17.16
N LYS F 94 10.90 30.29 -18.25
CA LYS F 94 9.93 29.89 -19.26
C LYS F 94 10.54 30.05 -20.66
N THR F 95 10.42 28.99 -21.47
CA THR F 95 10.82 29.03 -22.86
C THR F 95 9.55 29.26 -23.66
N ASP F 96 9.51 30.33 -24.44
CA ASP F 96 8.33 30.61 -25.29
C ASP F 96 8.36 29.75 -26.54
N SER F 97 7.33 29.88 -27.37
CA SER F 97 7.22 29.08 -28.58
C SER F 97 8.30 29.34 -29.63
N GLN F 98 8.98 30.50 -29.58
CA GLN F 98 10.13 30.72 -30.47
C GLN F 98 11.44 30.37 -29.82
N GLY F 99 11.42 29.63 -28.71
CA GLY F 99 12.64 29.10 -28.11
C GLY F 99 13.46 30.08 -27.28
N ARG F 100 12.86 31.25 -27.00
CA ARG F 100 13.49 32.27 -26.21
C ARG F 100 13.24 32.01 -24.71
N VAL F 101 14.29 32.17 -23.93
CA VAL F 101 14.21 31.93 -22.51
C VAL F 101 13.92 33.21 -21.75
N TRP F 102 12.81 33.17 -21.00
CA TRP F 102 12.43 34.25 -20.08
C TRP F 102 12.60 33.85 -18.64
N ILE F 103 13.20 34.72 -17.83
CA ILE F 103 13.39 34.46 -16.41
C ILE F 103 12.55 35.44 -15.65
N GLY F 104 11.81 34.96 -14.66
CA GLY F 104 11.09 35.83 -13.72
C GLY F 104 11.89 35.93 -12.45
N THR F 105 12.19 37.15 -12.03
CA THR F 105 13.15 37.47 -10.96
C THR F 105 12.51 38.33 -9.86
N ARG F 106 13.18 38.44 -8.72
CA ARG F 106 12.75 39.36 -7.68
C ARG F 106 12.55 40.82 -8.16
N ASP F 107 13.40 41.29 -9.06
CA ASP F 107 13.35 42.66 -9.58
C ASP F 107 12.65 42.83 -10.94
N GLY F 108 12.16 41.75 -11.52
CA GLY F 108 11.31 41.85 -12.71
C GLY F 108 11.45 40.74 -13.71
N LEU F 109 11.56 41.08 -14.98
CA LEU F 109 11.56 40.11 -16.07
C LEU F 109 12.89 40.21 -16.82
N SER F 110 13.50 39.06 -17.11
CA SER F 110 14.77 39.04 -17.82
C SER F 110 14.71 38.16 -19.06
N ARG F 111 15.42 38.57 -20.10
CA ARG F 111 15.46 37.84 -21.35
C ARG F 111 16.89 37.38 -21.55
N TYR F 112 17.09 36.08 -21.79
CA TYR F 112 18.42 35.58 -22.13
C TYR F 112 18.66 35.85 -23.60
N ASP F 113 19.61 36.74 -23.87
CA ASP F 113 20.02 37.06 -25.22
C ASP F 113 21.01 35.97 -25.65
N GLU F 114 20.50 34.97 -26.33
CA GLU F 114 21.32 33.83 -26.71
C GLU F 114 22.36 34.20 -27.79
N GLU F 115 22.12 35.26 -28.57
CA GLU F 115 23.13 35.75 -29.51
C GLU F 115 24.36 36.35 -28.83
N LYS F 116 24.14 37.20 -27.84
CA LYS F 116 25.25 37.91 -27.21
C LYS F 116 25.70 37.25 -25.92
N ASP F 117 25.07 36.13 -25.57
CA ASP F 117 25.23 35.48 -24.26
C ASP F 117 25.22 36.47 -23.10
N ILE F 118 24.14 37.26 -23.02
CA ILE F 118 23.92 38.25 -21.96
C ILE F 118 22.44 38.24 -21.62
N PHE F 119 22.02 39.09 -20.70
CA PHE F 119 20.60 39.24 -20.38
C PHE F 119 20.12 40.64 -20.67
N GLN F 120 18.84 40.74 -21.05
CA GLN F 120 18.15 42.03 -21.08
C GLN F 120 17.17 42.06 -19.90
N ASN F 121 17.33 43.05 -19.01
CA ASN F 121 16.54 43.14 -17.81
C ASN F 121 15.40 44.17 -17.95
N PHE F 122 14.19 43.77 -17.59
CA PHE F 122 13.04 44.68 -17.58
C PHE F 122 12.42 44.81 -16.18
N PHE F 123 11.86 46.00 -15.92
CA PHE F 123 11.41 46.47 -14.60
C PHE F 123 10.00 47.07 -14.67
N TYR F 124 9.15 46.77 -13.67
CA TYR F 124 7.81 47.35 -13.59
C TYR F 124 7.60 47.97 -12.22
N GLU F 125 7.34 49.28 -12.20
CA GLU F 125 7.28 50.04 -10.96
C GLU F 125 5.84 50.32 -10.51
N LYS F 126 5.52 49.97 -9.26
CA LYS F 126 4.29 50.41 -8.60
C LYS F 126 4.66 50.89 -7.20
N ASN F 127 4.42 52.17 -6.93
CA ASN F 127 4.65 52.79 -5.60
C ASN F 127 6.14 52.92 -5.20
N GLY F 128 7.04 52.98 -6.17
CA GLY F 128 8.46 53.13 -5.86
C GLY F 128 9.24 51.84 -5.62
N LYS F 129 8.55 50.70 -5.56
CA LYS F 129 9.21 49.39 -5.55
C LYS F 129 9.17 48.78 -6.96
N HIS F 130 10.23 48.07 -7.35
CA HIS F 130 10.20 47.19 -8.52
C HIS F 130 9.52 45.91 -8.16
N LEU F 131 8.63 45.44 -9.02
CA LEU F 131 7.83 44.27 -8.69
C LEU F 131 8.46 42.95 -9.14
N GLN F 132 8.20 41.92 -8.34
CA GLN F 132 8.67 40.57 -8.60
C GLN F 132 7.79 39.92 -9.67
N VAL F 133 8.38 39.05 -10.51
CA VAL F 133 7.61 38.27 -11.49
C VAL F 133 7.49 36.81 -11.03
N ASN F 134 6.28 36.38 -10.68
CA ASN F 134 6.06 35.04 -10.13
C ASN F 134 5.67 34.03 -11.19
N GLY F 135 5.20 34.54 -12.33
CA GLY F 135 4.70 33.71 -13.42
C GLY F 135 4.89 34.36 -14.77
N ILE F 136 5.08 33.53 -15.80
CA ILE F 136 5.21 33.97 -17.17
C ILE F 136 4.46 32.95 -18.01
N GLU F 137 3.51 33.42 -18.82
CA GLU F 137 2.85 32.55 -19.81
C GLU F 137 2.65 33.30 -21.13
N GLU F 138 2.50 32.55 -22.23
CA GLU F 138 2.50 33.14 -23.57
C GLU F 138 1.07 33.37 -24.07
N ILE F 139 0.72 34.63 -24.31
CA ILE F 139 -0.57 34.97 -24.95
C ILE F 139 -0.46 34.79 -26.46
N SER F 140 0.60 35.33 -27.03
CA SER F 140 0.86 35.18 -28.44
C SER F 140 2.37 35.30 -28.58
N PRO F 141 2.91 35.04 -29.79
CA PRO F 141 4.36 35.02 -29.97
C PRO F 141 5.11 36.26 -29.46
N GLU F 142 4.45 37.41 -29.45
CA GLU F 142 5.13 38.62 -28.99
C GLU F 142 4.44 39.25 -27.78
N GLN F 143 3.69 38.44 -27.04
CA GLN F 143 2.97 38.93 -25.86
C GLN F 143 2.95 37.95 -24.70
N LEU F 144 3.40 38.42 -23.53
CA LEU F 144 3.47 37.61 -22.33
C LEU F 144 2.49 38.08 -21.27
N LEU F 145 1.80 37.14 -20.66
CA LEU F 145 1.09 37.40 -19.41
C LEU F 145 2.10 37.27 -18.26
N ILE F 146 2.13 38.25 -17.38
CA ILE F 146 3.10 38.31 -16.30
C ILE F 146 2.39 38.49 -14.96
N SER F 147 2.68 37.62 -14.02
CA SER F 147 2.07 37.71 -12.69
C SER F 147 3.04 38.36 -11.69
N THR F 148 2.58 39.37 -10.97
CA THR F 148 3.33 39.96 -9.87
C THR F 148 2.54 39.74 -8.62
N PRO F 149 3.16 39.96 -7.45
CA PRO F 149 2.45 39.86 -6.16
C PRO F 149 1.26 40.80 -6.05
N GLU F 150 1.26 41.86 -6.84
CA GLU F 150 0.19 42.85 -6.80
C GLU F 150 -0.72 42.84 -8.04
N GLY F 151 -0.59 41.85 -8.91
CA GLY F 151 -1.55 41.67 -10.01
C GLY F 151 -0.96 41.20 -11.33
N LEU F 152 -1.84 40.93 -12.28
CA LEU F 152 -1.46 40.51 -13.63
C LEU F 152 -1.30 41.69 -14.60
N ILE F 153 -0.28 41.60 -15.44
CA ILE F 153 -0.01 42.60 -16.47
C ILE F 153 0.53 41.90 -17.71
N MET F 154 0.69 42.64 -18.81
CA MET F 154 1.15 42.06 -20.07
C MET F 154 2.58 42.56 -20.34
N PHE F 155 3.37 41.80 -21.09
CA PHE F 155 4.66 42.33 -21.57
C PHE F 155 4.75 42.24 -23.07
N ASP F 156 4.83 43.41 -23.73
CA ASP F 156 4.94 43.49 -25.17
C ASP F 156 6.38 43.26 -25.61
N ILE F 157 6.62 42.15 -26.30
CA ILE F 157 7.97 41.76 -26.64
C ILE F 157 8.57 42.61 -27.75
N LYS F 158 7.80 42.92 -28.79
CA LYS F 158 8.28 43.84 -29.87
C LYS F 158 8.76 45.15 -29.25
N GLU F 159 7.94 45.72 -28.36
CA GLU F 159 8.18 47.06 -27.81
C GLU F 159 9.01 47.05 -26.52
N SER F 160 9.39 45.87 -26.03
CA SER F 160 10.19 45.76 -24.80
C SER F 160 9.59 46.51 -23.59
N LYS F 161 8.27 46.60 -23.51
CA LYS F 161 7.63 47.34 -22.39
C LYS F 161 6.36 46.67 -21.86
N PHE F 162 5.98 47.05 -20.63
CA PHE F 162 4.82 46.45 -19.95
C PHE F 162 3.52 47.21 -20.23
N ILE F 163 2.39 46.50 -20.21
CA ILE F 163 1.09 47.14 -20.40
C ILE F 163 0.17 46.75 -19.25
N ASP F 164 -0.13 47.71 -18.38
CA ASP F 164 -0.94 47.45 -17.20
C ASP F 164 -2.44 47.78 -17.33
N ASP F 165 -2.89 48.12 -18.53
CA ASP F 165 -4.29 48.55 -18.73
C ASP F 165 -5.00 47.78 -19.85
N SER F 166 -4.43 46.66 -20.28
CA SER F 166 -5.02 45.87 -21.34
C SER F 166 -6.11 44.94 -20.80
N PHE F 167 -6.04 44.59 -19.52
CA PHE F 167 -6.98 43.62 -18.94
C PHE F 167 -8.14 44.29 -18.25
N SER F 168 -9.19 43.50 -17.97
CA SER F 168 -10.33 43.98 -17.19
C SER F 168 -9.91 44.17 -15.74
N THR F 169 -10.61 45.02 -15.00
CA THR F 169 -10.23 45.33 -13.61
C THR F 169 -10.07 44.09 -12.72
N ALA F 170 -11.02 43.15 -12.83
CA ALA F 170 -10.96 41.92 -12.04
C ALA F 170 -9.63 41.19 -12.28
N MET F 171 -9.39 40.83 -13.54
CA MET F 171 -8.17 40.17 -13.97
C MET F 171 -6.91 40.92 -13.51
N HIS F 172 -6.90 42.24 -13.67
CA HIS F 172 -5.70 43.04 -13.40
C HIS F 172 -5.26 43.03 -11.96
N LYS F 173 -6.21 42.88 -11.04
CA LYS F 173 -5.93 42.86 -9.60
C LYS F 173 -5.89 41.43 -9.01
N THR F 174 -5.90 40.42 -9.89
CA THR F 174 -5.87 39.03 -9.47
C THR F 174 -4.44 38.63 -9.08
N ILE F 175 -4.30 38.01 -7.92
CA ILE F 175 -3.01 37.59 -7.37
C ILE F 175 -2.81 36.10 -7.70
N ALA F 176 -2.06 35.84 -8.78
CA ALA F 176 -1.93 34.52 -9.34
C ALA F 176 -0.73 33.79 -8.75
N SER F 177 -0.96 32.53 -8.37
CA SER F 177 0.06 31.65 -7.78
C SER F 177 0.67 30.74 -8.83
N THR F 178 -0.08 30.48 -9.90
CA THR F 178 0.42 29.69 -11.01
C THR F 178 -0.34 30.08 -12.28
N LEU F 179 0.30 29.91 -13.45
CA LEU F 179 -0.33 30.18 -14.78
C LEU F 179 -0.07 28.99 -15.68
N TYR F 180 -1.00 28.68 -16.57
CA TYR F 180 -0.87 27.48 -17.40
C TYR F 180 -1.70 27.60 -18.66
N ARG F 181 -1.04 27.50 -19.82
CA ARG F 181 -1.74 27.64 -21.09
C ARG F 181 -2.18 26.30 -21.66
N GLN F 182 -3.42 26.27 -22.13
CA GLN F 182 -3.92 25.18 -22.94
C GLN F 182 -4.73 25.77 -24.07
N GLY F 183 -4.17 25.73 -25.29
CA GLY F 183 -4.83 26.25 -26.48
C GLY F 183 -5.20 27.70 -26.30
N ASP F 184 -6.44 28.05 -26.64
CA ASP F 184 -6.94 29.42 -26.53
C ASP F 184 -7.10 29.86 -25.07
N GLN F 185 -7.08 28.91 -24.14
CA GLN F 185 -7.23 29.21 -22.72
C GLN F 185 -5.90 29.32 -21.97
N ILE F 186 -5.85 30.29 -21.05
CA ILE F 186 -4.81 30.36 -20.02
C ILE F 186 -5.47 30.24 -18.63
N TYR F 187 -5.31 29.08 -18.01
CA TYR F 187 -5.80 28.86 -16.67
C TYR F 187 -4.96 29.65 -15.64
N ILE F 188 -5.63 30.29 -14.68
CA ILE F 188 -4.98 31.17 -13.69
C ILE F 188 -5.36 30.79 -12.26
N GLY F 189 -4.41 30.24 -11.54
CA GLY F 189 -4.64 29.77 -10.18
C GLY F 189 -4.35 30.89 -9.22
N THR F 190 -5.29 31.14 -8.32
CA THR F 190 -5.14 32.20 -7.35
C THR F 190 -4.82 31.65 -5.96
N SER F 191 -4.23 32.51 -5.15
CA SER F 191 -3.91 32.17 -3.78
C SER F 191 -5.14 31.97 -2.90
N THR F 192 -6.24 32.68 -3.16
CA THR F 192 -7.38 32.62 -2.22
C THR F 192 -8.78 32.56 -2.87
N ASP F 193 -8.85 32.46 -4.19
CA ASP F 193 -10.09 32.72 -4.93
C ASP F 193 -10.47 31.68 -5.99
N GLY F 194 -9.77 30.56 -6.02
CA GLY F 194 -10.09 29.50 -6.94
C GLY F 194 -9.42 29.63 -8.28
N LEU F 195 -10.02 28.96 -9.25
CA LEU F 195 -9.45 28.86 -10.58
C LEU F 195 -10.17 29.81 -11.52
N TYR F 196 -9.46 30.22 -12.56
CA TYR F 196 -10.03 31.07 -13.58
C TYR F 196 -9.56 30.62 -14.95
N THR F 197 -10.20 31.17 -15.97
CA THR F 197 -9.83 30.89 -17.33
C THR F 197 -9.91 32.19 -18.11
N TYR F 198 -8.82 32.52 -18.78
CA TYR F 198 -8.81 33.64 -19.70
C TYR F 198 -8.78 33.06 -21.10
N SER F 199 -9.71 33.49 -21.96
CA SER F 199 -9.68 33.11 -23.38
C SER F 199 -8.86 34.12 -24.18
N ILE F 200 -7.78 33.66 -24.80
CA ILE F 200 -6.90 34.53 -25.58
C ILE F 200 -7.68 35.23 -26.69
N THR F 201 -8.52 34.47 -27.38
CA THR F 201 -9.24 34.96 -28.55
C THR F 201 -10.45 35.78 -28.17
N GLN F 202 -11.26 35.27 -27.25
CA GLN F 202 -12.49 35.97 -26.85
C GLN F 202 -12.22 37.04 -25.79
N LYS F 203 -11.05 36.97 -25.16
CA LYS F 203 -10.61 37.95 -24.15
C LYS F 203 -11.49 38.04 -22.91
N THR F 204 -12.23 36.95 -22.63
CA THR F 204 -13.08 36.84 -21.45
C THR F 204 -12.30 36.23 -20.29
N PHE F 205 -12.83 36.41 -19.08
CA PHE F 205 -12.16 36.04 -17.84
C PHE F 205 -13.20 35.49 -16.85
N GLU F 206 -13.29 34.15 -16.68
CA GLU F 206 -14.35 33.50 -15.88
C GLU F 206 -13.83 32.48 -14.87
N LYS F 207 -14.69 32.14 -13.90
CA LYS F 207 -14.48 31.05 -12.93
C LYS F 207 -14.73 29.69 -13.58
N VAL F 208 -14.43 28.61 -12.87
CA VAL F 208 -14.42 27.28 -13.47
C VAL F 208 -14.95 26.15 -12.54
N GLY F 213 -13.05 25.92 -4.71
CA GLY F 213 -11.77 25.78 -4.01
C GLY F 213 -11.25 27.11 -3.37
N THR F 214 -10.89 27.07 -2.07
CA THR F 214 -10.28 28.21 -1.34
C THR F 214 -9.05 27.77 -0.49
N LYS F 215 -8.06 27.17 -1.17
CA LYS F 215 -6.65 27.09 -0.72
C LYS F 215 -5.78 27.42 -1.93
N GLN F 216 -4.63 28.06 -1.74
CA GLN F 216 -3.78 28.48 -2.87
C GLN F 216 -3.52 27.35 -3.87
N ILE F 217 -3.81 27.64 -5.15
CA ILE F 217 -3.56 26.69 -6.25
C ILE F 217 -2.11 26.74 -6.72
N GLN F 218 -1.38 25.63 -6.57
CA GLN F 218 0.04 25.67 -6.84
C GLN F 218 0.39 25.28 -8.28
N ALA F 219 -0.42 24.43 -8.89
CA ALA F 219 -0.08 23.91 -10.22
C ALA F 219 -1.34 23.42 -10.91
N ILE F 220 -1.32 23.45 -12.25
CA ILE F 220 -2.46 23.04 -13.06
C ILE F 220 -1.95 22.22 -14.25
N LEU F 221 -2.68 21.19 -14.63
CA LEU F 221 -2.22 20.32 -15.69
C LEU F 221 -3.38 19.66 -16.38
N GLN F 222 -3.43 19.75 -17.70
CA GLN F 222 -4.48 19.08 -18.46
C GLN F 222 -3.99 17.84 -19.20
N GLN F 223 -4.46 16.68 -18.74
CA GLN F 223 -4.06 15.36 -19.26
C GLN F 223 -4.91 14.94 -20.45
N SER F 224 -6.12 15.49 -20.53
CA SER F 224 -7.03 15.16 -21.61
C SER F 224 -8.11 16.23 -21.67
N PRO F 225 -8.89 16.26 -22.75
CA PRO F 225 -9.96 17.26 -22.73
C PRO F 225 -11.03 16.98 -21.64
N THR F 226 -11.05 15.78 -21.09
CA THR F 226 -11.99 15.44 -20.03
C THR F 226 -11.33 15.44 -18.62
N ARG F 227 -10.13 15.99 -18.48
CA ARG F 227 -9.34 15.82 -17.26
C ARG F 227 -8.35 16.93 -17.00
N ILE F 228 -8.68 17.82 -16.07
CA ILE F 228 -7.74 18.81 -15.62
C ILE F 228 -7.38 18.53 -14.16
N TRP F 229 -6.07 18.51 -13.90
CA TRP F 229 -5.54 18.27 -12.58
C TRP F 229 -5.19 19.58 -11.95
N VAL F 230 -5.44 19.73 -10.65
CA VAL F 230 -5.21 20.99 -9.92
C VAL F 230 -4.59 20.74 -8.54
N ALA F 231 -3.33 21.16 -8.37
CA ALA F 231 -2.60 20.96 -7.13
C ALA F 231 -2.84 22.14 -6.21
N THR F 232 -3.11 21.88 -4.92
CA THR F 232 -3.31 22.95 -3.92
C THR F 232 -2.38 22.91 -2.71
N GLU F 233 -2.29 24.05 -2.04
CA GLU F 233 -1.50 24.22 -0.83
C GLU F 233 -2.32 23.85 0.40
N GLY F 234 -2.67 22.57 0.50
CA GLY F 234 -3.25 22.03 1.71
C GLY F 234 -4.67 21.49 1.59
N ALA F 235 -5.21 21.45 0.37
CA ALA F 235 -6.53 20.86 0.11
C ALA F 235 -6.42 19.68 -0.88
N GLY F 236 -5.20 19.16 -1.02
CA GLY F 236 -4.95 17.96 -1.80
C GLY F 236 -5.03 18.24 -3.29
N LEU F 237 -5.38 17.19 -4.04
CA LEU F 237 -5.36 17.21 -5.50
C LEU F 237 -6.79 17.13 -5.98
N PHE F 238 -7.07 17.81 -7.09
CA PHE F 238 -8.40 17.79 -7.71
C PHE F 238 -8.36 17.35 -9.17
N LEU F 239 -9.48 16.78 -9.62
CA LEU F 239 -9.61 16.29 -10.98
C LEU F 239 -10.90 16.84 -11.53
N ILE F 240 -10.78 17.66 -12.57
CA ILE F 240 -11.93 18.36 -13.12
C ILE F 240 -12.23 17.89 -14.52
N ASN F 241 -13.52 17.68 -14.80
CA ASN F 241 -13.99 17.44 -16.15
C ASN F 241 -14.58 18.74 -16.73
N PRO F 242 -13.78 19.48 -17.54
CA PRO F 242 -14.21 20.83 -17.92
C PRO F 242 -15.42 20.82 -18.84
N LYS F 243 -15.66 19.66 -19.47
CA LYS F 243 -16.91 19.38 -20.17
C LYS F 243 -18.06 19.38 -19.14
N THR F 244 -18.21 18.30 -18.36
CA THR F 244 -19.35 18.14 -17.43
C THR F 244 -19.27 18.99 -16.14
N LYS F 245 -18.11 19.62 -15.92
CA LYS F 245 -17.87 20.53 -14.78
C LYS F 245 -17.90 19.80 -13.42
N GLU F 246 -17.53 18.52 -13.40
CA GLU F 246 -17.61 17.75 -12.15
C GLU F 246 -16.23 17.36 -11.58
N ILE F 247 -16.07 17.57 -10.28
CA ILE F 247 -14.77 17.45 -9.62
C ILE F 247 -14.70 16.22 -8.75
N LYS F 248 -13.49 15.71 -8.63
CA LYS F 248 -13.16 14.70 -7.68
C LYS F 248 -12.03 15.33 -6.86
N ASN F 249 -12.05 15.12 -5.54
CA ASN F 249 -10.96 15.56 -4.64
C ASN F 249 -10.23 14.35 -4.10
N TYR F 250 -8.90 14.36 -4.16
CA TYR F 250 -8.07 13.33 -3.53
C TYR F 250 -7.37 13.96 -2.35
N LEU F 251 -7.48 13.34 -1.17
CA LEU F 251 -6.88 13.87 0.04
C LEU F 251 -6.03 12.79 0.66
N HIS F 252 -5.03 13.20 1.44
CA HIS F 252 -4.19 12.26 2.17
C HIS F 252 -4.98 11.45 3.18
N SER F 253 -4.52 10.22 3.38
CA SER F 253 -5.06 9.35 4.42
C SER F 253 -3.92 8.67 5.17
N PRO F 254 -3.99 8.72 6.51
CA PRO F 254 -2.97 8.01 7.30
C PRO F 254 -3.17 6.49 7.28
N SER F 255 -4.43 6.06 7.25
CA SER F 255 -4.73 4.64 7.15
C SER F 255 -4.28 4.06 5.79
N ASN F 256 -4.90 4.51 4.69
CA ASN F 256 -4.65 3.97 3.33
C ASN F 256 -3.33 4.43 2.67
N PRO F 257 -2.38 3.51 2.49
CA PRO F 257 -1.07 3.91 1.95
C PRO F 257 -1.03 4.07 0.42
N LYS F 258 -2.15 3.86 -0.27
CA LYS F 258 -2.28 4.09 -1.72
C LYS F 258 -2.95 5.45 -1.99
N SER F 259 -3.19 6.23 -0.93
CA SER F 259 -3.68 7.59 -1.08
C SER F 259 -2.53 8.55 -1.35
N ILE F 260 -2.86 9.79 -1.65
CA ILE F 260 -1.87 10.82 -1.89
C ILE F 260 -1.02 11.03 -0.60
N SER F 261 0.29 11.24 -0.75
CA SER F 261 1.22 11.36 0.38
C SER F 261 1.01 12.54 1.36
N SER F 262 0.33 13.59 0.89
CA SER F 262 0.25 14.88 1.57
C SER F 262 -0.83 15.73 0.92
N ASN F 263 -1.40 16.66 1.66
CA ASN F 263 -2.36 17.59 1.08
C ASN F 263 -1.74 18.86 0.51
N TYR F 264 -0.43 19.03 0.72
CA TYR F 264 0.29 20.18 0.21
C TYR F 264 1.07 19.78 -1.04
N ILE F 265 0.60 20.24 -2.21
CA ILE F 265 1.03 19.78 -3.51
C ILE F 265 1.51 20.95 -4.34
N ARG F 266 2.77 20.88 -4.76
CA ARG F 266 3.44 22.04 -5.34
C ARG F 266 3.56 21.98 -6.85
N SER F 267 3.72 20.78 -7.41
CA SER F 267 3.98 20.64 -8.85
C SER F 267 3.37 19.40 -9.46
N LEU F 268 3.10 19.49 -10.77
CA LEU F 268 2.46 18.43 -11.54
C LEU F 268 3.10 18.32 -12.92
N ALA F 269 3.29 17.11 -13.42
CA ALA F 269 3.80 16.96 -14.80
C ALA F 269 3.51 15.57 -15.34
N MET F 270 3.20 15.50 -16.63
CA MET F 270 3.04 14.23 -17.34
C MET F 270 4.42 13.71 -17.78
N ASP F 271 4.65 12.41 -17.71
CA ASP F 271 5.82 11.82 -18.33
C ASP F 271 5.49 11.36 -19.75
N SER F 272 6.42 10.69 -20.40
CA SER F 272 6.24 10.23 -21.78
C SER F 272 5.27 9.04 -21.88
N GLN F 273 5.19 8.21 -20.85
CA GLN F 273 4.26 7.06 -20.86
C GLN F 273 2.88 7.40 -20.26
N ASN F 274 2.42 8.64 -20.45
CA ASN F 274 1.13 9.11 -19.92
C ASN F 274 0.87 9.02 -18.39
N ARG F 275 1.89 9.00 -17.56
CA ARG F 275 1.69 8.95 -16.12
C ARG F 275 1.82 10.36 -15.51
N LEU F 276 0.88 10.68 -14.62
CA LEU F 276 0.90 11.94 -13.90
C LEU F 276 1.85 11.83 -12.74
N TRP F 277 2.83 12.73 -12.69
CA TRP F 277 3.78 12.84 -11.57
C TRP F 277 3.34 13.97 -10.70
N ILE F 278 3.29 13.73 -9.39
CA ILE F 278 2.74 14.69 -8.45
C ILE F 278 3.78 15.02 -7.40
N GLY F 279 4.24 16.27 -7.36
CA GLY F 279 5.27 16.71 -6.42
C GLY F 279 4.66 17.36 -5.18
N THR F 280 4.85 16.72 -4.02
CA THR F 280 4.29 17.21 -2.77
C THR F 280 5.36 17.68 -1.78
N PHE F 281 4.88 18.33 -0.74
CA PHE F 281 5.67 18.68 0.43
C PHE F 281 6.35 17.45 1.05
N ASN F 282 5.86 16.27 0.74
CA ASN F 282 6.38 15.08 1.37
C ASN F 282 6.25 13.87 0.46
N ASP F 283 7.21 13.75 -0.45
CA ASP F 283 7.28 12.61 -1.37
C ASP F 283 6.70 12.92 -2.75
N LEU F 284 7.12 12.11 -3.72
CA LEU F 284 6.59 12.13 -5.06
C LEU F 284 5.47 11.13 -5.14
N ASN F 285 4.37 11.48 -5.77
CA ASN F 285 3.36 10.49 -6.10
C ASN F 285 3.26 10.33 -7.60
N ILE F 286 3.04 9.10 -8.05
CA ILE F 286 2.62 8.89 -9.42
C ILE F 286 1.25 8.28 -9.33
N TYR F 287 0.39 8.69 -10.24
CA TYR F 287 -0.99 8.25 -10.23
C TYR F 287 -1.13 7.02 -11.10
N HIS F 288 -1.69 5.95 -10.52
CA HIS F 288 -2.02 4.75 -11.31
C HIS F 288 -3.46 4.84 -11.79
N GLU F 289 -3.59 4.98 -13.10
CA GLU F 289 -4.89 5.07 -13.77
C GLU F 289 -5.82 3.94 -13.36
N GLY F 290 -5.32 2.71 -13.48
CA GLY F 290 -6.13 1.52 -13.30
C GLY F 290 -6.90 1.47 -11.99
N THR F 291 -6.18 1.56 -10.88
CA THR F 291 -6.78 1.37 -9.56
C THR F 291 -7.16 2.68 -8.88
N ASP F 292 -7.17 3.78 -9.65
CA ASP F 292 -7.46 5.12 -9.11
C ASP F 292 -6.71 5.45 -7.81
N SER F 293 -5.39 5.30 -7.87
CA SER F 293 -4.54 5.35 -6.69
C SER F 293 -3.09 5.82 -7.01
N PHE F 294 -2.28 5.95 -5.96
CA PHE F 294 -0.99 6.63 -6.04
C PHE F 294 0.13 5.80 -5.46
N ALA F 295 1.18 5.61 -6.23
CA ALA F 295 2.44 5.12 -5.71
C ALA F 295 3.16 6.29 -5.05
N SER F 296 4.02 5.98 -4.07
CA SER F 296 4.83 6.98 -3.39
C SER F 296 6.30 6.64 -3.60
N TYR F 297 7.10 7.67 -3.74
CA TYR F 297 8.54 7.51 -3.83
C TYR F 297 9.10 8.50 -2.83
N SER F 298 9.86 7.99 -1.87
CA SER F 298 10.32 8.77 -0.74
C SER F 298 11.80 9.06 -0.80
N SER F 299 12.21 9.93 0.11
CA SER F 299 13.60 10.27 0.25
C SER F 299 14.13 9.55 1.45
N ASN F 300 15.12 8.70 1.24
CA ASN F 300 15.86 8.11 2.32
C ASN F 300 17.35 8.26 2.01
N PRO F 301 18.06 9.06 2.82
CA PRO F 301 19.48 9.36 2.56
C PRO F 301 20.39 8.12 2.47
N VAL F 302 20.04 7.03 3.17
CA VAL F 302 20.83 5.79 3.18
C VAL F 302 20.52 4.82 2.02
N GLU F 303 19.50 5.16 1.21
CA GLU F 303 19.06 4.33 0.05
C GLU F 303 19.52 4.94 -1.28
N ASN F 304 20.57 4.34 -1.82
CA ASN F 304 21.08 4.67 -3.12
C ASN F 304 19.94 4.83 -4.11
N GLY F 305 19.87 5.98 -4.78
CA GLY F 305 18.93 6.18 -5.87
C GLY F 305 17.55 6.63 -5.48
N SER F 306 17.32 6.85 -4.19
CA SER F 306 16.06 7.42 -3.76
C SER F 306 16.13 8.93 -3.98
N LEU F 307 15.02 9.59 -3.73
CA LEU F 307 14.88 11.00 -3.90
C LEU F 307 15.81 11.75 -2.95
N SER F 308 16.51 12.77 -3.46
CA SER F 308 17.50 13.52 -2.68
C SER F 308 16.89 14.22 -1.47
N GLN F 309 15.60 14.54 -1.52
CA GLN F 309 14.95 15.31 -0.46
C GLN F 309 13.40 15.19 -0.55
N ARG F 310 12.71 15.44 0.57
CA ARG F 310 11.24 15.25 0.71
C ARG F 310 10.40 16.03 -0.31
N SER F 311 10.69 17.32 -0.45
CA SER F 311 9.72 18.24 -1.02
C SER F 311 10.06 18.54 -2.46
N VAL F 312 9.22 18.05 -3.38
CA VAL F 312 9.40 18.28 -4.80
C VAL F 312 8.74 19.58 -5.23
N ARG F 313 9.56 20.61 -5.46
CA ARG F 313 9.08 21.93 -5.80
C ARG F 313 8.81 22.10 -7.29
N SER F 314 9.50 21.34 -8.14
CA SER F 314 9.34 21.48 -9.59
C SER F 314 9.52 20.13 -10.27
N ILE F 315 8.69 19.87 -11.29
CA ILE F 315 8.87 18.68 -12.13
C ILE F 315 8.75 19.10 -13.59
N PHE F 316 9.64 18.60 -14.45
CA PHE F 316 9.63 18.92 -15.87
C PHE F 316 10.15 17.72 -16.66
N MET F 317 9.51 17.45 -17.82
CA MET F 317 9.97 16.42 -18.75
C MET F 317 10.74 17.06 -19.87
N ASP F 318 11.96 16.61 -20.12
CA ASP F 318 12.78 17.14 -21.22
C ASP F 318 12.34 16.50 -22.52
N SER F 319 12.97 16.90 -23.62
CA SER F 319 12.59 16.42 -24.94
C SER F 319 12.92 14.92 -25.14
N GLN F 320 13.85 14.37 -24.36
CA GLN F 320 14.11 12.94 -24.44
C GLN F 320 13.08 12.08 -23.71
N GLY F 321 12.21 12.69 -22.89
CA GLY F 321 11.24 11.96 -22.06
C GLY F 321 11.75 11.79 -20.63
N GLY F 322 12.89 12.41 -20.34
CA GLY F 322 13.50 12.34 -19.03
C GLY F 322 12.85 13.31 -18.10
N MET F 323 12.79 12.93 -16.82
CA MET F 323 12.09 13.68 -15.81
C MET F 323 13.06 14.31 -14.84
N TRP F 324 12.85 15.59 -14.57
CA TRP F 324 13.68 16.34 -13.67
C TRP F 324 12.84 16.80 -12.52
N LEU F 325 13.30 16.53 -11.29
CA LEU F 325 12.57 16.88 -10.10
C LEU F 325 13.45 17.78 -9.25
N GLY F 326 12.99 19.01 -9.06
CA GLY F 326 13.68 19.97 -8.22
C GLY F 326 13.13 19.87 -6.83
N THR F 327 14.02 19.77 -5.85
CA THR F 327 13.64 19.78 -4.46
C THR F 327 14.07 21.09 -3.80
N TYR F 328 13.84 21.19 -2.50
CA TYR F 328 14.03 22.45 -1.82
C TYR F 328 15.51 22.64 -1.40
N PHE F 329 16.08 21.58 -0.82
CA PHE F 329 17.46 21.57 -0.37
C PHE F 329 18.28 20.42 -0.97
N GLY F 330 17.75 19.72 -1.97
CA GLY F 330 18.44 18.55 -2.52
C GLY F 330 18.74 18.61 -4.01
N GLY F 331 18.77 19.81 -4.59
CA GLY F 331 19.09 19.96 -5.98
C GLY F 331 18.19 19.11 -6.86
N LEU F 332 18.74 18.60 -7.94
CA LEU F 332 17.94 17.91 -8.96
C LEU F 332 18.00 16.40 -8.86
N ASN F 333 16.86 15.81 -9.23
CA ASN F 333 16.66 14.38 -9.29
C ASN F 333 16.22 14.03 -10.73
N TYR F 334 16.96 13.13 -11.37
CA TYR F 334 16.74 12.80 -12.76
C TYR F 334 16.41 11.34 -12.92
N TYR F 335 15.47 11.05 -13.82
CA TYR F 335 15.06 9.68 -14.07
C TYR F 335 14.69 9.49 -15.52
N HIS F 336 15.12 8.39 -16.11
CA HIS F 336 14.65 7.98 -17.43
C HIS F 336 14.52 6.48 -17.46
N PRO F 337 13.42 5.96 -18.00
CA PRO F 337 13.29 4.49 -18.05
C PRO F 337 14.49 3.77 -18.65
N ILE F 338 15.02 4.28 -19.76
CA ILE F 338 16.17 3.66 -20.42
C ILE F 338 17.38 3.47 -19.53
N ARG F 339 17.64 4.43 -18.62
CA ARG F 339 18.70 4.23 -17.62
C ARG F 339 18.50 3.02 -16.70
N ASN F 340 17.25 2.67 -16.45
CA ASN F 340 16.95 1.58 -15.54
C ASN F 340 16.64 0.28 -16.28
N ARG F 341 17.41 0.03 -17.34
CA ARG F 341 17.36 -1.26 -18.02
C ARG F 341 18.05 -2.30 -17.15
N PHE F 342 19.12 -1.88 -16.49
CA PHE F 342 19.77 -2.65 -15.43
C PHE F 342 19.31 -2.20 -14.07
N LYS F 343 18.78 -3.13 -13.29
CA LYS F 343 18.33 -2.82 -11.93
C LYS F 343 19.38 -3.36 -10.95
N ASN F 344 19.70 -2.55 -9.94
CA ASN F 344 20.59 -2.99 -8.87
C ASN F 344 19.87 -3.28 -7.56
N ILE F 345 20.13 -4.45 -6.98
CA ILE F 345 19.64 -4.80 -5.66
C ILE F 345 20.79 -4.60 -4.68
N ARG F 346 20.57 -3.76 -3.67
CA ARG F 346 21.61 -3.39 -2.71
C ARG F 346 21.09 -3.36 -1.28
N ASN F 347 22.03 -3.37 -0.35
CA ASN F 347 21.69 -3.24 1.04
C ASN F 347 21.15 -1.86 1.27
N ILE F 348 20.07 -1.77 2.06
CA ILE F 348 19.55 -0.52 2.55
C ILE F 348 19.54 -0.54 4.09
N PRO F 349 20.51 0.12 4.74
CA PRO F 349 20.58 0.03 6.20
C PRO F 349 19.25 0.35 6.84
N TYR F 350 18.91 -0.45 7.85
CA TYR F 350 17.68 -0.29 8.61
C TYR F 350 16.39 -0.48 7.83
N LYS F 351 16.44 -1.09 6.64
CA LYS F 351 15.22 -1.64 6.00
C LYS F 351 15.46 -3.07 5.52
N ASN F 352 14.38 -3.84 5.47
CA ASN F 352 14.38 -5.19 4.90
C ASN F 352 15.00 -5.15 3.52
N SER F 353 16.11 -5.85 3.35
CA SER F 353 16.96 -5.71 2.15
C SER F 353 18.12 -6.68 2.18
N LEU F 354 18.77 -6.82 1.04
CA LEU F 354 20.00 -7.60 0.91
C LEU F 354 20.95 -7.26 2.05
N SER F 355 21.40 -8.28 2.76
CA SER F 355 22.06 -8.01 4.05
C SER F 355 23.48 -7.50 3.93
N ASP F 356 24.08 -7.59 2.74
CA ASP F 356 25.47 -7.20 2.53
C ASP F 356 25.72 -7.07 1.03
N ASN F 357 26.57 -6.14 0.60
CA ASN F 357 26.73 -5.91 -0.84
C ASN F 357 27.82 -6.74 -1.50
N VAL F 358 28.62 -7.47 -0.74
CA VAL F 358 29.55 -8.40 -1.38
C VAL F 358 28.88 -9.76 -1.52
N VAL F 359 28.45 -10.04 -2.75
CA VAL F 359 27.53 -11.13 -3.08
C VAL F 359 28.27 -12.30 -3.71
N SER F 360 27.89 -13.51 -3.33
CA SER F 360 28.51 -14.68 -3.89
C SER F 360 27.41 -15.47 -4.63
N CYS F 361 27.14 -16.72 -4.25
CA CYS F 361 26.31 -17.55 -5.09
C CYS F 361 24.86 -17.07 -5.09
N ILE F 362 24.20 -17.33 -6.22
CA ILE F 362 22.79 -17.03 -6.41
C ILE F 362 22.13 -18.28 -7.00
N VAL F 363 21.09 -18.77 -6.33
CA VAL F 363 20.50 -20.05 -6.69
C VAL F 363 18.98 -19.93 -6.59
N GLU F 364 18.29 -20.24 -7.68
CA GLU F 364 16.83 -20.24 -7.68
C GLU F 364 16.31 -21.59 -7.25
N ASP F 365 15.35 -21.61 -6.32
CA ASP F 365 14.66 -22.86 -5.96
C ASP F 365 13.36 -23.10 -6.77
N LYS F 366 12.71 -24.23 -6.51
CA LYS F 366 11.47 -24.61 -7.22
C LYS F 366 10.39 -23.54 -7.04
N ASP F 367 10.31 -22.89 -5.86
CA ASP F 367 9.30 -21.86 -5.63
C ASP F 367 9.70 -20.52 -6.22
N LYS F 368 10.79 -20.48 -6.99
CA LYS F 368 11.25 -19.26 -7.68
C LYS F 368 11.80 -18.16 -6.73
N ASN F 369 12.25 -18.61 -5.57
CA ASN F 369 13.00 -17.74 -4.67
C ASN F 369 14.47 -17.84 -4.97
N LEU F 370 15.21 -16.79 -4.65
CA LEU F 370 16.68 -16.80 -4.78
C LEU F 370 17.40 -16.94 -3.43
N TRP F 371 18.31 -17.90 -3.36
CA TRP F 371 19.20 -18.08 -2.22
C TRP F 371 20.45 -17.39 -2.60
N ILE F 372 20.80 -16.35 -1.84
CA ILE F 372 21.90 -15.45 -2.20
C ILE F 372 22.93 -15.46 -1.08
N GLY F 373 24.16 -15.77 -1.45
CA GLY F 373 25.24 -15.84 -0.48
C GLY F 373 25.91 -14.49 -0.43
N THR F 374 26.55 -14.21 0.70
CA THR F 374 27.26 -12.95 0.86
C THR F 374 28.52 -13.20 1.65
N ASN F 375 29.41 -12.23 1.57
CA ASN F 375 30.70 -12.32 2.23
C ASN F 375 30.58 -12.17 3.75
N ASP F 376 29.74 -11.24 4.18
CA ASP F 376 29.60 -10.88 5.60
C ASP F 376 28.18 -10.93 6.16
N GLY F 377 27.15 -11.05 5.33
CA GLY F 377 25.76 -10.98 5.82
C GLY F 377 25.05 -12.31 5.85
N GLY F 378 25.78 -13.40 5.73
CA GLY F 378 25.19 -14.72 5.73
C GLY F 378 24.33 -14.95 4.49
N LEU F 379 23.39 -15.88 4.63
CA LEU F 379 22.57 -16.33 3.52
C LEU F 379 21.27 -15.54 3.50
N ASN F 380 20.95 -15.02 2.33
CA ASN F 380 19.69 -14.32 2.11
C ASN F 380 18.73 -15.18 1.31
N LEU F 381 17.45 -15.14 1.67
CA LEU F 381 16.37 -15.73 0.88
C LEU F 381 15.55 -14.57 0.36
N TYR F 382 15.50 -14.41 -0.96
CA TYR F 382 14.86 -13.27 -1.61
C TYR F 382 13.70 -13.75 -2.43
N ASN F 383 12.52 -13.27 -2.11
CA ASN F 383 11.35 -13.46 -2.96
C ASN F 383 11.31 -12.29 -3.96
N PRO F 384 11.49 -12.57 -5.26
CA PRO F 384 11.51 -11.43 -6.19
C PRO F 384 10.12 -10.89 -6.60
N ILE F 385 9.02 -11.55 -6.24
CA ILE F 385 7.69 -10.95 -6.42
C ILE F 385 7.53 -9.91 -5.29
N THR F 386 7.34 -10.37 -4.05
CA THR F 386 7.12 -9.51 -2.90
C THR F 386 8.31 -8.58 -2.60
N GLN F 387 9.51 -9.00 -2.97
CA GLN F 387 10.75 -8.28 -2.63
C GLN F 387 11.09 -8.34 -1.13
N ARG F 388 10.45 -9.24 -0.38
CA ARG F 388 10.90 -9.52 0.97
C ARG F 388 12.24 -10.27 1.00
N PHE F 389 13.11 -9.87 1.93
CA PHE F 389 14.30 -10.62 2.26
C PHE F 389 14.14 -11.26 3.61
N THR F 390 14.72 -12.45 3.77
CA THR F 390 14.93 -13.03 5.09
C THR F 390 16.38 -13.55 5.07
N SER F 391 16.97 -13.75 6.24
CA SER F 391 18.42 -13.85 6.37
C SER F 391 18.75 -15.01 7.31
N TYR F 392 19.78 -15.78 7.00
CA TYR F 392 20.24 -16.83 7.93
C TYR F 392 21.67 -16.57 8.28
N THR F 393 21.93 -16.22 9.52
CA THR F 393 23.26 -15.81 9.92
C THR F 393 23.79 -16.64 11.06
N LEU F 394 24.97 -16.24 11.54
CA LEU F 394 25.71 -16.88 12.62
C LEU F 394 25.18 -16.38 13.96
N GLN F 395 25.04 -17.26 14.96
CA GLN F 395 24.44 -16.83 16.25
C GLN F 395 25.37 -17.09 17.46
N GLU F 396 25.45 -18.34 17.93
CA GLU F 396 26.26 -18.70 19.12
C GLU F 396 26.21 -20.22 19.44
N ALA F 400 21.19 -22.10 19.27
CA ALA F 400 20.60 -20.85 18.81
C ALA F 400 20.22 -20.86 17.31
N ARG F 401 20.31 -22.03 16.66
CA ARG F 401 20.00 -22.24 15.21
C ARG F 401 20.58 -21.22 14.18
N GLY F 402 21.86 -20.88 14.33
CA GLY F 402 22.60 -20.11 13.32
C GLY F 402 23.43 -20.99 12.39
N ILE F 403 23.95 -20.40 11.30
CA ILE F 403 24.89 -21.11 10.41
C ILE F 403 26.31 -20.99 10.99
N GLY F 404 27.27 -21.69 10.39
CA GLY F 404 28.63 -21.78 10.93
C GLY F 404 29.55 -20.59 10.71
N SER F 405 29.35 -19.89 9.61
CA SER F 405 30.14 -18.70 9.30
C SER F 405 29.23 -17.75 8.52
N ASN F 406 29.57 -16.47 8.45
CA ASN F 406 28.77 -15.54 7.67
C ASN F 406 29.18 -15.42 6.19
N ASN F 407 30.27 -16.12 5.80
CA ASN F 407 30.84 -15.99 4.47
C ASN F 407 30.43 -17.16 3.60
N ILE F 408 29.48 -16.92 2.70
CA ILE F 408 28.83 -18.01 1.97
C ILE F 408 29.51 -18.18 0.62
N LYS F 409 29.79 -19.43 0.26
CA LYS F 409 30.42 -19.73 -1.02
C LYS F 409 29.59 -20.66 -1.93
N ALA F 410 28.77 -21.52 -1.38
CA ALA F 410 27.95 -22.41 -2.21
C ALA F 410 26.61 -22.72 -1.58
N VAL F 411 25.62 -22.95 -2.44
CA VAL F 411 24.30 -23.34 -1.98
C VAL F 411 23.70 -24.42 -2.88
N TYR F 412 23.18 -25.47 -2.28
CA TYR F 412 22.41 -26.47 -3.01
C TYR F 412 21.11 -26.73 -2.30
N VAL F 413 19.99 -26.69 -3.03
CA VAL F 413 18.68 -26.91 -2.44
C VAL F 413 18.20 -28.32 -2.67
N ASP F 414 17.94 -29.06 -1.58
CA ASP F 414 17.37 -30.39 -1.71
C ASP F 414 15.87 -30.22 -1.60
N GLU F 415 15.27 -30.24 -2.77
CA GLU F 415 13.87 -29.93 -2.92
C GLU F 415 13.01 -31.03 -2.28
N LYS F 416 13.32 -32.30 -2.55
CA LYS F 416 12.53 -33.41 -1.99
C LYS F 416 12.53 -33.45 -0.45
N LYS F 417 13.67 -33.17 0.17
CA LYS F 417 13.79 -33.18 1.65
C LYS F 417 13.66 -31.80 2.29
N SER F 418 13.42 -30.77 1.50
CA SER F 418 13.29 -29.39 1.99
C SER F 418 14.51 -28.90 2.79
N LEU F 419 15.70 -29.25 2.34
CA LEU F 419 16.91 -28.86 3.05
C LEU F 419 17.71 -27.91 2.17
N VAL F 420 18.34 -26.91 2.77
CA VAL F 420 19.31 -26.08 2.04
C VAL F 420 20.71 -26.35 2.57
N TYR F 421 21.58 -26.86 1.69
CA TYR F 421 22.96 -27.20 2.04
C TYR F 421 23.82 -26.01 1.72
N ILE F 422 24.61 -25.56 2.68
CA ILE F 422 25.31 -24.30 2.53
C ILE F 422 26.81 -24.46 2.77
N GLY F 423 27.61 -24.03 1.80
CA GLY F 423 29.06 -24.09 1.93
C GLY F 423 29.56 -22.71 2.31
N THR F 424 30.40 -22.69 3.34
CA THR F 424 30.97 -21.44 3.85
C THR F 424 32.50 -21.49 3.86
N HIS F 425 33.11 -20.31 3.86
CA HIS F 425 34.54 -20.16 4.14
C HIS F 425 34.74 -20.12 5.62
N ALA F 426 35.76 -20.81 6.12
CA ALA F 426 36.08 -20.81 7.56
C ALA F 426 34.83 -21.10 8.39
N GLY F 427 34.03 -22.06 7.94
CA GLY F 427 32.77 -22.38 8.61
C GLY F 427 32.56 -23.85 8.45
N GLY F 428 32.26 -24.26 7.23
CA GLY F 428 32.11 -25.67 6.94
C GLY F 428 30.93 -25.90 6.02
N LEU F 429 30.18 -26.97 6.29
CA LEU F 429 28.93 -27.26 5.63
C LEU F 429 27.81 -27.05 6.65
N SER F 430 26.80 -26.30 6.26
CA SER F 430 25.62 -26.17 7.10
C SER F 430 24.38 -26.75 6.45
N ILE F 431 23.51 -27.35 7.24
CA ILE F 431 22.23 -27.81 6.73
C ILE F 431 21.09 -27.06 7.42
N LEU F 432 20.38 -26.26 6.61
CA LEU F 432 19.17 -25.55 7.01
C LEU F 432 17.94 -26.39 6.71
N HIS F 433 17.19 -26.72 7.77
CA HIS F 433 15.89 -27.36 7.64
C HIS F 433 14.86 -26.29 7.54
N ARG F 434 14.20 -26.21 6.39
CA ARG F 434 13.28 -25.12 6.10
C ARG F 434 12.04 -25.13 7.00
N ASN F 435 11.41 -26.28 7.17
CA ASN F 435 10.24 -26.37 8.06
C ASN F 435 10.47 -25.56 9.34
N SER F 436 11.47 -25.96 10.11
CA SER F 436 11.71 -25.46 11.44
C SER F 436 12.66 -24.27 11.49
N GLY F 437 13.51 -24.11 10.47
CA GLY F 437 14.60 -23.14 10.52
C GLY F 437 15.80 -23.60 11.37
N GLN F 438 15.90 -24.90 11.65
CA GLN F 438 17.02 -25.46 12.44
C GLN F 438 18.23 -25.62 11.56
N VAL F 439 19.42 -25.39 12.11
CA VAL F 439 20.64 -25.50 11.33
C VAL F 439 21.62 -26.47 11.97
N GLU F 440 22.07 -27.45 11.19
CA GLU F 440 23.18 -28.33 11.55
C GLU F 440 24.47 -27.77 10.97
N ASN F 441 25.50 -27.65 11.79
CA ASN F 441 26.83 -27.23 11.33
C ASN F 441 27.95 -28.27 11.43
N PHE F 442 28.61 -28.53 10.30
CA PHE F 442 29.74 -29.43 10.22
C PHE F 442 31.03 -28.70 9.87
N ASN F 443 32.06 -28.94 10.68
CA ASN F 443 33.37 -28.32 10.49
C ASN F 443 34.44 -29.34 10.94
N GLN F 444 35.70 -28.94 11.02
CA GLN F 444 36.80 -29.87 11.30
C GLN F 444 36.85 -30.30 12.75
N ARG F 445 36.15 -29.57 13.62
CA ARG F 445 36.14 -29.86 15.05
C ARG F 445 34.99 -30.72 15.55
N ASN F 446 33.99 -30.95 14.70
CA ASN F 446 32.86 -31.79 15.10
C ASN F 446 32.46 -32.79 14.06
N SER F 447 33.34 -33.03 13.09
CA SER F 447 33.05 -33.99 12.04
C SER F 447 34.35 -34.45 11.40
N GLN F 448 34.23 -35.42 10.50
CA GLN F 448 35.34 -35.86 9.68
C GLN F 448 35.66 -34.97 8.45
N LEU F 449 34.90 -33.89 8.22
CA LEU F 449 35.16 -33.02 7.06
C LEU F 449 36.61 -32.63 7.03
N VAL F 450 37.31 -32.99 5.96
CA VAL F 450 38.74 -32.77 5.89
C VAL F 450 39.09 -31.28 5.90
N ASN F 451 38.29 -30.46 5.23
CA ASN F 451 38.58 -29.04 5.10
C ASN F 451 37.31 -28.23 5.22
N GLU F 452 37.23 -27.42 6.28
CA GLU F 452 36.10 -26.52 6.61
C GLU F 452 35.74 -25.45 5.58
N ASN F 453 36.44 -25.41 4.45
CA ASN F 453 36.20 -24.37 3.45
C ASN F 453 35.56 -24.98 2.23
N VAL F 454 34.23 -24.92 2.20
CA VAL F 454 33.41 -25.59 1.19
C VAL F 454 32.86 -24.57 0.20
N TYR F 455 33.37 -24.67 -1.03
CA TYR F 455 33.13 -23.72 -2.10
C TYR F 455 32.20 -24.24 -3.19
N ALA F 456 31.93 -25.54 -3.23
CA ALA F 456 30.98 -26.11 -4.23
C ALA F 456 30.25 -27.31 -3.67
N ILE F 457 28.96 -27.40 -3.95
CA ILE F 457 28.13 -28.52 -3.53
C ILE F 457 27.28 -28.95 -4.71
N LEU F 458 27.37 -30.21 -5.10
CA LEU F 458 26.66 -30.74 -6.26
C LEU F 458 26.23 -32.18 -5.93
N PRO F 459 24.99 -32.58 -6.25
CA PRO F 459 24.60 -33.97 -5.94
C PRO F 459 25.40 -34.94 -6.80
N ASP F 460 25.70 -36.13 -6.27
CA ASP F 460 26.54 -37.11 -6.98
C ASP F 460 25.71 -38.13 -7.78
N GLY F 461 24.40 -37.92 -7.81
CA GLY F 461 23.50 -38.78 -8.56
C GLY F 461 23.20 -40.10 -7.87
N GLU F 462 23.63 -40.28 -6.63
CA GLU F 462 23.46 -41.56 -5.92
C GLU F 462 22.89 -41.39 -4.52
N GLY F 463 22.34 -40.21 -4.26
CA GLY F 463 21.82 -39.88 -2.94
C GLY F 463 22.74 -39.00 -2.12
N ASN F 464 23.95 -38.74 -2.64
CA ASN F 464 24.95 -37.99 -1.89
C ASN F 464 25.30 -36.65 -2.54
N LEU F 465 26.11 -35.89 -1.80
CA LEU F 465 26.61 -34.61 -2.23
C LEU F 465 28.14 -34.61 -2.43
N TRP F 466 28.61 -34.08 -3.55
CA TRP F 466 30.01 -33.75 -3.71
C TRP F 466 30.28 -32.41 -3.10
N LEU F 467 31.29 -32.33 -2.26
CA LEU F 467 31.71 -31.09 -1.62
C LEU F 467 33.09 -30.72 -2.15
N GLY F 468 33.18 -29.61 -2.89
CA GLY F 468 34.47 -29.09 -3.33
C GLY F 468 35.05 -28.22 -2.22
N THR F 469 36.20 -28.60 -1.70
CA THR F 469 36.83 -27.87 -0.59
C THR F 469 38.17 -27.35 -1.05
N LEU F 470 38.87 -26.60 -0.22
CA LEU F 470 40.15 -26.00 -0.64
C LEU F 470 41.32 -26.99 -0.65
N SER F 471 41.09 -28.25 -0.25
CA SER F 471 42.13 -29.27 -0.34
C SER F 471 41.72 -30.62 -0.93
N ALA F 472 40.44 -30.84 -1.15
CA ALA F 472 39.96 -32.16 -1.54
C ALA F 472 38.51 -32.17 -2.01
N LEU F 473 38.18 -33.20 -2.79
CA LEU F 473 36.82 -33.50 -3.15
C LEU F 473 36.32 -34.46 -2.08
N VAL F 474 35.29 -34.06 -1.35
CA VAL F 474 34.74 -34.85 -0.25
C VAL F 474 33.33 -35.33 -0.63
N ARG F 475 32.99 -36.58 -0.32
CA ARG F 475 31.60 -37.05 -0.50
C ARG F 475 30.87 -36.98 0.83
N PHE F 476 29.83 -36.17 0.89
CA PHE F 476 28.95 -36.15 2.05
C PHE F 476 27.78 -37.09 1.82
N ASN F 477 27.63 -38.09 2.69
CA ASN F 477 26.49 -38.99 2.69
C ASN F 477 25.49 -38.56 3.76
N PRO F 478 24.33 -38.05 3.34
CA PRO F 478 23.39 -37.54 4.32
C PRO F 478 22.76 -38.60 5.22
N GLU F 479 22.59 -39.83 4.73
CA GLU F 479 21.99 -40.92 5.56
C GLU F 479 22.84 -41.19 6.78
N GLN F 480 24.16 -41.27 6.59
CA GLN F 480 25.11 -41.64 7.65
C GLN F 480 25.76 -40.42 8.30
N ARG F 481 25.60 -39.24 7.70
CA ARG F 481 26.26 -38.03 8.18
C ARG F 481 27.78 -38.12 8.06
N SER F 482 28.26 -38.73 6.98
CA SER F 482 29.68 -39.05 6.83
C SER F 482 30.36 -38.25 5.74
N PHE F 483 31.64 -37.97 5.96
CA PHE F 483 32.51 -37.28 5.01
C PHE F 483 33.65 -38.20 4.60
N THR F 484 33.87 -38.36 3.31
CA THR F 484 34.88 -39.26 2.80
C THR F 484 35.72 -38.54 1.78
N THR F 485 36.96 -38.22 2.11
CA THR F 485 37.88 -37.58 1.15
C THR F 485 38.22 -38.56 0.03
N ILE F 486 38.17 -38.08 -1.22
CA ILE F 486 38.58 -38.91 -2.36
C ILE F 486 40.06 -38.72 -2.64
N GLU F 487 40.85 -39.78 -2.47
CA GLU F 487 42.29 -39.70 -2.67
C GLU F 487 42.77 -40.39 -3.94
N LYS F 488 42.05 -41.40 -4.41
CA LYS F 488 42.45 -42.18 -5.57
C LYS F 488 41.29 -42.27 -6.56
N GLU F 489 41.60 -42.50 -7.84
CA GLU F 489 40.61 -42.86 -8.87
C GLU F 489 40.34 -44.36 -8.75
N LYS F 490 39.44 -44.92 -9.58
CA LYS F 490 39.19 -46.40 -9.58
C LYS F 490 40.50 -47.14 -9.78
N ASP F 491 41.22 -46.77 -10.83
CA ASP F 491 42.49 -47.42 -11.18
C ASP F 491 43.65 -47.11 -10.23
N GLY F 492 43.40 -46.39 -9.14
CA GLY F 492 44.42 -46.11 -8.14
C GLY F 492 45.21 -44.84 -8.36
N THR F 493 45.04 -44.19 -9.51
CA THR F 493 45.72 -42.92 -9.76
C THR F 493 45.31 -41.89 -8.71
N PRO F 494 46.28 -41.42 -7.90
CA PRO F 494 45.96 -40.49 -6.81
C PRO F 494 45.42 -39.15 -7.30
N VAL F 495 44.41 -38.61 -6.61
CA VAL F 495 43.80 -37.33 -6.99
C VAL F 495 44.50 -36.16 -6.31
N VAL F 496 45.09 -35.29 -7.13
CA VAL F 496 45.97 -34.21 -6.69
C VAL F 496 45.27 -33.19 -5.76
N SER F 497 45.56 -33.29 -4.46
CA SER F 497 45.01 -32.38 -3.44
C SER F 497 45.18 -30.90 -3.81
N LYS F 498 44.12 -30.30 -4.37
CA LYS F 498 44.17 -28.95 -4.92
C LYS F 498 43.00 -28.10 -4.39
N GLN F 499 42.95 -26.85 -4.82
CA GLN F 499 41.90 -25.92 -4.36
C GLN F 499 40.74 -25.89 -5.34
N ILE F 500 39.72 -26.70 -5.08
CA ILE F 500 38.51 -26.71 -5.89
C ILE F 500 37.71 -25.40 -5.76
N THR F 501 37.42 -24.76 -6.89
CA THR F 501 36.55 -23.59 -6.91
C THR F 501 35.17 -23.96 -7.48
N THR F 502 35.06 -25.06 -8.19
CA THR F 502 33.85 -25.26 -8.97
C THR F 502 33.64 -26.73 -9.37
N LEU F 503 32.39 -27.20 -9.27
CA LEU F 503 31.96 -28.51 -9.71
C LEU F 503 30.81 -28.35 -10.67
N PHE F 504 30.80 -29.12 -11.75
CA PHE F 504 29.77 -28.97 -12.77
C PHE F 504 29.42 -30.32 -13.35
N ARG F 505 28.14 -30.48 -13.67
CA ARG F 505 27.62 -31.76 -14.14
C ARG F 505 27.21 -31.55 -15.58
N ASP F 506 27.81 -32.29 -16.51
CA ASP F 506 27.44 -32.13 -17.91
C ASP F 506 26.34 -33.10 -18.33
N SER F 507 25.77 -32.80 -19.49
CA SER F 507 24.60 -33.49 -20.02
C SER F 507 24.86 -34.98 -20.22
N HIS F 508 26.12 -35.33 -20.46
CA HIS F 508 26.55 -36.74 -20.47
C HIS F 508 26.78 -37.34 -19.10
N LYS F 509 26.37 -36.62 -18.04
CA LYS F 509 26.54 -37.05 -16.64
C LYS F 509 27.98 -36.98 -16.08
N ARG F 510 28.94 -36.41 -16.81
CA ARG F 510 30.33 -36.33 -16.30
C ARG F 510 30.55 -35.16 -15.32
N LEU F 511 31.58 -35.31 -14.48
CA LEU F 511 31.90 -34.37 -13.40
C LEU F 511 33.16 -33.56 -13.70
N TRP F 512 32.99 -32.24 -13.78
CA TRP F 512 34.07 -31.33 -14.05
C TRP F 512 34.51 -30.63 -12.79
N ILE F 513 35.81 -30.63 -12.50
CA ILE F 513 36.33 -30.09 -11.25
C ILE F 513 37.31 -28.99 -11.59
N GLY F 514 36.94 -27.75 -11.31
CA GLY F 514 37.79 -26.60 -11.61
C GLY F 514 38.43 -26.03 -10.36
N GLY F 515 39.59 -25.41 -10.53
CA GLY F 515 40.19 -24.70 -9.42
C GLY F 515 41.35 -23.84 -9.84
N GLU F 516 42.06 -23.31 -8.86
CA GLU F 516 43.24 -22.47 -9.09
C GLU F 516 44.30 -23.18 -9.89
N GLU F 517 44.46 -24.47 -9.64
CA GLU F 517 45.51 -25.27 -10.26
C GLU F 517 45.17 -25.70 -11.69
N GLY F 518 43.89 -25.84 -11.99
CA GLY F 518 43.47 -26.35 -13.30
C GLY F 518 42.04 -26.92 -13.36
N LEU F 519 41.84 -27.79 -14.34
CA LEU F 519 40.54 -28.38 -14.61
C LEU F 519 40.68 -29.87 -14.89
N SER F 520 39.69 -30.63 -14.46
CA SER F 520 39.64 -32.06 -14.73
C SER F 520 38.22 -32.55 -14.95
N VAL F 521 38.02 -33.43 -15.92
CA VAL F 521 36.74 -34.06 -16.13
C VAL F 521 36.85 -35.54 -15.73
N PHE F 522 35.94 -35.99 -14.87
CA PHE F 522 35.94 -37.36 -14.34
C PHE F 522 34.64 -38.05 -14.73
N LYS F 523 34.72 -39.36 -14.95
CA LYS F 523 33.57 -40.22 -15.21
C LYS F 523 33.26 -40.98 -13.92
N GLN F 524 31.98 -41.04 -13.55
CA GLN F 524 31.58 -41.75 -12.31
C GLN F 524 31.34 -43.24 -12.55
N GLU F 525 31.81 -44.08 -11.65
CA GLU F 525 31.52 -45.52 -11.67
C GLU F 525 31.12 -45.89 -10.24
N GLY F 526 29.81 -46.03 -10.02
CA GLY F 526 29.28 -46.11 -8.67
C GLY F 526 29.82 -44.97 -7.81
N LEU F 527 30.60 -45.33 -6.80
CA LEU F 527 31.19 -44.38 -5.87
C LEU F 527 32.65 -44.02 -6.21
N ASP F 528 33.20 -44.57 -7.28
CA ASP F 528 34.55 -44.19 -7.69
C ASP F 528 34.49 -43.11 -8.77
N ILE F 529 35.59 -42.40 -8.94
CA ILE F 529 35.74 -41.50 -10.07
C ILE F 529 36.94 -41.93 -10.90
N GLN F 530 37.04 -41.37 -12.11
CA GLN F 530 38.03 -41.82 -13.08
C GLN F 530 38.19 -40.85 -14.27
N LYS F 531 39.42 -40.39 -14.49
CA LYS F 531 39.77 -39.47 -15.59
C LYS F 531 39.02 -39.85 -16.87
N ALA F 532 38.24 -38.91 -17.38
CA ALA F 532 37.42 -39.13 -18.58
C ALA F 532 38.24 -38.91 -19.85
N SER F 533 39.27 -38.06 -19.78
CA SER F 533 40.20 -37.84 -20.91
C SER F 533 39.47 -37.55 -22.22
N ILE F 534 38.77 -36.44 -22.27
CA ILE F 534 38.02 -36.08 -23.46
C ILE F 534 38.58 -34.83 -24.13
N LEU F 535 39.39 -34.09 -23.39
CA LEU F 535 39.94 -32.83 -23.89
C LEU F 535 41.14 -33.13 -24.77
N PRO F 536 41.36 -32.31 -25.81
CA PRO F 536 42.61 -32.45 -26.55
C PRO F 536 43.77 -31.98 -25.69
N VAL F 537 44.99 -32.37 -26.04
CA VAL F 537 46.17 -31.93 -25.28
C VAL F 537 46.24 -30.41 -25.43
N SER F 538 46.13 -29.70 -24.31
CA SER F 538 46.02 -28.24 -24.32
C SER F 538 46.52 -27.61 -23.01
N ASN F 539 47.02 -26.38 -23.09
CA ASN F 539 47.46 -25.65 -21.88
C ASN F 539 46.28 -25.27 -20.97
N VAL F 540 45.06 -25.25 -21.50
CA VAL F 540 43.87 -24.90 -20.72
C VAL F 540 43.60 -25.87 -19.57
N THR F 541 44.12 -27.09 -19.66
CA THR F 541 44.03 -28.06 -18.55
C THR F 541 44.55 -27.47 -17.24
N LYS F 542 45.50 -26.53 -17.35
CA LYS F 542 46.20 -25.99 -16.18
C LYS F 542 45.86 -24.52 -15.83
N LEU F 543 44.82 -23.94 -16.43
CA LEU F 543 44.46 -22.54 -16.16
C LEU F 543 43.55 -22.38 -14.93
N PHE F 544 43.76 -21.28 -14.22
CA PHE F 544 42.98 -20.98 -13.04
C PHE F 544 41.54 -20.91 -13.53
N THR F 545 40.68 -21.78 -13.01
CA THR F 545 39.35 -21.96 -13.57
C THR F 545 38.25 -21.49 -12.63
N ASN F 546 37.35 -20.64 -13.11
CA ASN F 546 36.31 -20.04 -12.27
C ASN F 546 34.91 -20.61 -12.43
N CYS F 547 34.59 -21.13 -13.62
CA CYS F 547 33.25 -21.59 -13.92
C CYS F 547 33.14 -22.32 -15.26
N ILE F 548 32.14 -23.19 -15.32
CA ILE F 548 31.93 -24.13 -16.42
C ILE F 548 30.46 -24.12 -16.77
N TYR F 549 30.16 -24.03 -18.05
CA TYR F 549 28.77 -23.95 -18.50
C TYR F 549 28.59 -24.72 -19.82
N GLU F 550 27.62 -25.61 -19.86
CA GLU F 550 27.25 -26.26 -21.11
C GLU F 550 26.10 -25.49 -21.74
N ALA F 551 26.35 -24.96 -22.93
CA ALA F 551 25.33 -24.21 -23.66
C ALA F 551 24.30 -25.16 -24.20
N SER F 552 23.15 -24.61 -24.58
CA SER F 552 22.06 -25.41 -25.10
C SER F 552 22.42 -26.13 -26.42
N ASN F 553 23.36 -25.61 -27.19
CA ASN F 553 23.81 -26.30 -28.38
C ASN F 553 24.93 -27.31 -28.14
N GLY F 554 25.16 -27.72 -26.89
CA GLY F 554 26.16 -28.74 -26.60
C GLY F 554 27.58 -28.25 -26.33
N ILE F 555 27.99 -27.13 -26.91
CA ILE F 555 29.32 -26.61 -26.66
C ILE F 555 29.50 -26.26 -25.19
N ILE F 556 30.65 -26.59 -24.63
CA ILE F 556 30.95 -26.30 -23.23
C ILE F 556 31.84 -25.08 -23.12
N TRP F 557 31.49 -24.16 -22.22
CA TRP F 557 32.26 -22.93 -22.03
C TRP F 557 32.86 -22.88 -20.68
N VAL F 558 34.07 -22.30 -20.61
CA VAL F 558 34.86 -22.27 -19.38
C VAL F 558 35.46 -20.91 -19.16
N GLY F 559 35.17 -20.35 -18.00
CA GLY F 559 35.74 -19.06 -17.60
C GLY F 559 36.96 -19.22 -16.71
N THR F 560 38.01 -18.50 -17.06
CA THR F 560 39.30 -18.61 -16.40
C THR F 560 39.76 -17.21 -16.07
N ARG F 561 41.01 -17.10 -15.65
CA ARG F 561 41.61 -15.80 -15.37
C ARG F 561 42.49 -15.34 -16.52
N GLU F 562 42.45 -16.08 -17.63
CA GLU F 562 43.15 -15.70 -18.85
C GLU F 562 42.13 -15.59 -19.99
N GLY F 563 40.91 -15.17 -19.66
CA GLY F 563 39.85 -15.12 -20.66
C GLY F 563 38.95 -16.32 -20.53
N PHE F 564 38.38 -16.75 -21.64
CA PHE F 564 37.44 -17.88 -21.62
C PHE F 564 37.56 -18.65 -22.88
N TYR F 565 37.01 -19.86 -22.86
CA TYR F 565 37.10 -20.71 -24.02
C TYR F 565 35.95 -21.69 -24.16
N CYS F 566 35.80 -22.21 -25.38
CA CYS F 566 34.87 -23.32 -25.64
C CYS F 566 35.60 -24.58 -26.00
N PHE F 567 34.87 -25.67 -25.87
CA PHE F 567 35.36 -26.98 -26.17
C PHE F 567 34.24 -27.70 -26.91
N ASN F 568 34.51 -28.02 -28.17
CA ASN F 568 33.60 -28.73 -29.04
C ASN F 568 34.04 -30.20 -29.05
N GLU F 569 33.24 -31.04 -28.44
CA GLU F 569 33.60 -32.44 -28.22
C GLU F 569 33.63 -33.26 -29.52
N LYS F 570 32.70 -32.96 -30.43
CA LYS F 570 32.65 -33.61 -31.75
C LYS F 570 33.91 -33.38 -32.57
N ASP F 571 34.47 -32.17 -32.56
CA ASP F 571 35.70 -31.83 -33.29
C ASP F 571 36.98 -32.02 -32.47
N LYS F 572 36.84 -32.24 -31.17
CA LYS F 572 37.95 -32.13 -30.22
C LYS F 572 38.73 -30.83 -30.44
N GLN F 573 37.99 -29.74 -30.58
CA GLN F 573 38.51 -28.41 -30.92
C GLN F 573 38.25 -27.46 -29.72
N ILE F 574 39.28 -26.67 -29.37
CA ILE F 574 39.18 -25.64 -28.33
C ILE F 574 39.61 -24.29 -28.88
N LYS F 575 38.76 -23.27 -28.75
CA LYS F 575 39.11 -21.90 -29.15
C LYS F 575 39.01 -20.94 -27.93
N ARG F 576 40.06 -20.15 -27.72
CA ARG F 576 40.16 -19.24 -26.58
C ARG F 576 39.85 -17.82 -26.99
N TYR F 577 39.20 -17.07 -26.12
CA TYR F 577 39.01 -15.64 -26.32
C TYR F 577 39.54 -14.89 -25.10
N ASN F 578 40.01 -13.67 -25.32
CA ASN F 578 40.55 -12.83 -24.25
C ASN F 578 40.40 -11.36 -24.61
N THR F 579 41.12 -10.47 -23.95
CA THR F 579 40.87 -9.03 -24.12
C THR F 579 41.29 -8.55 -25.47
N THR F 580 42.24 -9.26 -26.11
CA THR F 580 42.67 -8.84 -27.43
C THR F 580 41.58 -9.12 -28.45
N ASN F 581 40.57 -9.92 -28.07
CA ASN F 581 39.42 -10.17 -28.95
C ASN F 581 38.22 -9.22 -28.78
N GLY F 582 38.22 -8.44 -27.70
CA GLY F 582 37.10 -7.54 -27.39
C GLY F 582 36.52 -7.70 -25.99
N LEU F 583 36.77 -8.85 -25.35
CA LEU F 583 36.42 -9.04 -23.93
C LEU F 583 36.99 -7.89 -23.13
N PRO F 584 36.21 -7.34 -22.20
CA PRO F 584 36.68 -6.14 -21.47
C PRO F 584 37.72 -6.39 -20.37
N ASN F 585 37.77 -7.61 -19.84
CA ASN F 585 38.73 -7.99 -18.78
C ASN F 585 38.89 -9.52 -18.78
N ASN F 586 40.09 -10.02 -18.47
CA ASN F 586 40.39 -11.47 -18.54
C ASN F 586 39.88 -12.36 -17.41
N VAL F 587 39.34 -11.76 -16.34
CA VAL F 587 38.84 -12.53 -15.21
C VAL F 587 37.36 -12.79 -15.43
N VAL F 588 37.00 -13.98 -15.90
CA VAL F 588 35.61 -14.30 -16.18
C VAL F 588 35.07 -15.14 -15.04
N TYR F 589 34.10 -14.60 -14.31
CA TYR F 589 33.55 -15.26 -13.12
C TYR F 589 32.36 -16.14 -13.44
N GLY F 590 31.54 -15.70 -14.39
CA GLY F 590 30.30 -16.38 -14.67
C GLY F 590 29.88 -16.29 -16.12
N ILE F 591 29.24 -17.36 -16.60
CA ILE F 591 28.72 -17.43 -17.96
C ILE F 591 27.27 -17.89 -17.92
N LEU F 592 26.37 -17.01 -18.37
CA LEU F 592 24.95 -17.31 -18.58
C LEU F 592 24.59 -17.23 -20.06
N GLU F 593 23.52 -17.88 -20.50
CA GLU F 593 23.10 -17.88 -21.92
C GLU F 593 21.74 -17.26 -22.11
N ASP F 594 21.57 -16.40 -23.13
CA ASP F 594 20.26 -15.78 -23.35
C ASP F 594 19.47 -16.58 -24.39
N SER F 595 18.22 -16.16 -24.64
CA SER F 595 17.38 -16.80 -25.66
C SER F 595 18.02 -16.84 -27.03
N PHE F 596 19.00 -15.98 -27.30
CA PHE F 596 19.65 -15.96 -28.61
C PHE F 596 20.89 -16.85 -28.70
N GLY F 597 21.20 -17.60 -27.65
CA GLY F 597 22.43 -18.39 -27.63
C GLY F 597 23.70 -17.57 -27.45
N ARG F 598 23.55 -16.32 -27.06
CA ARG F 598 24.71 -15.48 -26.69
C ARG F 598 25.07 -15.66 -25.23
N LEU F 599 26.34 -15.44 -24.93
CA LEU F 599 26.84 -15.68 -23.59
C LEU F 599 26.97 -14.36 -22.88
N TRP F 600 26.61 -14.32 -21.61
CA TRP F 600 26.75 -13.10 -20.84
C TRP F 600 27.78 -13.35 -19.78
N LEU F 601 28.88 -12.61 -19.81
CA LEU F 601 30.02 -12.91 -18.96
C LEU F 601 30.17 -11.80 -17.99
N SER F 602 30.39 -12.14 -16.71
CA SER F 602 30.71 -11.11 -15.70
C SER F 602 32.20 -11.11 -15.45
N THR F 603 32.80 -9.94 -15.28
CA THR F 603 34.28 -9.81 -15.20
C THR F 603 34.71 -8.80 -14.13
N ASN F 604 35.95 -8.34 -14.14
CA ASN F 604 36.39 -7.20 -13.30
C ASN F 604 36.23 -5.87 -14.02
N ARG F 605 35.85 -5.89 -15.30
CA ARG F 605 35.46 -4.64 -15.96
C ARG F 605 34.13 -4.78 -16.62
N GLY F 606 33.11 -4.93 -15.79
CA GLY F 606 31.74 -4.94 -16.25
C GLY F 606 31.27 -6.28 -16.75
N ILE F 607 30.26 -6.26 -17.61
CA ILE F 607 29.59 -7.44 -18.11
C ILE F 607 29.66 -7.44 -19.61
N SER F 608 29.83 -8.61 -20.21
CA SER F 608 30.08 -8.70 -21.62
C SER F 608 29.11 -9.65 -22.28
N CYS F 609 28.61 -9.26 -23.44
CA CYS F 609 27.77 -10.12 -24.22
C CYS F 609 28.61 -10.60 -25.40
N PHE F 610 28.73 -11.91 -25.49
CA PHE F 610 29.52 -12.52 -26.50
C PHE F 610 28.63 -13.27 -27.45
N ASN F 611 28.71 -12.94 -28.73
CA ASN F 611 28.00 -13.67 -29.76
C ASN F 611 28.93 -14.70 -30.37
N PRO F 612 28.70 -15.99 -30.07
CA PRO F 612 29.67 -17.01 -30.47
C PRO F 612 29.76 -17.22 -31.95
N GLU F 613 28.71 -16.86 -32.69
CA GLU F 613 28.69 -17.02 -34.15
C GLU F 613 29.43 -15.87 -34.87
N THR F 614 29.23 -14.62 -34.42
CA THR F 614 29.88 -13.46 -35.01
C THR F 614 31.26 -13.25 -34.40
N GLU F 615 31.49 -13.90 -33.26
CA GLU F 615 32.66 -13.68 -32.39
C GLU F 615 32.87 -12.23 -31.95
N LYS F 616 31.78 -11.46 -31.83
CA LYS F 616 31.86 -10.05 -31.44
C LYS F 616 31.30 -9.83 -30.03
N PHE F 617 31.76 -8.75 -29.39
CA PHE F 617 31.49 -8.46 -27.96
C PHE F 617 30.73 -7.15 -27.81
N ARG F 618 29.73 -7.12 -26.94
CA ARG F 618 29.09 -5.86 -26.51
C ARG F 618 29.25 -5.74 -25.01
N ASN F 619 29.88 -4.67 -24.58
CA ASN F 619 30.30 -4.52 -23.20
C ASN F 619 29.55 -3.41 -22.47
N PHE F 620 29.34 -3.63 -21.19
CA PHE F 620 28.68 -2.66 -20.34
C PHE F 620 29.54 -2.45 -19.11
N THR F 621 29.43 -1.26 -18.52
CA THR F 621 30.22 -0.87 -17.34
C THR F 621 29.32 -0.25 -16.26
N GLU F 622 29.92 0.16 -15.14
CA GLU F 622 29.17 0.80 -14.06
C GLU F 622 28.39 2.01 -14.59
N SER F 623 29.01 2.83 -15.43
CA SER F 623 28.32 4.01 -15.95
C SER F 623 27.11 3.69 -16.83
N ASP F 624 26.96 2.44 -17.27
CA ASP F 624 25.70 2.00 -17.88
C ASP F 624 24.63 1.61 -16.85
N GLY F 625 24.98 1.59 -15.57
CA GLY F 625 24.05 1.22 -14.52
C GLY F 625 24.33 -0.09 -13.82
N LEU F 626 25.46 -0.74 -14.13
CA LEU F 626 25.84 -1.97 -13.41
C LEU F 626 26.24 -1.61 -11.98
N GLN F 627 26.12 -2.60 -11.10
CA GLN F 627 26.38 -2.43 -9.65
C GLN F 627 27.77 -1.87 -9.37
N SER F 628 28.74 -2.33 -10.14
CA SER F 628 30.12 -1.88 -10.09
C SER F 628 30.74 -2.52 -11.33
N ASN F 629 31.91 -2.08 -11.75
CA ASN F 629 32.68 -2.82 -12.74
C ASN F 629 33.20 -4.14 -12.15
N GLN F 630 33.38 -4.23 -10.83
CA GLN F 630 33.92 -5.48 -10.29
C GLN F 630 32.78 -6.43 -9.89
N PHE F 631 32.76 -7.59 -10.53
CA PHE F 631 31.81 -8.65 -10.21
C PHE F 631 32.53 -9.66 -9.36
N ASN F 632 31.89 -10.76 -9.00
CA ASN F 632 32.45 -11.63 -7.98
C ASN F 632 32.27 -13.11 -8.25
N THR F 633 33.15 -13.88 -7.63
CA THR F 633 33.19 -15.33 -7.76
C THR F 633 31.85 -15.97 -7.52
N ALA F 634 31.44 -16.81 -8.47
CA ALA F 634 30.28 -17.67 -8.35
C ALA F 634 28.96 -16.90 -8.32
N SER F 635 29.01 -15.58 -8.55
CA SER F 635 27.81 -14.72 -8.43
C SER F 635 27.12 -14.51 -9.76
N TYR F 636 26.35 -15.50 -10.18
CA TYR F 636 25.65 -15.46 -11.46
C TYR F 636 24.50 -16.44 -11.47
N CYS F 637 23.40 -16.07 -12.11
CA CYS F 637 22.21 -16.92 -12.14
C CYS F 637 21.22 -16.47 -13.18
N ARG F 638 20.80 -17.39 -14.02
CA ARG F 638 19.69 -17.18 -14.94
C ARG F 638 18.52 -17.92 -14.36
N THR F 639 17.40 -17.24 -14.16
CA THR F 639 16.27 -17.92 -13.54
C THR F 639 15.46 -18.68 -14.57
N SER F 640 14.54 -19.51 -14.10
CA SER F 640 13.65 -20.28 -14.97
C SER F 640 12.74 -19.41 -15.83
N VAL F 641 12.63 -18.12 -15.53
CA VAL F 641 11.86 -17.20 -16.40
C VAL F 641 12.75 -16.27 -17.22
N GLY F 642 14.01 -16.66 -17.45
CA GLY F 642 14.95 -15.83 -18.22
C GLY F 642 15.63 -14.60 -17.59
N GLN F 643 15.34 -14.29 -16.33
CA GLN F 643 15.98 -13.13 -15.69
C GLN F 643 17.40 -13.51 -15.31
N MET F 644 18.34 -12.62 -15.60
CA MET F 644 19.74 -12.80 -15.20
C MET F 644 20.10 -11.97 -13.99
N TYR F 645 20.95 -12.52 -13.13
CA TYR F 645 21.52 -11.82 -11.99
C TYR F 645 23.03 -12.02 -11.97
N PHE F 646 23.78 -10.95 -11.74
CA PHE F 646 25.22 -11.03 -11.54
C PHE F 646 25.58 -10.22 -10.30
N GLY F 647 26.28 -10.83 -9.33
CA GLY F 647 26.66 -10.14 -8.11
C GLY F 647 28.09 -9.62 -8.11
N GLY F 648 28.34 -8.55 -7.37
CA GLY F 648 29.67 -7.98 -7.25
C GLY F 648 30.00 -7.51 -5.85
N ILE F 649 30.74 -6.44 -5.78
CA ILE F 649 31.21 -5.92 -4.51
C ILE F 649 30.23 -4.83 -4.02
N ASN F 650 29.36 -4.37 -4.92
CA ASN F 650 28.38 -3.36 -4.59
C ASN F 650 26.96 -3.84 -4.95
N GLY F 651 26.66 -5.07 -4.60
CA GLY F 651 25.31 -5.61 -4.74
C GLY F 651 25.12 -6.35 -6.04
N ILE F 652 23.86 -6.57 -6.42
CA ILE F 652 23.52 -7.41 -7.56
C ILE F 652 22.90 -6.60 -8.68
N THR F 653 23.26 -6.93 -9.92
CA THR F 653 22.63 -6.35 -11.10
C THR F 653 21.75 -7.40 -11.74
N THR F 654 20.50 -7.02 -12.00
CA THR F 654 19.56 -7.92 -12.62
C THR F 654 18.94 -7.25 -13.85
N PHE F 655 18.69 -8.06 -14.87
CA PHE F 655 18.12 -7.60 -16.10
C PHE F 655 17.63 -8.77 -16.91
N ARG F 656 16.89 -8.45 -17.96
CA ARG F 656 16.53 -9.43 -18.98
C ARG F 656 17.18 -8.98 -20.28
N PRO F 657 18.11 -9.79 -20.81
CA PRO F 657 18.83 -9.46 -22.04
C PRO F 657 17.92 -9.06 -23.17
N GLU F 658 16.76 -9.69 -23.27
CA GLU F 658 15.89 -9.49 -24.41
C GLU F 658 15.03 -8.23 -24.26
N LEU F 659 15.14 -7.55 -23.12
CA LEU F 659 14.45 -6.28 -22.90
C LEU F 659 15.41 -5.10 -22.86
N LEU F 660 16.69 -5.32 -23.14
CA LEU F 660 17.63 -4.19 -23.22
C LEU F 660 17.30 -3.39 -24.49
N LEU F 661 17.06 -2.10 -24.35
CA LEU F 661 16.97 -1.20 -25.50
C LEU F 661 18.10 -0.20 -25.37
N ASP F 662 18.63 0.25 -26.50
CA ASP F 662 19.70 1.23 -26.47
C ASP F 662 19.09 2.62 -26.54
N ASN F 663 19.86 3.61 -26.13
CA ASN F 663 19.49 5.00 -26.27
C ASN F 663 19.29 5.29 -27.75
N PRO F 664 18.09 5.68 -28.14
CA PRO F 664 17.91 6.02 -29.56
C PRO F 664 18.42 7.42 -29.94
N TYR F 665 18.71 8.27 -28.96
CA TYR F 665 18.87 9.69 -29.24
C TYR F 665 20.29 10.05 -29.58
N THR F 666 20.46 10.84 -30.64
CA THR F 666 21.80 11.21 -31.09
C THR F 666 21.80 12.71 -31.42
N PRO F 667 21.88 13.57 -30.38
CA PRO F 667 21.75 15.00 -30.64
C PRO F 667 22.94 15.51 -31.37
N PRO F 668 22.83 16.73 -31.91
CA PRO F 668 23.99 17.35 -32.53
C PRO F 668 24.95 17.93 -31.50
N VAL F 669 26.21 17.99 -31.88
CA VAL F 669 27.19 18.68 -31.08
C VAL F 669 26.95 20.18 -31.21
N VAL F 670 27.02 20.84 -30.07
CA VAL F 670 27.04 22.30 -29.98
C VAL F 670 28.46 22.68 -29.58
N ILE F 671 28.99 23.70 -30.25
CA ILE F 671 30.29 24.25 -29.92
C ILE F 671 30.04 25.30 -28.86
N THR F 672 30.71 25.16 -27.73
CA THR F 672 30.39 25.97 -26.56
C THR F 672 31.45 27.00 -26.21
N LYS F 673 32.71 26.76 -26.49
CA LYS F 673 33.74 27.75 -26.09
C LYS F 673 34.84 27.87 -27.15
N LEU F 674 35.22 29.11 -27.46
CA LEU F 674 36.41 29.39 -28.29
C LEU F 674 37.41 30.09 -27.41
N GLN F 675 38.65 29.59 -27.37
CA GLN F 675 39.74 30.28 -26.67
C GLN F 675 40.76 30.73 -27.69
N LEU F 676 41.30 31.91 -27.49
CA LEU F 676 42.48 32.35 -28.24
C LEU F 676 43.60 32.51 -27.22
N PHE F 677 44.78 31.96 -27.52
CA PHE F 677 45.89 31.92 -26.56
C PHE F 677 45.41 31.62 -25.12
N ASN F 678 44.58 30.60 -24.98
CA ASN F 678 44.07 30.18 -23.66
C ASN F 678 43.17 31.21 -22.93
N LYS F 679 42.75 32.30 -23.58
CA LYS F 679 41.74 33.25 -23.03
C LYS F 679 40.39 33.10 -23.77
N VAL F 680 39.29 32.97 -23.04
CA VAL F 680 37.99 32.79 -23.70
C VAL F 680 37.69 34.00 -24.57
N VAL F 681 37.17 33.75 -25.77
CA VAL F 681 36.71 34.78 -26.70
C VAL F 681 35.21 35.06 -26.50
N ARG F 682 34.87 36.35 -26.42
CA ARG F 682 33.46 36.74 -26.24
C ARG F 682 32.97 37.75 -27.27
N PRO F 683 31.68 37.67 -27.65
CA PRO F 683 31.09 38.55 -28.62
C PRO F 683 31.51 39.96 -28.37
N ASP F 684 31.87 40.68 -29.42
CA ASP F 684 32.16 42.10 -29.29
C ASP F 684 33.37 42.44 -28.42
N ASP F 685 34.13 41.43 -27.95
CA ASP F 685 35.38 41.69 -27.24
C ASP F 685 36.46 42.19 -28.19
N GLU F 686 37.63 42.50 -27.66
CA GLU F 686 38.67 43.20 -28.42
C GLU F 686 39.35 42.38 -29.54
N THR F 687 39.09 41.08 -29.58
CA THR F 687 39.70 40.23 -30.60
C THR F 687 39.06 40.38 -31.96
N GLY F 688 37.82 40.89 -32.01
CA GLY F 688 37.05 41.02 -33.27
C GLY F 688 36.61 39.71 -33.92
N ILE F 689 36.74 38.59 -33.22
CA ILE F 689 36.51 37.29 -33.82
C ILE F 689 35.01 36.95 -33.81
N LEU F 690 34.38 37.09 -32.65
CA LEU F 690 32.96 36.79 -32.52
C LEU F 690 32.12 38.04 -32.43
N THR F 691 31.04 38.05 -33.20
CA THR F 691 29.99 39.05 -33.14
C THR F 691 28.73 38.44 -32.50
N LYS F 692 28.67 37.10 -32.48
CA LYS F 692 27.67 36.32 -31.77
C LYS F 692 28.33 35.19 -30.99
N ASN F 693 27.58 34.64 -30.06
CA ASN F 693 28.00 33.46 -29.33
C ASN F 693 28.51 32.38 -30.29
N ILE F 694 29.55 31.72 -29.85
CA ILE F 694 30.19 30.68 -30.65
C ILE F 694 29.21 29.56 -30.99
N SER F 695 28.20 29.35 -30.14
CA SER F 695 27.16 28.35 -30.44
C SER F 695 26.31 28.72 -31.62
N GLU F 696 26.15 30.02 -31.88
CA GLU F 696 25.34 30.54 -32.99
C GLU F 696 26.17 30.86 -34.23
N THR F 697 27.46 30.59 -34.21
CA THR F 697 28.38 31.11 -35.22
C THR F 697 28.71 30.09 -36.32
N LYS F 698 28.53 30.51 -37.56
CA LYS F 698 28.86 29.68 -38.70
C LYS F 698 30.34 29.77 -39.08
N SER F 699 30.94 30.95 -38.91
CA SER F 699 32.30 31.21 -39.38
C SER F 699 33.10 32.20 -38.51
N ILE F 700 34.38 31.91 -38.34
CA ILE F 700 35.29 32.84 -37.71
C ILE F 700 36.46 33.13 -38.63
N THR F 701 36.99 34.32 -38.51
CA THR F 701 38.15 34.75 -39.29
C THR F 701 39.24 35.10 -38.32
N LEU F 702 40.40 34.47 -38.46
CA LEU F 702 41.54 34.77 -37.59
C LEU F 702 42.58 35.59 -38.33
N LYS F 703 43.10 36.62 -37.66
CA LYS F 703 44.14 37.45 -38.23
C LYS F 703 45.44 36.69 -38.13
N SER F 704 46.47 37.17 -38.83
CA SER F 704 47.73 36.44 -38.93
C SER F 704 48.37 36.29 -37.57
N TRP F 705 48.16 37.26 -36.70
CA TRP F 705 48.66 37.17 -35.32
C TRP F 705 47.78 36.40 -34.37
N GLN F 706 46.58 35.99 -34.80
CA GLN F 706 45.69 35.18 -33.94
C GLN F 706 45.92 33.70 -34.20
N THR F 707 47.01 33.14 -33.64
CA THR F 707 47.64 31.91 -34.19
C THR F 707 47.42 30.60 -33.44
N ALA F 708 47.02 30.68 -32.17
CA ALA F 708 46.76 29.50 -31.33
C ALA F 708 45.39 29.60 -30.68
N PHE F 709 44.57 28.59 -30.91
CA PHE F 709 43.20 28.56 -30.43
C PHE F 709 42.72 27.16 -30.06
N SER F 710 41.63 27.10 -29.32
CA SER F 710 41.00 25.83 -28.98
C SER F 710 39.49 25.91 -29.10
N ILE F 711 38.87 24.79 -29.43
CA ILE F 711 37.43 24.71 -29.59
C ILE F 711 36.89 23.69 -28.62
N GLU F 712 36.02 24.13 -27.71
CA GLU F 712 35.34 23.22 -26.79
C GLU F 712 33.95 22.98 -27.32
N PHE F 713 33.50 21.74 -27.24
CA PHE F 713 32.16 21.40 -27.71
C PHE F 713 31.44 20.47 -26.71
N VAL F 714 30.17 20.17 -26.97
CA VAL F 714 29.37 19.35 -26.06
C VAL F 714 28.25 18.71 -26.83
N VAL F 715 27.67 17.68 -26.25
CA VAL F 715 26.40 17.14 -26.72
C VAL F 715 25.56 16.99 -25.48
N SER F 716 24.26 17.29 -25.60
CA SER F 716 23.31 17.23 -24.48
C SER F 716 22.43 15.98 -24.58
N ASN F 717 22.92 14.87 -24.07
CA ASN F 717 22.23 13.60 -24.16
C ASN F 717 22.08 13.10 -22.77
N TYR F 718 20.96 13.44 -22.16
CA TYR F 718 20.83 13.28 -20.72
C TYR F 718 20.72 11.80 -20.39
N ILE F 719 20.15 11.01 -21.29
CA ILE F 719 20.13 9.56 -21.10
C ILE F 719 21.54 9.01 -20.95
N SER F 720 22.48 9.39 -21.82
CA SER F 720 23.86 8.91 -21.73
C SER F 720 24.79 9.63 -20.74
N GLY F 721 24.34 10.76 -20.21
CA GLY F 721 25.17 11.56 -19.31
C GLY F 721 26.41 12.08 -20.00
N GLN F 722 27.55 11.88 -19.38
CA GLN F 722 28.81 12.39 -19.90
C GLN F 722 29.66 11.31 -20.60
N HIS F 723 29.01 10.22 -21.01
CA HIS F 723 29.65 9.11 -21.73
C HIS F 723 29.16 9.11 -23.16
N ASN F 724 29.83 9.93 -23.97
CA ASN F 724 29.60 10.08 -25.40
C ASN F 724 30.95 10.04 -26.06
N THR F 725 30.97 9.72 -27.35
CA THR F 725 32.20 9.75 -28.12
C THR F 725 32.07 10.83 -29.18
N PHE F 726 33.08 11.68 -29.29
CA PHE F 726 33.14 12.72 -30.29
C PHE F 726 34.12 12.29 -31.38
N ALA F 727 33.82 12.67 -32.61
CA ALA F 727 34.71 12.51 -33.71
C ALA F 727 34.86 13.89 -34.32
N TYR F 728 36.10 14.30 -34.62
CA TYR F 728 36.37 15.62 -35.18
C TYR F 728 37.41 15.61 -36.32
N LYS F 729 37.33 16.60 -37.21
CA LYS F 729 38.27 16.75 -38.29
C LYS F 729 38.32 18.20 -38.71
N LEU F 730 39.52 18.76 -38.80
CA LEU F 730 39.68 20.08 -39.39
C LEU F 730 39.93 19.86 -40.87
N GLU F 731 38.84 19.91 -41.64
CA GLU F 731 38.86 19.71 -43.09
C GLU F 731 39.83 20.71 -43.72
N GLY F 732 40.66 20.24 -44.65
CA GLY F 732 41.77 21.02 -45.15
C GLY F 732 43.03 21.02 -44.29
N TYR F 733 43.01 20.44 -43.08
CA TYR F 733 44.26 20.30 -42.31
C TYR F 733 44.43 18.86 -41.84
N ASP F 734 43.63 18.44 -40.85
CA ASP F 734 43.70 17.09 -40.25
C ASP F 734 43.70 16.05 -41.37
N LYS F 735 44.62 15.10 -41.28
CA LYS F 735 44.70 14.04 -42.28
C LYS F 735 43.47 13.08 -42.21
N GLU F 736 42.85 12.95 -41.04
CA GLU F 736 41.74 11.99 -40.83
C GLU F 736 40.87 12.41 -39.65
N TRP F 737 39.77 11.72 -39.43
CA TRP F 737 38.95 11.96 -38.24
C TRP F 737 39.63 11.44 -37.02
N TYR F 738 39.37 12.07 -35.87
CA TYR F 738 39.95 11.67 -34.58
C TYR F 738 38.84 11.63 -33.55
N TYR F 739 39.09 10.90 -32.46
CA TYR F 739 38.08 10.58 -31.48
C TYR F 739 38.47 11.05 -30.09
N LEU F 740 37.47 11.44 -29.29
CA LEU F 740 37.66 11.75 -27.88
C LEU F 740 36.52 11.19 -27.04
N THR F 741 36.85 10.88 -25.78
CA THR F 741 35.89 10.40 -24.76
C THR F 741 36.17 10.91 -23.34
N ASP F 742 37.40 11.24 -23.01
CA ASP F 742 37.72 11.76 -21.67
C ASP F 742 37.91 13.27 -21.74
N SER F 743 37.62 13.85 -22.90
CA SER F 743 37.88 15.26 -23.16
C SER F 743 36.98 15.73 -24.30
N ARG F 744 36.83 17.03 -24.45
CA ARG F 744 36.01 17.60 -25.52
C ARG F 744 36.56 19.00 -25.93
N THR F 745 37.84 19.04 -26.26
CA THR F 745 38.54 20.27 -26.59
C THR F 745 39.61 19.92 -27.60
N VAL F 746 39.74 20.74 -28.63
CA VAL F 746 40.79 20.54 -29.61
C VAL F 746 41.49 21.85 -29.77
N SER F 747 42.81 21.77 -29.93
CA SER F 747 43.66 22.94 -30.12
C SER F 747 44.40 22.89 -31.44
N TYR F 748 44.55 24.04 -32.05
CA TYR F 748 45.27 24.13 -33.30
C TYR F 748 46.26 25.26 -33.22
N SER F 749 47.35 25.18 -33.95
CA SER F 749 48.38 26.19 -33.86
C SER F 749 49.07 26.42 -35.20
N ASN F 750 49.33 27.67 -35.51
CA ASN F 750 50.04 28.05 -36.73
C ASN F 750 49.50 27.33 -37.94
N LEU F 751 48.20 27.37 -38.15
CA LEU F 751 47.64 26.82 -39.36
C LEU F 751 48.18 27.69 -40.49
N PRO F 752 48.53 27.08 -41.63
CA PRO F 752 48.88 27.89 -42.77
C PRO F 752 47.63 28.55 -43.31
N GLN F 753 47.79 29.69 -43.95
CA GLN F 753 46.66 30.46 -44.44
C GLN F 753 45.71 29.66 -45.31
N GLY F 754 44.43 29.98 -45.21
CA GLY F 754 43.41 29.38 -46.03
C GLY F 754 42.09 29.27 -45.28
N THR F 755 41.17 28.53 -45.89
CA THR F 755 39.83 28.31 -45.37
C THR F 755 39.69 26.85 -44.95
N TYR F 756 39.32 26.65 -43.69
CA TYR F 756 39.14 25.33 -43.11
C TYR F 756 37.69 25.14 -42.68
N GLN F 757 37.29 23.90 -42.44
CA GLN F 757 35.99 23.59 -41.87
C GLN F 757 36.19 22.64 -40.71
N PHE F 758 35.90 23.09 -39.51
CA PHE F 758 35.96 22.21 -38.35
C PHE F 758 34.65 21.44 -38.26
N LEU F 759 34.73 20.11 -38.36
CA LEU F 759 33.54 19.25 -38.29
C LEU F 759 33.64 18.37 -37.04
N VAL F 760 32.51 18.12 -36.41
CA VAL F 760 32.46 17.39 -35.17
C VAL F 760 31.09 16.73 -35.00
N LYS F 761 31.09 15.44 -34.68
CA LYS F 761 29.86 14.71 -34.39
C LYS F 761 30.06 13.83 -33.20
N ALA F 762 28.97 13.29 -32.69
CA ALA F 762 28.96 12.57 -31.44
C ALA F 762 28.15 11.29 -31.57
N ALA F 763 28.63 10.25 -30.90
CA ALA F 763 27.87 9.02 -30.67
C ALA F 763 27.51 8.94 -29.18
N ASN F 764 26.30 8.46 -28.90
CA ASN F 764 25.87 8.23 -27.52
C ASN F 764 26.58 7.02 -26.89
N SER F 765 26.35 6.82 -25.59
CA SER F 765 26.98 5.73 -24.82
C SER F 765 26.75 4.38 -25.44
N ASP F 766 25.69 4.21 -26.23
CA ASP F 766 25.41 2.93 -26.88
C ASP F 766 25.95 2.83 -28.30
N GLY F 767 26.78 3.79 -28.67
CA GLY F 767 27.54 3.75 -29.91
C GLY F 767 26.78 4.22 -31.12
N LYS F 768 25.67 4.88 -30.90
CA LYS F 768 24.83 5.32 -32.01
C LYS F 768 25.23 6.76 -32.42
N TRP F 769 25.70 6.93 -33.66
CA TRP F 769 26.16 8.23 -34.18
C TRP F 769 25.09 9.12 -34.70
N ASN F 770 25.28 10.42 -34.50
CA ASN F 770 24.61 11.41 -35.32
C ASN F 770 25.44 11.57 -36.58
N PRO F 771 24.86 11.26 -37.75
CA PRO F 771 25.66 11.30 -39.00
C PRO F 771 25.85 12.70 -39.60
N ILE F 772 25.12 13.70 -39.11
CA ILE F 772 25.26 15.07 -39.60
C ILE F 772 26.12 15.89 -38.63
N PRO F 773 27.37 16.20 -39.03
CA PRO F 773 28.28 16.91 -38.13
C PRO F 773 27.99 18.40 -38.07
N THR F 774 28.27 19.01 -36.93
CA THR F 774 28.25 20.43 -36.77
C THR F 774 29.54 20.97 -37.40
N ALA F 775 29.41 22.11 -38.08
CA ALA F 775 30.51 22.66 -38.86
C ALA F 775 30.79 24.11 -38.46
N LEU F 776 32.06 24.46 -38.33
CA LEU F 776 32.46 25.84 -38.11
C LEU F 776 33.56 26.14 -39.11
N GLU F 777 33.36 27.21 -39.87
CA GLU F 777 34.33 27.60 -40.85
C GLU F 777 35.42 28.42 -40.18
N ILE F 778 36.66 28.20 -40.59
CA ILE F 778 37.79 28.89 -40.00
C ILE F 778 38.66 29.46 -41.11
N ILE F 779 38.60 30.79 -41.24
CA ILE F 779 39.41 31.50 -42.21
C ILE F 779 40.67 31.99 -41.50
N VAL F 780 41.83 31.55 -41.99
CA VAL F 780 43.12 31.93 -41.42
C VAL F 780 43.78 32.90 -42.38
N LEU F 781 43.78 34.18 -42.04
CA LEU F 781 44.34 35.21 -42.94
C LEU F 781 45.86 35.11 -43.04
N PRO F 782 46.41 35.47 -44.19
CA PRO F 782 47.86 35.65 -44.29
C PRO F 782 48.38 36.95 -43.63
N ILE F 783 49.70 37.13 -43.66
CA ILE F 783 50.37 38.39 -43.25
C ILE F 783 50.36 39.40 -44.40
C1 PGE G . -10.22 -22.70 -10.27
O1 PGE G . -9.04 -22.17 -10.89
C2 PGE G . -10.23 -24.22 -10.47
O2 PGE G . -11.30 -24.61 -11.34
C3 PGE G . -11.84 -25.92 -11.13
C4 PGE G . -10.79 -27.04 -11.13
O4 PGE G . -7.92 -28.62 -10.58
C6 PGE G . -7.92 -27.82 -11.76
C5 PGE G . -9.19 -28.13 -12.54
O3 PGE G . -10.13 -27.06 -12.41
C1 PGE H . -13.13 -33.96 -2.19
O1 PGE H . -11.98 -34.10 -1.31
C2 PGE H . -13.84 -35.28 -2.54
O2 PGE H . -13.18 -35.94 -3.64
C3 PGE H . -13.84 -37.08 -4.19
C4 PGE H . -12.85 -38.21 -4.48
O4 PGE H . -11.83 -42.09 -1.97
C6 PGE H . -12.75 -41.67 -2.97
C5 PGE H . -12.23 -40.38 -3.60
O3 PGE H . -13.29 -39.43 -3.85
C1 EDO I . 4.66 -38.19 -18.87
O1 EDO I . 4.26 -38.32 -17.48
C2 EDO I . 5.95 -38.96 -19.12
O2 EDO I . 6.42 -38.75 -20.46
C1 PEG J . 3.20 -9.92 -20.04
O1 PEG J . 4.56 -9.86 -19.56
C2 PEG J . 2.92 -11.28 -20.67
O2 PEG J . 1.57 -11.63 -20.42
C3 PEG J . 1.36 -12.99 -19.98
C4 PEG J . 1.61 -13.20 -18.48
O4 PEG J . 2.72 -14.10 -18.28
C1 PEG K . -32.61 -15.69 -57.36
O1 PEG K . -32.48 -14.44 -56.68
C2 PEG K . -31.28 -16.10 -58.02
O2 PEG K . -31.48 -17.14 -59.01
O1 PG4 L . -16.99 -26.82 -71.77
C1 PG4 L . -18.33 -26.73 -71.24
C2 PG4 L . -18.34 -27.17 -69.78
O2 PG4 L . -19.09 -26.22 -69.02
C3 PG4 L . -19.05 -26.40 -67.60
C4 PG4 L . -17.81 -25.79 -66.95
O3 PG4 L . -17.64 -26.29 -65.62
C5 PG4 L . -16.33 -26.13 -65.09
C6 PG4 L . -15.36 -27.22 -65.61
O4 PG4 L . -13.99 -26.80 -65.57
C7 PG4 L . -13.65 -25.86 -66.60
C8 PG4 L . -12.14 -25.74 -66.80
O5 PG4 L . -11.72 -24.36 -66.84
C1 PGE M . -8.55 -9.14 -62.27
O1 PGE M . -9.76 -8.43 -61.96
C2 PGE M . -8.00 -9.87 -61.04
O2 PGE M . -6.57 -9.75 -60.93
C3 PGE M . -6.07 -9.10 -59.76
C4 PGE M . -4.98 -8.11 -60.13
O4 PGE M . -6.46 -3.96 -61.96
C6 PGE M . -5.81 -4.54 -60.82
C5 PGE M . -5.47 -5.99 -61.12
O3 PGE M . -5.41 -6.76 -59.91
C1 EDO N . -47.02 -31.83 -32.33
O1 EDO N . -46.70 -32.56 -31.14
C2 EDO N . -46.85 -32.74 -33.54
O2 EDO N . -47.13 -34.11 -33.22
C1 EDO O . -14.10 -40.72 -74.96
O1 EDO O . -15.25 -40.26 -75.69
C2 EDO O . -14.18 -42.24 -74.77
O2 EDO O . -13.75 -42.91 -75.97
O1 MES P . -40.26 -28.52 -25.73
C2 MES P . -41.26 -27.75 -26.41
C3 MES P . -41.23 -28.09 -27.89
N4 MES P . -39.84 -27.92 -28.42
C5 MES P . -38.73 -27.59 -27.48
C6 MES P . -38.91 -28.16 -26.07
C7 MES P . -39.51 -28.30 -29.81
C8 MES P . -40.72 -28.02 -30.71
S MES P . -40.50 -27.96 -32.36
O1S MES P . -39.00 -27.91 -32.24
O2S MES P . -40.19 -29.18 -33.17
O3S MES P . -40.59 -26.57 -33.00
C1 PEG Q . 14.91 61.89 53.52
O1 PEG Q . 14.55 62.94 52.62
C2 PEG Q . 16.36 61.51 53.29
O2 PEG Q . 16.42 60.29 52.55
C1 PEG R . -28.49 57.61 38.57
O1 PEG R . -28.72 56.87 39.78
C2 PEG R . -27.08 57.40 38.01
O2 PEG R . -26.27 56.64 38.93
C3 PEG R . -25.55 57.44 39.87
C4 PEG R . -24.23 57.94 39.30
O4 PEG R . -23.18 57.05 39.71
C1 EDO S . -19.54 64.53 63.11
O1 EDO S . -20.64 65.21 62.52
C2 EDO S . -18.28 65.39 62.99
O2 EDO S . -17.11 64.55 63.12
C1 PEG T . -12.16 69.15 45.31
O1 PEG T . -12.44 67.93 44.61
C2 PEG T . -11.96 68.83 46.80
O2 PEG T . -12.62 69.76 47.67
C3 PEG T . -11.79 70.55 48.54
C4 PEG T . -12.41 71.94 48.82
O4 PEG T . -12.80 72.05 50.21
O1 OAA U . -35.42 36.12 45.06
O2 OAA U . -37.10 36.37 46.43
O4 OAA U . -34.83 32.32 48.15
O5 OAA U . -33.86 31.54 46.34
O3 OAA U . -33.24 34.48 46.42
C1 OAA U . -36.07 35.77 46.08
C2 OAA U . -35.62 34.63 46.95
C3 OAA U . -34.49 33.80 46.32
C4 OAA U . -34.38 32.47 46.99
O1 OAA V . -37.25 30.58 48.30
O2 OAA V . -39.11 31.68 47.92
O4 OAA V . -37.68 29.34 53.25
O5 OAA V . -39.73 29.50 52.50
O3 OAA V . -36.76 30.72 51.04
C1 OAA V . -38.39 30.97 48.66
C2 OAA V . -38.94 30.58 50.02
C3 OAA V . -37.93 29.87 50.92
C4 OAA V . -38.49 29.56 52.31
C1 PEG W . 9.34 -18.12 25.32
O1 PEG W . 10.40 -17.79 26.23
C2 PEG W . 9.51 -19.52 24.70
O2 PEG W . 10.73 -19.63 23.97
C1 PEG X . 12.38 -5.92 36.78
O1 PEG X . 12.31 -5.75 35.35
C2 PEG X . 13.37 -4.90 37.33
O2 PEG X . 14.06 -5.40 38.48
C3 PEG X . 15.06 -6.39 38.19
C4 PEG X . 16.29 -6.11 39.06
O4 PEG X . 16.29 -7.00 40.17
C1 PEG Y . 4.47 -11.39 44.87
O1 PEG Y . 4.71 -11.61 43.48
C2 PEG Y . 5.46 -12.17 45.74
O2 PEG Y . 4.76 -13.20 46.45
C1 EDO Z . -1.29 12.29 68.96
O1 EDO Z . -2.30 12.90 69.79
C2 EDO Z . -1.96 11.33 67.97
O2 EDO Z . -0.97 10.45 67.42
O1 2PE AA . -12.31 -4.33 55.69
C2 2PE AA . -11.05 -4.44 56.37
C3 2PE AA . -10.16 -5.56 55.81
O4 2PE AA . -9.64 -5.32 54.49
C5 2PE AA . -8.24 -5.60 54.39
C6 2PE AA . -7.70 -5.32 52.98
O7 2PE AA . -7.16 -4.00 52.86
C8 2PE AA . -5.79 -3.91 53.29
C9 2PE AA . -5.39 -2.44 53.38
O10 2PE AA . -5.31 -2.06 54.75
C11 2PE AA . -4.00 -1.78 55.27
C12 2PE AA . -3.73 -2.69 56.46
O13 2PE AA . -2.40 -3.20 56.39
C14 2PE AA . -2.23 -4.31 55.47
C15 2PE AA . -1.16 -5.27 56.01
O16 2PE AA . -1.61 -6.61 55.78
C17 2PE AA . -1.22 -7.56 56.76
C18 2PE AA . -2.44 -8.38 57.17
O19 2PE AA . -2.98 -9.01 56.00
C1 PEG BA . 1.99 40.34 94.34
O1 PEG BA . 1.83 41.19 93.20
C2 PEG BA . 2.85 39.12 93.98
O2 PEG BA . 3.78 39.47 92.95
O1 MES CA . -4.72 43.25 54.90
C2 MES CA . -4.22 42.56 53.74
C3 MES CA . -3.47 41.30 54.18
N4 MES CA . -2.31 41.74 54.98
C5 MES CA . -2.36 43.03 55.69
C6 MES CA . -3.82 43.38 56.03
C7 MES CA . -1.21 40.80 55.20
C8 MES CA . -1.58 39.66 56.16
S MES CA . -1.07 38.14 55.65
O1S MES CA . 0.29 38.56 56.09
O2S MES CA . -0.93 37.11 56.72
O3S MES CA . -0.44 37.92 54.29
C1 PEG DA . 29.13 33.04 26.31
O1 PEG DA . 27.91 33.23 27.04
C2 PEG DA . 29.81 31.77 26.83
O2 PEG DA . 30.52 32.05 28.03
C3 PEG DA . 31.17 30.88 28.56
C4 PEG DA . 32.07 31.26 29.75
O4 PEG DA . 33.41 31.51 29.31
C1 PGE EA . 34.33 40.08 21.06
O1 PGE EA . 33.84 41.29 20.47
C2 PGE EA . 35.68 39.67 20.44
O2 PGE EA . 35.60 38.46 19.67
C3 PGE EA . 36.71 38.20 18.82
C4 PGE EA . 37.93 37.74 19.62
O3 PGE EA . 39.00 38.69 19.49
O1 OAA FA . 58.63 10.44 6.04
O2 OAA FA . 59.18 12.56 6.02
O4 OAA FA . 57.57 14.45 9.33
O5 OAA FA . 55.52 14.70 8.67
O3 OAA FA . 56.65 14.01 5.97
C1 OAA FA . 58.45 11.62 6.40
C2 OAA FA . 57.28 11.93 7.32
C3 OAA FA . 56.96 13.43 7.25
C4 OAA FA . 56.67 14.24 8.50
O1 MES GA . 38.02 -15.57 1.03
C2 MES GA . 37.95 -15.50 2.45
C3 MES GA . 38.37 -14.15 3.03
N4 MES GA . 38.20 -13.02 2.09
C5 MES GA . 37.90 -13.24 0.67
C6 MES GA . 37.23 -14.58 0.41
C7 MES GA . 38.30 -11.64 2.55
C8 MES GA . 38.22 -11.43 4.05
S MES GA . 39.48 -10.44 4.49
O1S MES GA . 39.93 -11.45 5.50
O2S MES GA . 40.92 -10.56 4.10
O3S MES GA . 38.93 -9.52 5.52
C1 PGE HA . 32.92 9.77 -41.82
O1 PGE HA . 32.15 10.79 -42.47
C2 PGE HA . 33.44 10.21 -40.44
O2 PGE HA . 32.76 9.51 -39.38
C3 PGE HA . 33.58 8.99 -38.32
C4 PGE HA . 32.84 7.85 -37.61
O4 PGE HA . 28.63 8.40 -39.34
C6 PGE HA . 29.11 7.75 -38.15
C5 PGE HA . 30.57 7.30 -38.27
O3 PGE HA . 31.44 8.10 -37.43
C1 PEG IA . 27.61 -1.92 -30.71
O1 PEG IA . 26.37 -2.58 -30.41
C2 PEG IA . 27.70 -0.58 -29.99
O2 PEG IA . 28.50 -0.71 -28.80
C3 PEG IA . 29.42 0.37 -28.60
C4 PEG IA . 29.90 0.39 -27.15
O4 PEG IA . 30.00 1.75 -26.69
#